data_8GWK
#
_entry.id   8GWK
#
_cell.length_a   1.00
_cell.length_b   1.00
_cell.length_c   1.00
_cell.angle_alpha   90.00
_cell.angle_beta   90.00
_cell.angle_gamma   90.00
#
_symmetry.space_group_name_H-M   'P 1'
#
loop_
_entity.id
_entity.type
_entity.pdbx_description
1 polymer 'RNA-directed RNA polymerase'
2 polymer 'Non-structural protein 8'
3 polymer 'Non-structural protein 7'
4 polymer primer
5 polymer template
6 polymer Helicase
7 polymer 'Non-structural protein 9'
8 non-polymer 'ZINC ION'
9 non-polymer 'PHOSPHOAMINOPHOSPHONIC ACID-GUANYLATE ESTER'
10 non-polymer 'MAGNESIUM ION'
11 non-polymer '[(2~{R},3~{S},4~{R},5~{R})-5-(4-azanylpyrrolo[2,1-f][1,2,4]triazin-7-yl)-5-cyano-3,4-bis(oxidanyl)oxolan-2-yl]methyl dihydrogen phosphate'
12 water water
#
loop_
_entity_poly.entity_id
_entity_poly.type
_entity_poly.pdbx_seq_one_letter_code
_entity_poly.pdbx_strand_id
1 'polypeptide(L)'
;SADAQSFLNRVCGVSAARLTPCGTGTSTDVVYRAFDIYNDKVAGFAKFLKTNCCRFQEKDEDDNLIDSYFVVKRHTFSNY
QHEETIYNLLKDCPAVAKHDFFKFRIDGDMVPHISRQRLTKYTMADLVYALRHFDEGNCDTLKEILVTYNCCDDDYFNKK
DWYDFVENPDILRVYANLGERVRQALLKTVQFCDAMRNAGIVGVLTLDNQDLNGNWYDFGDFIQTTPGSGVPVVDSYYSL
LMPILTLTRALTAESHVDTDLTKPYIKWDLLKYDFTEERLKLFDRYFKYWDQTYHPNCVNCLDDRCILHCANFNVLFSTV
FPPTSFGPLVRKIFVDGVPFVVSTGYHFRELGVVHNQDVNLHSSRLSFKELLVYAADPAMHAASGNLLLDKRTTCFSVAA
LTNNVAFQTVKPGNFNKDFYDFAVSKGFFKEGSSVELKHFFFAQDGNAAISDYDYYRYNLPTMCDIRQLLFVVEVVDKYF
DCYDGGCINANQVIVNNLDKSAGFPFNKWGKARLYYDSMSYEDQDALFAYTKRNVIPTITQMNLKYAISAKNRARTVAGV
SICSTMTNRQFHQKLLKSIAATRGATVVIGTSKFYGGWHNMLKTVYSDVENPHLMGWDYPKCDRAMPNMLRIMASLVLAR
KHTTCCSLSHRFYRLANECAQVLSEMVMCGGSLYVKPGGTSSGDATTAYANSVFNICQAVTANVNALLSTDGNKIADKYV
RNLQHRLYECLYRNRDVDTDFVNEFYAYLRKHFSMMILSDDAVVCFNSTYASQGLVASIKNFKSVLYYQNNVFMSEAKCW
TETDLTKGPHEFCSQHTMLVKQGDDYVYLPYPDPSRILGAGCFVDDIVKTDGTLMIERFVSLAIDAYPLTKHPNQEYADV
FHLYLQYIRKLHDELTGHMLDMYSVMLTNDNTSRYWEPEFYEAMYTPHTVLQ
;
A
2 'polypeptide(L)'
;AIASEFSSLPSYAAFATAQEAYEQAVANGDSEVVLKKLKKSLNVAKSEFDRDAAMQRKLEKMADQAMTQMYKQARSEDKR
AKVTSAMQTMLFTMLRKLDNDALNNIINNARDGCVPLNIIPLTTAAKLMVVIPDYNTYKNTCDGTTFTYASALWEIQQVV
DADSKIVQLSEISMDNSPNLAWPLIVTALRANSAVKLQ
;
B,D
3 'polypeptide(L)'
;SKMSDVKCTSVVLLSVLQQLRVESSSKLWAQCVQLHNDILLAKDTTEAFEKMVSLLSVLLSMQGAVDINKLCEEMLDNRA
TLQ
;
C
4 'polyribonucleotide' GCGGUAGUAGCAUGCUAGGGAGCAG I
5 'polyribonucleotide' AGCUGCUCCCUAGCAUGCUACUACCG J
6 'polypeptide(L)'
;AVGACVLCNSQTSLRCGACIRRPFLCCKCCYDHVISTSHKLVLSVNPYVCNAPGCDVTDVTQLYLGGMSYYCKSHKPPIS
FPLCANGQVFGLYKNTCVGSDNVTDFNAIATCDWTNAGDYILANTCTERLKLFAAETLKATEETFKLSYGIATVREVLSD
RELHLSWEVGKPRPPLNRNYVFTGYRVTKNSKVQIGEYTFEKGDYGDAVVYRGTTTYKLNVGDYFVLTSHTVMPLSAPTL
VPQEHYVRITGLYPTLNISDEFSSNVANYQKVGMQKYSTLQGPPGTGKSHFAIGLALYYPSARIVYTACSHAAVDALCEK
ALKYLPIDKCSRIIPARARVECFDKFKVNSTLEQYVFCTVNALPETTADIVVFDEISMATNYDLSVVNARLRAKHYVYIG
DPAQLPAPRTLLTKGTLEPEYFNSVCRLMKTIGPDMFLGTCRRCPAEIVDTVSALVYDNKLKAHKDKSAQCFKMFYKGVI
THDVSSAINRPQIGVVREFLTRNPAWRKAVFISPYNSQNAVASKILGLPTQTVDSSQGSEYDYVIFTQTTETAHSCNVNR
FNVAITRAKVGILCIMSDRDLYDKLQFTSLEIPRRNVATLQ
;
E,F
7 'polypeptide(L)'
;NNELSPVALRQMSCAAGTTQTACTDDNALAYYNTTKGGRFVLALLSDLQDLKWARFPKSDGTGTIYTELEPPCRFVTDTP
KGPKVKYLYFIKGLNNLNRGMVLGSLAATVRLQ
;
G
#
# COMPACT_ATOMS: atom_id res chain seq x y z
N SER A 1 -78.22 45.34 28.26
CA SER A 1 -77.06 46.20 28.06
C SER A 1 -76.73 47.00 29.30
N ALA A 2 -77.15 46.48 30.45
CA ALA A 2 -76.75 47.02 31.74
C ALA A 2 -76.03 45.98 32.58
N ASP A 3 -75.90 44.75 32.07
CA ASP A 3 -75.13 43.69 32.70
C ASP A 3 -74.10 43.05 31.78
N ALA A 4 -74.33 43.03 30.46
CA ALA A 4 -73.33 42.65 29.48
C ALA A 4 -72.55 43.85 28.97
N GLN A 5 -73.18 45.02 28.93
CA GLN A 5 -72.49 46.24 28.51
C GLN A 5 -71.88 47.00 29.67
N SER A 6 -72.45 46.89 30.88
CA SER A 6 -71.78 47.48 32.05
C SER A 6 -70.50 46.73 32.39
N PHE A 7 -70.55 45.40 32.32
CA PHE A 7 -69.35 44.59 32.50
C PHE A 7 -68.30 44.94 31.46
N LEU A 8 -68.70 45.08 30.20
CA LEU A 8 -67.76 45.38 29.13
C LEU A 8 -67.13 46.75 29.30
N ASN A 9 -67.84 47.69 29.94
CA ASN A 9 -67.26 49.00 30.19
C ASN A 9 -66.37 49.01 31.43
N ARG A 10 -66.68 48.19 32.43
CA ARG A 10 -65.82 48.13 33.61
C ARG A 10 -64.53 47.37 33.33
N VAL A 11 -64.56 46.39 32.42
CA VAL A 11 -63.36 45.63 32.08
C VAL A 11 -62.31 46.53 31.44
N CYS A 12 -62.75 47.54 30.67
CA CYS A 12 -61.81 48.39 29.95
C CYS A 12 -60.96 49.24 30.89
N GLY A 13 -61.48 49.57 32.07
CA GLY A 13 -60.71 50.38 33.00
C GLY A 13 -60.45 51.77 32.44
N VAL A 14 -59.18 52.18 32.48
CA VAL A 14 -58.76 53.50 32.03
C VAL A 14 -57.83 53.43 30.84
N SER A 15 -57.71 52.27 30.20
CA SER A 15 -56.85 52.09 29.04
C SER A 15 -57.66 52.21 27.76
N ALA A 16 -57.03 51.92 26.62
CA ALA A 16 -57.75 51.80 25.37
C ALA A 16 -58.73 50.62 25.46
N ALA A 17 -59.90 50.79 24.86
CA ALA A 17 -61.07 50.05 25.31
C ALA A 17 -61.89 49.38 24.22
N ARG A 18 -61.33 49.24 23.01
CA ARG A 18 -62.09 48.72 21.88
C ARG A 18 -62.08 47.19 21.93
N LEU A 19 -62.88 46.65 22.84
CA LEU A 19 -62.97 45.21 23.04
C LEU A 19 -64.25 44.65 22.41
N THR A 20 -64.32 43.32 22.36
CA THR A 20 -65.46 42.59 21.82
C THR A 20 -65.58 41.26 22.55
N PRO A 21 -66.79 40.88 22.97
CA PRO A 21 -66.93 39.62 23.71
C PRO A 21 -66.58 38.43 22.84
N CYS A 22 -65.45 37.79 23.17
CA CYS A 22 -64.98 36.60 22.44
C CYS A 22 -65.69 35.36 22.99
N GLY A 23 -67.00 35.34 22.78
CA GLY A 23 -67.86 34.37 23.40
C GLY A 23 -69.31 34.84 23.39
N THR A 24 -69.90 34.89 24.58
CA THR A 24 -71.28 35.30 24.77
C THR A 24 -71.29 36.24 25.97
N GLY A 25 -72.42 36.39 26.66
CA GLY A 25 -72.49 37.34 27.74
C GLY A 25 -71.62 36.97 28.93
N THR A 26 -72.02 37.34 30.15
CA THR A 26 -71.09 37.35 31.27
C THR A 26 -70.87 35.96 31.85
N SER A 27 -71.08 34.91 31.05
CA SER A 27 -70.68 33.56 31.41
C SER A 27 -69.29 33.28 30.83
N THR A 28 -68.73 32.13 31.21
CA THR A 28 -67.32 31.84 30.97
C THR A 28 -67.07 31.41 29.52
N ASP A 29 -65.86 30.94 29.25
CA ASP A 29 -65.43 30.51 27.94
C ASP A 29 -64.54 29.29 28.13
N VAL A 30 -64.89 28.17 27.47
CA VAL A 30 -64.16 26.91 27.64
C VAL A 30 -63.28 26.67 26.42
N VAL A 31 -62.06 26.17 26.67
CA VAL A 31 -61.08 25.90 25.64
C VAL A 31 -60.22 24.71 26.08
N TYR A 32 -59.49 24.15 25.13
CA TYR A 32 -58.68 22.94 25.33
C TYR A 32 -57.21 23.33 25.21
N ARG A 33 -56.50 23.35 26.35
CA ARG A 33 -55.14 23.87 26.40
C ARG A 33 -54.25 22.95 27.23
N ALA A 34 -52.94 23.15 27.10
CA ALA A 34 -51.92 22.32 27.73
C ALA A 34 -51.47 22.93 29.05
N PHE A 35 -51.27 22.06 30.05
CA PHE A 35 -50.89 22.48 31.38
C PHE A 35 -49.82 21.56 31.95
N ASP A 36 -49.09 22.09 32.93
CA ASP A 36 -48.09 21.34 33.69
C ASP A 36 -48.58 21.28 35.13
N ILE A 37 -49.02 20.11 35.56
CA ILE A 37 -49.81 19.95 36.78
C ILE A 37 -49.02 19.17 37.80
N TYR A 38 -49.15 19.58 39.07
CA TYR A 38 -48.73 18.75 40.19
C TYR A 38 -49.43 19.11 41.50
N ASN A 39 -50.41 18.30 41.90
CA ASN A 39 -50.92 18.34 43.26
C ASN A 39 -50.86 16.92 43.83
N ASP A 40 -51.50 16.69 44.98
CA ASP A 40 -51.50 15.37 45.61
C ASP A 40 -52.53 14.43 45.02
N LYS A 41 -53.14 14.79 43.89
CA LYS A 41 -54.07 13.92 43.20
C LYS A 41 -53.61 13.55 41.79
N VAL A 42 -53.07 14.50 41.04
CA VAL A 42 -52.77 14.34 39.63
C VAL A 42 -51.38 14.87 39.33
N ALA A 43 -50.77 14.35 38.28
CA ALA A 43 -49.50 14.85 37.77
C ALA A 43 -49.46 14.64 36.27
N GLY A 44 -48.61 15.42 35.60
CA GLY A 44 -48.43 15.26 34.17
C GLY A 44 -48.39 16.53 33.36
N PHE A 45 -48.02 16.39 32.08
CA PHE A 45 -47.94 17.49 31.12
C PHE A 45 -48.88 17.13 29.97
N ALA A 46 -50.16 17.49 30.11
CA ALA A 46 -51.20 17.01 29.23
C ALA A 46 -52.12 18.16 28.85
N LYS A 47 -53.11 17.85 28.01
CA LYS A 47 -54.11 18.81 27.59
C LYS A 47 -55.38 18.59 28.38
N PHE A 48 -55.86 19.64 29.04
CA PHE A 48 -57.06 19.62 29.86
C PHE A 48 -58.06 20.62 29.28
N LEU A 49 -59.12 20.88 30.06
CA LEU A 49 -60.20 21.75 29.66
C LEU A 49 -60.34 22.88 30.67
N LYS A 50 -60.16 24.12 30.20
CA LYS A 50 -60.29 25.31 31.04
C LYS A 50 -61.73 25.81 31.02
N THR A 51 -62.21 26.32 32.16
CA THR A 51 -63.65 26.62 32.25
C THR A 51 -64.02 27.88 33.02
N ASN A 52 -63.09 28.72 33.44
CA ASN A 52 -63.44 29.78 34.39
C ASN A 52 -62.91 31.15 33.99
N CYS A 53 -63.06 31.55 32.72
CA CYS A 53 -62.74 32.91 32.31
C CYS A 53 -63.64 33.36 31.17
N CYS A 54 -63.76 34.68 31.05
CA CYS A 54 -64.45 35.34 29.95
C CYS A 54 -63.47 36.25 29.24
N ARG A 55 -63.18 35.95 27.98
CA ARG A 55 -62.13 36.62 27.24
C ARG A 55 -62.70 37.64 26.26
N PHE A 56 -62.06 38.81 26.19
CA PHE A 56 -62.43 39.88 25.30
C PHE A 56 -61.24 40.22 24.43
N GLN A 57 -61.46 40.33 23.12
CA GLN A 57 -60.39 40.66 22.19
C GLN A 57 -60.41 42.14 21.88
N GLU A 58 -59.23 42.73 21.78
CA GLU A 58 -59.10 44.16 21.51
C GLU A 58 -59.12 44.42 20.00
N LYS A 59 -59.78 45.51 19.63
CA LYS A 59 -59.79 45.98 18.25
C LYS A 59 -58.70 47.02 18.03
N ASP A 60 -58.22 47.09 16.80
CA ASP A 60 -57.31 48.13 16.38
C ASP A 60 -58.10 49.29 15.79
N GLU A 61 -57.44 50.21 15.09
CA GLU A 61 -58.13 51.13 14.22
C GLU A 61 -58.61 50.38 12.99
N ASP A 62 -59.51 51.02 12.24
CA ASP A 62 -60.23 50.39 11.14
C ASP A 62 -61.03 49.17 11.61
N ASP A 63 -61.13 48.98 12.93
CA ASP A 63 -61.80 47.83 13.52
C ASP A 63 -61.24 46.51 13.00
N ASN A 64 -59.92 46.40 13.01
CA ASN A 64 -59.23 45.14 12.74
C ASN A 64 -58.84 44.48 14.06
N LEU A 65 -59.06 43.18 14.15
CA LEU A 65 -58.80 42.44 15.38
C LEU A 65 -57.32 42.10 15.49
N ILE A 66 -56.74 42.34 16.66
CA ILE A 66 -55.32 42.12 16.88
C ILE A 66 -55.10 41.02 17.91
N ASP A 67 -53.84 40.69 18.17
CA ASP A 67 -53.47 39.58 19.04
C ASP A 67 -53.29 40.04 20.49
N SER A 68 -54.30 40.71 21.01
CA SER A 68 -54.24 41.24 22.38
C SER A 68 -55.60 41.03 23.04
N TYR A 69 -55.60 40.39 24.21
CA TYR A 69 -56.80 39.91 24.86
C TYR A 69 -56.87 40.40 26.30
N PHE A 70 -58.09 40.38 26.85
CA PHE A 70 -58.35 40.65 28.25
C PHE A 70 -59.02 39.43 28.86
N VAL A 71 -58.38 38.81 29.83
CA VAL A 71 -58.87 37.57 30.44
C VAL A 71 -59.31 37.89 31.86
N VAL A 72 -60.61 37.79 32.11
CA VAL A 72 -61.21 38.17 33.39
C VAL A 72 -61.57 36.88 34.11
N LYS A 73 -60.78 36.55 35.13
CA LYS A 73 -61.00 35.38 35.96
C LYS A 73 -62.25 35.57 36.82
N ARG A 74 -62.57 34.56 37.62
CA ARG A 74 -63.64 34.64 38.60
C ARG A 74 -63.47 33.50 39.59
N HIS A 75 -63.41 33.84 40.88
CA HIS A 75 -63.13 32.86 41.91
C HIS A 75 -63.52 33.35 43.30
N THR A 76 -63.04 32.66 44.33
CA THR A 76 -63.46 32.88 45.70
C THR A 76 -62.85 34.18 46.24
N PHE A 77 -62.99 34.41 47.54
CA PHE A 77 -62.60 35.66 48.16
C PHE A 77 -61.23 35.63 48.84
N SER A 78 -60.77 34.46 49.31
CA SER A 78 -59.44 34.39 49.92
C SER A 78 -58.34 34.44 48.88
N ASN A 79 -58.52 33.72 47.76
CA ASN A 79 -57.58 33.79 46.65
C ASN A 79 -57.44 35.22 46.14
N TYR A 80 -58.54 35.97 46.17
CA TYR A 80 -58.54 37.35 45.69
C TYR A 80 -57.57 38.22 46.49
N GLN A 81 -57.68 38.20 47.82
CA GLN A 81 -56.79 38.99 48.66
C GLN A 81 -55.35 38.48 48.57
N HIS A 82 -55.16 37.17 48.55
CA HIS A 82 -53.81 36.62 48.47
C HIS A 82 -53.11 37.09 47.19
N GLU A 83 -53.79 36.96 46.05
CA GLU A 83 -53.22 37.37 44.78
C GLU A 83 -52.95 38.87 44.75
N GLU A 84 -53.86 39.67 45.32
CA GLU A 84 -53.63 41.11 45.33
C GLU A 84 -52.39 41.47 46.14
N THR A 85 -52.21 40.85 47.31
CA THR A 85 -51.01 41.09 48.11
C THR A 85 -49.75 40.79 47.30
N ILE A 86 -49.69 39.60 46.72
CA ILE A 86 -48.45 39.21 46.04
C ILE A 86 -48.19 40.10 44.83
N TYR A 87 -49.25 40.43 44.07
CA TYR A 87 -49.09 41.31 42.92
C TYR A 87 -48.56 42.67 43.34
N ASN A 88 -49.11 43.25 44.40
CA ASN A 88 -48.62 44.55 44.84
C ASN A 88 -47.17 44.47 45.30
N LEU A 89 -46.75 43.31 45.82
CA LEU A 89 -45.33 43.15 46.12
C LEU A 89 -44.47 43.11 44.86
N LEU A 90 -44.98 42.55 43.76
CA LEU A 90 -44.18 42.34 42.56
C LEU A 90 -44.49 43.31 41.42
N LYS A 91 -45.31 44.33 41.64
CA LYS A 91 -45.95 45.05 40.55
C LYS A 91 -45.00 45.90 39.70
N ASP A 92 -43.75 46.11 40.13
CA ASP A 92 -42.85 47.02 39.43
C ASP A 92 -41.92 46.32 38.45
N CYS A 93 -41.95 45.00 38.37
CA CYS A 93 -41.14 44.32 37.37
C CYS A 93 -41.72 44.54 35.98
N PRO A 94 -40.87 44.76 34.96
CA PRO A 94 -41.39 44.85 33.59
C PRO A 94 -41.82 43.51 33.00
N ALA A 95 -41.47 42.39 33.63
CA ALA A 95 -41.81 41.07 33.12
C ALA A 95 -43.13 40.55 33.66
N VAL A 96 -43.89 41.38 34.37
CA VAL A 96 -45.17 40.98 34.95
C VAL A 96 -46.28 41.70 34.20
N ALA A 97 -47.30 40.95 33.80
CA ALA A 97 -48.46 41.52 33.15
C ALA A 97 -49.25 42.38 34.13
N LYS A 98 -50.10 43.24 33.59
CA LYS A 98 -50.82 44.21 34.42
C LYS A 98 -52.15 43.64 34.87
N HIS A 99 -52.40 43.70 36.18
CA HIS A 99 -53.59 43.14 36.80
C HIS A 99 -54.54 44.25 37.24
N ASP A 100 -55.79 43.85 37.49
CA ASP A 100 -56.85 44.81 37.82
C ASP A 100 -57.91 44.09 38.64
N PHE A 101 -58.07 44.50 39.90
CA PHE A 101 -58.98 43.85 40.84
C PHE A 101 -60.20 44.73 41.06
N PHE A 102 -61.39 44.13 40.95
CA PHE A 102 -62.62 44.88 41.13
C PHE A 102 -63.74 43.92 41.51
N LYS A 103 -64.85 44.49 41.98
CA LYS A 103 -66.04 43.74 42.37
C LYS A 103 -67.25 44.19 41.55
N PHE A 104 -68.12 43.24 41.27
CA PHE A 104 -69.26 43.46 40.39
C PHE A 104 -70.43 42.60 40.85
N ARG A 105 -71.65 43.09 40.61
CA ARG A 105 -72.86 42.38 41.02
C ARG A 105 -73.38 41.56 39.85
N ILE A 106 -73.44 40.25 40.03
CA ILE A 106 -73.89 39.35 38.97
C ILE A 106 -75.40 39.24 38.93
N ASP A 107 -76.04 38.71 39.98
CA ASP A 107 -77.49 38.76 40.06
C ASP A 107 -77.94 39.51 41.31
N GLY A 108 -77.48 39.08 42.47
CA GLY A 108 -77.80 39.73 43.73
C GLY A 108 -76.64 39.71 44.70
N ASP A 109 -75.47 39.30 44.22
CA ASP A 109 -74.29 39.20 45.05
C ASP A 109 -73.14 39.89 44.34
N MET A 110 -72.19 40.42 45.11
CA MET A 110 -71.00 41.05 44.55
C MET A 110 -69.91 40.00 44.44
N VAL A 111 -69.57 39.64 43.21
CA VAL A 111 -68.56 38.62 42.93
C VAL A 111 -67.25 39.33 42.61
N PRO A 112 -66.11 38.86 43.13
CA PRO A 112 -64.83 39.52 42.83
C PRO A 112 -64.15 38.95 41.60
N HIS A 113 -63.61 39.84 40.77
CA HIS A 113 -62.96 39.48 39.52
C HIS A 113 -61.51 39.97 39.49
N ILE A 114 -60.70 39.29 38.69
CA ILE A 114 -59.34 39.70 38.39
C ILE A 114 -59.18 39.75 36.88
N SER A 115 -58.75 40.89 36.36
CA SER A 115 -58.57 41.10 34.93
C SER A 115 -57.08 41.15 34.60
N ARG A 116 -56.71 40.51 33.50
CA ARG A 116 -55.35 40.55 32.97
C ARG A 116 -55.39 41.17 31.58
N GLN A 117 -54.48 42.11 31.33
CA GLN A 117 -54.61 43.03 30.21
C GLN A 117 -53.57 42.74 29.14
N ARG A 118 -54.04 42.70 27.89
CA ARG A 118 -53.20 42.58 26.70
C ARG A 118 -52.33 41.32 26.75
N LEU A 119 -53.01 40.20 26.96
CA LEU A 119 -52.35 38.90 26.88
C LEU A 119 -52.29 38.44 25.43
N THR A 120 -51.89 37.19 25.23
CA THR A 120 -51.70 36.61 23.92
C THR A 120 -52.62 35.40 23.86
N LYS A 121 -53.01 34.98 22.65
CA LYS A 121 -53.94 33.86 22.55
C LYS A 121 -53.36 32.58 23.11
N TYR A 122 -52.06 32.35 22.95
CA TYR A 122 -51.43 31.11 23.36
C TYR A 122 -50.30 31.39 24.35
N THR A 123 -49.92 30.35 25.09
CA THR A 123 -48.84 30.42 26.06
C THR A 123 -47.58 29.74 25.49
N MET A 124 -46.56 29.59 26.34
CA MET A 124 -45.37 28.82 25.98
C MET A 124 -45.62 27.32 26.06
N ALA A 125 -46.49 26.89 26.97
CA ALA A 125 -46.81 25.47 27.08
C ALA A 125 -47.46 24.96 25.80
N ASP A 126 -48.26 25.79 25.14
CA ASP A 126 -48.91 25.37 23.91
C ASP A 126 -47.88 25.15 22.79
N LEU A 127 -46.90 26.05 22.66
CA LEU A 127 -45.86 25.86 21.66
C LEU A 127 -45.03 24.61 21.94
N VAL A 128 -44.62 24.42 23.20
CA VAL A 128 -43.81 23.26 23.54
C VAL A 128 -44.59 21.96 23.31
N TYR A 129 -45.86 21.94 23.71
CA TYR A 129 -46.70 20.76 23.48
C TYR A 129 -46.89 20.50 22.00
N ALA A 130 -47.10 21.56 21.21
CA ALA A 130 -47.29 21.40 19.77
C ALA A 130 -46.08 20.77 19.11
N LEU A 131 -44.88 21.17 19.52
CA LEU A 131 -43.69 20.63 18.88
C LEU A 131 -43.23 19.30 19.47
N ARG A 132 -43.67 18.94 20.68
CA ARG A 132 -43.20 17.69 21.29
C ARG A 132 -44.18 16.53 21.14
N HIS A 133 -45.40 16.77 20.63
CA HIS A 133 -46.41 15.73 20.40
C HIS A 133 -46.98 15.88 19.00
N PHE A 134 -46.10 16.00 18.01
CA PHE A 134 -46.51 16.36 16.66
C PHE A 134 -47.29 15.23 16.00
N ASP A 135 -48.43 15.58 15.42
CA ASP A 135 -49.24 14.69 14.58
C ASP A 135 -49.66 15.50 13.37
N GLU A 136 -49.40 14.99 12.17
CA GLU A 136 -49.59 15.79 10.97
C GLU A 136 -51.05 15.87 10.53
N GLY A 137 -51.91 14.99 11.03
CA GLY A 137 -53.33 15.12 10.75
C GLY A 137 -54.06 16.04 11.70
N ASN A 138 -53.45 16.38 12.84
CA ASN A 138 -54.06 17.23 13.86
C ASN A 138 -53.00 18.22 14.34
N CYS A 139 -52.82 19.31 13.62
CA CYS A 139 -51.79 20.29 13.96
C CYS A 139 -52.28 21.73 13.73
N ASP A 140 -53.52 22.03 14.14
CA ASP A 140 -54.05 23.37 13.91
C ASP A 140 -53.38 24.44 14.76
N THR A 141 -53.04 24.12 16.02
CA THR A 141 -52.41 25.09 16.90
C THR A 141 -51.05 25.53 16.36
N LEU A 142 -50.24 24.58 15.87
CA LEU A 142 -48.94 24.91 15.32
C LEU A 142 -49.06 25.83 14.11
N LYS A 143 -49.99 25.53 13.21
CA LYS A 143 -50.18 26.35 12.02
C LYS A 143 -50.65 27.76 12.39
N GLU A 144 -51.57 27.86 13.34
CA GLU A 144 -52.03 29.18 13.75
C GLU A 144 -50.90 29.99 14.38
N ILE A 145 -50.08 29.36 15.20
CA ILE A 145 -48.93 30.05 15.79
C ILE A 145 -47.97 30.51 14.71
N LEU A 146 -47.71 29.66 13.72
CA LEU A 146 -46.78 30.00 12.65
C LEU A 146 -47.28 31.18 11.82
N VAL A 147 -48.58 31.18 11.49
CA VAL A 147 -49.12 32.28 10.70
C VAL A 147 -49.20 33.58 11.50
N THR A 148 -49.59 33.53 12.78
CA THR A 148 -49.80 34.76 13.53
C THR A 148 -48.53 35.58 13.64
N TYR A 149 -47.39 34.94 13.85
CA TYR A 149 -46.13 35.65 14.08
C TYR A 149 -45.28 35.74 12.82
N ASN A 150 -45.90 35.57 11.65
CA ASN A 150 -45.29 35.92 10.36
C ASN A 150 -44.06 35.06 10.04
N CYS A 151 -44.12 33.77 10.38
CA CYS A 151 -43.09 32.85 9.94
C CYS A 151 -43.34 32.42 8.50
N CYS A 152 -44.59 32.09 8.18
CA CYS A 152 -45.01 31.79 6.83
C CYS A 152 -46.44 32.26 6.66
N ASP A 153 -47.07 31.90 5.54
CA ASP A 153 -48.46 32.25 5.28
C ASP A 153 -49.24 30.98 4.98
N ASP A 154 -50.57 31.12 4.91
CA ASP A 154 -51.45 29.97 4.83
C ASP A 154 -51.26 29.13 3.57
N ASP A 155 -50.61 29.66 2.54
CA ASP A 155 -50.34 28.87 1.35
C ASP A 155 -49.13 27.96 1.51
N TYR A 156 -48.33 28.17 2.56
CA TYR A 156 -47.19 27.28 2.78
C TYR A 156 -47.65 25.87 3.11
N PHE A 157 -48.84 25.72 3.68
CA PHE A 157 -49.36 24.42 4.09
C PHE A 157 -50.10 23.71 2.97
N ASN A 158 -49.90 24.13 1.72
CA ASN A 158 -50.48 23.46 0.56
C ASN A 158 -49.47 22.62 -0.21
N LYS A 159 -48.19 22.96 -0.13
CA LYS A 159 -47.12 22.21 -0.80
C LYS A 159 -46.77 21.00 0.05
N LYS A 160 -47.72 20.06 0.11
CA LYS A 160 -47.72 19.06 1.16
C LYS A 160 -46.44 18.25 1.18
N ASP A 161 -46.18 17.63 2.34
CA ASP A 161 -44.86 17.25 2.86
C ASP A 161 -44.18 18.48 3.44
N TRP A 162 -44.95 19.52 3.76
CA TRP A 162 -44.36 20.78 4.22
C TRP A 162 -43.58 20.60 5.52
N TYR A 163 -43.97 19.63 6.34
CA TYR A 163 -43.40 19.41 7.66
C TYR A 163 -42.17 18.51 7.65
N ASP A 164 -41.94 17.77 6.56
CA ASP A 164 -40.90 16.75 6.55
C ASP A 164 -39.52 17.40 6.60
N PHE A 165 -38.59 16.75 7.30
CA PHE A 165 -37.24 17.28 7.44
C PHE A 165 -36.32 16.88 6.29
N VAL A 166 -36.55 15.74 5.67
CA VAL A 166 -35.68 15.24 4.62
C VAL A 166 -36.17 15.66 3.24
N GLU A 167 -37.47 15.53 2.99
CA GLU A 167 -38.12 16.24 1.90
C GLU A 167 -38.55 17.59 2.42
N ASN A 168 -38.28 18.64 1.64
CA ASN A 168 -38.51 20.02 2.08
C ASN A 168 -37.70 20.34 3.33
N PRO A 169 -36.37 20.45 3.23
CA PRO A 169 -35.58 20.92 4.37
C PRO A 169 -35.64 22.43 4.54
N ASP A 170 -36.58 23.07 3.84
CA ASP A 170 -36.82 24.50 3.99
C ASP A 170 -37.61 24.83 5.26
N ILE A 171 -38.23 23.82 5.88
CA ILE A 171 -38.99 24.01 7.10
C ILE A 171 -38.10 24.46 8.26
N LEU A 172 -36.80 24.17 8.19
CA LEU A 172 -35.88 24.68 9.20
C LEU A 172 -35.81 26.20 9.16
N ARG A 173 -35.82 26.78 7.95
CA ARG A 173 -35.84 28.23 7.80
C ARG A 173 -37.11 28.84 8.40
N VAL A 174 -38.23 28.13 8.32
CA VAL A 174 -39.48 28.64 8.89
C VAL A 174 -39.46 28.53 10.41
N TYR A 175 -38.97 27.40 10.95
CA TYR A 175 -38.90 27.25 12.40
C TYR A 175 -37.94 28.26 13.02
N ALA A 176 -36.84 28.56 12.33
CA ALA A 176 -35.87 29.51 12.87
C ALA A 176 -36.36 30.95 12.87
N ASN A 177 -37.57 31.21 12.37
CA ASN A 177 -38.15 32.55 12.48
C ASN A 177 -38.81 32.80 13.83
N LEU A 178 -38.90 31.78 14.69
CA LEU A 178 -39.48 31.89 16.02
C LEU A 178 -38.43 32.08 17.11
N GLY A 179 -37.16 32.24 16.73
CA GLY A 179 -36.07 32.20 17.69
C GLY A 179 -35.93 33.41 18.60
N GLU A 180 -36.14 34.61 18.06
CA GLU A 180 -35.96 35.81 18.88
C GLU A 180 -37.08 35.95 19.90
N ARG A 181 -38.28 35.46 19.59
CA ARG A 181 -39.33 35.38 20.60
C ARG A 181 -38.88 34.54 21.80
N VAL A 182 -38.29 33.39 21.53
CA VAL A 182 -37.88 32.48 22.60
C VAL A 182 -36.74 33.11 23.41
N ARG A 183 -35.80 33.78 22.74
CA ARG A 183 -34.72 34.43 23.48
C ARG A 183 -35.25 35.53 24.39
N GLN A 184 -36.21 36.33 23.89
CA GLN A 184 -36.80 37.37 24.74
C GLN A 184 -37.54 36.75 25.93
N ALA A 185 -38.21 35.63 25.71
CA ALA A 185 -38.86 34.94 26.82
C ALA A 185 -37.86 34.54 27.90
N LEU A 186 -36.70 34.01 27.49
CA LEU A 186 -35.68 33.62 28.45
C LEU A 186 -35.20 34.82 29.27
N LEU A 187 -34.92 35.95 28.60
CA LEU A 187 -34.44 37.13 29.32
C LEU A 187 -35.47 37.60 30.35
N LYS A 188 -36.75 37.62 29.96
CA LYS A 188 -37.77 38.04 30.91
C LYS A 188 -37.90 37.07 32.08
N THR A 189 -37.70 35.77 31.84
CA THR A 189 -37.74 34.81 32.94
C THR A 189 -36.67 35.13 33.98
N VAL A 190 -35.46 35.45 33.53
CA VAL A 190 -34.41 35.80 34.50
C VAL A 190 -34.79 37.05 35.29
N GLN A 191 -35.34 38.06 34.60
CA GLN A 191 -35.81 39.25 35.32
C GLN A 191 -36.79 38.89 36.43
N PHE A 192 -37.78 38.06 36.09
CA PHE A 192 -38.82 37.70 37.04
C PHE A 192 -38.24 36.97 38.26
N CYS A 193 -37.28 36.07 38.02
CA CYS A 193 -36.65 35.37 39.13
C CYS A 193 -35.92 36.33 40.06
N ASP A 194 -35.24 37.33 39.50
CA ASP A 194 -34.58 38.33 40.36
C ASP A 194 -35.58 39.07 41.23
N ALA A 195 -36.70 39.50 40.64
CA ALA A 195 -37.71 40.19 41.42
C ALA A 195 -38.24 39.32 42.55
N MET A 196 -38.50 38.04 42.25
CA MET A 196 -38.98 37.12 43.27
C MET A 196 -37.98 36.96 44.41
N ARG A 197 -36.70 36.84 44.09
CA ARG A 197 -35.70 36.70 45.14
C ARG A 197 -35.65 37.93 46.03
N ASN A 198 -35.77 39.12 45.43
CA ASN A 198 -35.68 40.33 46.24
C ASN A 198 -36.89 40.52 47.15
N ALA A 199 -38.10 40.27 46.64
CA ALA A 199 -39.29 40.54 47.43
C ALA A 199 -39.52 39.52 48.55
N GLY A 200 -38.99 38.31 48.42
CA GLY A 200 -39.21 37.28 49.41
C GLY A 200 -40.38 36.37 49.05
N ILE A 201 -40.46 35.97 47.79
CA ILE A 201 -41.54 35.15 47.27
C ILE A 201 -41.00 33.76 46.94
N VAL A 202 -41.81 32.74 47.22
CA VAL A 202 -41.46 31.35 46.97
C VAL A 202 -42.53 30.72 46.10
N GLY A 203 -42.11 30.07 45.01
CA GLY A 203 -43.06 29.39 44.14
C GLY A 203 -42.33 28.77 42.97
N VAL A 204 -43.01 27.83 42.31
CA VAL A 204 -42.46 27.09 41.18
C VAL A 204 -43.00 27.68 39.88
N LEU A 205 -42.13 27.79 38.89
CA LEU A 205 -42.44 28.41 37.60
C LEU A 205 -42.81 27.34 36.58
N THR A 206 -43.93 27.52 35.90
CA THR A 206 -44.40 26.60 34.87
C THR A 206 -44.66 27.37 33.58
N LEU A 207 -44.63 26.63 32.46
CA LEU A 207 -44.71 27.23 31.13
C LEU A 207 -46.09 27.78 30.78
N ASP A 208 -47.15 27.39 31.49
CA ASP A 208 -48.48 27.88 31.16
C ASP A 208 -48.81 29.19 31.85
N ASN A 209 -47.87 29.77 32.60
CA ASN A 209 -48.06 31.07 33.23
C ASN A 209 -47.23 32.16 32.54
N GLN A 210 -46.75 31.88 31.34
CA GLN A 210 -46.05 32.87 30.53
C GLN A 210 -46.68 32.89 29.15
N ASP A 211 -47.01 34.08 28.66
CA ASP A 211 -47.55 34.20 27.32
C ASP A 211 -46.41 34.33 26.32
N LEU A 212 -46.76 34.43 25.04
CA LEU A 212 -45.76 34.42 23.99
C LEU A 212 -45.07 35.77 23.80
N ASN A 213 -45.46 36.79 24.56
CA ASN A 213 -44.70 38.03 24.62
C ASN A 213 -43.66 38.03 25.73
N GLY A 214 -43.76 37.10 26.67
CA GLY A 214 -42.79 36.95 27.75
C GLY A 214 -43.27 37.33 29.13
N ASN A 215 -44.51 37.77 29.31
CA ASN A 215 -44.96 38.27 30.60
C ASN A 215 -45.59 37.18 31.44
N TRP A 216 -45.60 37.40 32.75
CA TRP A 216 -45.95 36.39 33.75
C TRP A 216 -47.22 36.79 34.50
N TYR A 217 -47.97 35.79 34.98
CA TYR A 217 -49.16 36.00 35.79
C TYR A 217 -49.37 34.80 36.70
N ASP A 218 -50.49 34.81 37.43
CA ASP A 218 -50.94 33.71 38.29
C ASP A 218 -50.09 33.37 39.50
N PHE A 219 -50.20 34.19 40.55
CA PHE A 219 -49.49 34.01 41.80
C PHE A 219 -50.33 33.31 42.86
N GLY A 220 -51.14 32.32 42.48
CA GLY A 220 -52.02 31.67 43.43
C GLY A 220 -51.42 30.56 44.26
N ASP A 221 -50.22 30.10 43.90
CA ASP A 221 -49.53 29.03 44.61
C ASP A 221 -48.21 29.54 45.19
N PHE A 222 -48.11 30.84 45.39
CA PHE A 222 -46.90 31.50 45.85
C PHE A 222 -47.07 31.88 47.32
N ILE A 223 -45.97 31.82 48.07
CA ILE A 223 -45.98 32.17 49.49
C ILE A 223 -44.92 33.22 49.76
N GLN A 224 -44.90 33.73 50.99
CA GLN A 224 -44.09 34.88 51.37
C GLN A 224 -43.03 34.49 52.38
N THR A 225 -41.82 35.02 52.18
CA THR A 225 -40.73 34.93 53.16
C THR A 225 -40.35 36.36 53.52
N THR A 226 -39.24 36.53 54.26
CA THR A 226 -38.68 37.85 54.49
C THR A 226 -37.90 38.30 53.25
N PRO A 227 -37.90 39.60 52.95
CA PRO A 227 -37.24 40.08 51.74
C PRO A 227 -35.76 39.72 51.70
N GLY A 228 -35.28 39.38 50.51
CA GLY A 228 -33.92 38.90 50.30
C GLY A 228 -33.76 37.40 50.31
N SER A 229 -34.84 36.64 50.54
CA SER A 229 -34.74 35.20 50.72
C SER A 229 -35.70 34.42 49.83
N GLY A 230 -36.22 35.03 48.76
CA GLY A 230 -37.15 34.33 47.90
C GLY A 230 -36.48 33.23 47.09
N VAL A 231 -37.27 32.21 46.73
CA VAL A 231 -36.76 31.04 46.03
C VAL A 231 -37.61 30.71 44.81
N PRO A 232 -37.12 30.94 43.59
CA PRO A 232 -37.82 30.41 42.41
C PRO A 232 -37.35 28.99 42.08
N VAL A 233 -38.30 28.12 41.77
CA VAL A 233 -38.04 26.73 41.42
C VAL A 233 -38.28 26.57 39.92
N VAL A 234 -37.24 26.19 39.18
CA VAL A 234 -37.25 26.29 37.73
C VAL A 234 -36.86 24.99 37.04
N ASP A 235 -37.13 23.84 37.66
CA ASP A 235 -36.54 22.60 37.17
C ASP A 235 -37.34 21.89 36.08
N SER A 236 -38.65 22.07 36.02
CA SER A 236 -39.42 21.52 34.91
C SER A 236 -39.57 22.51 33.76
N TYR A 237 -39.58 23.81 34.04
CA TYR A 237 -39.61 24.85 33.03
C TYR A 237 -38.48 24.69 32.01
N TYR A 238 -37.24 24.79 32.50
CA TYR A 238 -36.09 24.80 31.60
C TYR A 238 -35.95 23.49 30.85
N SER A 239 -36.08 22.36 31.56
CA SER A 239 -35.81 21.08 30.92
C SER A 239 -36.94 20.66 29.99
N LEU A 240 -38.19 21.04 30.31
CA LEU A 240 -39.26 20.82 29.34
C LEU A 240 -39.05 21.66 28.09
N LEU A 241 -38.51 22.87 28.23
CA LEU A 241 -38.29 23.74 27.08
C LEU A 241 -37.01 23.44 26.31
N MET A 242 -36.09 22.66 26.87
CA MET A 242 -34.77 22.45 26.29
C MET A 242 -34.75 22.00 24.82
N PRO A 243 -35.56 21.04 24.37
CA PRO A 243 -35.47 20.63 22.95
C PRO A 243 -35.83 21.73 21.97
N ILE A 244 -36.56 22.76 22.39
CA ILE A 244 -37.04 23.79 21.46
C ILE A 244 -36.00 24.88 21.21
N LEU A 245 -34.92 24.92 21.98
CA LEU A 245 -33.90 25.96 21.80
C LEU A 245 -32.99 25.70 20.61
N THR A 246 -32.80 24.44 20.20
CA THR A 246 -31.99 24.14 19.03
C THR A 246 -32.82 23.99 17.76
N LEU A 247 -34.11 23.69 17.89
CA LEU A 247 -34.97 23.62 16.71
C LEU A 247 -35.29 25.01 16.16
N THR A 248 -35.48 25.99 17.03
CA THR A 248 -35.74 27.36 16.62
C THR A 248 -34.47 28.19 16.50
N ARG A 249 -33.31 27.62 16.86
CA ARG A 249 -32.04 28.33 16.86
C ARG A 249 -32.15 29.67 17.55
N ALA A 250 -32.45 29.66 18.86
CA ALA A 250 -32.76 30.88 19.57
C ALA A 250 -31.54 31.76 19.81
N LEU A 251 -30.36 31.17 20.01
CA LEU A 251 -29.18 31.90 20.44
C LEU A 251 -28.37 32.48 19.28
N THR A 252 -29.01 32.65 18.11
CA THR A 252 -28.29 33.11 16.92
C THR A 252 -27.79 34.54 17.07
N ALA A 253 -28.50 35.37 17.82
CA ALA A 253 -28.13 36.79 17.93
C ALA A 253 -26.80 37.00 18.64
N GLU A 254 -26.25 35.97 19.27
CA GLU A 254 -24.98 36.10 19.99
C GLU A 254 -23.77 35.99 19.07
N SER A 255 -23.97 35.77 17.78
CA SER A 255 -22.90 35.83 16.80
C SER A 255 -22.75 37.22 16.18
N HIS A 256 -23.57 38.17 16.60
CA HIS A 256 -23.55 39.52 16.06
C HIS A 256 -22.92 40.49 17.05
N VAL A 257 -22.58 41.68 16.54
CA VAL A 257 -21.59 42.53 17.19
C VAL A 257 -22.04 42.97 18.58
N ASP A 258 -23.32 43.32 18.73
CA ASP A 258 -23.82 43.81 20.00
C ASP A 258 -25.01 42.99 20.49
N THR A 259 -25.05 41.71 20.13
CA THR A 259 -26.24 40.89 20.25
C THR A 259 -27.40 41.58 19.52
N ASP A 260 -27.09 42.17 18.37
CA ASP A 260 -28.04 42.92 17.57
C ASP A 260 -28.11 42.28 16.19
N LEU A 261 -29.30 41.83 15.79
CA LEU A 261 -29.45 41.10 14.54
C LEU A 261 -29.28 41.98 13.30
N THR A 262 -29.22 43.30 13.46
CA THR A 262 -29.06 44.21 12.34
C THR A 262 -27.61 44.67 12.17
N LYS A 263 -26.66 43.87 12.65
CA LYS A 263 -25.27 44.27 12.68
C LYS A 263 -24.40 43.16 12.10
N PRO A 264 -23.13 43.44 11.77
CA PRO A 264 -22.28 42.37 11.23
C PRO A 264 -21.95 41.32 12.28
N TYR A 265 -21.43 40.20 11.78
CA TYR A 265 -20.98 39.13 12.64
C TYR A 265 -19.75 39.56 13.43
N ILE A 266 -19.52 38.89 14.56
CA ILE A 266 -18.30 39.12 15.31
C ILE A 266 -17.13 38.50 14.57
N LYS A 267 -16.01 39.22 14.51
CA LYS A 267 -14.78 38.72 13.91
C LYS A 267 -13.88 38.20 15.03
N TRP A 268 -13.63 36.90 15.03
CA TRP A 268 -12.83 36.26 16.05
C TRP A 268 -11.38 36.12 15.60
N ASP A 269 -10.49 36.01 16.58
CA ASP A 269 -9.11 35.66 16.32
C ASP A 269 -9.03 34.26 15.74
N LEU A 270 -8.18 34.09 14.73
CA LEU A 270 -8.11 32.81 14.02
C LEU A 270 -7.37 31.73 14.80
N LEU A 271 -6.51 32.12 15.74
CA LEU A 271 -5.75 31.17 16.54
C LEU A 271 -6.38 30.92 17.90
N LYS A 272 -7.62 31.34 18.11
CA LYS A 272 -8.30 31.19 19.37
C LYS A 272 -9.04 29.87 19.44
N TYR A 273 -8.89 29.16 20.56
CA TYR A 273 -9.60 27.90 20.73
C TYR A 273 -10.18 27.68 22.13
N ASP A 274 -10.00 28.59 23.08
CA ASP A 274 -10.38 28.25 24.44
C ASP A 274 -11.87 28.45 24.73
N PHE A 275 -12.35 29.70 24.70
CA PHE A 275 -13.76 30.03 24.84
C PHE A 275 -14.37 29.59 26.17
N THR A 276 -13.56 29.34 27.20
CA THR A 276 -14.12 28.89 28.47
C THR A 276 -14.86 30.02 29.20
N GLU A 277 -14.35 31.25 29.11
CA GLU A 277 -15.02 32.37 29.78
C GLU A 277 -16.35 32.71 29.11
N GLU A 278 -16.41 32.60 27.78
CA GLU A 278 -17.64 32.91 27.07
C GLU A 278 -18.75 31.94 27.43
N ARG A 279 -18.44 30.66 27.61
CA ARG A 279 -19.44 29.68 28.01
C ARG A 279 -20.03 30.02 29.36
N LEU A 280 -19.18 30.44 30.30
CA LEU A 280 -19.66 30.83 31.62
C LEU A 280 -20.54 32.08 31.54
N LYS A 281 -20.16 33.04 30.70
CA LYS A 281 -20.99 34.24 30.53
C LYS A 281 -22.35 33.89 29.97
N LEU A 282 -22.40 33.01 28.97
CA LEU A 282 -23.68 32.59 28.39
C LEU A 282 -24.54 31.89 29.44
N PHE A 283 -23.93 30.96 30.20
CA PHE A 283 -24.69 30.25 31.22
C PHE A 283 -25.25 31.21 32.26
N ASP A 284 -24.47 32.20 32.66
CA ASP A 284 -24.96 33.16 33.65
C ASP A 284 -26.05 34.05 33.07
N ARG A 285 -25.98 34.36 31.78
CA ARG A 285 -26.99 35.25 31.20
C ARG A 285 -28.34 34.56 31.01
N TYR A 286 -28.35 33.28 30.64
CA TYR A 286 -29.64 32.66 30.31
C TYR A 286 -30.16 31.65 31.33
N PHE A 287 -29.29 31.06 32.16
CA PHE A 287 -29.72 30.06 33.14
C PHE A 287 -29.25 30.40 34.54
N LYS A 288 -29.49 31.62 34.99
CA LYS A 288 -28.86 32.08 36.22
C LYS A 288 -29.31 31.31 37.45
N TYR A 289 -30.54 30.78 37.47
CA TYR A 289 -31.09 30.15 38.66
C TYR A 289 -31.16 28.63 38.56
N TRP A 290 -30.64 28.05 37.49
CA TRP A 290 -30.40 26.61 37.42
C TRP A 290 -29.27 26.28 38.40
N ASP A 291 -29.58 25.43 39.40
CA ASP A 291 -28.78 25.35 40.61
C ASP A 291 -27.90 24.10 40.68
N GLN A 292 -27.53 23.53 39.53
CA GLN A 292 -26.59 22.44 39.49
C GLN A 292 -25.31 22.90 38.81
N THR A 293 -24.17 22.42 39.31
CA THR A 293 -22.88 22.96 38.91
C THR A 293 -22.55 22.59 37.47
N TYR A 294 -22.04 23.57 36.72
CA TYR A 294 -21.74 23.43 35.30
C TYR A 294 -20.24 23.48 35.09
N HIS A 295 -19.69 22.45 34.44
CA HIS A 295 -18.28 22.40 34.10
C HIS A 295 -18.11 22.61 32.61
N PRO A 296 -17.55 23.73 32.15
CA PRO A 296 -17.34 23.91 30.71
C PRO A 296 -16.43 22.85 30.09
N ASN A 297 -15.45 22.35 30.83
CA ASN A 297 -14.58 21.29 30.37
C ASN A 297 -14.92 20.01 31.15
N CYS A 298 -15.32 18.97 30.42
CA CYS A 298 -15.84 17.76 31.03
C CYS A 298 -14.76 16.85 31.60
N VAL A 299 -13.49 17.25 31.52
CA VAL A 299 -12.43 16.52 32.22
C VAL A 299 -12.49 16.75 33.72
N ASN A 300 -13.32 17.68 34.19
CA ASN A 300 -13.45 18.00 35.60
C ASN A 300 -14.79 17.53 36.18
N CYS A 301 -15.46 16.58 35.54
CA CYS A 301 -16.75 16.11 36.00
C CYS A 301 -16.59 14.97 37.00
N LEU A 302 -17.65 14.70 37.75
CA LEU A 302 -17.58 13.83 38.92
C LEU A 302 -17.94 12.37 38.64
N ASP A 303 -18.92 12.12 37.77
CA ASP A 303 -19.19 10.78 37.24
C ASP A 303 -19.76 10.95 35.84
N ASP A 304 -20.42 9.92 35.30
CA ASP A 304 -20.96 10.04 33.95
C ASP A 304 -22.33 10.72 33.89
N ARG A 305 -23.09 10.72 34.99
CA ARG A 305 -24.28 11.56 35.05
C ARG A 305 -23.92 13.03 34.91
N CYS A 306 -22.85 13.45 35.60
CA CYS A 306 -22.35 14.82 35.45
C CYS A 306 -21.89 15.09 34.02
N ILE A 307 -21.23 14.11 33.40
CA ILE A 307 -20.76 14.30 32.03
C ILE A 307 -21.94 14.54 31.10
N LEU A 308 -22.99 13.74 31.23
CA LEU A 308 -24.19 13.97 30.42
C LEU A 308 -24.75 15.36 30.66
N HIS A 309 -24.90 15.73 31.93
CA HIS A 309 -25.47 17.03 32.29
C HIS A 309 -24.71 18.18 31.63
N CYS A 310 -23.38 18.19 31.77
CA CYS A 310 -22.60 19.33 31.29
C CYS A 310 -22.38 19.30 29.77
N ALA A 311 -22.25 18.12 29.17
CA ALA A 311 -22.13 18.05 27.72
C ALA A 311 -23.40 18.55 27.05
N ASN A 312 -24.56 18.37 27.70
CA ASN A 312 -25.79 18.90 27.12
C ASN A 312 -25.74 20.41 26.96
N PHE A 313 -25.19 21.13 27.94
CA PHE A 313 -25.04 22.58 27.83
C PHE A 313 -23.98 22.96 26.80
N ASN A 314 -22.91 22.17 26.73
CA ASN A 314 -21.88 22.45 25.72
C ASN A 314 -22.44 22.37 24.30
N VAL A 315 -23.35 21.43 24.05
CA VAL A 315 -23.93 21.31 22.71
C VAL A 315 -24.64 22.61 22.31
N LEU A 316 -25.39 23.21 23.24
CA LEU A 316 -26.09 24.45 22.93
C LEU A 316 -25.10 25.61 22.75
N PHE A 317 -24.12 25.73 23.65
CA PHE A 317 -23.24 26.89 23.59
C PHE A 317 -22.25 26.83 22.45
N SER A 318 -21.98 25.65 21.87
CA SER A 318 -20.95 25.54 20.85
C SER A 318 -21.41 25.97 19.45
N THR A 319 -22.70 26.23 19.25
CA THR A 319 -23.17 26.66 17.93
C THR A 319 -22.91 28.13 17.67
N VAL A 320 -22.24 28.82 18.59
CA VAL A 320 -22.08 30.27 18.55
C VAL A 320 -20.68 30.61 18.03
N PHE A 321 -19.73 29.71 18.24
CA PHE A 321 -18.31 29.91 18.00
C PHE A 321 -17.91 29.44 16.60
N PRO A 322 -16.81 29.96 16.06
CA PRO A 322 -16.42 29.64 14.68
C PRO A 322 -16.05 28.17 14.53
N PRO A 323 -16.43 27.54 13.41
CA PRO A 323 -16.16 26.11 13.22
C PRO A 323 -14.72 25.76 12.86
N THR A 324 -13.81 26.73 12.74
CA THR A 324 -12.40 26.42 12.55
C THR A 324 -11.67 26.22 13.87
N SER A 325 -12.37 26.38 15.00
CA SER A 325 -11.78 26.30 16.32
C SER A 325 -11.89 24.91 16.94
N PHE A 326 -12.58 23.98 16.30
CA PHE A 326 -12.73 22.63 16.80
C PHE A 326 -11.82 21.68 16.03
N GLY A 327 -11.42 20.60 16.69
CA GLY A 327 -10.55 19.62 16.09
C GLY A 327 -9.25 19.47 16.86
N PRO A 328 -8.27 18.81 16.26
CA PRO A 328 -6.98 18.62 16.93
C PRO A 328 -6.24 19.94 17.11
N LEU A 329 -5.43 19.98 18.16
CA LEU A 329 -4.55 21.12 18.46
C LEU A 329 -3.12 20.66 18.28
N VAL A 330 -2.36 21.37 17.45
CA VAL A 330 -1.04 20.92 17.03
C VAL A 330 0.04 21.78 17.67
N ARG A 331 1.26 21.23 17.65
CA ARG A 331 2.42 21.81 18.33
C ARG A 331 3.66 21.36 17.58
N LYS A 332 4.76 22.08 17.80
CA LYS A 332 6.03 21.79 17.16
C LYS A 332 6.97 21.08 18.13
N ILE A 333 7.50 19.93 17.71
CA ILE A 333 8.43 19.15 18.52
C ILE A 333 9.64 18.81 17.66
N PHE A 334 10.72 18.39 18.32
CA PHE A 334 12.00 18.13 17.68
C PHE A 334 12.40 16.68 17.91
N VAL A 335 12.75 15.99 16.83
CA VAL A 335 13.20 14.60 16.86
C VAL A 335 14.64 14.59 16.35
N ASP A 336 15.59 14.61 17.27
CA ASP A 336 17.02 14.74 16.96
C ASP A 336 17.28 15.96 16.08
N GLY A 337 16.68 17.07 16.47
CA GLY A 337 16.96 18.35 15.86
C GLY A 337 16.20 18.69 14.61
N VAL A 338 15.20 17.89 14.23
CA VAL A 338 14.41 18.11 13.03
C VAL A 338 12.96 18.32 13.44
N PRO A 339 12.32 19.44 13.07
CA PRO A 339 11.01 19.78 13.65
C PRO A 339 9.87 19.03 12.99
N PHE A 340 8.93 18.57 13.82
CA PHE A 340 7.70 17.91 13.40
C PHE A 340 6.52 18.84 13.66
N VAL A 341 5.30 18.34 13.40
CA VAL A 341 4.05 18.97 13.81
C VAL A 341 3.09 17.86 14.21
N VAL A 342 2.71 17.81 15.48
CA VAL A 342 1.94 16.70 16.02
C VAL A 342 0.80 17.23 16.87
N SER A 343 -0.18 16.36 17.11
CA SER A 343 -1.33 16.69 17.94
C SER A 343 -0.99 16.53 19.41
N THR A 344 -1.50 17.45 20.23
CA THR A 344 -1.28 17.43 21.67
C THR A 344 -2.57 17.69 22.45
N GLY A 345 -3.71 17.59 21.78
CA GLY A 345 -4.97 17.87 22.45
C GLY A 345 -6.11 17.86 21.46
N TYR A 346 -7.26 18.33 21.94
CA TYR A 346 -8.48 18.28 21.13
C TYR A 346 -9.49 19.25 21.72
N HIS A 347 -10.23 19.93 20.84
CA HIS A 347 -11.33 20.81 21.23
C HIS A 347 -12.62 20.19 20.70
N PHE A 348 -13.38 19.57 21.61
CA PHE A 348 -14.63 18.92 21.25
C PHE A 348 -15.80 19.90 21.32
N ARG A 349 -16.80 19.65 20.48
CA ARG A 349 -18.05 20.40 20.56
C ARG A 349 -18.87 20.03 21.79
N GLU A 350 -18.65 18.85 22.35
CA GLU A 350 -19.42 18.38 23.50
C GLU A 350 -18.61 18.30 24.79
N LEU A 351 -17.31 18.02 24.72
CA LEU A 351 -16.52 17.74 25.92
C LEU A 351 -15.53 18.84 26.28
N GLY A 352 -15.44 19.92 25.51
CA GLY A 352 -14.52 21.00 25.84
C GLY A 352 -13.10 20.72 25.39
N VAL A 353 -12.17 21.40 26.06
CA VAL A 353 -10.75 21.35 25.71
C VAL A 353 -10.07 20.25 26.52
N VAL A 354 -9.32 19.39 25.83
CA VAL A 354 -8.61 18.28 26.44
C VAL A 354 -7.13 18.40 26.06
N HIS A 355 -6.26 18.23 27.06
CA HIS A 355 -4.81 18.30 26.86
C HIS A 355 -4.20 16.94 27.18
N ASN A 356 -3.19 16.56 26.40
CA ASN A 356 -2.50 15.30 26.62
C ASN A 356 -1.61 15.39 27.85
N GLN A 357 -1.31 14.23 28.43
CA GLN A 357 -0.54 14.16 29.66
C GLN A 357 0.92 13.76 29.46
N ASP A 358 1.24 13.08 28.37
CA ASP A 358 2.62 12.66 28.07
C ASP A 358 3.06 13.33 26.77
N VAL A 359 3.59 14.54 26.89
CA VAL A 359 4.15 15.27 25.77
C VAL A 359 5.61 15.60 26.08
N ASN A 360 6.50 15.27 25.16
CA ASN A 360 7.93 15.50 25.35
C ASN A 360 8.52 16.07 24.09
N LEU A 361 9.00 17.31 24.16
CA LEU A 361 9.83 17.86 23.10
C LEU A 361 11.24 17.33 23.27
N HIS A 362 12.01 17.34 22.17
CA HIS A 362 13.39 16.84 22.19
C HIS A 362 13.49 15.39 22.62
N SER A 363 12.99 14.47 21.80
CA SER A 363 13.26 13.05 21.97
C SER A 363 14.43 12.65 21.07
N SER A 364 14.94 11.44 21.29
CA SER A 364 16.13 10.95 20.61
C SER A 364 15.80 10.10 19.39
N ARG A 365 14.96 9.09 19.55
CA ARG A 365 14.60 8.23 18.44
C ARG A 365 13.09 8.05 18.44
N LEU A 366 12.63 7.20 17.55
CA LEU A 366 11.24 6.79 17.51
C LEU A 366 11.18 5.27 17.52
N SER A 367 10.36 4.72 18.39
CA SER A 367 10.16 3.28 18.41
C SER A 367 9.23 2.88 17.28
N PHE A 368 8.85 1.60 17.23
CA PHE A 368 7.79 1.19 16.33
C PHE A 368 6.46 1.83 16.72
N LYS A 369 6.19 1.93 18.03
CA LYS A 369 4.92 2.44 18.51
C LYS A 369 4.75 3.93 18.23
N GLU A 370 5.81 4.72 18.41
CA GLU A 370 5.69 6.15 18.17
C GLU A 370 5.58 6.47 16.68
N LEU A 371 6.27 5.70 15.83
CA LEU A 371 6.05 5.84 14.38
C LEU A 371 4.61 5.48 14.03
N LEU A 372 4.07 4.42 14.64
CA LEU A 372 2.69 4.05 14.37
C LEU A 372 1.72 5.16 14.77
N VAL A 373 1.97 5.81 15.91
CA VAL A 373 1.10 6.90 16.35
C VAL A 373 1.25 8.16 15.50
N TYR A 374 2.48 8.52 15.08
CA TYR A 374 2.65 9.71 14.25
C TYR A 374 2.17 9.51 12.81
N ALA A 375 2.16 8.28 12.31
CA ALA A 375 1.67 8.06 10.96
C ALA A 375 0.15 8.13 10.87
N ALA A 376 -0.55 7.73 11.92
CA ALA A 376 -2.01 7.80 11.92
C ALA A 376 -2.53 9.20 12.20
N ASP A 377 -1.69 10.10 12.68
CA ASP A 377 -2.11 11.47 12.96
C ASP A 377 -2.49 12.17 11.66
N PRO A 378 -3.64 12.86 11.63
CA PRO A 378 -3.95 13.72 10.47
C PRO A 378 -3.16 15.02 10.45
N ALA A 379 -2.33 15.28 11.45
CA ALA A 379 -1.64 16.57 11.55
C ALA A 379 -0.69 16.79 10.38
N MET A 380 0.21 15.84 10.14
CA MET A 380 1.23 16.02 9.12
C MET A 380 0.75 15.66 7.72
N HIS A 381 -0.37 14.97 7.59
CA HIS A 381 -0.97 14.77 6.28
C HIS A 381 -1.66 16.04 5.79
N ALA A 382 -2.36 16.74 6.68
CA ALA A 382 -3.07 17.95 6.34
C ALA A 382 -2.18 19.19 6.34
N ALA A 383 -1.12 19.20 7.16
CA ALA A 383 -0.21 20.35 7.21
C ALA A 383 0.70 20.43 5.99
N SER A 384 0.68 19.42 5.11
CA SER A 384 1.58 19.38 3.96
C SER A 384 0.83 19.19 2.64
N GLY A 385 -0.48 19.44 2.62
CA GLY A 385 -1.25 19.37 1.41
C GLY A 385 -1.75 20.75 0.98
N ASN A 386 -2.49 20.76 -0.11
CA ASN A 386 -3.04 22.01 -0.63
C ASN A 386 -4.34 22.37 0.07
N LEU A 387 -4.69 23.65 -0.02
CA LEU A 387 -6.00 24.13 0.40
C LEU A 387 -7.06 23.65 -0.58
N LEU A 388 -8.25 23.37 -0.07
CA LEU A 388 -9.33 22.83 -0.89
C LEU A 388 -10.61 23.63 -0.68
N LEU A 389 -11.27 23.96 -1.79
CA LEU A 389 -12.59 24.59 -1.79
C LEU A 389 -13.50 23.73 -2.65
N ASP A 390 -14.13 22.74 -2.04
CA ASP A 390 -15.03 21.83 -2.74
C ASP A 390 -16.45 22.40 -2.66
N LYS A 391 -17.04 22.70 -3.81
CA LYS A 391 -18.35 23.31 -3.88
C LYS A 391 -19.47 22.32 -4.17
N ARG A 392 -19.16 21.02 -4.14
CA ARG A 392 -20.19 19.99 -4.32
C ARG A 392 -20.90 19.62 -3.04
N THR A 393 -20.35 20.00 -1.88
CA THR A 393 -20.92 19.67 -0.58
C THR A 393 -21.01 20.92 0.28
N THR A 394 -21.82 20.84 1.32
CA THR A 394 -21.86 21.86 2.36
C THR A 394 -21.00 21.50 3.55
N CYS A 395 -20.40 20.31 3.56
CA CYS A 395 -19.52 19.93 4.65
C CYS A 395 -18.21 20.71 4.57
N PHE A 396 -17.52 20.73 5.70
CA PHE A 396 -16.26 21.46 5.84
C PHE A 396 -15.14 20.65 5.20
N SER A 397 -14.45 21.24 4.23
CA SER A 397 -13.33 20.60 3.54
C SER A 397 -12.02 21.14 4.10
N VAL A 398 -11.04 20.26 4.26
CA VAL A 398 -9.80 20.64 4.93
C VAL A 398 -8.65 20.80 3.95
N ALA A 399 -8.26 19.72 3.28
CA ALA A 399 -7.07 19.75 2.44
C ALA A 399 -7.18 18.71 1.33
N ALA A 400 -6.31 18.88 0.32
CA ALA A 400 -6.19 17.95 -0.80
C ALA A 400 -4.82 17.32 -0.74
N LEU A 401 -4.77 15.99 -0.65
CA LEU A 401 -3.53 15.27 -0.38
C LEU A 401 -2.75 14.93 -1.64
N THR A 402 -3.21 15.35 -2.81
CA THR A 402 -2.55 15.06 -4.08
C THR A 402 -2.75 16.25 -5.01
N ASN A 403 -2.53 16.05 -6.30
CA ASN A 403 -2.69 17.12 -7.27
C ASN A 403 -3.91 16.96 -8.17
N ASN A 404 -4.71 15.91 -7.99
CA ASN A 404 -5.89 15.71 -8.82
C ASN A 404 -6.95 14.94 -8.05
N VAL A 405 -8.18 15.05 -8.53
CA VAL A 405 -9.34 14.43 -7.90
C VAL A 405 -9.57 13.05 -8.54
N ALA A 406 -10.08 12.12 -7.74
CA ALA A 406 -10.33 10.76 -8.17
C ALA A 406 -11.84 10.51 -8.24
N PHE A 407 -12.29 9.97 -9.37
CA PHE A 407 -13.71 9.72 -9.62
C PHE A 407 -13.90 8.21 -9.76
N GLN A 408 -14.55 7.60 -8.76
CA GLN A 408 -14.69 6.16 -8.68
C GLN A 408 -16.10 5.73 -9.11
N THR A 409 -16.16 4.66 -9.90
CA THR A 409 -17.40 4.15 -10.46
C THR A 409 -17.73 2.79 -9.84
N VAL A 410 -18.87 2.25 -10.25
CA VAL A 410 -19.31 0.91 -9.88
C VAL A 410 -19.78 0.19 -11.15
N LYS A 411 -19.42 -1.07 -11.27
CA LYS A 411 -19.63 -1.87 -12.47
C LYS A 411 -20.94 -2.63 -12.42
N PRO A 412 -21.42 -3.12 -13.55
CA PRO A 412 -22.60 -3.99 -13.57
C PRO A 412 -22.24 -5.41 -13.12
N GLY A 413 -23.25 -6.27 -13.08
CA GLY A 413 -23.06 -7.65 -12.69
C GLY A 413 -22.70 -8.55 -13.86
N ASN A 414 -22.53 -9.83 -13.56
CA ASN A 414 -22.30 -10.86 -14.56
C ASN A 414 -23.54 -11.73 -14.68
N PHE A 415 -23.84 -12.14 -15.91
CA PHE A 415 -25.06 -12.88 -16.20
C PHE A 415 -24.74 -14.36 -16.33
N ASN A 416 -25.34 -15.17 -15.47
CA ASN A 416 -25.23 -16.63 -15.52
C ASN A 416 -26.35 -17.12 -16.43
N LYS A 417 -26.03 -17.26 -17.73
CA LYS A 417 -27.03 -17.60 -18.73
C LYS A 417 -27.50 -19.05 -18.63
N ASP A 418 -26.62 -19.94 -18.18
CA ASP A 418 -26.97 -21.36 -18.07
C ASP A 418 -28.13 -21.58 -17.10
N PHE A 419 -28.03 -20.98 -15.92
CA PHE A 419 -29.09 -21.11 -14.92
C PHE A 419 -30.40 -20.50 -15.40
N TYR A 420 -30.32 -19.34 -16.07
CA TYR A 420 -31.53 -18.70 -16.57
C TYR A 420 -32.22 -19.55 -17.63
N ASP A 421 -31.44 -20.14 -18.55
CA ASP A 421 -32.03 -21.03 -19.55
C ASP A 421 -32.67 -22.25 -18.90
N PHE A 422 -31.98 -22.85 -17.93
CA PHE A 422 -32.53 -24.00 -17.23
C PHE A 422 -33.85 -23.63 -16.53
N ALA A 423 -33.88 -22.47 -15.88
CA ALA A 423 -35.09 -22.06 -15.16
C ALA A 423 -36.23 -21.74 -16.12
N VAL A 424 -35.93 -21.22 -17.31
CA VAL A 424 -37.00 -20.93 -18.25
C VAL A 424 -37.53 -22.20 -18.90
N SER A 425 -36.70 -23.25 -19.01
CA SER A 425 -37.22 -24.51 -19.53
C SER A 425 -38.06 -25.27 -18.52
N LYS A 426 -38.21 -24.77 -17.29
CA LYS A 426 -39.04 -25.39 -16.27
C LYS A 426 -40.29 -24.57 -15.95
N GLY A 427 -40.55 -23.49 -16.68
CA GLY A 427 -41.80 -22.77 -16.56
C GLY A 427 -41.76 -21.48 -15.77
N PHE A 428 -40.60 -20.92 -15.48
CA PHE A 428 -40.51 -19.69 -14.71
C PHE A 428 -40.60 -18.48 -15.63
N PHE A 429 -40.78 -17.31 -15.01
CA PHE A 429 -40.79 -16.02 -15.69
C PHE A 429 -41.85 -15.98 -16.80
N LYS A 430 -43.06 -16.40 -16.45
CA LYS A 430 -44.18 -16.29 -17.36
C LYS A 430 -44.92 -14.99 -17.11
N GLU A 431 -45.79 -14.63 -18.05
CA GLU A 431 -46.56 -13.40 -17.94
C GLU A 431 -47.61 -13.54 -16.85
N GLY A 432 -47.57 -12.64 -15.87
CA GLY A 432 -48.49 -12.69 -14.76
C GLY A 432 -48.08 -13.56 -13.60
N SER A 433 -46.85 -14.07 -13.60
CA SER A 433 -46.38 -14.88 -12.49
C SER A 433 -46.24 -14.03 -11.22
N SER A 434 -46.34 -14.70 -10.07
CA SER A 434 -46.16 -14.02 -8.79
C SER A 434 -44.70 -13.88 -8.40
N VAL A 435 -43.80 -14.62 -9.04
CA VAL A 435 -42.37 -14.53 -8.77
C VAL A 435 -41.70 -13.88 -9.98
N GLU A 436 -40.99 -12.78 -9.74
CA GLU A 436 -40.31 -12.09 -10.83
C GLU A 436 -39.04 -11.44 -10.27
N LEU A 437 -38.21 -10.96 -11.19
CA LEU A 437 -36.88 -10.47 -10.85
C LEU A 437 -36.95 -9.01 -10.44
N LYS A 438 -36.48 -8.70 -9.22
CA LYS A 438 -36.45 -7.33 -8.73
C LYS A 438 -35.15 -6.99 -8.01
N HIS A 439 -34.19 -7.91 -7.92
CA HIS A 439 -32.90 -7.66 -7.29
C HIS A 439 -31.82 -7.69 -8.36
N PHE A 440 -31.02 -6.62 -8.43
CA PHE A 440 -30.03 -6.47 -9.49
C PHE A 440 -28.77 -5.81 -8.93
N PHE A 441 -27.71 -5.84 -9.73
CA PHE A 441 -26.51 -5.04 -9.53
C PHE A 441 -26.71 -3.72 -10.28
N PHE A 442 -26.87 -2.63 -9.54
CA PHE A 442 -27.01 -1.31 -10.16
C PHE A 442 -25.66 -0.65 -10.31
N ALA A 443 -25.45 0.00 -11.44
CA ALA A 443 -24.20 0.68 -11.74
C ALA A 443 -24.26 2.14 -11.33
N GLN A 444 -23.08 2.72 -11.05
CA GLN A 444 -22.96 4.10 -10.62
C GLN A 444 -21.83 4.78 -11.38
N ASP A 445 -21.93 6.10 -11.52
CA ASP A 445 -20.99 6.91 -12.28
C ASP A 445 -20.03 7.61 -11.31
N GLY A 446 -19.24 8.57 -11.83
CA GLY A 446 -18.11 9.10 -11.10
C GLY A 446 -18.46 9.95 -9.89
N ASN A 447 -19.63 10.55 -9.86
CA ASN A 447 -20.01 11.43 -8.76
C ASN A 447 -20.78 10.70 -7.66
N ALA A 448 -20.53 9.42 -7.48
CA ALA A 448 -21.33 8.61 -6.56
C ALA A 448 -20.83 8.69 -5.11
N ALA A 449 -19.52 8.81 -4.91
CA ALA A 449 -18.99 8.82 -3.55
C ALA A 449 -19.28 10.13 -2.82
N ILE A 450 -19.08 11.27 -3.50
CA ILE A 450 -19.28 12.56 -2.83
C ILE A 450 -20.77 12.82 -2.61
N SER A 451 -21.63 12.41 -3.54
CA SER A 451 -23.07 12.60 -3.37
C SER A 451 -23.62 11.72 -2.25
N ASP A 452 -22.99 10.58 -1.98
CA ASP A 452 -23.36 9.77 -0.83
C ASP A 452 -22.77 10.30 0.47
N TYR A 453 -21.58 10.89 0.42
CA TYR A 453 -21.03 11.54 1.60
C TYR A 453 -21.82 12.77 1.99
N ASP A 454 -22.50 13.42 1.04
CA ASP A 454 -23.24 14.64 1.33
C ASP A 454 -24.56 14.39 2.05
N TYR A 455 -24.85 13.17 2.49
CA TYR A 455 -26.05 12.90 3.27
C TYR A 455 -25.87 13.18 4.75
N TYR A 456 -24.69 13.65 5.16
CA TYR A 456 -24.46 14.07 6.52
C TYR A 456 -25.01 15.47 6.80
N ARG A 457 -25.68 16.06 5.83
CA ARG A 457 -26.41 17.31 6.04
C ARG A 457 -27.70 17.11 6.81
N TYR A 458 -28.08 15.87 7.10
CA TYR A 458 -29.23 15.56 7.92
C TYR A 458 -28.89 15.44 9.40
N ASN A 459 -27.62 15.58 9.76
CA ASN A 459 -27.20 15.56 11.15
C ASN A 459 -27.17 17.00 11.67
N LEU A 460 -28.02 17.29 12.65
CA LEU A 460 -28.17 18.62 13.21
C LEU A 460 -27.85 18.61 14.69
N PRO A 461 -27.46 19.75 15.27
CA PRO A 461 -27.22 19.80 16.72
C PRO A 461 -28.53 19.75 17.49
N THR A 462 -28.65 18.74 18.35
CA THR A 462 -29.89 18.50 19.09
C THR A 462 -29.60 18.51 20.59
N MET A 463 -30.32 19.36 21.32
CA MET A 463 -30.25 19.44 22.77
C MET A 463 -31.41 18.65 23.36
N CYS A 464 -31.16 17.99 24.48
CA CYS A 464 -32.11 17.04 25.05
C CYS A 464 -32.78 17.59 26.30
N ASP A 465 -33.93 17.00 26.61
CA ASP A 465 -34.53 17.10 27.93
C ASP A 465 -33.66 16.31 28.91
N ILE A 466 -32.88 17.01 29.73
CA ILE A 466 -31.84 16.32 30.50
C ILE A 466 -32.42 15.52 31.66
N ARG A 467 -33.47 16.03 32.33
CA ARG A 467 -34.04 15.32 33.47
C ARG A 467 -34.75 14.05 33.05
N GLN A 468 -35.28 14.01 31.83
CA GLN A 468 -35.90 12.81 31.29
C GLN A 468 -34.85 11.78 30.87
N LEU A 469 -33.75 12.26 30.28
CA LEU A 469 -32.68 11.37 29.85
C LEU A 469 -31.97 10.71 31.02
N LEU A 470 -31.81 11.45 32.14
CA LEU A 470 -31.10 10.89 33.28
C LEU A 470 -31.89 9.78 33.98
N PHE A 471 -33.16 9.60 33.65
CA PHE A 471 -33.99 8.48 34.13
C PHE A 471 -34.06 7.36 33.10
N VAL A 472 -34.19 7.72 31.83
CA VAL A 472 -34.16 6.74 30.77
C VAL A 472 -32.86 5.94 30.81
N VAL A 473 -31.74 6.60 31.13
CA VAL A 473 -30.47 5.88 31.14
C VAL A 473 -30.44 4.82 32.24
N GLU A 474 -31.04 5.09 33.40
CA GLU A 474 -31.06 4.08 34.45
C GLU A 474 -31.88 2.86 34.04
N VAL A 475 -33.06 3.08 33.45
CA VAL A 475 -33.85 1.92 33.01
C VAL A 475 -33.11 1.14 31.93
N VAL A 476 -32.53 1.85 30.96
CA VAL A 476 -31.77 1.20 29.90
C VAL A 476 -30.63 0.38 30.48
N ASP A 477 -29.96 0.91 31.50
CA ASP A 477 -28.90 0.15 32.16
C ASP A 477 -29.45 -1.10 32.83
N LYS A 478 -30.66 -1.03 33.39
CA LYS A 478 -31.25 -2.23 33.96
C LYS A 478 -31.44 -3.31 32.90
N TYR A 479 -31.61 -2.91 31.64
CA TYR A 479 -31.72 -3.94 30.60
C TYR A 479 -30.43 -4.72 30.36
N PHE A 480 -29.29 -4.28 30.89
CA PHE A 480 -27.98 -4.85 30.57
C PHE A 480 -27.28 -5.42 31.79
N ASP A 481 -28.02 -6.06 32.69
CA ASP A 481 -27.46 -6.46 33.98
C ASP A 481 -26.90 -7.87 34.00
N CYS A 482 -27.32 -8.74 33.08
CA CYS A 482 -26.94 -10.15 33.14
C CYS A 482 -25.55 -10.43 32.58
N TYR A 483 -24.91 -9.46 31.95
CA TYR A 483 -23.62 -9.66 31.31
C TYR A 483 -22.48 -9.18 32.22
N ASP A 484 -21.26 -9.50 31.81
CA ASP A 484 -20.07 -9.09 32.54
C ASP A 484 -18.96 -8.72 31.57
N GLY A 485 -18.20 -7.70 31.95
CA GLY A 485 -17.13 -7.21 31.10
C GLY A 485 -15.91 -6.73 31.86
N GLY A 486 -15.11 -5.88 31.22
CA GLY A 486 -13.85 -5.44 31.79
C GLY A 486 -12.75 -5.49 30.75
N CYS A 487 -11.52 -5.21 31.16
CA CYS A 487 -10.39 -5.19 30.24
C CYS A 487 -9.73 -6.57 30.18
N ILE A 488 -9.08 -6.83 29.05
CA ILE A 488 -8.33 -8.07 28.85
C ILE A 488 -6.94 -7.70 28.32
N ASN A 489 -6.06 -8.70 28.30
CA ASN A 489 -4.71 -8.51 27.81
C ASN A 489 -4.64 -8.79 26.31
N ALA A 490 -3.44 -8.56 25.74
CA ALA A 490 -3.26 -8.70 24.30
C ALA A 490 -3.21 -10.14 23.84
N ASN A 491 -2.91 -11.08 24.73
CA ASN A 491 -2.87 -12.49 24.38
C ASN A 491 -4.21 -13.18 24.54
N GLN A 492 -5.27 -12.43 24.84
CA GLN A 492 -6.61 -12.99 25.02
C GLN A 492 -7.61 -12.51 23.98
N VAL A 493 -7.24 -11.59 23.09
CA VAL A 493 -8.19 -11.10 22.11
C VAL A 493 -8.19 -12.03 20.90
N ILE A 494 -9.31 -12.05 20.18
CA ILE A 494 -9.56 -12.97 19.09
C ILE A 494 -9.92 -12.16 17.85
N VAL A 495 -9.28 -12.49 16.73
CA VAL A 495 -9.56 -11.83 15.46
C VAL A 495 -9.99 -12.89 14.46
N ASN A 496 -11.15 -12.68 13.85
CA ASN A 496 -11.56 -13.45 12.69
C ASN A 496 -11.03 -12.75 11.44
N ASN A 497 -10.43 -13.52 10.54
CA ASN A 497 -10.00 -12.98 9.25
C ASN A 497 -8.99 -11.85 9.33
N LEU A 498 -7.73 -12.19 9.63
CA LEU A 498 -6.63 -11.23 9.68
C LEU A 498 -6.20 -10.75 8.29
N ASP A 499 -7.00 -10.97 7.25
CA ASP A 499 -6.65 -10.59 5.89
C ASP A 499 -7.57 -9.52 5.35
N LYS A 500 -7.84 -8.50 6.16
CA LYS A 500 -8.64 -7.35 5.76
C LYS A 500 -7.79 -6.08 5.85
N SER A 501 -8.29 -5.00 5.25
CA SER A 501 -7.51 -3.79 5.13
C SER A 501 -7.32 -3.12 6.50
N ALA A 502 -6.25 -2.31 6.62
CA ALA A 502 -5.86 -1.59 7.83
C ALA A 502 -6.21 -0.14 7.79
N GLY A 503 -6.54 0.43 6.66
CA GLY A 503 -7.05 1.77 6.56
C GLY A 503 -6.56 3.17 6.51
N PHE A 504 -5.52 3.50 5.81
CA PHE A 504 -5.00 4.88 5.67
C PHE A 504 -4.30 5.52 6.84
N PRO A 505 -2.99 5.62 6.76
CA PRO A 505 -2.12 5.34 5.65
C PRO A 505 -1.57 3.98 5.60
N PHE A 506 -2.12 3.04 6.36
CA PHE A 506 -1.50 1.74 6.56
C PHE A 506 -1.78 0.74 5.44
N ASN A 507 -2.69 1.06 4.52
CA ASN A 507 -2.97 0.16 3.42
C ASN A 507 -2.01 0.35 2.25
N LYS A 508 -0.98 1.18 2.41
CA LYS A 508 0.09 1.25 1.43
C LYS A 508 1.11 0.12 1.59
N TRP A 509 1.13 -0.55 2.73
CA TRP A 509 2.22 -1.44 3.07
C TRP A 509 1.81 -2.85 3.47
N GLY A 510 0.54 -3.11 3.78
CA GLY A 510 0.14 -4.45 4.12
C GLY A 510 -1.29 -4.49 4.63
N LYS A 511 -1.66 -5.67 5.13
CA LYS A 511 -2.97 -5.93 5.72
C LYS A 511 -2.83 -5.97 7.24
N ALA A 512 -3.93 -6.30 7.93
CA ALA A 512 -3.92 -6.35 9.39
C ALA A 512 -2.98 -7.44 9.91
N ARG A 513 -2.70 -8.46 9.11
CA ARG A 513 -1.73 -9.48 9.50
C ARG A 513 -0.35 -8.87 9.73
N LEU A 514 0.03 -7.93 8.86
CA LEU A 514 1.36 -7.33 8.96
C LEU A 514 1.55 -6.63 10.31
N TYR A 515 0.52 -5.94 10.78
CA TYR A 515 0.65 -5.15 12.00
C TYR A 515 0.35 -5.97 13.25
N TYR A 516 -0.43 -7.05 13.14
CA TYR A 516 -0.57 -7.94 14.28
C TYR A 516 0.62 -8.88 14.42
N ASP A 517 1.44 -9.03 13.39
CA ASP A 517 2.65 -9.85 13.49
C ASP A 517 3.87 -9.04 13.89
N SER A 518 3.99 -7.80 13.42
CA SER A 518 5.17 -6.99 13.72
C SER A 518 5.16 -6.49 15.16
N MET A 519 4.02 -6.47 15.83
CA MET A 519 3.90 -5.96 17.18
C MET A 519 3.93 -7.13 18.16
N SER A 520 4.77 -7.04 19.17
CA SER A 520 4.83 -8.04 20.22
C SER A 520 3.58 -7.94 21.09
N TYR A 521 3.43 -8.88 22.02
CA TYR A 521 2.33 -8.78 22.97
C TYR A 521 2.52 -7.65 23.96
N GLU A 522 3.75 -7.16 24.13
CA GLU A 522 4.05 -6.09 25.05
C GLU A 522 4.03 -4.72 24.42
N ASP A 523 4.12 -4.64 23.08
CA ASP A 523 3.93 -3.37 22.38
C ASP A 523 2.44 -3.00 22.34
N GLN A 524 1.57 -3.99 22.12
CA GLN A 524 0.14 -3.73 22.11
C GLN A 524 -0.35 -3.30 23.48
N ASP A 525 0.18 -3.91 24.55
CA ASP A 525 -0.16 -3.47 25.90
C ASP A 525 0.31 -2.06 26.16
N ALA A 526 1.50 -1.70 25.67
CA ALA A 526 2.00 -0.35 25.84
C ALA A 526 1.13 0.66 25.10
N LEU A 527 0.72 0.34 23.87
CA LEU A 527 -0.16 1.24 23.13
C LEU A 527 -1.51 1.41 23.83
N PHE A 528 -2.08 0.31 24.32
CA PHE A 528 -3.35 0.38 25.02
C PHE A 528 -3.23 1.22 26.28
N ALA A 529 -2.15 1.04 27.05
CA ALA A 529 -1.94 1.86 28.24
C ALA A 529 -1.72 3.32 27.87
N TYR A 530 -1.14 3.58 26.70
CA TYR A 530 -0.95 4.95 26.23
C TYR A 530 -2.29 5.63 25.97
N THR A 531 -3.26 4.90 25.39
CA THR A 531 -4.52 5.62 25.13
C THR A 531 -5.34 5.92 26.41
N LYS A 532 -4.89 5.66 27.64
CA LYS A 532 -5.66 6.01 28.83
C LYS A 532 -5.24 7.33 29.44
N ARG A 533 -4.27 8.02 28.85
CA ARG A 533 -3.86 9.35 29.30
C ARG A 533 -3.73 10.34 28.16
N ASN A 534 -3.90 9.92 26.91
CA ASN A 534 -3.68 10.75 25.75
C ASN A 534 -4.77 10.48 24.72
N VAL A 535 -4.91 11.40 23.77
CA VAL A 535 -5.90 11.30 22.71
C VAL A 535 -5.17 11.09 21.39
N ILE A 536 -5.60 10.10 20.63
CA ILE A 536 -5.08 9.83 19.29
C ILE A 536 -6.19 10.04 18.27
N PRO A 537 -6.16 11.09 17.46
CA PRO A 537 -7.12 11.20 16.35
C PRO A 537 -6.63 10.45 15.12
N THR A 538 -7.57 9.82 14.42
CA THR A 538 -7.26 9.00 13.25
C THR A 538 -8.11 9.43 12.07
N ILE A 539 -7.95 8.72 10.95
CA ILE A 539 -8.58 9.04 9.67
C ILE A 539 -9.43 7.86 9.24
N THR A 540 -10.60 8.14 8.67
CA THR A 540 -11.51 7.13 8.17
C THR A 540 -11.66 7.25 6.66
N GLN A 541 -11.67 6.10 5.99
CA GLN A 541 -11.78 6.01 4.54
C GLN A 541 -13.18 5.51 4.15
N MET A 542 -13.75 6.10 3.10
CA MET A 542 -15.08 5.74 2.63
C MET A 542 -14.97 4.88 1.38
N ASN A 543 -15.61 3.71 1.41
CA ASN A 543 -15.56 2.75 0.32
C ASN A 543 -16.96 2.44 -0.18
N LEU A 544 -17.07 2.20 -1.48
CA LEU A 544 -18.33 1.80 -2.11
C LEU A 544 -18.46 0.29 -2.13
N LYS A 545 -19.69 -0.19 -1.99
CA LYS A 545 -19.97 -1.62 -1.97
C LYS A 545 -20.47 -2.11 -3.32
N TYR A 546 -20.19 -3.37 -3.60
CA TYR A 546 -20.49 -4.03 -4.87
C TYR A 546 -21.36 -5.24 -4.54
N ALA A 547 -22.68 -5.03 -4.48
CA ALA A 547 -23.58 -6.04 -3.97
C ALA A 547 -24.94 -5.92 -4.65
N ILE A 548 -25.74 -6.99 -4.52
CA ILE A 548 -27.07 -7.05 -5.10
C ILE A 548 -28.04 -6.27 -4.21
N SER A 549 -29.06 -5.68 -4.82
CA SER A 549 -29.97 -4.81 -4.11
C SER A 549 -31.25 -4.63 -4.91
N ALA A 550 -32.25 -3.99 -4.29
CA ALA A 550 -33.52 -3.71 -4.91
C ALA A 550 -33.73 -2.23 -5.21
N LYS A 551 -32.82 -1.37 -4.76
CA LYS A 551 -32.91 0.07 -5.02
C LYS A 551 -31.59 0.55 -5.57
N ASN A 552 -31.63 1.61 -6.38
CA ASN A 552 -30.48 2.04 -7.17
C ASN A 552 -29.65 3.12 -6.48
N ARG A 553 -29.86 3.37 -5.20
CA ARG A 553 -28.98 4.25 -4.45
C ARG A 553 -27.66 3.55 -4.18
N ALA A 554 -26.61 4.34 -3.99
CA ALA A 554 -25.29 3.80 -3.72
C ALA A 554 -25.09 3.63 -2.22
N ARG A 555 -24.30 2.62 -1.84
CA ARG A 555 -24.03 2.31 -0.45
C ARG A 555 -22.53 2.39 -0.17
N THR A 556 -22.20 2.90 1.01
CA THR A 556 -20.81 3.06 1.41
C THR A 556 -20.62 2.49 2.80
N VAL A 557 -19.37 2.14 3.11
CA VAL A 557 -18.97 1.73 4.45
C VAL A 557 -17.71 2.48 4.83
N ALA A 558 -17.59 2.76 6.13
CA ALA A 558 -16.42 3.43 6.67
C ALA A 558 -15.36 2.40 7.05
N GLY A 559 -14.14 2.60 6.60
CA GLY A 559 -13.03 1.74 6.96
C GLY A 559 -12.11 2.39 7.97
N VAL A 560 -12.17 1.93 9.22
CA VAL A 560 -11.42 2.54 10.31
C VAL A 560 -10.00 2.01 10.30
N SER A 561 -9.07 2.83 10.81
CA SER A 561 -7.65 2.49 10.78
C SER A 561 -7.30 1.50 11.89
N ILE A 562 -6.16 0.84 11.71
CA ILE A 562 -5.76 -0.27 12.58
C ILE A 562 -5.49 0.22 14.01
N CYS A 563 -4.98 1.44 14.16
CA CYS A 563 -4.62 1.99 15.46
C CYS A 563 -5.84 2.14 16.37
N SER A 564 -7.04 2.23 15.80
CA SER A 564 -8.29 2.35 16.55
C SER A 564 -8.86 0.98 16.91
N THR A 565 -8.91 0.07 15.94
CA THR A 565 -9.45 -1.26 16.16
C THR A 565 -8.64 -2.01 17.21
N MET A 566 -7.30 -1.89 17.14
CA MET A 566 -6.44 -2.66 18.02
C MET A 566 -6.75 -2.41 19.50
N THR A 567 -7.01 -1.15 19.86
CA THR A 567 -7.28 -0.80 21.25
C THR A 567 -8.75 -0.95 21.63
N ASN A 568 -9.66 -0.68 20.70
CA ASN A 568 -11.08 -0.85 21.01
C ASN A 568 -11.40 -2.30 21.30
N ARG A 569 -10.75 -3.25 20.62
CA ARG A 569 -10.99 -4.66 20.91
C ARG A 569 -10.63 -4.98 22.35
N GLN A 570 -9.46 -4.53 22.80
CA GLN A 570 -9.04 -4.79 24.18
C GLN A 570 -9.98 -4.14 25.18
N PHE A 571 -10.58 -3.00 24.82
CA PHE A 571 -11.50 -2.38 25.78
C PHE A 571 -12.83 -3.11 25.87
N HIS A 572 -13.38 -3.56 24.74
CA HIS A 572 -14.79 -3.96 24.70
C HIS A 572 -15.07 -5.45 24.49
N GLN A 573 -14.08 -6.26 24.15
CA GLN A 573 -14.40 -7.58 23.61
C GLN A 573 -14.99 -8.52 24.65
N LYS A 574 -14.59 -8.42 25.91
CA LYS A 574 -15.13 -9.32 26.93
C LYS A 574 -16.65 -9.18 27.03
N LEU A 575 -17.13 -7.94 27.16
CA LEU A 575 -18.56 -7.71 27.23
C LEU A 575 -19.25 -8.09 25.92
N LEU A 576 -18.63 -7.76 24.78
CA LEU A 576 -19.28 -8.09 23.51
C LEU A 576 -19.44 -9.60 23.34
N LYS A 577 -18.46 -10.39 23.77
CA LYS A 577 -18.59 -11.84 23.71
C LYS A 577 -19.49 -12.40 24.80
N SER A 578 -19.68 -11.68 25.90
CA SER A 578 -20.67 -12.11 26.88
C SER A 578 -22.08 -11.95 26.34
N ILE A 579 -22.35 -10.85 25.65
CA ILE A 579 -23.70 -10.61 25.13
C ILE A 579 -24.09 -11.67 24.11
N ALA A 580 -23.17 -12.01 23.21
CA ALA A 580 -23.45 -12.91 22.10
C ALA A 580 -23.47 -14.38 22.49
N ALA A 581 -23.35 -14.74 23.78
CA ALA A 581 -23.42 -16.13 24.21
C ALA A 581 -24.59 -16.37 25.16
N THR A 582 -25.50 -15.41 25.28
CA THR A 582 -26.64 -15.51 26.19
C THR A 582 -27.90 -15.82 25.40
N ARG A 583 -28.75 -16.68 25.98
CA ARG A 583 -30.03 -17.04 25.37
C ARG A 583 -31.17 -16.65 26.29
N GLY A 584 -32.26 -16.18 25.69
CA GLY A 584 -33.44 -15.82 26.45
C GLY A 584 -33.50 -14.39 26.92
N ALA A 585 -32.68 -13.50 26.37
CA ALA A 585 -32.65 -12.10 26.77
C ALA A 585 -33.34 -11.25 25.71
N THR A 586 -33.32 -9.93 25.92
CA THR A 586 -33.97 -9.01 24.98
C THR A 586 -33.14 -8.81 23.72
N VAL A 587 -31.83 -8.71 23.85
CA VAL A 587 -30.95 -8.59 22.70
C VAL A 587 -30.59 -9.98 22.21
N VAL A 588 -30.82 -10.23 20.92
CA VAL A 588 -30.71 -11.59 20.38
C VAL A 588 -29.60 -11.69 19.35
N ILE A 589 -28.54 -10.90 19.51
CA ILE A 589 -27.34 -11.09 18.71
C ILE A 589 -26.65 -12.38 19.14
N GLY A 590 -26.33 -13.23 18.17
CA GLY A 590 -25.63 -14.47 18.44
C GLY A 590 -26.50 -15.70 18.49
N THR A 591 -27.83 -15.54 18.46
CA THR A 591 -28.73 -16.68 18.42
C THR A 591 -28.95 -17.11 16.97
N SER A 592 -28.88 -18.42 16.74
CA SER A 592 -29.08 -18.98 15.42
C SER A 592 -30.56 -19.18 15.14
N LYS A 593 -30.93 -19.09 13.87
CA LYS A 593 -32.28 -19.40 13.43
C LYS A 593 -32.46 -20.86 13.06
N PHE A 594 -31.38 -21.63 13.00
CA PHE A 594 -31.44 -23.03 12.61
C PHE A 594 -31.64 -23.93 13.83
N TYR A 595 -32.07 -25.16 13.56
CA TYR A 595 -32.24 -26.19 14.57
C TYR A 595 -33.26 -25.79 15.64
N GLY A 596 -34.30 -25.08 15.22
CA GLY A 596 -35.38 -24.71 16.11
C GLY A 596 -35.24 -23.37 16.81
N GLY A 597 -34.24 -22.56 16.45
CA GLY A 597 -33.99 -21.32 17.19
C GLY A 597 -35.00 -20.23 16.93
N TRP A 598 -35.51 -20.16 15.70
CA TRP A 598 -36.53 -19.16 15.36
C TRP A 598 -37.78 -19.34 16.23
N HIS A 599 -38.21 -20.59 16.38
CA HIS A 599 -39.35 -20.90 17.25
C HIS A 599 -39.08 -20.48 18.69
N ASN A 600 -37.88 -20.73 19.18
CA ASN A 600 -37.55 -20.37 20.55
C ASN A 600 -37.59 -18.87 20.76
N MET A 601 -37.01 -18.09 19.83
CA MET A 601 -37.05 -16.64 19.96
C MET A 601 -38.49 -16.13 19.96
N LEU A 602 -39.31 -16.63 19.04
CA LEU A 602 -40.69 -16.17 18.97
C LEU A 602 -41.46 -16.50 20.23
N LYS A 603 -41.29 -17.70 20.78
CA LYS A 603 -41.97 -18.03 22.02
C LYS A 603 -41.45 -17.24 23.21
N THR A 604 -40.17 -16.85 23.20
CA THR A 604 -39.66 -16.02 24.28
C THR A 604 -40.27 -14.62 24.25
N VAL A 605 -40.41 -14.03 23.06
CA VAL A 605 -40.95 -12.68 23.01
C VAL A 605 -42.45 -12.65 23.31
N TYR A 606 -43.16 -13.73 23.05
CA TYR A 606 -44.59 -13.77 23.37
C TYR A 606 -44.83 -13.72 24.87
N SER A 607 -43.95 -14.33 25.64
CA SER A 607 -43.98 -14.27 27.10
C SER A 607 -45.36 -14.62 27.64
N ASP A 608 -45.93 -13.74 28.47
CA ASP A 608 -47.28 -13.88 28.96
C ASP A 608 -48.00 -12.52 28.94
N VAL A 609 -47.90 -11.81 27.81
CA VAL A 609 -48.67 -10.58 27.63
C VAL A 609 -50.16 -10.91 27.56
N GLU A 610 -50.99 -9.94 27.97
CA GLU A 610 -52.39 -10.23 28.27
C GLU A 610 -53.30 -10.27 27.05
N ASN A 611 -53.48 -9.14 26.35
CA ASN A 611 -54.31 -9.12 25.15
C ASN A 611 -53.40 -8.76 23.98
N PRO A 612 -52.56 -9.69 23.53
CA PRO A 612 -51.37 -9.31 22.77
C PRO A 612 -51.65 -8.93 21.32
N HIS A 613 -50.84 -7.99 20.84
CA HIS A 613 -50.68 -7.63 19.44
C HIS A 613 -49.19 -7.60 19.15
N LEU A 614 -48.85 -7.49 17.87
CA LEU A 614 -47.45 -7.33 17.47
C LEU A 614 -47.28 -6.04 16.69
N MET A 615 -46.04 -5.54 16.67
CA MET A 615 -45.77 -4.23 16.09
C MET A 615 -44.29 -4.15 15.73
N GLY A 616 -44.00 -3.43 14.65
CA GLY A 616 -42.63 -3.13 14.27
C GLY A 616 -42.57 -1.81 13.55
N TRP A 617 -41.44 -1.11 13.71
CA TRP A 617 -41.27 0.23 13.18
C TRP A 617 -39.88 0.33 12.55
N ASP A 618 -39.54 1.49 11.99
CA ASP A 618 -38.22 1.67 11.41
C ASP A 618 -37.69 3.07 11.67
N TYR A 619 -36.39 3.23 11.40
CA TYR A 619 -35.67 4.48 11.54
C TYR A 619 -35.22 4.96 10.17
N PRO A 620 -35.71 6.10 9.67
CA PRO A 620 -35.14 6.67 8.45
C PRO A 620 -33.73 7.19 8.70
N LYS A 621 -32.81 6.91 7.76
CA LYS A 621 -31.45 7.46 7.76
C LYS A 621 -30.78 7.27 9.11
N CYS A 622 -30.78 6.02 9.59
CA CYS A 622 -30.45 5.78 10.99
C CYS A 622 -29.04 6.23 11.34
N ASP A 623 -28.06 5.89 10.52
CA ASP A 623 -26.66 6.10 10.88
C ASP A 623 -26.16 7.51 10.58
N ARG A 624 -26.95 8.34 9.91
CA ARG A 624 -26.52 9.69 9.57
C ARG A 624 -27.38 10.77 10.21
N ALA A 625 -28.39 10.38 10.97
CA ALA A 625 -29.25 11.34 11.66
C ALA A 625 -29.22 11.17 13.17
N MET A 626 -28.43 10.25 13.69
CA MET A 626 -28.35 10.05 15.14
C MET A 626 -27.70 11.25 15.79
N PRO A 627 -28.35 11.87 16.78
CA PRO A 627 -27.70 12.96 17.51
C PRO A 627 -26.51 12.46 18.33
N ASN A 628 -25.58 13.39 18.58
CA ASN A 628 -24.34 13.02 19.26
C ASN A 628 -24.56 12.63 20.72
N MET A 629 -25.55 13.23 21.37
CA MET A 629 -25.77 12.96 22.79
C MET A 629 -26.11 11.49 23.03
N LEU A 630 -26.92 10.90 22.17
CA LEU A 630 -27.28 9.50 22.33
C LEU A 630 -26.13 8.55 22.00
N ARG A 631 -25.27 8.93 21.05
CA ARG A 631 -24.06 8.14 20.79
C ARG A 631 -23.14 8.13 22.00
N ILE A 632 -22.93 9.31 22.60
CA ILE A 632 -22.13 9.38 23.82
C ILE A 632 -22.76 8.55 24.93
N MET A 633 -24.09 8.62 25.06
CA MET A 633 -24.79 7.85 26.09
C MET A 633 -24.62 6.35 25.89
N ALA A 634 -24.69 5.88 24.64
CA ALA A 634 -24.47 4.47 24.37
C ALA A 634 -23.06 4.04 24.79
N SER A 635 -22.07 4.88 24.49
CA SER A 635 -20.71 4.55 24.92
C SER A 635 -20.61 4.45 26.44
N LEU A 636 -21.23 5.39 27.15
CA LEU A 636 -21.15 5.37 28.62
C LEU A 636 -21.83 4.13 29.19
N VAL A 637 -22.98 3.75 28.64
CA VAL A 637 -23.67 2.54 29.10
C VAL A 637 -22.78 1.32 28.88
N LEU A 638 -22.12 1.23 27.72
CA LEU A 638 -21.24 0.10 27.49
C LEU A 638 -20.02 0.11 28.42
N ALA A 639 -19.54 1.29 28.81
CA ALA A 639 -18.36 1.36 29.67
C ALA A 639 -18.68 1.22 31.16
N ARG A 640 -19.95 1.18 31.54
CA ARG A 640 -20.29 1.03 32.95
C ARG A 640 -19.77 -0.26 33.61
N LYS A 641 -19.21 -1.19 32.85
CA LYS A 641 -18.74 -2.46 33.42
C LYS A 641 -17.30 -2.43 33.88
N HIS A 642 -16.67 -1.26 33.91
CA HIS A 642 -15.25 -1.14 34.23
C HIS A 642 -15.05 -0.55 35.62
N THR A 643 -15.89 -0.95 36.58
CA THR A 643 -15.86 -0.35 37.90
C THR A 643 -14.67 -0.79 38.75
N THR A 644 -13.92 -1.81 38.33
CA THR A 644 -12.82 -2.32 39.12
C THR A 644 -11.47 -2.27 38.41
N CYS A 645 -11.44 -2.27 37.08
CA CYS A 645 -10.18 -2.26 36.37
C CYS A 645 -9.70 -0.86 36.06
N CYS A 646 -10.61 0.08 35.82
CA CYS A 646 -10.27 1.42 35.36
C CYS A 646 -10.61 2.44 36.43
N SER A 647 -9.78 3.48 36.52
CA SER A 647 -10.02 4.60 37.42
C SER A 647 -11.02 5.55 36.77
N LEU A 648 -11.21 6.72 37.39
CA LEU A 648 -12.15 7.71 36.87
C LEU A 648 -11.57 8.53 35.72
N SER A 649 -10.25 8.75 35.72
CA SER A 649 -9.60 9.47 34.62
C SER A 649 -9.40 8.57 33.39
N HIS A 650 -9.06 7.31 33.62
CA HIS A 650 -8.88 6.37 32.52
C HIS A 650 -10.12 6.28 31.66
N ARG A 651 -11.29 6.19 32.29
CA ARG A 651 -12.53 6.04 31.55
C ARG A 651 -12.84 7.29 30.73
N PHE A 652 -12.55 8.47 31.29
CA PHE A 652 -12.77 9.69 30.52
C PHE A 652 -11.88 9.72 29.29
N TYR A 653 -10.62 9.32 29.43
CA TYR A 653 -9.75 9.37 28.26
C TYR A 653 -10.15 8.33 27.21
N ARG A 654 -10.67 7.19 27.64
CA ARG A 654 -11.18 6.23 26.66
C ARG A 654 -12.41 6.78 25.93
N LEU A 655 -13.30 7.48 26.66
CA LEU A 655 -14.43 8.12 26.01
C LEU A 655 -13.97 9.18 24.99
N ALA A 656 -12.99 10.00 25.37
CA ALA A 656 -12.48 11.02 24.47
C ALA A 656 -11.88 10.39 23.21
N ASN A 657 -11.16 9.27 23.38
CA ASN A 657 -10.60 8.58 22.23
C ASN A 657 -11.69 8.08 21.29
N GLU A 658 -12.75 7.49 21.85
CA GLU A 658 -13.84 7.00 21.01
C GLU A 658 -14.47 8.15 20.23
N CYS A 659 -14.71 9.28 20.90
CA CYS A 659 -15.31 10.43 20.22
C CYS A 659 -14.40 10.97 19.13
N ALA A 660 -13.10 11.06 19.39
CA ALA A 660 -12.19 11.62 18.40
C ALA A 660 -11.90 10.68 17.24
N GLN A 661 -12.18 9.39 17.38
CA GLN A 661 -11.91 8.47 16.28
C GLN A 661 -13.14 8.07 15.48
N VAL A 662 -14.32 7.95 16.08
CA VAL A 662 -15.44 7.40 15.32
C VAL A 662 -16.70 8.25 15.38
N LEU A 663 -16.63 9.46 15.94
CA LEU A 663 -17.85 10.24 16.05
C LEU A 663 -17.77 11.54 15.24
N SER A 664 -16.71 12.32 15.45
CA SER A 664 -16.43 13.51 14.65
C SER A 664 -14.96 13.48 14.29
N GLU A 665 -14.64 12.78 13.22
CA GLU A 665 -13.25 12.55 12.81
C GLU A 665 -13.05 13.10 11.40
N MET A 666 -11.85 12.90 10.88
CA MET A 666 -11.51 13.32 9.53
C MET A 666 -11.72 12.17 8.56
N VAL A 667 -12.32 12.47 7.42
CA VAL A 667 -12.75 11.47 6.46
C VAL A 667 -12.02 11.70 5.14
N MET A 668 -11.53 10.62 4.54
CA MET A 668 -10.88 10.65 3.24
C MET A 668 -11.88 10.14 2.20
N CYS A 669 -12.42 11.06 1.41
CA CYS A 669 -13.33 10.73 0.32
C CYS A 669 -12.72 11.21 -0.99
N GLY A 670 -12.37 10.26 -1.86
CA GLY A 670 -11.55 10.57 -3.01
C GLY A 670 -10.10 10.59 -2.62
N GLY A 671 -9.46 11.74 -2.73
CA GLY A 671 -8.11 11.92 -2.25
C GLY A 671 -7.97 13.17 -1.41
N SER A 672 -9.05 13.52 -0.70
CA SER A 672 -9.14 14.76 0.05
C SER A 672 -9.73 14.47 1.42
N LEU A 673 -9.59 15.45 2.33
CA LEU A 673 -10.01 15.32 3.71
C LEU A 673 -11.18 16.25 4.00
N TYR A 674 -12.17 15.74 4.71
CA TYR A 674 -13.35 16.50 5.12
C TYR A 674 -13.58 16.32 6.61
N VAL A 675 -14.49 17.13 7.16
CA VAL A 675 -14.83 17.09 8.57
C VAL A 675 -16.23 16.49 8.69
N LYS A 676 -16.35 15.46 9.51
CA LYS A 676 -17.64 14.80 9.74
C LYS A 676 -18.38 15.49 10.87
N PRO A 677 -19.64 15.90 10.66
CA PRO A 677 -20.37 16.58 11.75
C PRO A 677 -20.72 15.65 12.90
N GLY A 678 -21.20 14.46 12.61
CA GLY A 678 -21.61 13.54 13.65
C GLY A 678 -22.17 12.27 13.07
N GLY A 679 -22.94 11.55 13.87
CA GLY A 679 -23.56 10.31 13.45
C GLY A 679 -22.77 9.09 13.87
N THR A 680 -23.02 8.00 13.16
CA THR A 680 -22.37 6.72 13.42
C THR A 680 -21.46 6.35 12.26
N SER A 681 -20.29 5.82 12.61
CA SER A 681 -19.40 5.21 11.62
C SER A 681 -19.74 3.73 11.52
N SER A 682 -20.03 3.27 10.30
CA SER A 682 -20.61 1.93 10.12
C SER A 682 -19.63 0.85 10.53
N GLY A 683 -18.34 1.05 10.29
CA GLY A 683 -17.38 -0.03 10.44
C GLY A 683 -16.40 0.08 11.60
N ASP A 684 -16.87 0.53 12.75
CA ASP A 684 -16.03 0.55 13.96
C ASP A 684 -16.38 -0.65 14.83
N ALA A 685 -15.59 -0.83 15.90
CA ALA A 685 -15.52 -2.10 16.60
C ALA A 685 -16.72 -2.42 17.47
N THR A 686 -17.71 -1.52 17.58
CA THR A 686 -18.81 -1.74 18.52
C THR A 686 -20.17 -1.35 17.94
N THR A 687 -20.34 -1.55 16.63
CA THR A 687 -21.47 -0.95 15.90
C THR A 687 -22.81 -1.57 16.30
N ALA A 688 -22.95 -2.88 16.08
CA ALA A 688 -24.23 -3.57 16.24
C ALA A 688 -24.75 -3.55 17.67
N TYR A 689 -23.90 -3.28 18.65
CA TYR A 689 -24.29 -3.22 20.06
C TYR A 689 -24.71 -1.82 20.50
N ALA A 690 -24.00 -0.79 20.03
CA ALA A 690 -24.44 0.57 20.26
C ALA A 690 -25.77 0.85 19.57
N ASN A 691 -26.00 0.23 18.41
CA ASN A 691 -27.30 0.39 17.76
C ASN A 691 -28.42 -0.17 18.62
N SER A 692 -28.20 -1.32 19.26
CA SER A 692 -29.22 -1.88 20.14
C SER A 692 -29.46 -1.01 21.36
N VAL A 693 -28.40 -0.44 21.94
CA VAL A 693 -28.60 0.47 23.07
C VAL A 693 -29.46 1.67 22.66
N PHE A 694 -29.17 2.24 21.48
CA PHE A 694 -29.96 3.36 20.98
C PHE A 694 -31.43 2.97 20.78
N ASN A 695 -31.66 1.78 20.23
CA ASN A 695 -33.02 1.27 20.03
C ASN A 695 -33.80 1.22 21.34
N ILE A 696 -33.21 0.61 22.37
CA ILE A 696 -33.92 0.45 23.64
C ILE A 696 -34.18 1.81 24.27
N CYS A 697 -33.22 2.75 24.13
CA CYS A 697 -33.42 4.08 24.68
C CYS A 697 -34.65 4.75 24.06
N GLN A 698 -34.79 4.68 22.73
CA GLN A 698 -35.94 5.31 22.10
C GLN A 698 -37.26 4.66 22.52
N ALA A 699 -37.29 3.32 22.65
CA ALA A 699 -38.53 2.68 23.09
C ALA A 699 -38.94 3.10 24.50
N VAL A 700 -37.98 3.15 25.42
CA VAL A 700 -38.31 3.55 26.79
C VAL A 700 -38.81 5.00 26.82
N THR A 701 -38.19 5.87 26.01
CA THR A 701 -38.68 7.25 25.95
C THR A 701 -40.12 7.32 25.47
N ALA A 702 -40.46 6.52 24.46
CA ALA A 702 -41.83 6.51 23.97
C ALA A 702 -42.81 6.12 25.06
N ASN A 703 -42.46 5.10 25.86
CA ASN A 703 -43.38 4.70 26.93
C ASN A 703 -43.54 5.79 28.00
N VAL A 704 -42.44 6.45 28.38
CA VAL A 704 -42.53 7.52 29.38
C VAL A 704 -43.44 8.64 28.88
N ASN A 705 -43.26 9.03 27.61
CA ASN A 705 -44.09 10.10 27.04
C ASN A 705 -45.55 9.68 26.93
N ALA A 706 -45.81 8.40 26.64
CA ALA A 706 -47.19 7.94 26.60
C ALA A 706 -47.85 8.06 27.97
N LEU A 707 -47.16 7.65 29.03
CA LEU A 707 -47.80 7.62 30.33
C LEU A 707 -47.93 9.01 30.96
N LEU A 708 -46.96 9.91 30.73
CA LEU A 708 -47.02 11.21 31.40
C LEU A 708 -47.96 12.20 30.73
N SER A 709 -48.39 11.93 29.50
CA SER A 709 -49.22 12.85 28.73
C SER A 709 -50.69 12.41 28.71
N THR A 710 -51.11 11.65 29.71
CA THR A 710 -52.47 11.13 29.80
C THR A 710 -53.17 11.78 30.98
N ASP A 711 -54.40 12.21 30.76
CA ASP A 711 -55.20 12.79 31.83
C ASP A 711 -55.35 11.79 32.96
N GLY A 712 -54.76 12.11 34.12
CA GLY A 712 -54.78 11.21 35.24
C GLY A 712 -56.11 11.08 35.96
N ASN A 713 -57.06 11.97 35.69
CA ASN A 713 -58.37 11.90 36.31
C ASN A 713 -59.27 10.86 35.66
N LYS A 714 -58.90 10.33 34.51
CA LYS A 714 -59.70 9.33 33.81
C LYS A 714 -59.13 7.93 33.91
N ILE A 715 -57.95 7.75 34.50
CA ILE A 715 -57.40 6.41 34.68
C ILE A 715 -58.19 5.71 35.78
N ALA A 716 -58.73 4.54 35.46
CA ALA A 716 -59.59 3.80 36.38
C ALA A 716 -58.80 2.93 37.35
N ASP A 717 -57.71 2.32 36.90
CA ASP A 717 -56.87 1.52 37.78
C ASP A 717 -56.14 2.43 38.76
N LYS A 718 -56.12 2.04 40.04
CA LYS A 718 -55.49 2.87 41.05
C LYS A 718 -54.00 2.59 41.22
N TYR A 719 -53.51 1.47 40.72
CA TYR A 719 -52.08 1.20 40.75
C TYR A 719 -51.34 2.05 39.72
N VAL A 720 -51.89 2.15 38.51
CA VAL A 720 -51.25 2.90 37.44
C VAL A 720 -51.24 4.39 37.75
N ARG A 721 -52.23 4.89 38.50
CA ARG A 721 -52.25 6.31 38.84
C ARG A 721 -51.10 6.66 39.78
N ASN A 722 -50.86 5.84 40.80
CA ASN A 722 -49.71 6.05 41.66
C ASN A 722 -48.41 5.91 40.87
N LEU A 723 -48.37 4.97 39.93
CA LEU A 723 -47.19 4.85 39.08
C LEU A 723 -46.91 6.14 38.33
N GLN A 724 -47.94 6.75 37.75
CA GLN A 724 -47.79 8.01 37.02
C GLN A 724 -47.33 9.14 37.95
N HIS A 725 -47.93 9.23 39.14
CA HIS A 725 -47.53 10.24 40.11
C HIS A 725 -46.05 10.13 40.45
N ARG A 726 -45.61 8.92 40.79
CA ARG A 726 -44.22 8.72 41.19
C ARG A 726 -43.27 8.89 40.02
N LEU A 727 -43.72 8.62 38.79
CA LEU A 727 -42.86 8.85 37.63
C LEU A 727 -42.62 10.34 37.43
N TYR A 728 -43.67 11.16 37.56
CA TYR A 728 -43.47 12.60 37.49
C TYR A 728 -42.45 13.05 38.53
N GLU A 729 -42.65 12.65 39.79
CA GLU A 729 -41.75 13.19 40.81
C GLU A 729 -40.38 12.51 40.85
N CYS A 730 -40.18 11.43 40.10
CA CYS A 730 -38.84 10.92 39.89
C CYS A 730 -38.14 11.57 38.71
N LEU A 731 -38.90 12.19 37.80
CA LEU A 731 -38.26 12.97 36.74
C LEU A 731 -37.91 14.38 37.19
N TYR A 732 -38.88 15.13 37.72
CA TYR A 732 -38.70 16.58 37.85
C TYR A 732 -38.61 17.07 39.29
N ARG A 733 -38.57 16.19 40.28
CA ARG A 733 -38.51 16.67 41.66
C ARG A 733 -37.39 16.03 42.44
N ASN A 734 -37.08 14.77 42.12
CA ASN A 734 -36.01 14.05 42.77
C ASN A 734 -34.72 14.24 41.99
N ARG A 735 -33.62 14.42 42.73
CA ARG A 735 -32.36 14.82 42.14
C ARG A 735 -31.36 13.67 41.97
N ASP A 736 -31.44 12.63 42.78
CA ASP A 736 -30.60 11.45 42.63
C ASP A 736 -31.46 10.26 42.21
N VAL A 737 -30.81 9.10 42.12
CA VAL A 737 -31.46 7.90 41.60
C VAL A 737 -32.26 7.23 42.71
N ASP A 738 -33.46 6.76 42.38
CA ASP A 738 -34.30 5.98 43.27
C ASP A 738 -34.37 4.56 42.72
N THR A 739 -33.72 3.62 43.41
CA THR A 739 -33.53 2.28 42.86
C THR A 739 -34.83 1.47 42.86
N ASP A 740 -35.65 1.62 43.91
CA ASP A 740 -36.89 0.87 43.99
C ASP A 740 -37.83 1.20 42.84
N PHE A 741 -38.00 2.48 42.54
CA PHE A 741 -38.92 2.84 41.47
C PHE A 741 -38.37 2.43 40.10
N VAL A 742 -37.05 2.45 39.92
CA VAL A 742 -36.48 1.96 38.67
C VAL A 742 -36.80 0.48 38.50
N ASN A 743 -36.64 -0.31 39.57
CA ASN A 743 -37.03 -1.72 39.50
C ASN A 743 -38.50 -1.88 39.16
N GLU A 744 -39.35 -1.05 39.78
CA GLU A 744 -40.80 -1.15 39.58
C GLU A 744 -41.19 -0.85 38.13
N PHE A 745 -40.67 0.26 37.59
CA PHE A 745 -40.97 0.62 36.21
C PHE A 745 -40.43 -0.41 35.24
N TYR A 746 -39.25 -0.97 35.53
CA TYR A 746 -38.68 -2.01 34.68
C TYR A 746 -39.57 -3.25 34.65
N ALA A 747 -40.08 -3.66 35.81
CA ALA A 747 -41.00 -4.81 35.85
C ALA A 747 -42.27 -4.53 35.07
N TYR A 748 -42.84 -3.33 35.24
CA TYR A 748 -44.04 -2.94 34.49
C TYR A 748 -43.81 -3.04 32.98
N LEU A 749 -42.69 -2.50 32.51
CA LEU A 749 -42.37 -2.55 31.09
C LEU A 749 -42.19 -3.98 30.60
N ARG A 750 -41.46 -4.80 31.37
CA ARG A 750 -41.26 -6.18 30.96
C ARG A 750 -42.55 -6.97 30.91
N LYS A 751 -43.55 -6.58 31.69
CA LYS A 751 -44.79 -7.34 31.62
C LYS A 751 -45.73 -6.88 30.50
N HIS A 752 -45.85 -5.58 30.25
CA HIS A 752 -46.82 -5.12 29.27
C HIS A 752 -46.20 -4.73 27.93
N PHE A 753 -44.89 -4.83 27.80
CA PHE A 753 -44.20 -4.37 26.60
C PHE A 753 -42.94 -5.19 26.36
N SER A 754 -43.03 -6.27 25.59
CA SER A 754 -41.92 -7.20 25.43
C SER A 754 -41.21 -6.97 24.10
N MET A 755 -39.88 -6.97 24.13
CA MET A 755 -39.08 -6.55 22.99
C MET A 755 -38.08 -7.63 22.59
N MET A 756 -37.83 -7.71 21.28
CA MET A 756 -36.80 -8.56 20.71
C MET A 756 -35.97 -7.68 19.79
N ILE A 757 -34.69 -7.50 20.12
CA ILE A 757 -33.88 -6.44 19.54
C ILE A 757 -32.66 -7.05 18.87
N LEU A 758 -32.50 -6.76 17.58
CA LEU A 758 -31.21 -6.81 16.90
C LEU A 758 -30.82 -5.37 16.57
N SER A 759 -29.70 -5.21 15.86
CA SER A 759 -29.06 -3.90 15.76
C SER A 759 -29.90 -2.98 14.89
N ASP A 760 -30.89 -2.36 15.52
CA ASP A 760 -31.89 -1.39 15.02
C ASP A 760 -33.12 -2.04 14.37
N ASP A 761 -33.25 -3.36 14.41
CA ASP A 761 -34.50 -4.05 14.10
C ASP A 761 -35.21 -4.39 15.41
N ALA A 762 -36.53 -4.54 15.35
CA ALA A 762 -37.27 -4.81 16.58
C ALA A 762 -38.61 -5.45 16.29
N VAL A 763 -39.10 -6.20 17.27
CA VAL A 763 -40.46 -6.74 17.32
C VAL A 763 -40.97 -6.57 18.75
N VAL A 764 -42.22 -6.11 18.89
CA VAL A 764 -42.81 -5.85 20.19
C VAL A 764 -44.13 -6.60 20.31
N CYS A 765 -44.34 -7.24 21.46
CA CYS A 765 -45.63 -7.81 21.85
C CYS A 765 -46.15 -7.01 23.02
N PHE A 766 -47.33 -6.40 22.86
CA PHE A 766 -47.83 -5.45 23.85
C PHE A 766 -49.28 -5.72 24.20
N ASN A 767 -49.70 -5.14 25.32
CA ASN A 767 -51.07 -5.21 25.80
C ASN A 767 -51.94 -4.22 25.03
N SER A 768 -52.97 -4.74 24.36
CA SER A 768 -53.81 -3.92 23.50
C SER A 768 -54.71 -2.99 24.29
N THR A 769 -55.32 -3.50 25.36
CA THR A 769 -56.24 -2.69 26.15
C THR A 769 -55.53 -1.52 26.80
N TYR A 770 -54.30 -1.75 27.28
CA TYR A 770 -53.51 -0.66 27.86
C TYR A 770 -53.14 0.38 26.81
N ALA A 771 -52.84 -0.06 25.58
CA ALA A 771 -52.42 0.86 24.54
C ALA A 771 -53.58 1.69 24.02
N SER A 772 -54.79 1.13 23.99
CA SER A 772 -55.94 1.91 23.57
C SER A 772 -56.33 2.97 24.59
N GLN A 773 -55.94 2.82 25.85
CA GLN A 773 -56.17 3.85 26.86
C GLN A 773 -54.97 4.78 27.05
N GLY A 774 -53.85 4.52 26.37
CA GLY A 774 -52.68 5.36 26.49
C GLY A 774 -51.78 5.07 27.66
N LEU A 775 -51.70 3.82 28.11
CA LEU A 775 -50.83 3.46 29.22
C LEU A 775 -49.51 2.83 28.79
N VAL A 776 -49.40 2.38 27.54
CA VAL A 776 -48.12 1.99 26.94
C VAL A 776 -48.03 2.62 25.56
N ALA A 777 -46.83 2.57 24.99
CA ALA A 777 -46.56 3.26 23.74
C ALA A 777 -47.35 2.66 22.58
N SER A 778 -47.79 3.53 21.67
CA SER A 778 -48.41 3.21 20.40
C SER A 778 -47.43 3.54 19.28
N ILE A 779 -47.92 3.49 18.03
CA ILE A 779 -47.10 3.88 16.88
C ILE A 779 -47.00 5.40 16.73
N LYS A 780 -47.97 6.16 17.23
CA LYS A 780 -47.91 7.62 17.18
C LYS A 780 -46.88 8.21 18.13
N ASN A 781 -46.67 7.58 19.29
CA ASN A 781 -45.68 8.08 20.24
C ASN A 781 -44.28 7.96 19.67
N PHE A 782 -43.99 6.88 18.94
CA PHE A 782 -42.72 6.76 18.25
C PHE A 782 -42.54 7.88 17.23
N LYS A 783 -43.61 8.22 16.52
CA LYS A 783 -43.55 9.30 15.55
C LYS A 783 -43.17 10.62 16.22
N SER A 784 -43.85 10.95 17.32
CA SER A 784 -43.56 12.22 17.99
C SER A 784 -42.14 12.24 18.57
N VAL A 785 -41.72 11.14 19.21
CA VAL A 785 -40.40 11.09 19.80
C VAL A 785 -39.32 11.23 18.73
N LEU A 786 -39.49 10.55 17.59
CA LEU A 786 -38.52 10.68 16.52
C LEU A 786 -38.50 12.09 15.96
N TYR A 787 -39.67 12.73 15.86
CA TYR A 787 -39.71 14.09 15.33
C TYR A 787 -38.91 15.06 16.18
N TYR A 788 -39.08 15.01 17.50
CA TYR A 788 -38.39 16.03 18.29
C TYR A 788 -37.05 15.58 18.86
N GLN A 789 -36.67 14.31 18.72
CA GLN A 789 -35.39 13.84 19.26
C GLN A 789 -34.51 13.20 18.21
N ASN A 790 -34.93 13.18 16.94
CA ASN A 790 -34.13 12.54 15.91
C ASN A 790 -34.08 13.37 14.63
N ASN A 791 -34.97 14.36 14.50
CA ASN A 791 -35.05 15.23 13.33
C ASN A 791 -35.37 14.45 12.05
N VAL A 792 -36.26 13.46 12.17
CA VAL A 792 -36.76 12.73 11.01
C VAL A 792 -38.26 12.56 11.15
N PHE A 793 -38.92 12.36 10.01
CA PHE A 793 -40.35 12.09 9.98
C PHE A 793 -40.56 10.63 9.60
N MET A 794 -41.17 9.88 10.50
CA MET A 794 -41.43 8.45 10.28
C MET A 794 -42.83 8.28 9.72
N SER A 795 -42.92 7.80 8.49
CA SER A 795 -44.21 7.55 7.85
C SER A 795 -44.77 6.21 8.30
N GLU A 796 -46.08 6.19 8.56
CA GLU A 796 -46.75 4.99 9.03
C GLU A 796 -47.02 3.98 7.90
N ALA A 797 -46.45 4.20 6.72
CA ALA A 797 -46.49 3.21 5.65
C ALA A 797 -45.28 2.30 5.66
N LYS A 798 -44.36 2.47 6.62
CA LYS A 798 -43.22 1.59 6.80
C LYS A 798 -43.24 0.92 8.17
N CYS A 799 -44.38 0.97 8.85
CA CYS A 799 -44.62 0.25 10.08
C CYS A 799 -45.64 -0.83 9.80
N TRP A 800 -45.78 -1.77 10.73
CA TRP A 800 -46.79 -2.81 10.58
C TRP A 800 -47.37 -3.15 11.93
N THR A 801 -48.54 -3.82 11.89
CA THR A 801 -49.22 -4.30 13.08
C THR A 801 -49.87 -5.63 12.72
N GLU A 802 -50.02 -6.50 13.73
CA GLU A 802 -50.56 -7.83 13.53
C GLU A 802 -51.39 -8.19 14.75
N THR A 803 -52.67 -8.48 14.53
CA THR A 803 -53.60 -8.75 15.62
C THR A 803 -53.85 -10.24 15.84
N ASP A 804 -53.22 -11.11 15.05
CA ASP A 804 -53.35 -12.56 15.20
C ASP A 804 -51.96 -13.13 15.45
N LEU A 805 -51.78 -13.80 16.59
CA LEU A 805 -50.45 -14.25 16.99
C LEU A 805 -50.00 -15.54 16.33
N THR A 806 -50.91 -16.30 15.73
CA THR A 806 -50.56 -17.56 15.10
C THR A 806 -49.93 -17.39 13.72
N LYS A 807 -49.77 -16.14 13.29
CA LYS A 807 -48.87 -15.78 12.21
C LYS A 807 -47.95 -14.72 12.79
N GLY A 808 -46.65 -14.96 12.78
CA GLY A 808 -45.75 -14.19 13.60
C GLY A 808 -45.54 -12.79 13.07
N PRO A 809 -44.35 -12.24 13.29
CA PRO A 809 -44.07 -10.90 12.78
C PRO A 809 -44.22 -10.86 11.27
N HIS A 810 -44.74 -9.74 10.77
CA HIS A 810 -44.81 -9.56 9.32
C HIS A 810 -43.41 -9.55 8.71
N GLU A 811 -42.40 -9.21 9.50
CA GLU A 811 -41.05 -9.05 8.98
C GLU A 811 -40.07 -8.94 10.14
N PHE A 812 -38.92 -9.60 10.02
CA PHE A 812 -37.82 -9.45 10.97
C PHE A 812 -36.55 -9.98 10.33
N CYS A 813 -35.57 -9.10 10.13
CA CYS A 813 -34.32 -9.45 9.46
C CYS A 813 -34.57 -10.03 8.07
N SER A 814 -35.55 -9.46 7.37
CA SER A 814 -35.89 -9.79 5.99
C SER A 814 -36.52 -11.18 5.84
N GLN A 815 -37.10 -11.72 6.91
CA GLN A 815 -37.73 -13.03 6.87
C GLN A 815 -39.21 -12.91 7.19
N HIS A 816 -40.01 -13.73 6.52
CA HIS A 816 -41.40 -13.93 6.87
C HIS A 816 -41.54 -15.19 7.71
N THR A 817 -42.71 -15.36 8.34
CA THR A 817 -42.92 -16.45 9.27
C THR A 817 -44.11 -17.29 8.82
N MET A 818 -44.03 -18.59 9.12
CA MET A 818 -45.04 -19.57 8.77
C MET A 818 -45.17 -20.56 9.93
N LEU A 819 -46.40 -20.90 10.26
CA LEU A 819 -46.67 -21.91 11.30
C LEU A 819 -47.01 -23.22 10.57
N VAL A 820 -46.08 -24.16 10.59
CA VAL A 820 -46.21 -25.41 9.87
C VAL A 820 -46.23 -26.56 10.87
N LYS A 821 -46.68 -27.72 10.40
CA LYS A 821 -46.74 -28.93 11.21
C LYS A 821 -45.50 -29.77 10.92
N GLN A 822 -44.71 -30.04 11.94
CA GLN A 822 -43.45 -30.77 11.84
C GLN A 822 -43.50 -31.93 12.82
N GLY A 823 -43.67 -33.15 12.28
CA GLY A 823 -43.77 -34.30 13.15
C GLY A 823 -45.12 -34.38 13.83
N ASP A 824 -45.15 -34.09 15.13
CA ASP A 824 -46.39 -34.19 15.91
C ASP A 824 -46.95 -32.84 16.34
N ASP A 825 -46.17 -31.76 16.25
CA ASP A 825 -46.60 -30.45 16.74
C ASP A 825 -46.36 -29.39 15.68
N TYR A 826 -46.63 -28.15 16.05
CA TYR A 826 -46.55 -27.00 15.16
C TYR A 826 -45.39 -26.10 15.58
N VAL A 827 -44.63 -25.64 14.59
CA VAL A 827 -43.45 -24.82 14.82
C VAL A 827 -43.47 -23.63 13.88
N TYR A 828 -42.66 -22.63 14.19
CA TYR A 828 -42.49 -21.44 13.36
C TYR A 828 -41.22 -21.57 12.54
N LEU A 829 -41.34 -21.28 11.24
CA LEU A 829 -40.23 -21.37 10.30
C LEU A 829 -40.03 -20.03 9.62
N PRO A 830 -38.78 -19.65 9.34
CA PRO A 830 -38.53 -18.45 8.53
C PRO A 830 -38.35 -18.78 7.05
N TYR A 831 -38.84 -17.92 6.16
CA TYR A 831 -38.59 -18.10 4.74
C TYR A 831 -38.32 -16.75 4.09
N PRO A 832 -37.51 -16.75 3.01
CA PRO A 832 -37.14 -15.49 2.36
C PRO A 832 -38.04 -15.10 1.20
N ASP A 833 -37.75 -13.95 0.61
CA ASP A 833 -38.38 -13.49 -0.62
C ASP A 833 -37.83 -14.31 -1.79
N PRO A 834 -38.68 -14.96 -2.59
CA PRO A 834 -38.17 -15.82 -3.68
C PRO A 834 -37.31 -15.08 -4.70
N SER A 835 -37.62 -13.81 -4.97
CA SER A 835 -36.84 -13.04 -5.92
C SER A 835 -35.39 -12.91 -5.47
N ARG A 836 -35.15 -12.82 -4.17
CA ARG A 836 -33.79 -12.74 -3.67
C ARG A 836 -32.98 -13.98 -4.02
N ILE A 837 -33.56 -15.16 -3.84
CA ILE A 837 -32.84 -16.40 -4.13
C ILE A 837 -32.62 -16.56 -5.64
N LEU A 838 -33.66 -16.29 -6.44
CA LEU A 838 -33.49 -16.40 -7.89
C LEU A 838 -32.45 -15.41 -8.41
N GLY A 839 -32.45 -14.19 -7.88
CA GLY A 839 -31.46 -13.22 -8.28
C GLY A 839 -30.05 -13.60 -7.87
N ALA A 840 -29.89 -14.20 -6.69
CA ALA A 840 -28.60 -14.75 -6.33
C ALA A 840 -28.19 -15.87 -7.26
N GLY A 841 -29.17 -16.56 -7.87
CA GLY A 841 -28.84 -17.52 -8.90
C GLY A 841 -28.37 -16.93 -10.21
N CYS A 842 -29.03 -15.87 -10.70
CA CYS A 842 -28.76 -15.40 -12.05
C CYS A 842 -27.64 -14.37 -12.17
N PHE A 843 -27.37 -13.59 -11.13
CA PHE A 843 -26.42 -12.49 -11.21
C PHE A 843 -25.34 -12.65 -10.16
N VAL A 844 -24.08 -12.53 -10.57
CA VAL A 844 -22.93 -12.79 -9.73
C VAL A 844 -21.93 -11.66 -9.90
N ASP A 845 -20.98 -11.58 -8.96
CA ASP A 845 -19.99 -10.51 -8.97
C ASP A 845 -18.61 -10.95 -9.47
N ASP A 846 -18.47 -12.19 -9.94
CA ASP A 846 -17.23 -12.62 -10.56
C ASP A 846 -17.56 -13.50 -11.75
N ILE A 847 -16.69 -13.46 -12.77
CA ILE A 847 -16.93 -14.24 -13.98
C ILE A 847 -16.73 -15.73 -13.76
N VAL A 848 -15.92 -16.12 -12.76
CA VAL A 848 -15.71 -17.53 -12.50
C VAL A 848 -16.98 -18.20 -11.99
N LYS A 849 -17.84 -17.46 -11.30
CA LYS A 849 -19.07 -18.01 -10.74
C LYS A 849 -20.18 -18.18 -11.78
N THR A 850 -19.91 -17.86 -13.04
CA THR A 850 -20.86 -18.11 -14.13
C THR A 850 -20.69 -19.50 -14.73
N ASP A 851 -19.78 -20.30 -14.19
CA ASP A 851 -19.69 -21.72 -14.49
C ASP A 851 -20.04 -22.48 -13.21
N GLY A 852 -21.11 -23.28 -13.27
CA GLY A 852 -21.59 -23.95 -12.07
C GLY A 852 -20.70 -25.07 -11.57
N THR A 853 -20.11 -25.86 -12.48
CA THR A 853 -19.36 -27.03 -12.07
C THR A 853 -18.11 -26.67 -11.29
N LEU A 854 -17.68 -25.42 -11.31
CA LEU A 854 -16.51 -25.05 -10.53
C LEU A 854 -16.81 -24.86 -9.05
N MET A 855 -18.07 -24.58 -8.66
CA MET A 855 -18.31 -24.45 -7.23
C MET A 855 -19.40 -25.36 -6.63
N ILE A 856 -20.64 -25.32 -7.15
CA ILE A 856 -21.71 -26.23 -6.73
C ILE A 856 -22.15 -25.98 -5.28
N GLU A 857 -21.18 -25.74 -4.39
CA GLU A 857 -21.49 -25.47 -3.00
C GLU A 857 -22.29 -24.19 -2.84
N ARG A 858 -22.12 -23.23 -3.75
CA ARG A 858 -22.95 -22.03 -3.73
C ARG A 858 -24.42 -22.40 -3.81
N PHE A 859 -24.76 -23.33 -4.71
CA PHE A 859 -26.14 -23.75 -4.87
C PHE A 859 -26.62 -24.62 -3.73
N VAL A 860 -25.73 -25.41 -3.13
CA VAL A 860 -26.14 -26.15 -1.93
C VAL A 860 -26.53 -25.18 -0.81
N SER A 861 -25.73 -24.13 -0.61
CA SER A 861 -26.04 -23.16 0.44
C SER A 861 -27.33 -22.39 0.12
N LEU A 862 -27.48 -21.94 -1.12
CA LEU A 862 -28.69 -21.24 -1.52
C LEU A 862 -29.93 -22.13 -1.44
N ALA A 863 -29.76 -23.45 -1.56
CA ALA A 863 -30.88 -24.37 -1.37
C ALA A 863 -31.18 -24.60 0.10
N ILE A 864 -30.17 -24.53 0.98
CA ILE A 864 -30.46 -24.52 2.41
C ILE A 864 -31.33 -23.32 2.76
N ASP A 865 -31.00 -22.16 2.19
CA ASP A 865 -31.77 -20.96 2.51
C ASP A 865 -33.22 -21.02 2.00
N ALA A 866 -33.52 -21.88 1.04
CA ALA A 866 -34.81 -21.86 0.35
C ALA A 866 -35.71 -23.04 0.71
N TYR A 867 -35.30 -23.90 1.65
CA TYR A 867 -36.09 -25.07 1.97
C TYR A 867 -37.50 -24.75 2.47
N PRO A 868 -37.71 -23.82 3.42
CA PRO A 868 -39.06 -23.65 3.99
C PRO A 868 -40.10 -23.13 3.02
N LEU A 869 -39.75 -22.78 1.78
CA LEU A 869 -40.77 -22.43 0.80
C LEU A 869 -41.57 -23.63 0.33
N THR A 870 -41.14 -24.85 0.67
CA THR A 870 -41.86 -26.05 0.26
C THR A 870 -43.21 -26.18 0.96
N LYS A 871 -43.41 -25.49 2.08
CA LYS A 871 -44.63 -25.60 2.86
C LYS A 871 -45.63 -24.48 2.55
N HIS A 872 -45.32 -23.62 1.59
CA HIS A 872 -46.18 -22.49 1.28
C HIS A 872 -47.45 -22.94 0.55
N PRO A 873 -48.56 -22.24 0.74
CA PRO A 873 -49.77 -22.56 -0.04
C PRO A 873 -49.67 -22.13 -1.50
N ASN A 874 -48.83 -21.16 -1.81
CA ASN A 874 -48.63 -20.74 -3.20
C ASN A 874 -47.72 -21.72 -3.91
N GLN A 875 -48.20 -22.29 -5.02
CA GLN A 875 -47.46 -23.37 -5.66
C GLN A 875 -46.21 -22.88 -6.38
N GLU A 876 -46.21 -21.62 -6.85
CA GLU A 876 -45.02 -21.09 -7.50
C GLU A 876 -43.91 -20.74 -6.53
N TYR A 877 -44.08 -21.01 -5.24
CA TYR A 877 -43.03 -20.81 -4.25
C TYR A 877 -42.25 -22.08 -3.95
N ALA A 878 -42.91 -23.26 -3.97
CA ALA A 878 -42.21 -24.52 -3.74
C ALA A 878 -41.31 -24.89 -4.93
N ASP A 879 -41.68 -24.42 -6.11
CA ASP A 879 -40.92 -24.74 -7.30
C ASP A 879 -39.50 -24.19 -7.25
N VAL A 880 -39.24 -23.18 -6.42
CA VAL A 880 -37.88 -22.65 -6.31
C VAL A 880 -36.95 -23.69 -5.69
N PHE A 881 -37.38 -24.29 -4.58
CA PHE A 881 -36.59 -25.35 -3.96
C PHE A 881 -36.40 -26.52 -4.91
N HIS A 882 -37.48 -26.91 -5.61
CA HIS A 882 -37.33 -28.05 -6.51
C HIS A 882 -36.39 -27.74 -7.68
N LEU A 883 -36.46 -26.51 -8.21
CA LEU A 883 -35.56 -26.10 -9.28
C LEU A 883 -34.11 -26.16 -8.82
N TYR A 884 -33.85 -25.73 -7.58
CA TYR A 884 -32.48 -25.79 -7.08
C TYR A 884 -31.96 -27.22 -6.97
N LEU A 885 -32.79 -28.14 -6.48
CA LEU A 885 -32.32 -29.52 -6.37
C LEU A 885 -32.03 -30.13 -7.75
N GLN A 886 -32.93 -29.87 -8.72
CA GLN A 886 -32.71 -30.40 -10.07
C GLN A 886 -31.42 -29.84 -10.67
N TYR A 887 -31.17 -28.54 -10.48
CA TYR A 887 -29.96 -27.94 -11.03
C TYR A 887 -28.71 -28.53 -10.39
N ILE A 888 -28.74 -28.79 -9.07
CA ILE A 888 -27.58 -29.39 -8.42
C ILE A 888 -27.28 -30.76 -9.02
N ARG A 889 -28.33 -31.56 -9.24
CA ARG A 889 -28.09 -32.87 -9.83
C ARG A 889 -27.49 -32.76 -11.23
N LYS A 890 -28.02 -31.84 -12.04
CA LYS A 890 -27.50 -31.64 -13.38
C LYS A 890 -26.02 -31.25 -13.36
N LEU A 891 -25.65 -30.35 -12.45
CA LEU A 891 -24.26 -29.91 -12.36
C LEU A 891 -23.34 -31.05 -11.95
N HIS A 892 -23.75 -31.87 -10.99
CA HIS A 892 -22.92 -33.01 -10.59
C HIS A 892 -22.71 -33.97 -11.75
N ASP A 893 -23.79 -34.27 -12.49
CA ASP A 893 -23.66 -35.19 -13.62
C ASP A 893 -22.74 -34.63 -14.70
N GLU A 894 -22.87 -33.35 -15.02
CA GLU A 894 -22.05 -32.76 -16.06
C GLU A 894 -20.60 -32.57 -15.64
N LEU A 895 -20.33 -32.41 -14.35
CA LEU A 895 -18.94 -32.41 -13.90
C LEU A 895 -18.33 -33.80 -13.95
N THR A 896 -19.08 -34.84 -13.57
CA THR A 896 -18.53 -36.18 -13.59
C THR A 896 -18.40 -36.74 -15.01
N GLY A 897 -19.19 -36.27 -15.95
CA GLY A 897 -19.12 -36.76 -17.32
C GLY A 897 -18.09 -36.03 -18.16
N HIS A 898 -17.23 -35.26 -17.51
CA HIS A 898 -16.10 -34.59 -18.14
C HIS A 898 -14.81 -35.35 -17.95
N MET A 899 -14.59 -35.91 -16.76
CA MET A 899 -13.40 -36.68 -16.44
C MET A 899 -13.40 -38.06 -17.09
N LEU A 900 -14.52 -38.50 -17.65
CA LEU A 900 -14.56 -39.75 -18.39
C LEU A 900 -14.30 -39.56 -19.88
N ASP A 901 -14.38 -38.34 -20.40
CA ASP A 901 -14.18 -38.07 -21.82
C ASP A 901 -12.92 -37.27 -22.07
N MET A 902 -12.80 -36.08 -21.48
CA MET A 902 -11.60 -35.27 -21.70
C MET A 902 -10.37 -35.97 -21.15
N TYR A 903 -10.55 -36.71 -20.08
CA TYR A 903 -9.59 -37.61 -19.46
C TYR A 903 -10.28 -38.97 -19.37
N SER A 904 -9.69 -39.91 -18.67
CA SER A 904 -10.28 -41.24 -18.54
C SER A 904 -10.41 -41.60 -17.07
N VAL A 905 -10.97 -40.67 -16.30
CA VAL A 905 -11.14 -40.81 -14.86
C VAL A 905 -12.58 -41.21 -14.57
N MET A 906 -12.75 -42.32 -13.86
CA MET A 906 -14.07 -42.79 -13.47
C MET A 906 -14.34 -42.34 -12.03
N LEU A 907 -15.17 -41.33 -11.88
CA LEU A 907 -15.58 -40.85 -10.56
C LEU A 907 -16.70 -41.73 -10.02
N THR A 908 -16.60 -42.05 -8.73
CA THR A 908 -17.62 -42.83 -8.05
C THR A 908 -18.49 -41.91 -7.22
N ASN A 909 -19.80 -42.16 -7.23
CA ASN A 909 -20.76 -41.32 -6.50
C ASN A 909 -20.64 -41.64 -5.02
N ASP A 910 -19.61 -41.07 -4.40
CA ASP A 910 -19.34 -41.30 -2.99
C ASP A 910 -20.32 -40.55 -2.10
N ASN A 911 -21.59 -40.97 -2.12
CA ASN A 911 -22.63 -40.41 -1.26
C ASN A 911 -22.86 -38.93 -1.54
N THR A 912 -22.56 -38.49 -2.77
CA THR A 912 -22.91 -37.14 -3.20
C THR A 912 -24.36 -37.03 -3.62
N SER A 913 -25.12 -38.14 -3.57
CA SER A 913 -26.52 -38.14 -3.93
C SER A 913 -27.42 -37.60 -2.83
N ARG A 914 -26.86 -37.30 -1.66
CA ARG A 914 -27.65 -36.71 -0.58
C ARG A 914 -28.00 -35.25 -0.86
N TYR A 915 -27.26 -34.58 -1.73
CA TYR A 915 -27.46 -33.15 -1.96
C TYR A 915 -28.68 -32.86 -2.81
N TRP A 916 -29.16 -33.82 -3.60
CA TRP A 916 -30.34 -33.61 -4.44
C TRP A 916 -31.53 -34.42 -3.93
N GLU A 917 -31.61 -34.59 -2.62
CA GLU A 917 -32.74 -35.16 -1.91
C GLU A 917 -33.10 -34.25 -0.75
N PRO A 918 -34.37 -34.25 -0.32
CA PRO A 918 -34.83 -33.25 0.66
C PRO A 918 -34.47 -33.53 2.12
N GLU A 919 -33.93 -34.70 2.46
CA GLU A 919 -33.70 -35.02 3.87
C GLU A 919 -32.56 -34.20 4.45
N PHE A 920 -31.46 -34.05 3.71
CA PHE A 920 -30.31 -33.26 4.14
C PHE A 920 -30.72 -31.84 4.51
N TYR A 921 -31.68 -31.26 3.78
CA TYR A 921 -32.13 -29.89 4.02
C TYR A 921 -33.22 -29.81 5.07
N GLU A 922 -34.09 -30.81 5.13
CA GLU A 922 -35.09 -30.85 6.19
C GLU A 922 -34.46 -30.96 7.56
N ALA A 923 -33.29 -31.62 7.65
CA ALA A 923 -32.66 -31.79 8.95
C ALA A 923 -32.16 -30.49 9.59
N MET A 924 -32.07 -29.40 8.83
CA MET A 924 -31.51 -28.16 9.36
C MET A 924 -32.52 -27.32 10.14
N TYR A 925 -33.79 -27.72 10.17
CA TYR A 925 -34.84 -26.93 10.81
C TYR A 925 -35.55 -27.69 11.92
N THR A 926 -34.97 -28.80 12.38
CA THR A 926 -35.49 -29.69 13.40
C THR A 926 -34.64 -29.61 14.65
N PRO A 927 -35.26 -29.54 15.84
CA PRO A 927 -34.49 -29.24 17.05
C PRO A 927 -33.69 -30.40 17.62
N HIS A 928 -32.48 -30.62 17.14
CA HIS A 928 -31.55 -31.59 17.74
C HIS A 928 -30.33 -31.24 16.94
N THR A 929 -29.45 -30.42 17.44
CA THR A 929 -28.38 -29.85 16.62
C THR A 929 -27.35 -30.66 16.03
N VAL A 930 -26.63 -30.05 15.10
CA VAL A 930 -25.36 -30.59 14.54
C VAL A 930 -24.42 -29.47 14.02
N LEU A 931 -24.46 -28.32 14.65
CA LEU A 931 -23.68 -27.19 14.20
C LEU A 931 -22.20 -27.43 14.33
N PHE B 6 15.58 -45.44 9.19
CA PHE B 6 15.82 -46.03 10.50
C PHE B 6 16.30 -47.48 10.37
N SER B 7 17.59 -47.65 10.06
CA SER B 7 18.18 -48.97 10.00
C SER B 7 19.53 -49.03 10.71
N SER B 8 20.17 -47.89 10.94
CA SER B 8 21.47 -47.83 11.58
C SER B 8 21.39 -47.73 13.10
N LEU B 9 20.27 -48.15 13.68
CA LEU B 9 20.06 -48.08 15.12
C LEU B 9 20.82 -49.21 15.82
N PRO B 10 21.06 -49.08 17.13
CA PRO B 10 21.82 -50.13 17.83
C PRO B 10 21.11 -51.48 17.86
N SER B 11 19.80 -51.52 17.67
CA SER B 11 19.04 -52.76 17.79
C SER B 11 18.73 -53.42 16.46
N TYR B 12 19.03 -52.78 15.33
CA TYR B 12 18.89 -53.48 14.05
C TYR B 12 19.81 -54.69 14.01
N ALA B 13 21.06 -54.51 14.46
CA ALA B 13 21.98 -55.63 14.53
C ALA B 13 21.49 -56.69 15.51
N ALA B 14 20.89 -56.30 16.63
CA ALA B 14 20.47 -57.28 17.63
C ALA B 14 19.27 -58.10 17.14
N PHE B 15 18.25 -57.44 16.58
CA PHE B 15 17.14 -58.19 16.01
C PHE B 15 17.60 -58.99 14.80
N ALA B 16 18.57 -58.47 14.04
CA ALA B 16 19.13 -59.20 12.91
C ALA B 16 19.79 -60.49 13.37
N THR B 17 20.60 -60.43 14.43
CA THR B 17 21.29 -61.64 14.89
C THR B 17 20.33 -62.59 15.58
N ALA B 18 19.29 -62.07 16.25
CA ALA B 18 18.30 -62.95 16.85
C ALA B 18 17.55 -63.73 15.78
N GLN B 19 17.06 -63.04 14.75
CA GLN B 19 16.41 -63.74 13.65
C GLN B 19 17.38 -64.58 12.83
N GLU B 20 18.67 -64.21 12.80
CA GLU B 20 19.64 -65.01 12.07
C GLU B 20 19.91 -66.33 12.81
N ALA B 21 20.01 -66.28 14.13
CA ALA B 21 20.11 -67.51 14.91
C ALA B 21 18.83 -68.34 14.80
N TYR B 22 17.67 -67.68 14.77
CA TYR B 22 16.43 -68.42 14.54
C TYR B 22 16.42 -69.08 13.18
N GLU B 23 16.98 -68.42 12.17
CA GLU B 23 17.13 -69.03 10.86
C GLU B 23 18.09 -70.21 10.90
N GLN B 24 19.19 -70.07 11.65
CA GLN B 24 20.14 -71.16 11.79
C GLN B 24 19.49 -72.39 12.42
N ALA B 25 18.71 -72.16 13.48
CA ALA B 25 17.99 -73.27 14.11
C ALA B 25 16.83 -73.78 13.28
N VAL B 26 16.22 -72.95 12.45
CA VAL B 26 15.17 -73.41 11.54
C VAL B 26 15.75 -74.33 10.49
N ALA B 27 16.91 -73.97 9.95
CA ALA B 27 17.67 -74.91 9.14
C ALA B 27 18.12 -76.12 9.95
N ASN B 28 18.25 -75.96 11.27
CA ASN B 28 18.50 -77.12 12.13
C ASN B 28 17.21 -77.84 12.50
N GLY B 29 16.32 -77.16 13.24
CA GLY B 29 15.06 -77.74 13.68
C GLY B 29 15.21 -78.92 14.62
N ASP B 30 15.77 -78.69 15.82
CA ASP B 30 16.09 -79.80 16.70
C ASP B 30 15.00 -80.09 17.74
N SER B 31 14.73 -79.14 18.61
CA SER B 31 13.99 -79.43 19.84
C SER B 31 12.79 -78.51 19.99
N GLU B 32 12.03 -78.71 21.07
CA GLU B 32 10.98 -77.77 21.45
C GLU B 32 11.57 -76.46 21.96
N VAL B 33 12.73 -76.53 22.62
CA VAL B 33 13.39 -75.29 23.02
C VAL B 33 13.91 -74.54 21.81
N VAL B 34 14.13 -75.20 20.68
CA VAL B 34 14.46 -74.47 19.46
C VAL B 34 13.33 -73.47 19.15
N LEU B 35 12.10 -73.96 19.13
CA LEU B 35 10.96 -73.09 18.91
C LEU B 35 10.83 -72.05 20.01
N LYS B 36 10.82 -72.50 21.26
CA LYS B 36 10.58 -71.58 22.38
C LYS B 36 11.64 -70.48 22.42
N LYS B 37 12.92 -70.87 22.45
CA LYS B 37 14.00 -69.91 22.47
C LYS B 37 13.98 -69.03 21.23
N LEU B 38 14.19 -69.56 20.03
CA LEU B 38 14.37 -68.64 18.93
C LEU B 38 13.05 -68.16 18.34
N LYS B 39 11.96 -68.26 19.11
CA LYS B 39 10.83 -67.35 18.98
C LYS B 39 10.79 -66.32 20.11
N LYS B 40 11.68 -66.49 21.10
CA LYS B 40 11.81 -65.59 22.24
C LYS B 40 13.16 -64.85 22.17
N SER B 41 13.90 -65.06 21.08
CA SER B 41 15.17 -64.32 20.84
C SER B 41 14.60 -63.33 19.95
N LEU B 42 13.57 -63.76 19.27
CA LEU B 42 12.85 -62.86 18.44
C LEU B 42 11.85 -62.12 19.26
N ASN B 43 11.40 -62.68 20.37
CA ASN B 43 10.38 -62.03 21.17
C ASN B 43 10.98 -61.22 22.29
N VAL B 44 12.19 -60.75 22.07
CA VAL B 44 12.82 -59.91 23.06
C VAL B 44 13.20 -58.75 22.21
N ALA B 45 13.69 -59.04 21.00
CA ALA B 45 14.00 -58.02 20.02
C ALA B 45 12.66 -57.51 19.49
N LYS B 46 11.70 -57.33 20.36
CA LYS B 46 10.39 -56.84 19.99
C LYS B 46 10.35 -55.43 20.53
N SER B 47 10.89 -55.23 21.72
CA SER B 47 10.85 -53.92 22.34
C SER B 47 11.83 -53.00 21.71
N GLU B 48 12.90 -53.55 21.15
CA GLU B 48 13.88 -52.76 20.43
C GLU B 48 13.15 -52.13 19.34
N PHE B 49 12.85 -52.96 18.41
CA PHE B 49 12.19 -52.42 17.30
C PHE B 49 10.79 -51.96 17.52
N ASP B 50 10.43 -51.74 18.79
CA ASP B 50 9.19 -51.02 18.98
C ASP B 50 9.47 -49.63 19.52
N ARG B 51 10.24 -49.54 20.61
CA ARG B 51 10.49 -48.23 21.22
C ARG B 51 11.58 -47.47 20.47
N ASP B 52 12.71 -48.14 20.20
CA ASP B 52 13.79 -47.54 19.43
C ASP B 52 13.37 -47.18 18.00
N ALA B 53 12.27 -47.75 17.49
CA ALA B 53 11.72 -47.38 16.20
C ALA B 53 10.37 -46.68 16.32
N ALA B 54 9.95 -46.34 17.53
CA ALA B 54 8.75 -45.56 17.77
C ALA B 54 8.99 -44.29 18.56
N MET B 55 10.03 -44.23 19.39
CA MET B 55 10.48 -42.97 19.94
C MET B 55 11.36 -42.19 18.98
N GLN B 56 12.03 -42.89 18.06
CA GLN B 56 12.67 -42.25 16.91
C GLN B 56 11.65 -41.73 15.91
N ARG B 57 10.37 -42.09 16.06
CA ARG B 57 9.30 -41.62 15.20
C ARG B 57 8.54 -40.44 15.80
N LYS B 58 9.01 -39.92 16.93
CA LYS B 58 8.39 -38.77 17.58
C LYS B 58 9.35 -37.59 17.71
N LEU B 59 10.61 -37.85 18.05
CA LEU B 59 11.61 -36.80 18.12
C LEU B 59 11.77 -36.10 16.76
N GLU B 60 11.67 -36.85 15.67
CA GLU B 60 11.87 -36.23 14.36
C GLU B 60 10.70 -35.32 13.99
N LYS B 61 9.48 -35.72 14.31
CA LYS B 61 8.33 -34.85 14.09
C LYS B 61 8.46 -33.58 14.91
N MET B 62 8.87 -33.69 16.18
CA MET B 62 9.01 -32.48 16.99
C MET B 62 10.14 -31.58 16.47
N ALA B 63 11.23 -32.17 15.97
CA ALA B 63 12.30 -31.36 15.39
C ALA B 63 11.82 -30.61 14.16
N ASP B 64 11.04 -31.27 13.30
CA ASP B 64 10.50 -30.58 12.13
C ASP B 64 9.57 -29.44 12.54
N GLN B 65 8.73 -29.68 13.55
CA GLN B 65 7.88 -28.62 14.08
C GLN B 65 8.71 -27.39 14.45
N ALA B 66 9.78 -27.61 15.23
CA ALA B 66 10.59 -26.49 15.69
C ALA B 66 11.24 -25.74 14.54
N MET B 67 11.77 -26.48 13.55
CA MET B 67 12.45 -25.81 12.44
C MET B 67 11.48 -24.95 11.64
N THR B 68 10.29 -25.48 11.34
CA THR B 68 9.30 -24.68 10.62
C THR B 68 8.91 -23.44 11.42
N GLN B 69 8.75 -23.61 12.74
CA GLN B 69 8.34 -22.47 13.56
C GLN B 69 9.36 -21.33 13.53
N MET B 70 10.65 -21.65 13.66
CA MET B 70 11.59 -20.53 13.64
C MET B 70 11.84 -19.99 12.24
N TYR B 71 11.57 -20.77 11.18
CA TYR B 71 11.50 -20.16 9.85
C TYR B 71 10.43 -19.06 9.81
N LYS B 72 9.24 -19.38 10.31
CA LYS B 72 8.16 -18.40 10.38
C LYS B 72 8.60 -17.15 11.13
N GLN B 73 9.24 -17.35 12.28
CA GLN B 73 9.62 -16.20 13.10
C GLN B 73 10.66 -15.33 12.41
N ALA B 74 11.63 -15.93 11.70
CA ALA B 74 12.60 -15.11 10.98
C ALA B 74 11.92 -14.25 9.91
N ARG B 75 10.99 -14.83 9.16
CA ARG B 75 10.31 -14.01 8.14
C ARG B 75 9.50 -12.87 8.77
N SER B 76 8.78 -13.17 9.86
CA SER B 76 8.01 -12.12 10.52
C SER B 76 8.92 -11.04 11.07
N GLU B 77 10.14 -11.38 11.47
CA GLU B 77 11.09 -10.38 11.93
C GLU B 77 11.66 -9.53 10.82
N ASP B 78 11.76 -10.06 9.60
CA ASP B 78 12.25 -9.23 8.49
C ASP B 78 11.18 -8.23 8.02
N LYS B 79 9.93 -8.67 7.93
CA LYS B 79 8.89 -7.77 7.42
C LYS B 79 8.70 -6.56 8.33
N ARG B 80 8.98 -6.71 9.62
CA ARG B 80 8.87 -5.60 10.57
C ARG B 80 9.86 -4.49 10.21
N ALA B 81 11.12 -4.86 9.95
CA ALA B 81 12.12 -3.87 9.58
C ALA B 81 11.74 -3.19 8.27
N LYS B 82 11.23 -3.96 7.31
CA LYS B 82 10.80 -3.36 6.04
C LYS B 82 9.76 -2.26 6.27
N VAL B 83 8.71 -2.57 7.03
CA VAL B 83 7.66 -1.57 7.21
C VAL B 83 8.15 -0.39 8.06
N THR B 84 9.08 -0.64 8.99
CA THR B 84 9.68 0.47 9.74
C THR B 84 10.35 1.47 8.81
N SER B 85 11.15 0.97 7.87
CA SER B 85 11.81 1.85 6.92
C SER B 85 10.80 2.62 6.08
N ALA B 86 9.73 1.94 5.64
CA ALA B 86 8.70 2.61 4.84
C ALA B 86 8.11 3.81 5.59
N MET B 87 7.69 3.58 6.84
CA MET B 87 7.07 4.66 7.61
C MET B 87 8.03 5.82 7.82
N GLN B 88 9.30 5.52 8.14
CA GLN B 88 10.26 6.58 8.37
C GLN B 88 10.48 7.43 7.11
N THR B 89 10.63 6.78 5.96
CA THR B 89 10.83 7.54 4.73
C THR B 89 9.63 8.43 4.44
N MET B 90 8.42 7.91 4.64
CA MET B 90 7.23 8.73 4.38
C MET B 90 7.20 9.97 5.27
N LEU B 91 7.45 9.80 6.57
CA LEU B 91 7.40 10.95 7.48
C LEU B 91 8.45 11.99 7.10
N PHE B 92 9.70 11.55 6.88
CA PHE B 92 10.74 12.52 6.56
C PHE B 92 10.57 13.15 5.20
N THR B 93 9.87 12.48 4.28
CA THR B 93 9.55 13.08 2.98
C THR B 93 8.50 14.17 3.10
N MET B 94 7.41 13.92 3.81
CA MET B 94 6.42 14.99 3.98
C MET B 94 6.92 16.10 4.90
N LEU B 95 8.00 15.86 5.63
CA LEU B 95 8.62 16.90 6.45
C LEU B 95 9.17 18.06 5.62
N ARG B 96 9.58 17.83 4.37
CA ARG B 96 10.33 18.83 3.62
C ARG B 96 9.47 19.67 2.68
N LYS B 97 8.15 19.53 2.75
CA LYS B 97 7.24 20.47 2.13
C LYS B 97 6.61 21.41 3.17
N LEU B 98 7.13 21.40 4.39
CA LEU B 98 6.42 21.92 5.55
C LEU B 98 7.16 23.01 6.29
N ASP B 99 8.48 22.88 6.47
CA ASP B 99 9.21 23.76 7.37
C ASP B 99 9.49 25.13 6.75
N ASN B 100 8.44 25.88 6.48
CA ASN B 100 8.58 27.21 5.90
C ASN B 100 8.66 28.25 7.01
N ASP B 101 8.61 29.53 6.63
CA ASP B 101 8.58 30.63 7.59
C ASP B 101 7.18 31.13 7.90
N ALA B 102 6.22 30.90 7.01
CA ALA B 102 4.83 31.20 7.33
C ALA B 102 4.36 30.38 8.52
N LEU B 103 4.76 29.11 8.56
CA LEU B 103 4.39 28.24 9.67
C LEU B 103 4.94 28.75 11.00
N ASN B 104 6.23 29.04 11.04
CA ASN B 104 6.83 29.57 12.26
C ASN B 104 6.24 30.93 12.63
N ASN B 105 5.87 31.73 11.63
CA ASN B 105 5.27 33.03 11.91
C ASN B 105 3.93 32.89 12.63
N ILE B 106 3.06 31.99 12.14
CA ILE B 106 1.80 31.85 12.87
C ILE B 106 2.00 31.12 14.20
N ILE B 107 2.95 30.18 14.27
CA ILE B 107 3.14 29.43 15.51
C ILE B 107 3.66 30.33 16.62
N ASN B 108 4.58 31.24 16.31
CA ASN B 108 5.13 32.12 17.34
C ASN B 108 4.17 33.22 17.77
N ASN B 109 3.11 33.48 17.01
CA ASN B 109 2.08 34.41 17.43
C ASN B 109 1.08 33.78 18.40
N ALA B 110 1.12 32.46 18.57
CA ALA B 110 0.25 31.79 19.51
C ALA B 110 0.80 31.92 20.92
N ARG B 111 -0.08 32.18 21.88
CA ARG B 111 0.33 32.52 23.23
C ARG B 111 0.97 31.36 23.99
N ASP B 112 0.55 30.12 23.72
CA ASP B 112 1.08 28.98 24.45
C ASP B 112 1.74 27.93 23.56
N GLY B 113 1.78 28.14 22.24
CA GLY B 113 2.38 27.22 21.29
C GLY B 113 1.37 26.43 20.48
N CYS B 114 0.15 26.28 20.99
CA CYS B 114 -0.87 25.47 20.34
C CYS B 114 -1.71 26.30 19.37
N VAL B 115 -2.08 25.69 18.26
CA VAL B 115 -3.02 26.28 17.31
C VAL B 115 -3.99 25.20 16.83
N PRO B 116 -5.17 25.59 16.36
CA PRO B 116 -6.03 24.64 15.68
C PRO B 116 -5.40 24.16 14.37
N LEU B 117 -5.67 22.90 14.03
CA LEU B 117 -5.13 22.33 12.80
C LEU B 117 -5.87 22.81 11.56
N ASN B 118 -7.12 23.27 11.70
CA ASN B 118 -7.91 23.68 10.54
C ASN B 118 -7.46 25.01 9.94
N ILE B 119 -6.57 25.74 10.58
CA ILE B 119 -6.16 27.06 10.09
C ILE B 119 -4.75 27.04 9.52
N ILE B 120 -4.11 25.88 9.44
CA ILE B 120 -2.75 25.81 8.92
C ILE B 120 -2.75 25.80 7.39
N PRO B 121 -3.51 24.93 6.71
CA PRO B 121 -3.61 25.07 5.25
C PRO B 121 -4.32 26.34 4.83
N LEU B 122 -5.17 26.88 5.71
CA LEU B 122 -5.93 28.08 5.37
C LEU B 122 -5.07 29.32 5.36
N THR B 123 -3.93 29.31 6.06
CA THR B 123 -3.09 30.49 6.19
C THR B 123 -1.67 30.32 5.68
N THR B 124 -1.19 29.09 5.48
CA THR B 124 0.18 28.87 5.05
C THR B 124 0.33 28.19 3.70
N ALA B 125 -0.74 27.59 3.15
CA ALA B 125 -0.60 26.86 1.91
C ALA B 125 -0.26 27.81 0.76
N ALA B 126 0.46 27.28 -0.22
CA ALA B 126 0.87 28.05 -1.38
C ALA B 126 -0.04 27.84 -2.59
N LYS B 127 -0.85 26.77 -2.59
CA LYS B 127 -1.63 26.39 -3.76
C LYS B 127 -3.06 26.06 -3.33
N LEU B 128 -4.02 26.42 -4.18
CA LEU B 128 -5.43 26.23 -3.92
C LEU B 128 -6.06 25.41 -5.04
N MET B 129 -7.02 24.56 -4.68
CA MET B 129 -7.76 23.75 -5.65
C MET B 129 -9.25 23.94 -5.41
N VAL B 130 -9.98 24.24 -6.48
CA VAL B 130 -11.42 24.48 -6.45
C VAL B 130 -12.11 23.49 -7.37
N VAL B 131 -13.24 22.95 -6.92
CA VAL B 131 -14.02 21.98 -7.71
C VAL B 131 -15.41 22.57 -7.92
N ILE B 132 -15.78 22.76 -9.18
CA ILE B 132 -16.96 23.53 -9.58
C ILE B 132 -17.98 22.59 -10.19
N PRO B 133 -19.23 22.57 -9.70
CA PRO B 133 -20.25 21.67 -10.28
C PRO B 133 -20.87 22.15 -11.59
N ASP B 134 -21.17 23.45 -11.72
CA ASP B 134 -21.85 23.94 -12.91
C ASP B 134 -21.40 25.37 -13.19
N TYR B 135 -21.88 25.93 -14.30
CA TYR B 135 -21.40 27.23 -14.75
C TYR B 135 -21.89 28.37 -13.87
N ASN B 136 -23.12 28.25 -13.36
CA ASN B 136 -23.64 29.29 -12.48
C ASN B 136 -22.76 29.46 -11.25
N THR B 137 -22.30 28.35 -10.68
CA THR B 137 -21.34 28.44 -9.58
C THR B 137 -20.00 29.00 -10.04
N TYR B 138 -19.60 28.71 -11.28
CA TYR B 138 -18.35 29.26 -11.79
C TYR B 138 -18.39 30.78 -11.84
N LYS B 139 -19.52 31.35 -12.24
CA LYS B 139 -19.62 32.80 -12.36
C LYS B 139 -19.47 33.50 -11.02
N ASN B 140 -19.93 32.89 -9.93
CA ASN B 140 -19.96 33.55 -8.64
C ASN B 140 -18.73 33.28 -7.78
N THR B 141 -17.84 32.39 -8.19
CA THR B 141 -16.71 32.00 -7.35
C THR B 141 -15.37 32.47 -7.90
N CYS B 142 -15.02 32.09 -9.13
CA CYS B 142 -13.67 32.33 -9.63
C CYS B 142 -13.65 32.84 -11.07
N ASP B 143 -14.62 33.66 -11.46
CA ASP B 143 -14.57 34.24 -12.79
C ASP B 143 -13.45 35.27 -12.87
N GLY B 144 -12.94 35.48 -14.08
CA GLY B 144 -11.77 36.30 -14.28
C GLY B 144 -10.50 35.47 -14.31
N THR B 145 -9.38 36.13 -13.98
CA THR B 145 -8.11 35.44 -13.87
C THR B 145 -7.49 35.56 -12.48
N THR B 146 -8.05 36.38 -11.60
CA THR B 146 -7.69 36.43 -10.19
C THR B 146 -8.97 36.61 -9.38
N PHE B 147 -9.01 35.95 -8.23
CA PHE B 147 -10.15 36.04 -7.31
C PHE B 147 -9.61 36.05 -5.89
N THR B 148 -10.48 36.37 -4.94
CA THR B 148 -10.09 36.42 -3.54
C THR B 148 -10.87 35.38 -2.75
N TYR B 149 -10.16 34.57 -1.99
CA TYR B 149 -10.77 33.59 -1.09
C TYR B 149 -9.95 33.51 0.18
N ALA B 150 -10.65 33.41 1.31
CA ALA B 150 -10.01 33.24 2.62
C ALA B 150 -9.00 34.34 2.92
N SER B 151 -9.38 35.59 2.61
CA SER B 151 -8.63 36.78 2.98
C SER B 151 -7.32 36.92 2.21
N ALA B 152 -7.25 36.41 0.99
CA ALA B 152 -6.02 36.47 0.20
C ALA B 152 -6.38 36.58 -1.27
N LEU B 153 -5.36 36.74 -2.10
CA LEU B 153 -5.52 36.89 -3.54
C LEU B 153 -4.85 35.71 -4.25
N TRP B 154 -5.55 35.15 -5.23
CA TRP B 154 -5.10 33.96 -5.93
C TRP B 154 -5.04 34.22 -7.43
N GLU B 155 -4.16 33.51 -8.11
CA GLU B 155 -3.89 33.73 -9.53
C GLU B 155 -3.93 32.40 -10.26
N ILE B 156 -4.83 32.28 -11.24
CA ILE B 156 -5.15 31.01 -11.85
C ILE B 156 -4.02 30.54 -12.74
N GLN B 157 -3.70 29.26 -12.63
CA GLN B 157 -2.88 28.55 -13.61
C GLN B 157 -3.53 27.20 -13.85
N GLN B 158 -3.88 26.91 -15.11
CA GLN B 158 -4.44 25.63 -15.51
C GLN B 158 -5.88 25.44 -15.06
N VAL B 159 -6.71 24.90 -15.96
CA VAL B 159 -8.03 24.35 -15.62
C VAL B 159 -8.15 23.01 -16.33
N VAL B 160 -8.57 21.98 -15.62
CA VAL B 160 -8.84 20.68 -16.20
C VAL B 160 -10.28 20.29 -15.89
N ASP B 161 -10.74 19.23 -16.54
CA ASP B 161 -12.11 18.75 -16.40
C ASP B 161 -12.10 17.35 -15.79
N ALA B 162 -13.28 16.73 -15.75
CA ALA B 162 -13.44 15.42 -15.12
C ALA B 162 -12.66 14.32 -15.80
N ASP B 163 -12.18 14.54 -17.04
CA ASP B 163 -11.34 13.58 -17.73
C ASP B 163 -9.86 13.91 -17.61
N SER B 164 -9.51 14.94 -16.84
CA SER B 164 -8.13 15.43 -16.69
C SER B 164 -7.59 15.97 -18.01
N LYS B 165 -8.42 16.75 -18.72
CA LYS B 165 -8.02 17.39 -19.96
C LYS B 165 -8.08 18.91 -19.79
N ILE B 166 -7.12 19.60 -20.40
CA ILE B 166 -6.95 21.03 -20.17
C ILE B 166 -8.04 21.81 -20.90
N VAL B 167 -8.71 22.68 -20.17
CA VAL B 167 -9.65 23.64 -20.72
C VAL B 167 -8.97 25.00 -20.73
N GLN B 168 -9.32 25.81 -21.73
CA GLN B 168 -8.88 27.20 -21.78
C GLN B 168 -10.03 28.12 -21.35
N LEU B 169 -9.66 29.22 -20.70
CA LEU B 169 -10.64 30.07 -20.04
C LEU B 169 -11.65 30.71 -20.99
N SER B 170 -11.37 30.73 -22.29
CA SER B 170 -12.33 31.26 -23.24
C SER B 170 -13.49 30.29 -23.49
N GLU B 171 -13.24 28.99 -23.37
CA GLU B 171 -14.27 28.00 -23.64
C GLU B 171 -15.38 28.04 -22.60
N ILE B 172 -15.06 28.40 -21.36
CA ILE B 172 -16.04 28.39 -20.28
C ILE B 172 -16.99 29.57 -20.49
N SER B 173 -18.15 29.29 -21.06
CA SER B 173 -19.14 30.31 -21.38
C SER B 173 -20.53 29.72 -21.17
N MET B 174 -21.54 30.58 -21.25
CA MET B 174 -22.91 30.15 -20.97
C MET B 174 -23.48 29.29 -22.09
N ASP B 175 -23.00 29.46 -23.32
CA ASP B 175 -23.51 28.68 -24.45
C ASP B 175 -22.57 27.56 -24.88
N ASN B 176 -21.33 27.57 -24.43
CA ASN B 176 -20.44 26.43 -24.62
C ASN B 176 -20.44 25.48 -23.43
N SER B 177 -21.14 25.83 -22.35
CA SER B 177 -21.16 25.05 -21.12
C SER B 177 -21.62 23.60 -21.33
N PRO B 178 -22.66 23.33 -22.16
CA PRO B 178 -23.10 21.93 -22.31
C PRO B 178 -22.16 21.03 -23.11
N ASN B 179 -20.98 21.52 -23.50
CA ASN B 179 -20.00 20.70 -24.20
C ASN B 179 -18.81 20.31 -23.34
N LEU B 180 -18.85 20.58 -22.03
CA LEU B 180 -17.74 20.33 -21.14
C LEU B 180 -18.11 19.25 -20.13
N ALA B 181 -17.16 18.38 -19.81
CA ALA B 181 -17.32 17.40 -18.74
C ALA B 181 -17.26 18.15 -17.41
N TRP B 182 -18.34 18.07 -16.62
CA TRP B 182 -18.61 19.24 -15.80
C TRP B 182 -18.59 19.10 -14.29
N PRO B 183 -17.62 18.42 -13.70
CA PRO B 183 -16.85 19.07 -12.62
C PRO B 183 -15.55 19.65 -13.17
N LEU B 184 -15.37 20.97 -13.15
CA LEU B 184 -14.07 21.54 -13.51
C LEU B 184 -13.24 21.75 -12.26
N ILE B 185 -11.92 21.64 -12.40
CA ILE B 185 -11.01 21.77 -11.28
C ILE B 185 -10.01 22.87 -11.58
N VAL B 186 -10.06 23.94 -10.79
CA VAL B 186 -9.23 25.13 -10.97
C VAL B 186 -8.04 25.05 -10.02
N THR B 187 -6.86 25.42 -10.52
CA THR B 187 -5.65 25.48 -9.70
C THR B 187 -5.11 26.90 -9.72
N ALA B 188 -4.82 27.44 -8.54
CA ALA B 188 -4.39 28.82 -8.40
C ALA B 188 -3.20 28.88 -7.43
N LEU B 189 -2.45 29.97 -7.55
CA LEU B 189 -1.27 30.20 -6.72
C LEU B 189 -1.48 31.47 -5.90
N ARG B 190 -0.96 31.47 -4.68
CA ARG B 190 -1.10 32.61 -3.79
C ARG B 190 -0.33 33.80 -4.33
N ALA B 191 -1.01 34.94 -4.46
CA ALA B 191 -0.37 36.15 -4.95
C ALA B 191 0.29 36.90 -3.82
N ASN B 192 1.43 37.52 -4.13
CA ASN B 192 2.15 38.33 -3.15
C ASN B 192 2.28 39.78 -3.64
N LYS C 2 -40.67 -11.82 -21.62
CA LYS C 2 -40.23 -10.88 -22.64
C LYS C 2 -39.71 -9.58 -22.03
N MET C 3 -40.15 -9.28 -20.80
CA MET C 3 -39.48 -8.23 -20.04
C MET C 3 -38.18 -8.74 -19.42
N SER C 4 -38.19 -10.00 -18.97
CA SER C 4 -36.99 -10.61 -18.40
C SER C 4 -35.85 -10.62 -19.41
N ASP C 5 -36.16 -10.94 -20.68
CA ASP C 5 -35.14 -11.00 -21.70
C ASP C 5 -34.52 -9.63 -21.94
N VAL C 6 -35.32 -8.57 -21.98
CA VAL C 6 -34.78 -7.25 -22.23
C VAL C 6 -33.88 -6.82 -21.07
N LYS C 7 -34.26 -7.17 -19.83
CA LYS C 7 -33.41 -6.79 -18.70
C LYS C 7 -32.07 -7.53 -18.71
N CYS C 8 -32.10 -8.85 -18.95
CA CYS C 8 -30.85 -9.60 -19.00
C CYS C 8 -29.95 -9.12 -20.13
N THR C 9 -30.55 -8.83 -21.29
CA THR C 9 -29.77 -8.33 -22.42
C THR C 9 -29.14 -6.98 -22.11
N SER C 10 -29.86 -6.12 -21.38
CA SER C 10 -29.28 -4.84 -20.99
C SER C 10 -28.05 -5.02 -20.09
N VAL C 11 -28.13 -5.98 -19.17
CA VAL C 11 -26.96 -6.24 -18.30
C VAL C 11 -25.75 -6.63 -19.15
N VAL C 12 -25.94 -7.57 -20.08
CA VAL C 12 -24.81 -8.00 -20.91
C VAL C 12 -24.29 -6.86 -21.77
N LEU C 13 -25.19 -6.02 -22.28
CA LEU C 13 -24.79 -4.88 -23.11
C LEU C 13 -23.89 -3.93 -22.34
N LEU C 14 -24.27 -3.60 -21.10
CA LEU C 14 -23.43 -2.68 -20.35
C LEU C 14 -22.09 -3.31 -19.99
N SER C 15 -22.03 -4.62 -19.79
CA SER C 15 -20.72 -5.25 -19.58
C SER C 15 -19.81 -5.09 -20.80
N VAL C 16 -20.35 -5.31 -22.01
CA VAL C 16 -19.54 -5.16 -23.22
C VAL C 16 -19.05 -3.73 -23.35
N LEU C 17 -19.96 -2.76 -23.16
CA LEU C 17 -19.57 -1.36 -23.25
C LEU C 17 -18.50 -1.00 -22.23
N GLN C 18 -18.60 -1.56 -21.02
CA GLN C 18 -17.62 -1.25 -19.99
C GLN C 18 -16.24 -1.78 -20.35
N GLN C 19 -16.16 -3.00 -20.88
CA GLN C 19 -14.84 -3.51 -21.23
C GLN C 19 -14.34 -3.02 -22.58
N LEU C 20 -15.13 -2.24 -23.32
CA LEU C 20 -14.62 -1.49 -24.47
C LEU C 20 -14.07 -0.11 -24.08
N ARG C 21 -13.83 0.12 -22.78
CA ARG C 21 -13.13 1.33 -22.29
C ARG C 21 -13.95 2.60 -22.49
N VAL C 22 -15.26 2.53 -22.25
CA VAL C 22 -16.12 3.69 -22.43
C VAL C 22 -16.11 4.61 -21.21
N GLU C 23 -15.83 4.10 -20.01
CA GLU C 23 -15.83 5.00 -18.86
C GLU C 23 -14.66 5.97 -18.85
N SER C 24 -13.82 6.01 -19.89
CA SER C 24 -12.80 7.04 -20.03
C SER C 24 -13.36 8.33 -20.60
N SER C 25 -14.67 8.35 -20.90
CA SER C 25 -15.39 9.58 -21.23
C SER C 25 -16.53 9.69 -20.22
N SER C 26 -16.50 10.72 -19.38
CA SER C 26 -17.37 10.74 -18.21
C SER C 26 -18.84 10.98 -18.58
N LYS C 27 -19.09 11.86 -19.55
CA LYS C 27 -20.49 12.14 -19.90
C LYS C 27 -21.15 10.95 -20.58
N LEU C 28 -20.43 10.29 -21.50
CA LEU C 28 -20.97 9.11 -22.17
C LEU C 28 -21.27 8.01 -21.15
N TRP C 29 -20.36 7.79 -20.22
CA TRP C 29 -20.57 6.78 -19.19
C TRP C 29 -21.77 7.13 -18.31
N ALA C 30 -21.92 8.41 -17.98
CA ALA C 30 -23.09 8.82 -17.20
C ALA C 30 -24.39 8.50 -17.92
N GLN C 31 -24.46 8.82 -19.21
CA GLN C 31 -25.67 8.53 -19.98
C GLN C 31 -25.95 7.04 -20.03
N CYS C 32 -24.91 6.23 -20.27
CA CYS C 32 -25.10 4.79 -20.34
C CYS C 32 -25.61 4.23 -19.02
N VAL C 33 -25.04 4.70 -17.90
CA VAL C 33 -25.47 4.22 -16.60
C VAL C 33 -26.93 4.56 -16.35
N GLN C 34 -27.33 5.79 -16.71
CA GLN C 34 -28.73 6.17 -16.51
C GLN C 34 -29.68 5.28 -17.31
N LEU C 35 -29.35 5.04 -18.58
CA LEU C 35 -30.22 4.20 -19.40
C LEU C 35 -30.33 2.78 -18.84
N HIS C 36 -29.19 2.21 -18.41
CA HIS C 36 -29.20 0.87 -17.85
C HIS C 36 -30.06 0.80 -16.59
N ASN C 37 -29.87 1.75 -15.67
CA ASN C 37 -30.61 1.74 -14.42
C ASN C 37 -32.09 1.96 -14.63
N ASP C 38 -32.48 2.71 -15.66
CA ASP C 38 -33.90 2.91 -15.91
C ASP C 38 -34.55 1.75 -16.65
N ILE C 39 -33.79 0.99 -17.44
CA ILE C 39 -34.32 -0.26 -17.96
C ILE C 39 -34.57 -1.23 -16.81
N LEU C 40 -33.64 -1.33 -15.87
CA LEU C 40 -33.80 -2.31 -14.79
C LEU C 40 -34.96 -2.02 -13.85
N LEU C 41 -35.56 -0.83 -13.92
CA LEU C 41 -36.70 -0.49 -13.05
C LEU C 41 -38.02 -0.41 -13.80
N ALA C 42 -38.04 -0.59 -15.11
CA ALA C 42 -39.25 -0.37 -15.89
C ALA C 42 -40.33 -1.38 -15.51
N LYS C 43 -41.59 -0.94 -15.64
CA LYS C 43 -42.75 -1.79 -15.41
C LYS C 43 -43.65 -1.84 -16.63
N ASP C 44 -43.13 -1.51 -17.81
CA ASP C 44 -43.94 -1.41 -19.02
C ASP C 44 -43.01 -1.67 -20.20
N THR C 45 -43.30 -2.72 -20.98
CA THR C 45 -42.35 -3.23 -21.96
C THR C 45 -42.31 -2.40 -23.25
N THR C 46 -42.97 -1.24 -23.27
CA THR C 46 -42.81 -0.36 -24.42
C THR C 46 -41.77 0.73 -24.21
N GLU C 47 -41.49 1.11 -22.96
CA GLU C 47 -40.39 2.02 -22.65
C GLU C 47 -39.05 1.31 -22.74
N ALA C 48 -38.99 0.09 -22.21
CA ALA C 48 -37.72 -0.62 -22.13
C ALA C 48 -37.10 -0.82 -23.51
N PHE C 49 -37.92 -1.05 -24.53
CA PHE C 49 -37.37 -1.31 -25.85
C PHE C 49 -36.81 -0.07 -26.52
N GLU C 50 -37.44 1.10 -26.35
CA GLU C 50 -36.85 2.31 -26.92
C GLU C 50 -35.58 2.71 -26.17
N LYS C 51 -35.55 2.52 -24.85
CA LYS C 51 -34.32 2.77 -24.12
C LYS C 51 -33.21 1.82 -24.56
N MET C 52 -33.55 0.56 -24.84
CA MET C 52 -32.55 -0.37 -25.37
C MET C 52 -32.07 0.05 -26.74
N VAL C 53 -32.97 0.57 -27.59
CA VAL C 53 -32.57 1.07 -28.91
C VAL C 53 -31.50 2.15 -28.75
N SER C 54 -31.78 3.13 -27.88
CA SER C 54 -30.82 4.22 -27.71
C SER C 54 -29.53 3.75 -27.03
N LEU C 55 -29.60 2.72 -26.19
CA LEU C 55 -28.38 2.22 -25.54
C LEU C 55 -27.51 1.38 -26.48
N LEU C 56 -28.11 0.69 -27.45
CA LEU C 56 -27.32 -0.05 -28.44
C LEU C 56 -26.76 0.84 -29.53
N SER C 57 -27.41 1.97 -29.79
CA SER C 57 -26.83 2.97 -30.70
C SER C 57 -25.44 3.40 -30.25
N VAL C 58 -25.16 3.38 -28.94
CA VAL C 58 -23.84 3.78 -28.46
C VAL C 58 -22.76 2.84 -28.97
N LEU C 59 -22.99 1.53 -28.84
CA LEU C 59 -22.02 0.57 -29.36
C LEU C 59 -21.91 0.68 -30.88
N LEU C 60 -23.04 0.88 -31.56
CA LEU C 60 -22.96 0.99 -33.01
C LEU C 60 -22.27 2.27 -33.48
N SER C 61 -22.20 3.30 -32.64
CA SER C 61 -21.50 4.53 -33.02
C SER C 61 -20.00 4.29 -33.12
N MET C 62 -19.43 3.54 -32.17
CA MET C 62 -17.99 3.39 -32.07
C MET C 62 -17.47 2.46 -33.16
N GLN C 63 -17.49 2.94 -34.41
CA GLN C 63 -17.09 2.13 -35.54
C GLN C 63 -15.61 1.77 -35.45
N GLY C 64 -15.29 0.53 -35.82
CA GLY C 64 -13.92 0.08 -35.79
C GLY C 64 -13.43 -0.41 -34.45
N ALA C 65 -14.35 -0.79 -33.56
CA ALA C 65 -13.97 -1.35 -32.26
C ALA C 65 -14.53 -2.75 -32.01
N VAL C 66 -15.70 -3.08 -32.55
CA VAL C 66 -16.20 -4.45 -32.59
C VAL C 66 -16.59 -4.69 -34.04
N ASP C 67 -16.19 -5.83 -34.59
CA ASP C 67 -16.47 -6.03 -36.01
C ASP C 67 -17.85 -6.64 -36.13
N ILE C 68 -18.80 -5.84 -36.61
CA ILE C 68 -20.22 -6.20 -36.55
C ILE C 68 -20.53 -7.35 -37.50
N ASN C 69 -19.75 -7.52 -38.57
CA ASN C 69 -20.15 -8.46 -39.61
C ASN C 69 -19.97 -9.91 -39.17
N LYS C 70 -18.75 -10.33 -38.78
CA LYS C 70 -18.58 -11.75 -38.45
C LYS C 70 -19.34 -12.12 -37.19
N LEU C 71 -19.52 -11.17 -36.26
CA LEU C 71 -20.34 -11.45 -35.08
C LEU C 71 -21.76 -11.81 -35.48
N CYS C 72 -22.32 -11.03 -36.41
CA CYS C 72 -23.66 -11.29 -36.94
C CYS C 72 -23.71 -12.52 -37.82
N GLU C 73 -22.55 -13.05 -38.20
CA GLU C 73 -22.46 -14.20 -39.10
C GLU C 73 -21.73 -15.36 -38.43
N GLU C 74 -21.23 -15.17 -37.21
CA GLU C 74 -20.66 -16.28 -36.47
C GLU C 74 -21.65 -17.44 -36.41
N MET C 75 -22.76 -17.25 -35.70
CA MET C 75 -23.98 -17.95 -36.08
C MET C 75 -25.21 -17.04 -36.07
N LEU C 76 -25.29 -16.16 -35.07
CA LEU C 76 -26.55 -15.52 -34.71
C LEU C 76 -26.47 -14.00 -34.84
N ASP C 77 -27.63 -13.40 -35.12
CA ASP C 77 -27.75 -11.98 -35.47
C ASP C 77 -28.25 -11.18 -34.27
N PHE D 6 -9.44 -53.92 -3.77
CA PHE D 6 -8.07 -54.04 -4.30
C PHE D 6 -7.52 -55.42 -4.04
N SER D 7 -7.52 -56.27 -5.07
CA SER D 7 -7.19 -57.68 -4.91
C SER D 7 -5.93 -58.12 -5.65
N SER D 8 -5.34 -57.26 -6.48
CA SER D 8 -4.18 -57.65 -7.26
C SER D 8 -2.89 -57.45 -6.48
N LEU D 9 -2.99 -57.40 -5.15
CA LEU D 9 -1.86 -57.10 -4.28
C LEU D 9 -1.17 -58.38 -3.83
N PRO D 10 0.13 -58.30 -3.52
CA PRO D 10 0.90 -59.51 -3.17
C PRO D 10 0.33 -60.35 -2.03
N SER D 11 0.06 -59.74 -0.88
CA SER D 11 -0.37 -60.50 0.29
C SER D 11 -1.75 -61.14 0.13
N TYR D 12 -2.44 -60.89 -0.98
CA TYR D 12 -3.72 -61.55 -1.23
C TYR D 12 -3.54 -63.06 -1.32
N ALA D 13 -2.49 -63.51 -2.00
CA ALA D 13 -2.23 -64.93 -2.11
C ALA D 13 -2.02 -65.55 -0.74
N ALA D 14 -1.25 -64.88 0.12
CA ALA D 14 -0.99 -65.41 1.46
C ALA D 14 -2.27 -65.50 2.28
N PHE D 15 -3.08 -64.44 2.26
CA PHE D 15 -4.32 -64.46 3.03
C PHE D 15 -5.28 -65.54 2.52
N ALA D 16 -5.40 -65.67 1.19
CA ALA D 16 -6.27 -66.69 0.63
C ALA D 16 -5.79 -68.10 1.00
N THR D 17 -4.46 -68.31 0.96
CA THR D 17 -3.90 -69.60 1.37
C THR D 17 -4.29 -69.91 2.80
N ALA D 18 -4.09 -68.95 3.71
CA ALA D 18 -4.38 -69.20 5.12
C ALA D 18 -5.86 -69.50 5.34
N GLN D 19 -6.75 -68.73 4.68
CA GLN D 19 -8.18 -68.95 4.91
C GLN D 19 -8.65 -70.27 4.31
N GLU D 20 -8.11 -70.68 3.16
CA GLU D 20 -8.46 -71.97 2.60
C GLU D 20 -7.96 -73.11 3.50
N ALA D 21 -6.76 -72.96 4.05
CA ALA D 21 -6.25 -73.97 4.98
C ALA D 21 -7.15 -74.10 6.20
N TYR D 22 -7.61 -72.97 6.76
CA TYR D 22 -8.49 -73.08 7.91
C TYR D 22 -9.88 -73.58 7.55
N GLU D 23 -10.34 -73.31 6.32
CA GLU D 23 -11.58 -73.93 5.87
C GLU D 23 -11.44 -75.43 5.84
N GLN D 24 -10.30 -75.93 5.37
CA GLN D 24 -10.03 -77.37 5.44
C GLN D 24 -9.97 -77.85 6.89
N ALA D 25 -9.38 -77.06 7.77
CA ALA D 25 -9.25 -77.46 9.17
C ALA D 25 -10.60 -77.54 9.87
N VAL D 26 -11.51 -76.61 9.57
CA VAL D 26 -12.86 -76.68 10.13
C VAL D 26 -13.72 -77.72 9.42
N ALA D 27 -13.36 -78.10 8.19
CA ALA D 27 -14.01 -79.21 7.51
C ALA D 27 -13.42 -80.55 7.90
N ASN D 28 -12.33 -80.56 8.68
CA ASN D 28 -11.75 -81.77 9.23
C ASN D 28 -11.87 -81.87 10.74
N GLY D 29 -11.71 -80.74 11.44
CA GLY D 29 -12.00 -80.65 12.87
C GLY D 29 -11.22 -81.56 13.79
N ASP D 30 -9.90 -81.64 13.61
CA ASP D 30 -9.10 -82.58 14.40
C ASP D 30 -8.70 -82.05 15.77
N SER D 31 -7.87 -81.01 15.79
CA SER D 31 -7.28 -80.49 17.03
C SER D 31 -7.91 -79.17 17.47
N GLU D 32 -7.28 -78.51 18.44
CA GLU D 32 -7.68 -77.16 18.84
C GLU D 32 -6.55 -76.15 18.63
N VAL D 33 -5.29 -76.58 18.80
CA VAL D 33 -4.16 -75.69 18.58
C VAL D 33 -3.41 -76.01 17.28
N VAL D 34 -3.48 -77.26 16.80
CA VAL D 34 -3.03 -77.54 15.44
C VAL D 34 -3.94 -76.87 14.43
N LEU D 35 -5.21 -76.64 14.79
CA LEU D 35 -6.07 -75.78 14.00
C LEU D 35 -5.87 -74.31 14.31
N LYS D 36 -5.47 -74.00 15.55
CA LYS D 36 -5.01 -72.65 15.89
C LYS D 36 -3.74 -72.28 15.14
N LYS D 37 -3.03 -73.28 14.57
CA LYS D 37 -1.97 -73.02 13.60
C LYS D 37 -2.45 -72.13 12.47
N LEU D 38 -3.64 -72.31 11.99
CA LEU D 38 -4.00 -71.55 10.86
C LEU D 38 -4.32 -70.20 11.30
N LYS D 39 -4.60 -70.09 12.57
CA LYS D 39 -4.90 -68.82 13.12
C LYS D 39 -3.82 -68.01 13.67
N LYS D 40 -2.72 -68.67 13.98
CA LYS D 40 -1.53 -67.98 14.42
C LYS D 40 -0.97 -67.72 13.08
N SER D 41 -0.98 -68.71 12.22
CA SER D 41 -0.58 -68.46 10.88
C SER D 41 -1.43 -67.43 10.12
N LEU D 42 -2.74 -67.49 10.24
CA LEU D 42 -3.64 -66.54 9.60
C LEU D 42 -3.86 -65.12 10.04
N ASN D 43 -4.09 -64.85 11.31
CA ASN D 43 -4.17 -63.46 11.76
C ASN D 43 -2.97 -62.64 11.33
N VAL D 44 -1.86 -63.31 10.97
CA VAL D 44 -0.76 -62.61 10.31
C VAL D 44 -1.15 -62.18 8.91
N ALA D 45 -1.96 -63.00 8.22
CA ALA D 45 -2.40 -62.65 6.88
C ALA D 45 -3.25 -61.38 6.87
N LYS D 46 -4.15 -61.25 7.85
CA LYS D 46 -4.98 -60.05 7.97
C LYS D 46 -4.25 -58.91 8.65
N SER D 47 -3.04 -59.14 9.14
CA SER D 47 -2.18 -58.07 9.63
C SER D 47 -1.22 -57.57 8.57
N GLU D 48 -1.25 -58.16 7.37
CA GLU D 48 -0.42 -57.73 6.26
C GLU D 48 -1.23 -57.62 4.97
N PHE D 49 -2.53 -57.86 5.01
CA PHE D 49 -3.38 -57.56 3.87
C PHE D 49 -4.29 -56.38 4.10
N ASP D 50 -4.89 -56.26 5.29
CA ASP D 50 -5.60 -55.04 5.65
C ASP D 50 -4.65 -53.90 6.00
N ARG D 51 -3.39 -54.19 6.30
CA ARG D 51 -2.38 -53.15 6.44
C ARG D 51 -1.86 -52.64 5.11
N ASP D 52 -2.20 -53.31 4.00
CA ASP D 52 -1.82 -52.87 2.67
C ASP D 52 -2.98 -52.67 1.72
N ALA D 53 -4.17 -53.16 2.06
CA ALA D 53 -5.38 -52.84 1.32
C ALA D 53 -6.11 -51.64 1.91
N ALA D 54 -5.40 -50.79 2.65
CA ALA D 54 -5.95 -49.55 3.17
C ALA D 54 -5.27 -48.33 2.55
N MET D 55 -3.94 -48.26 2.62
CA MET D 55 -3.25 -47.05 2.21
C MET D 55 -3.49 -46.72 0.74
N GLN D 56 -3.47 -47.74 -0.13
CA GLN D 56 -3.70 -47.49 -1.53
C GLN D 56 -5.17 -47.26 -1.85
N ARG D 57 -6.09 -47.75 -1.00
CA ARG D 57 -7.50 -47.52 -1.25
C ARG D 57 -7.86 -46.06 -1.04
N LYS D 58 -7.32 -45.42 -0.01
CA LYS D 58 -7.53 -43.99 0.11
C LYS D 58 -6.58 -43.17 -0.76
N LEU D 59 -5.46 -43.76 -1.18
CA LEU D 59 -4.63 -43.10 -2.18
C LEU D 59 -5.34 -42.99 -3.51
N GLU D 60 -6.18 -43.97 -3.84
CA GLU D 60 -6.96 -43.90 -5.07
C GLU D 60 -7.87 -42.68 -5.08
N LYS D 61 -8.48 -42.36 -3.94
CA LYS D 61 -9.31 -41.15 -3.82
C LYS D 61 -8.49 -39.88 -3.74
N MET D 62 -7.36 -39.91 -3.03
CA MET D 62 -6.50 -38.74 -2.96
C MET D 62 -6.05 -38.30 -4.35
N ALA D 63 -5.69 -39.26 -5.20
CA ALA D 63 -5.25 -38.93 -6.56
C ALA D 63 -6.39 -38.29 -7.36
N ASP D 64 -7.60 -38.87 -7.28
CA ASP D 64 -8.72 -38.33 -8.03
C ASP D 64 -9.07 -36.92 -7.57
N GLN D 65 -8.99 -36.67 -6.26
CA GLN D 65 -9.25 -35.33 -5.75
C GLN D 65 -8.16 -34.33 -6.10
N ALA D 66 -6.90 -34.76 -6.22
CA ALA D 66 -5.88 -33.86 -6.73
C ALA D 66 -6.10 -33.51 -8.19
N MET D 67 -6.52 -34.49 -9.00
CA MET D 67 -6.69 -34.20 -10.42
C MET D 67 -7.96 -33.37 -10.67
N THR D 68 -9.01 -33.57 -9.87
CA THR D 68 -10.17 -32.68 -9.98
C THR D 68 -9.79 -31.23 -9.61
N GLN D 69 -8.97 -31.05 -8.59
CA GLN D 69 -8.53 -29.72 -8.21
C GLN D 69 -7.70 -29.08 -9.32
N MET D 70 -6.79 -29.84 -9.91
CA MET D 70 -5.99 -29.30 -11.02
C MET D 70 -6.88 -28.91 -12.19
N TYR D 71 -7.84 -29.77 -12.55
CA TYR D 71 -8.75 -29.45 -13.64
C TYR D 71 -9.53 -28.18 -13.36
N LYS D 72 -10.01 -28.02 -12.12
CA LYS D 72 -10.78 -26.83 -11.79
C LYS D 72 -9.93 -25.57 -11.86
N GLN D 73 -8.68 -25.62 -11.40
CA GLN D 73 -7.84 -24.43 -11.52
C GLN D 73 -7.54 -24.09 -12.97
N ALA D 74 -7.29 -25.10 -13.80
CA ALA D 74 -7.03 -24.84 -15.21
C ALA D 74 -8.24 -24.20 -15.89
N ARG D 75 -9.43 -24.76 -15.67
CA ARG D 75 -10.63 -24.21 -16.28
C ARG D 75 -10.92 -22.81 -15.77
N SER D 76 -10.73 -22.58 -14.47
CA SER D 76 -10.96 -21.25 -13.92
C SER D 76 -10.03 -20.23 -14.54
N GLU D 77 -8.74 -20.55 -14.68
CA GLU D 77 -7.82 -19.58 -15.24
C GLU D 77 -8.00 -19.39 -16.74
N ASP D 78 -8.52 -20.38 -17.46
CA ASP D 78 -8.76 -20.19 -18.88
C ASP D 78 -10.14 -19.60 -19.18
N LYS D 79 -11.02 -19.50 -18.18
CA LYS D 79 -12.28 -18.80 -18.42
C LYS D 79 -12.10 -17.28 -18.44
N ARG D 80 -11.24 -16.74 -17.59
CA ARG D 80 -11.06 -15.31 -17.46
C ARG D 80 -10.00 -14.74 -18.40
N ALA D 81 -9.44 -15.56 -19.28
CA ALA D 81 -8.59 -15.10 -20.35
C ALA D 81 -9.35 -14.90 -21.66
N LYS D 82 -10.67 -15.13 -21.64
CA LYS D 82 -11.50 -15.06 -22.84
C LYS D 82 -12.79 -14.31 -22.60
N VAL D 83 -12.78 -13.30 -21.73
CA VAL D 83 -14.01 -12.61 -21.38
C VAL D 83 -14.56 -11.85 -22.58
N THR D 84 -13.71 -11.06 -23.25
CA THR D 84 -14.21 -10.19 -24.30
C THR D 84 -14.25 -10.89 -25.66
N SER D 85 -14.68 -12.15 -25.68
CA SER D 85 -15.13 -12.78 -26.91
C SER D 85 -16.43 -13.50 -26.59
N ALA D 86 -16.43 -14.15 -25.43
CA ALA D 86 -17.63 -14.82 -24.93
C ALA D 86 -18.74 -13.80 -24.69
N MET D 87 -18.39 -12.63 -24.15
CA MET D 87 -19.40 -11.64 -23.83
C MET D 87 -20.10 -11.12 -25.10
N GLN D 88 -19.33 -10.86 -26.16
CA GLN D 88 -19.92 -10.34 -27.38
C GLN D 88 -20.72 -11.41 -28.13
N THR D 89 -20.21 -12.65 -28.15
CA THR D 89 -20.99 -13.74 -28.73
C THR D 89 -22.33 -13.90 -28.01
N MET D 90 -22.30 -13.88 -26.67
CA MET D 90 -23.51 -13.97 -25.88
C MET D 90 -24.47 -12.84 -26.21
N LEU D 91 -23.96 -11.61 -26.26
CA LEU D 91 -24.82 -10.47 -26.52
C LEU D 91 -25.53 -10.60 -27.86
N PHE D 92 -24.83 -11.11 -28.87
CA PHE D 92 -25.50 -11.14 -30.16
C PHE D 92 -26.47 -12.32 -30.30
N THR D 93 -26.21 -13.47 -29.66
CA THR D 93 -27.26 -14.48 -29.64
C THR D 93 -28.51 -13.97 -28.92
N MET D 94 -28.33 -13.27 -27.79
CA MET D 94 -29.48 -12.78 -27.05
C MET D 94 -30.26 -11.75 -27.86
N LEU D 95 -29.54 -10.82 -28.52
CA LEU D 95 -30.21 -9.84 -29.37
C LEU D 95 -30.94 -10.50 -30.54
N ARG D 96 -30.40 -11.58 -31.09
CA ARG D 96 -31.12 -12.27 -32.16
C ARG D 96 -32.40 -12.89 -31.65
N LYS D 97 -32.37 -13.52 -30.47
CA LYS D 97 -33.57 -14.18 -30.00
C LYS D 97 -34.59 -13.22 -29.40
N LEU D 98 -34.21 -11.97 -29.11
CA LEU D 98 -35.21 -10.97 -28.74
C LEU D 98 -36.17 -10.70 -29.88
N ASP D 99 -35.67 -10.58 -31.11
CA ASP D 99 -36.48 -10.37 -32.30
C ASP D 99 -37.38 -9.15 -32.16
N ASN D 100 -36.78 -7.96 -32.09
CA ASN D 100 -37.50 -6.70 -32.15
C ASN D 100 -37.30 -6.07 -33.52
N ASP D 101 -38.30 -5.31 -33.98
CA ASP D 101 -38.23 -4.73 -35.32
C ASP D 101 -37.22 -3.59 -35.39
N ALA D 102 -37.24 -2.69 -34.40
CA ALA D 102 -36.35 -1.53 -34.43
C ALA D 102 -34.89 -1.95 -34.28
N LEU D 103 -34.60 -2.85 -33.35
CA LEU D 103 -33.24 -3.33 -33.17
C LEU D 103 -32.72 -4.04 -34.40
N ASN D 104 -33.56 -4.89 -35.02
CA ASN D 104 -33.16 -5.54 -36.26
C ASN D 104 -32.89 -4.54 -37.36
N ASN D 105 -33.72 -3.50 -37.44
CA ASN D 105 -33.51 -2.44 -38.43
C ASN D 105 -32.11 -1.82 -38.27
N ILE D 106 -31.81 -1.35 -37.06
CA ILE D 106 -30.55 -0.64 -36.90
C ILE D 106 -29.36 -1.58 -37.02
N ILE D 107 -29.51 -2.85 -36.60
CA ILE D 107 -28.39 -3.78 -36.67
C ILE D 107 -28.09 -4.15 -38.12
N ASN D 108 -29.13 -4.40 -38.93
CA ASN D 108 -28.89 -4.69 -40.34
C ASN D 108 -28.28 -3.49 -41.05
N ASN D 109 -28.80 -2.29 -40.79
CA ASN D 109 -28.20 -1.10 -41.39
C ASN D 109 -26.73 -0.97 -41.03
N ALA D 110 -26.40 -1.09 -39.74
CA ALA D 110 -25.01 -1.02 -39.31
C ALA D 110 -24.17 -2.10 -39.97
N ARG D 111 -24.75 -3.28 -40.20
CA ARG D 111 -23.98 -4.33 -40.86
C ARG D 111 -23.65 -3.97 -42.30
N ASP D 112 -24.55 -3.25 -43.00
CA ASP D 112 -24.22 -2.88 -44.37
C ASP D 112 -23.54 -1.53 -44.51
N GLY D 113 -23.40 -0.74 -43.44
CA GLY D 113 -22.64 0.48 -43.55
C GLY D 113 -23.19 1.73 -42.89
N CYS D 114 -24.51 1.87 -42.80
CA CYS D 114 -25.11 3.07 -42.25
C CYS D 114 -25.07 3.01 -40.72
N VAL D 115 -24.27 3.88 -40.11
CA VAL D 115 -24.15 3.94 -38.65
C VAL D 115 -24.55 5.33 -38.20
N PRO D 116 -24.93 5.53 -36.94
CA PRO D 116 -25.15 6.89 -36.45
C PRO D 116 -23.85 7.55 -36.02
N LEU D 117 -23.92 8.80 -35.58
CA LEU D 117 -22.77 9.48 -35.01
C LEU D 117 -22.99 9.89 -33.56
N ASN D 118 -24.21 9.77 -33.05
CA ASN D 118 -24.52 10.10 -31.67
C ASN D 118 -25.59 9.13 -31.18
N ILE D 119 -26.00 9.31 -29.92
CA ILE D 119 -27.05 8.48 -29.35
C ILE D 119 -28.39 8.82 -30.01
N ILE D 120 -29.19 7.80 -30.28
CA ILE D 120 -30.49 7.98 -30.93
C ILE D 120 -31.42 8.69 -29.96
N PRO D 121 -31.95 9.86 -30.31
CA PRO D 121 -32.82 10.59 -29.39
C PRO D 121 -34.23 10.02 -29.34
N LEU D 122 -34.90 10.26 -28.21
CA LEU D 122 -36.24 9.76 -27.98
C LEU D 122 -37.30 10.85 -28.00
N THR D 123 -36.93 12.10 -27.70
CA THR D 123 -37.87 13.21 -27.76
C THR D 123 -38.28 13.47 -29.21
N THR D 124 -39.49 14.02 -29.39
CA THR D 124 -39.94 14.39 -30.72
C THR D 124 -39.13 15.55 -31.28
N ALA D 125 -38.48 16.33 -30.42
CA ALA D 125 -37.45 17.28 -30.83
C ALA D 125 -36.13 16.53 -30.98
N ALA D 126 -35.02 17.29 -31.01
CA ALA D 126 -33.67 16.74 -30.92
C ALA D 126 -33.20 16.12 -32.22
N LYS D 127 -31.87 16.11 -32.41
CA LYS D 127 -31.24 15.93 -33.70
C LYS D 127 -30.59 14.55 -33.81
N LEU D 128 -30.55 14.03 -35.03
CA LEU D 128 -29.92 12.76 -35.33
C LEU D 128 -29.03 12.90 -36.55
N MET D 129 -27.82 12.37 -36.48
CA MET D 129 -26.85 12.42 -37.56
C MET D 129 -26.47 11.00 -37.96
N VAL D 130 -26.56 10.70 -39.26
CA VAL D 130 -26.35 9.35 -39.76
C VAL D 130 -25.43 9.40 -40.98
N VAL D 131 -24.44 8.50 -41.01
CA VAL D 131 -23.51 8.39 -42.13
C VAL D 131 -24.11 7.46 -43.18
N ILE D 132 -24.11 7.90 -44.43
CA ILE D 132 -24.66 7.13 -45.54
C ILE D 132 -23.55 6.91 -46.57
N PRO D 133 -23.14 5.66 -46.82
CA PRO D 133 -21.89 5.44 -47.59
C PRO D 133 -22.03 5.26 -49.09
N ASP D 134 -23.23 5.01 -49.61
CA ASP D 134 -23.37 4.82 -51.05
C ASP D 134 -24.81 5.09 -51.46
N TYR D 135 -25.02 5.16 -52.78
CA TYR D 135 -26.34 5.51 -53.30
C TYR D 135 -27.38 4.44 -52.99
N ASN D 136 -27.01 3.17 -53.09
CA ASN D 136 -27.98 2.08 -52.94
C ASN D 136 -28.63 2.13 -51.56
N THR D 137 -27.83 2.25 -50.51
CA THR D 137 -28.39 2.37 -49.17
C THR D 137 -29.09 3.71 -48.97
N TYR D 138 -28.85 4.69 -49.86
CA TYR D 138 -29.60 5.93 -49.80
C TYR D 138 -30.99 5.78 -50.41
N LYS D 139 -31.16 4.88 -51.38
CA LYS D 139 -32.48 4.68 -51.98
C LYS D 139 -33.49 4.15 -50.97
N ASN D 140 -33.10 3.14 -50.19
CA ASN D 140 -34.06 2.43 -49.34
C ASN D 140 -34.60 3.32 -48.24
N THR D 141 -33.74 4.14 -47.62
CA THR D 141 -34.10 4.90 -46.44
C THR D 141 -34.67 6.28 -46.80
N CYS D 142 -33.90 7.09 -47.52
CA CYS D 142 -34.30 8.46 -47.83
C CYS D 142 -35.02 8.50 -49.17
N ASP D 143 -36.29 8.86 -49.14
CA ASP D 143 -37.04 9.21 -50.34
C ASP D 143 -37.86 10.45 -50.03
N GLY D 144 -37.71 11.48 -50.85
CA GLY D 144 -38.30 12.77 -50.52
C GLY D 144 -37.40 13.49 -49.54
N THR D 145 -38.01 14.05 -48.49
CA THR D 145 -37.26 14.64 -47.39
C THR D 145 -37.53 13.92 -46.08
N THR D 146 -37.97 12.66 -46.14
CA THR D 146 -38.34 11.89 -44.95
C THR D 146 -37.42 10.69 -44.83
N PHE D 147 -36.91 10.48 -43.62
CA PHE D 147 -35.93 9.44 -43.30
C PHE D 147 -36.63 8.32 -42.55
N THR D 148 -36.27 7.08 -42.86
CA THR D 148 -36.84 5.90 -42.20
C THR D 148 -35.73 5.16 -41.47
N TYR D 149 -35.76 5.20 -40.14
CA TYR D 149 -34.69 4.66 -39.34
C TYR D 149 -35.24 4.24 -37.99
N ALA D 150 -34.78 3.08 -37.51
CA ALA D 150 -35.18 2.55 -36.20
C ALA D 150 -36.68 2.41 -36.09
N SER D 151 -37.35 2.07 -37.20
CA SER D 151 -38.80 2.00 -37.29
C SER D 151 -39.44 3.30 -36.79
N ALA D 152 -39.08 4.38 -37.46
CA ALA D 152 -39.62 5.71 -37.18
C ALA D 152 -39.51 6.53 -38.45
N LEU D 153 -39.89 7.80 -38.35
CA LEU D 153 -39.81 8.72 -39.48
C LEU D 153 -39.18 10.02 -39.03
N TRP D 154 -38.15 10.45 -39.74
CA TRP D 154 -37.41 11.67 -39.44
C TRP D 154 -37.42 12.57 -40.67
N GLU D 155 -37.52 13.87 -40.44
CA GLU D 155 -37.62 14.85 -41.52
C GLU D 155 -36.25 15.46 -41.77
N ILE D 156 -35.75 15.31 -42.99
CA ILE D 156 -34.41 15.77 -43.31
C ILE D 156 -34.34 17.29 -43.19
N GLN D 157 -33.19 17.79 -42.72
CA GLN D 157 -32.97 19.22 -42.60
C GLN D 157 -31.76 19.73 -43.36
N GLN D 158 -30.74 18.89 -43.58
CA GLN D 158 -29.50 19.33 -44.21
C GLN D 158 -28.63 18.13 -44.56
N VAL D 159 -28.07 18.11 -45.76
CA VAL D 159 -27.11 17.09 -46.16
C VAL D 159 -25.79 17.78 -46.51
N VAL D 160 -24.70 17.27 -45.95
CA VAL D 160 -23.36 17.75 -46.28
C VAL D 160 -22.50 16.56 -46.69
N ASP D 161 -21.47 16.85 -47.46
CA ASP D 161 -20.66 15.84 -48.13
C ASP D 161 -19.55 15.36 -47.20
N ALA D 162 -18.58 14.64 -47.74
CA ALA D 162 -17.33 14.39 -47.03
C ALA D 162 -16.42 15.62 -47.06
N ASP D 163 -16.71 16.60 -47.90
CA ASP D 163 -15.97 17.84 -47.96
C ASP D 163 -16.47 18.87 -46.96
N SER D 164 -17.41 18.49 -46.09
CA SER D 164 -17.94 19.36 -45.04
C SER D 164 -18.59 20.62 -45.62
N LYS D 165 -19.16 20.50 -46.82
CA LYS D 165 -19.88 21.60 -47.44
C LYS D 165 -21.27 21.13 -47.85
N ILE D 166 -22.22 22.07 -47.83
CA ILE D 166 -23.62 21.74 -48.09
C ILE D 166 -23.78 21.13 -49.47
N VAL D 167 -24.65 20.11 -49.56
CA VAL D 167 -25.15 19.61 -50.82
C VAL D 167 -26.68 19.64 -50.75
N GLN D 168 -27.31 20.27 -51.73
CA GLN D 168 -28.77 20.32 -51.75
C GLN D 168 -29.33 18.93 -52.04
N LEU D 169 -30.57 18.72 -51.59
CA LEU D 169 -31.10 17.36 -51.49
C LEU D 169 -31.41 16.76 -52.86
N SER D 170 -32.02 17.54 -53.74
CA SER D 170 -32.35 17.02 -55.07
C SER D 170 -31.13 16.77 -55.94
N GLU D 171 -29.96 17.26 -55.52
CA GLU D 171 -28.74 16.89 -56.23
C GLU D 171 -28.48 15.39 -56.13
N ILE D 172 -28.68 14.80 -54.96
CA ILE D 172 -28.38 13.38 -54.80
C ILE D 172 -29.31 12.58 -55.71
N SER D 173 -28.74 11.98 -56.76
CA SER D 173 -29.48 11.09 -57.65
C SER D 173 -28.48 10.16 -58.32
N MET D 174 -28.95 9.36 -59.28
CA MET D 174 -28.14 8.33 -59.92
C MET D 174 -26.92 8.92 -60.64
N ASP D 175 -27.18 9.80 -61.61
CA ASP D 175 -26.12 10.27 -62.51
C ASP D 175 -25.03 11.02 -61.76
N ASN D 176 -25.40 11.83 -60.77
CA ASN D 176 -24.42 12.65 -60.08
C ASN D 176 -23.77 11.94 -58.90
N SER D 177 -24.19 10.71 -58.59
CA SER D 177 -23.57 9.96 -57.51
C SER D 177 -22.06 9.84 -57.61
N PRO D 178 -21.43 9.66 -58.79
CA PRO D 178 -19.96 9.59 -58.82
C PRO D 178 -19.28 10.94 -58.74
N ASN D 179 -20.01 11.98 -58.31
CA ASN D 179 -19.46 13.32 -58.22
C ASN D 179 -19.26 13.82 -56.80
N LEU D 180 -19.68 13.08 -55.79
CA LEU D 180 -19.58 13.52 -54.40
C LEU D 180 -18.75 12.54 -53.59
N ALA D 181 -17.84 13.07 -52.78
CA ALA D 181 -17.09 12.21 -51.87
C ALA D 181 -18.09 11.56 -50.93
N TRP D 182 -18.29 10.26 -51.12
CA TRP D 182 -19.59 9.65 -50.84
C TRP D 182 -20.04 9.57 -49.39
N PRO D 183 -19.16 9.36 -48.39
CA PRO D 183 -19.67 9.23 -47.02
C PRO D 183 -20.28 10.53 -46.52
N LEU D 184 -21.50 10.81 -46.98
CA LEU D 184 -22.21 12.01 -46.59
C LEU D 184 -22.65 11.92 -45.14
N ILE D 185 -23.34 12.95 -44.66
CA ILE D 185 -23.92 12.96 -43.32
C ILE D 185 -25.26 13.68 -43.40
N VAL D 186 -26.34 12.94 -43.25
CA VAL D 186 -27.68 13.53 -43.18
C VAL D 186 -27.90 14.04 -41.76
N THR D 187 -28.80 15.02 -41.63
CA THR D 187 -29.15 15.60 -40.33
C THR D 187 -30.66 15.76 -40.27
N ALA D 188 -31.30 15.01 -39.39
CA ALA D 188 -32.75 14.92 -39.39
C ALA D 188 -33.30 15.09 -37.98
N LEU D 189 -34.55 15.54 -37.91
CA LEU D 189 -35.28 15.71 -36.67
C LEU D 189 -36.48 14.79 -36.65
N ARG D 190 -36.80 14.25 -35.48
CA ARG D 190 -37.83 13.23 -35.39
C ARG D 190 -39.22 13.82 -35.61
N ALA D 191 -40.06 13.07 -36.31
CA ALA D 191 -41.43 13.49 -36.58
C ALA D 191 -42.37 12.97 -35.48
N VAL G 2 -2.00 -25.60 -21.44
CA VAL G 2 -3.12 -26.50 -21.64
C VAL G 2 -3.39 -26.69 -23.14
N GLY G 3 -2.47 -27.37 -23.81
CA GLY G 3 -2.60 -27.59 -25.24
C GLY G 3 -1.86 -28.85 -25.67
N ALA G 4 -2.10 -29.23 -26.92
CA ALA G 4 -1.58 -30.49 -27.43
C ALA G 4 -0.06 -30.50 -27.49
N CYS G 5 0.53 -31.67 -27.27
CA CYS G 5 1.97 -31.83 -27.20
C CYS G 5 2.61 -31.62 -28.57
N VAL G 6 3.95 -31.52 -28.57
CA VAL G 6 4.67 -31.32 -29.83
C VAL G 6 4.84 -32.64 -30.57
N LEU G 7 5.03 -33.74 -29.84
CA LEU G 7 5.31 -35.03 -30.45
C LEU G 7 4.12 -35.98 -30.45
N CYS G 8 2.96 -35.54 -29.96
CA CYS G 8 1.91 -36.51 -29.70
C CYS G 8 0.52 -36.04 -30.14
N ASN G 9 0.35 -34.75 -30.38
CA ASN G 9 -0.98 -34.17 -30.62
C ASN G 9 -1.92 -34.56 -29.48
N SER G 10 -1.40 -34.66 -28.26
CA SER G 10 -2.26 -34.89 -27.11
C SER G 10 -2.15 -33.70 -26.16
N GLN G 11 -3.30 -33.18 -25.77
CA GLN G 11 -3.37 -32.08 -24.82
C GLN G 11 -2.71 -32.54 -23.53
N THR G 12 -1.70 -31.80 -23.07
CA THR G 12 -1.10 -32.04 -21.77
C THR G 12 -1.17 -30.76 -20.95
N SER G 13 -0.51 -30.78 -19.80
CA SER G 13 -0.33 -29.57 -19.02
C SER G 13 1.08 -29.42 -18.47
N LEU G 14 2.02 -30.26 -18.88
CA LEU G 14 3.37 -30.24 -18.35
C LEU G 14 4.29 -29.43 -19.26
N ARG G 15 5.42 -29.00 -18.69
CA ARG G 15 6.38 -28.16 -19.42
C ARG G 15 7.79 -28.51 -18.96
N CYS G 16 8.68 -28.77 -19.91
CA CYS G 16 10.07 -29.04 -19.58
C CYS G 16 10.70 -27.82 -18.92
N GLY G 17 11.22 -28.00 -17.71
CA GLY G 17 11.70 -26.87 -16.94
C GLY G 17 13.04 -26.33 -17.37
N ALA G 18 13.92 -27.18 -17.90
CA ALA G 18 15.20 -26.70 -18.41
C ALA G 18 15.11 -26.18 -19.83
N CYS G 19 14.02 -26.46 -20.54
CA CYS G 19 13.85 -25.99 -21.91
C CYS G 19 13.77 -24.48 -21.95
N ILE G 20 13.83 -23.93 -23.17
CA ILE G 20 13.77 -22.48 -23.34
C ILE G 20 12.43 -22.05 -23.90
N ARG G 21 11.81 -22.86 -24.76
CA ARG G 21 10.53 -22.50 -25.37
C ARG G 21 9.34 -22.93 -24.54
N ARG G 22 9.57 -23.63 -23.43
CA ARG G 22 8.52 -24.13 -22.56
C ARG G 22 7.51 -24.93 -23.38
N PRO G 23 7.87 -26.13 -23.82
CA PRO G 23 6.98 -26.91 -24.69
C PRO G 23 6.02 -27.81 -23.92
N PHE G 24 5.00 -28.28 -24.63
CA PHE G 24 3.97 -29.13 -24.04
C PHE G 24 4.30 -30.61 -24.28
N LEU G 25 4.31 -31.38 -23.19
CA LEU G 25 4.81 -32.75 -23.24
C LEU G 25 3.83 -33.69 -22.55
N CYS G 26 3.59 -34.85 -23.16
CA CYS G 26 2.73 -35.87 -22.56
C CYS G 26 3.46 -36.54 -21.41
N CYS G 27 2.69 -37.09 -20.48
CA CYS G 27 3.27 -37.59 -19.23
C CYS G 27 4.33 -38.65 -19.49
N LYS G 28 4.01 -39.67 -20.28
CA LYS G 28 5.01 -40.68 -20.64
C LYS G 28 6.04 -40.10 -21.60
N CYS G 29 5.57 -39.33 -22.58
CA CYS G 29 6.46 -38.63 -23.50
C CYS G 29 7.39 -37.66 -22.77
N CYS G 30 6.83 -36.91 -21.82
CA CYS G 30 7.68 -36.09 -20.97
C CYS G 30 8.66 -36.94 -20.17
N TYR G 31 8.24 -38.12 -19.68
CA TYR G 31 9.14 -38.98 -18.93
C TYR G 31 10.35 -39.36 -19.77
N ASP G 32 10.10 -39.81 -21.00
CA ASP G 32 11.17 -40.02 -21.96
C ASP G 32 12.12 -38.83 -22.00
N HIS G 33 11.57 -37.66 -22.34
CA HIS G 33 12.42 -36.49 -22.54
C HIS G 33 13.13 -36.02 -21.27
N VAL G 34 12.55 -36.24 -20.10
CA VAL G 34 13.11 -35.68 -18.88
C VAL G 34 14.18 -36.59 -18.31
N ILE G 35 14.10 -37.90 -18.56
CA ILE G 35 15.16 -38.80 -18.13
C ILE G 35 16.17 -39.08 -19.22
N SER G 36 15.96 -38.59 -20.44
CA SER G 36 16.84 -38.89 -21.55
C SER G 36 17.61 -37.68 -22.09
N THR G 37 17.57 -36.54 -21.42
CA THR G 37 18.34 -35.36 -21.82
C THR G 37 18.74 -34.59 -20.56
N SER G 38 19.11 -33.33 -20.74
CA SER G 38 19.48 -32.43 -19.66
C SER G 38 18.32 -31.52 -19.24
N HIS G 39 17.08 -31.98 -19.37
CA HIS G 39 15.92 -31.23 -18.92
C HIS G 39 15.43 -31.83 -17.61
N LYS G 40 15.61 -31.08 -16.52
CA LYS G 40 15.51 -31.64 -15.18
C LYS G 40 14.25 -31.22 -14.44
N LEU G 41 13.45 -30.31 -14.98
CA LEU G 41 12.29 -29.79 -14.26
C LEU G 41 11.02 -29.90 -15.09
N VAL G 42 9.88 -29.93 -14.40
CA VAL G 42 8.56 -29.96 -15.04
C VAL G 42 7.68 -28.91 -14.39
N LEU G 43 6.98 -28.12 -15.22
CA LEU G 43 5.99 -27.18 -14.75
C LEU G 43 4.60 -27.60 -15.22
N SER G 44 3.64 -27.54 -14.30
CA SER G 44 2.23 -27.83 -14.50
C SER G 44 1.47 -26.53 -14.23
N VAL G 45 0.14 -26.63 -14.09
CA VAL G 45 -0.65 -25.49 -13.63
C VAL G 45 0.04 -24.80 -12.46
N ASN G 46 0.73 -25.56 -11.63
CA ASN G 46 1.65 -25.08 -10.61
C ASN G 46 3.01 -25.75 -10.81
N PRO G 47 4.08 -25.16 -10.29
CA PRO G 47 5.39 -25.82 -10.39
C PRO G 47 5.52 -26.93 -9.35
N TYR G 48 5.94 -28.11 -9.81
CA TYR G 48 6.21 -29.25 -8.93
C TYR G 48 7.52 -29.00 -8.19
N VAL G 49 7.45 -28.20 -7.14
CA VAL G 49 8.63 -27.91 -6.33
C VAL G 49 8.28 -28.04 -4.85
N CYS G 50 9.28 -28.44 -4.07
CA CYS G 50 9.09 -28.64 -2.65
C CYS G 50 8.71 -27.33 -1.96
N ASN G 51 7.76 -27.42 -1.04
CA ASN G 51 7.35 -26.29 -0.23
C ASN G 51 8.05 -26.26 1.12
N ALA G 52 9.04 -27.12 1.33
CA ALA G 52 9.89 -27.02 2.51
C ALA G 52 10.76 -25.77 2.37
N PRO G 53 10.71 -24.85 3.33
CA PRO G 53 11.29 -23.52 3.11
C PRO G 53 12.79 -23.55 2.88
N GLY G 54 13.19 -23.18 1.66
CA GLY G 54 14.61 -23.05 1.33
C GLY G 54 15.26 -24.28 0.72
N CYS G 55 14.69 -24.81 -0.36
CA CYS G 55 15.22 -25.98 -1.05
C CYS G 55 15.46 -25.65 -2.51
N ASP G 56 16.44 -26.35 -3.12
CA ASP G 56 16.88 -25.97 -4.46
C ASP G 56 17.16 -27.18 -5.36
N VAL G 57 16.77 -28.39 -4.96
CA VAL G 57 16.99 -29.56 -5.80
C VAL G 57 15.82 -29.71 -6.75
N THR G 58 16.07 -29.45 -8.04
CA THR G 58 15.00 -29.36 -9.04
C THR G 58 15.21 -30.37 -10.17
N ASP G 59 15.51 -31.61 -9.81
CA ASP G 59 15.40 -32.74 -10.73
C ASP G 59 13.94 -33.15 -10.81
N VAL G 60 13.64 -34.32 -11.37
CA VAL G 60 12.27 -34.78 -11.54
C VAL G 60 11.95 -35.97 -10.65
N THR G 61 12.90 -36.91 -10.51
CA THR G 61 12.56 -38.22 -9.96
C THR G 61 12.47 -38.22 -8.44
N GLN G 62 13.10 -37.25 -7.77
CA GLN G 62 13.08 -37.26 -6.31
C GLN G 62 11.74 -36.76 -5.76
N LEU G 63 11.04 -35.92 -6.53
CA LEU G 63 9.89 -35.18 -6.03
C LEU G 63 8.72 -36.11 -5.68
N TYR G 64 8.06 -35.80 -4.56
CA TYR G 64 6.96 -36.61 -4.03
C TYR G 64 5.75 -35.73 -3.77
N LEU G 65 4.57 -36.25 -4.08
CA LEU G 65 3.31 -35.52 -3.87
C LEU G 65 2.62 -36.03 -2.62
N GLY G 66 2.27 -35.13 -1.72
CA GLY G 66 1.64 -35.45 -0.46
C GLY G 66 0.33 -34.72 -0.25
N GLY G 67 -0.47 -34.63 -1.30
CA GLY G 67 -1.66 -33.81 -1.23
C GLY G 67 -1.45 -32.50 -1.98
N MET G 68 -2.04 -31.42 -1.48
CA MET G 68 -1.96 -30.15 -2.18
C MET G 68 -0.58 -29.53 -1.98
N SER G 69 0.45 -30.30 -2.32
CA SER G 69 1.85 -29.90 -2.23
C SER G 69 2.69 -31.01 -2.85
N TYR G 70 3.92 -30.65 -3.23
CA TYR G 70 4.81 -31.57 -3.93
C TYR G 70 6.20 -31.41 -3.35
N TYR G 71 6.68 -32.45 -2.68
CA TYR G 71 7.77 -32.40 -1.71
C TYR G 71 9.08 -32.91 -2.30
N CYS G 72 10.04 -33.10 -1.40
CA CYS G 72 11.19 -33.97 -1.60
C CYS G 72 10.99 -35.24 -0.77
N LYS G 73 11.85 -36.24 -1.01
CA LYS G 73 11.92 -37.35 -0.07
C LYS G 73 12.54 -36.93 1.24
N SER G 74 13.53 -36.05 1.21
CA SER G 74 14.08 -35.43 2.41
C SER G 74 13.14 -34.37 2.99
N HIS G 75 11.97 -34.17 2.37
CA HIS G 75 10.99 -33.17 2.78
C HIS G 75 9.62 -33.81 3.00
N LYS G 76 9.59 -35.11 3.29
CA LYS G 76 8.42 -35.94 3.04
C LYS G 76 7.67 -36.31 4.30
N PRO G 77 6.35 -36.17 4.33
CA PRO G 77 5.52 -36.91 5.28
C PRO G 77 5.05 -38.22 4.67
N PRO G 78 4.81 -39.24 5.50
CA PRO G 78 4.45 -40.58 4.98
C PRO G 78 3.36 -40.65 3.93
N ILE G 79 2.16 -40.12 4.21
CA ILE G 79 1.01 -40.39 3.34
C ILE G 79 1.19 -39.63 2.04
N SER G 80 1.60 -40.35 1.00
CA SER G 80 1.97 -39.73 -0.27
C SER G 80 1.99 -40.79 -1.36
N PHE G 81 2.57 -40.44 -2.49
CA PHE G 81 2.86 -41.29 -3.62
C PHE G 81 3.93 -40.58 -4.43
N PRO G 82 4.99 -41.27 -4.84
CA PRO G 82 6.01 -40.60 -5.66
C PRO G 82 5.39 -40.03 -6.93
N LEU G 83 5.79 -38.80 -7.27
CA LEU G 83 5.31 -38.21 -8.51
C LEU G 83 5.82 -38.94 -9.73
N CYS G 84 6.89 -39.72 -9.59
CA CYS G 84 7.47 -40.49 -10.68
C CYS G 84 7.19 -41.97 -10.44
N ALA G 85 6.50 -42.60 -11.37
CA ALA G 85 6.19 -44.02 -11.33
C ALA G 85 5.76 -44.45 -12.71
N ASN G 86 5.82 -45.76 -12.96
CA ASN G 86 5.35 -46.39 -14.19
C ASN G 86 5.95 -45.79 -15.46
N GLY G 87 7.07 -45.10 -15.36
CA GLY G 87 7.55 -44.34 -16.49
C GLY G 87 6.60 -43.25 -16.92
N GLN G 88 5.93 -42.60 -15.96
CA GLN G 88 4.90 -41.62 -16.27
C GLN G 88 4.86 -40.61 -15.13
N VAL G 89 5.11 -39.34 -15.45
CA VAL G 89 5.04 -38.29 -14.44
C VAL G 89 3.59 -37.89 -14.22
N PHE G 90 3.24 -37.62 -12.97
CA PHE G 90 1.85 -37.38 -12.60
C PHE G 90 1.35 -36.07 -13.20
N GLY G 91 0.17 -36.11 -13.81
CA GLY G 91 -0.43 -34.90 -14.32
C GLY G 91 -1.82 -35.16 -14.86
N LEU G 92 -2.43 -34.09 -15.35
CA LEU G 92 -3.68 -34.20 -16.10
C LEU G 92 -3.41 -35.00 -17.37
N TYR G 93 -4.46 -35.64 -17.88
CA TYR G 93 -4.35 -36.62 -18.96
C TYR G 93 -3.37 -37.73 -18.57
N LYS G 94 -3.71 -38.45 -17.51
CA LYS G 94 -2.85 -39.53 -17.04
C LYS G 94 -3.15 -40.84 -17.73
N ASN G 95 -4.10 -40.84 -18.67
CA ASN G 95 -4.48 -42.06 -19.35
C ASN G 95 -4.26 -41.96 -20.86
N THR G 96 -4.76 -40.88 -21.46
CA THR G 96 -4.89 -40.77 -22.91
C THR G 96 -3.73 -40.00 -23.55
N CYS G 97 -2.51 -40.48 -23.33
CA CYS G 97 -1.33 -39.89 -23.94
C CYS G 97 -0.60 -40.96 -24.75
N VAL G 98 -0.45 -40.71 -26.05
CA VAL G 98 0.14 -41.71 -26.94
C VAL G 98 1.62 -41.89 -26.63
N GLY G 99 2.33 -40.82 -26.28
CA GLY G 99 3.74 -40.95 -26.03
C GLY G 99 4.49 -41.24 -27.33
N SER G 100 5.77 -41.57 -27.17
CA SER G 100 6.60 -41.94 -28.30
C SER G 100 7.86 -42.62 -27.77
N ASP G 101 8.13 -43.82 -28.26
CA ASP G 101 9.32 -44.55 -27.82
C ASP G 101 10.60 -43.95 -28.41
N ASN G 102 10.55 -43.51 -29.67
CA ASN G 102 11.70 -42.91 -30.33
C ASN G 102 11.52 -41.39 -30.28
N VAL G 103 12.18 -40.76 -29.31
CA VAL G 103 12.14 -39.31 -29.18
C VAL G 103 13.56 -38.77 -29.10
N THR G 104 14.54 -39.59 -29.47
CA THR G 104 15.92 -39.12 -29.50
C THR G 104 16.13 -38.05 -30.57
N ASP G 105 15.21 -37.93 -31.52
CA ASP G 105 15.18 -36.76 -32.40
C ASP G 105 14.82 -35.50 -31.60
N PHE G 106 13.69 -35.56 -30.89
CA PHE G 106 13.32 -34.49 -29.97
C PHE G 106 14.40 -34.29 -28.92
N ASN G 107 14.94 -35.39 -28.39
CA ASN G 107 15.98 -35.31 -27.39
C ASN G 107 17.21 -34.58 -27.92
N ALA G 108 17.67 -34.96 -29.12
CA ALA G 108 18.83 -34.31 -29.70
C ALA G 108 18.56 -32.82 -29.88
N ILE G 109 17.41 -32.47 -30.47
CA ILE G 109 17.04 -31.06 -30.60
C ILE G 109 17.11 -30.38 -29.24
N ALA G 110 16.71 -31.08 -28.19
CA ALA G 110 16.63 -30.49 -26.86
C ALA G 110 18.01 -30.19 -26.28
N THR G 111 18.96 -31.11 -26.45
CA THR G 111 20.32 -30.81 -26.02
C THR G 111 21.17 -30.21 -27.14
N CYS G 112 20.58 -29.78 -28.25
CA CYS G 112 21.32 -29.09 -29.31
C CYS G 112 21.75 -27.72 -28.83
N ASP G 113 23.06 -27.55 -28.63
CA ASP G 113 23.64 -26.30 -28.17
C ASP G 113 24.05 -25.39 -29.33
N TRP G 114 23.84 -25.83 -30.57
CA TRP G 114 24.04 -24.99 -31.76
C TRP G 114 25.50 -24.55 -31.90
N THR G 115 26.37 -25.54 -31.93
CA THR G 115 27.79 -25.33 -32.22
C THR G 115 28.26 -26.11 -33.43
N ASN G 116 27.92 -27.39 -33.53
CA ASN G 116 28.34 -28.21 -34.66
C ASN G 116 27.37 -28.06 -35.82
N ALA G 117 27.83 -28.52 -37.00
CA ALA G 117 26.94 -28.59 -38.15
C ALA G 117 25.82 -29.60 -37.90
N GLY G 118 26.14 -30.71 -37.21
CA GLY G 118 25.16 -31.77 -37.03
C GLY G 118 23.91 -31.31 -36.32
N ASP G 119 24.04 -30.33 -35.43
CA ASP G 119 22.86 -29.74 -34.80
C ASP G 119 21.92 -29.17 -35.86
N TYR G 120 22.47 -28.38 -36.79
CA TYR G 120 21.68 -27.87 -37.92
C TYR G 120 21.15 -29.00 -38.78
N ILE G 121 21.97 -30.00 -39.06
CA ILE G 121 21.56 -31.09 -39.94
C ILE G 121 20.34 -31.80 -39.36
N LEU G 122 20.41 -32.12 -38.07
CA LEU G 122 19.29 -32.77 -37.40
C LEU G 122 18.09 -31.85 -37.28
N ALA G 123 18.33 -30.56 -37.05
CA ALA G 123 17.23 -29.61 -37.09
C ALA G 123 16.59 -29.58 -38.48
N ASN G 124 17.38 -29.84 -39.52
CA ASN G 124 16.91 -29.75 -40.90
C ASN G 124 16.48 -31.08 -41.50
N THR G 125 16.54 -32.17 -40.74
CA THR G 125 16.16 -33.50 -41.25
C THR G 125 14.89 -34.06 -40.64
N CYS G 126 14.41 -33.51 -39.52
CA CYS G 126 13.24 -34.06 -38.84
C CYS G 126 11.95 -33.60 -39.53
N THR G 127 10.82 -33.79 -38.86
CA THR G 127 9.50 -33.45 -39.36
C THR G 127 9.08 -32.04 -38.89
N GLU G 128 7.81 -31.69 -39.08
CA GLU G 128 7.33 -30.31 -39.08
C GLU G 128 7.39 -29.58 -37.72
N ARG G 129 6.63 -30.06 -36.73
CA ARG G 129 6.54 -29.32 -35.47
C ARG G 129 7.85 -29.37 -34.69
N LEU G 130 8.59 -30.48 -34.78
CA LEU G 130 9.94 -30.52 -34.23
C LEU G 130 10.84 -29.49 -34.90
N LYS G 131 10.65 -29.30 -36.20
CA LYS G 131 11.41 -28.30 -36.95
C LYS G 131 11.12 -26.89 -36.46
N LEU G 132 9.85 -26.58 -36.23
CA LEU G 132 9.52 -25.27 -35.67
C LEU G 132 10.13 -25.09 -34.30
N PHE G 133 10.03 -26.14 -33.46
CA PHE G 133 10.67 -26.11 -32.15
C PHE G 133 12.15 -25.78 -32.27
N ALA G 134 12.85 -26.53 -33.14
CA ALA G 134 14.29 -26.33 -33.29
C ALA G 134 14.62 -24.93 -33.79
N ALA G 135 13.85 -24.42 -34.76
CA ALA G 135 14.13 -23.10 -35.32
C ALA G 135 13.96 -22.01 -34.26
N GLU G 136 12.89 -22.11 -33.46
CA GLU G 136 12.68 -21.06 -32.46
C GLU G 136 13.67 -21.16 -31.31
N THR G 137 14.08 -22.38 -30.92
CA THR G 137 15.18 -22.47 -29.95
C THR G 137 16.47 -21.93 -30.54
N LEU G 138 16.67 -22.10 -31.84
CA LEU G 138 17.85 -21.56 -32.48
C LEU G 138 17.87 -20.04 -32.42
N LYS G 139 16.73 -19.38 -32.70
CA LYS G 139 16.73 -17.92 -32.52
C LYS G 139 16.90 -17.53 -31.07
N ALA G 140 16.26 -18.26 -30.16
CA ALA G 140 16.37 -17.91 -28.75
C ALA G 140 17.82 -17.98 -28.30
N THR G 141 18.54 -19.03 -28.72
CA THR G 141 19.96 -19.12 -28.42
C THR G 141 20.75 -18.05 -29.16
N GLU G 142 20.26 -17.60 -30.32
CA GLU G 142 20.90 -16.48 -31.00
C GLU G 142 20.86 -15.22 -30.15
N GLU G 143 19.67 -14.89 -29.64
CA GLU G 143 19.54 -13.71 -28.78
C GLU G 143 20.25 -13.86 -27.45
N THR G 144 20.33 -15.09 -26.93
CA THR G 144 21.15 -15.33 -25.74
C THR G 144 22.63 -15.09 -26.06
N PHE G 145 23.07 -15.53 -27.24
CA PHE G 145 24.47 -15.40 -27.62
C PHE G 145 24.88 -13.94 -27.79
N LYS G 146 24.12 -13.18 -28.57
CA LYS G 146 24.66 -11.93 -29.09
C LYS G 146 24.45 -10.76 -28.13
N LEU G 147 23.25 -10.63 -27.57
CA LEU G 147 22.99 -9.50 -26.68
C LEU G 147 23.86 -9.54 -25.43
N SER G 148 24.21 -10.73 -24.96
CA SER G 148 25.13 -10.84 -23.83
C SER G 148 26.57 -10.55 -24.20
N TYR G 149 26.87 -10.11 -25.43
CA TYR G 149 28.21 -9.70 -25.81
C TYR G 149 28.32 -8.17 -25.72
N GLY G 150 29.41 -7.63 -26.26
CA GLY G 150 29.84 -6.25 -26.04
C GLY G 150 28.81 -5.14 -26.08
N ILE G 151 28.75 -4.35 -25.00
CA ILE G 151 28.10 -3.04 -25.08
C ILE G 151 29.05 -2.07 -25.75
N ALA G 152 28.52 -1.22 -26.62
CA ALA G 152 29.36 -0.29 -27.39
C ALA G 152 29.28 1.09 -26.71
N THR G 153 30.08 1.25 -25.66
CA THR G 153 30.11 2.50 -24.90
C THR G 153 31.20 3.39 -25.47
N VAL G 154 30.91 4.00 -26.63
CA VAL G 154 31.80 4.98 -27.24
C VAL G 154 31.88 6.17 -26.30
N ARG G 155 33.10 6.50 -25.86
CA ARG G 155 33.31 7.48 -24.80
C ARG G 155 33.93 8.78 -25.31
N GLU G 156 34.18 8.90 -26.61
CA GLU G 156 34.61 10.17 -27.18
C GLU G 156 34.56 10.08 -28.71
N VAL G 157 34.54 11.24 -29.34
CA VAL G 157 34.45 11.38 -30.80
C VAL G 157 35.81 11.78 -31.36
N LEU G 158 36.26 11.08 -32.40
CA LEU G 158 37.53 11.38 -33.05
C LEU G 158 37.36 12.53 -34.05
N SER G 159 36.53 12.31 -35.08
CA SER G 159 36.19 13.33 -36.07
C SER G 159 34.82 13.05 -36.67
N ASP G 160 34.53 13.68 -37.80
CA ASP G 160 33.30 13.43 -38.55
C ASP G 160 33.21 11.96 -38.92
N ARG G 161 32.17 11.28 -38.43
CA ARG G 161 31.99 9.83 -38.62
C ARG G 161 33.20 9.07 -38.09
N GLU G 162 33.75 9.54 -36.97
CA GLU G 162 34.89 8.90 -36.32
C GLU G 162 34.62 8.88 -34.82
N LEU G 163 35.02 7.80 -34.16
CA LEU G 163 34.66 7.59 -32.76
C LEU G 163 35.79 6.88 -32.02
N HIS G 164 35.75 6.99 -30.70
CA HIS G 164 36.64 6.26 -29.80
C HIS G 164 35.84 5.22 -29.04
N LEU G 165 36.42 4.04 -28.88
CA LEU G 165 35.67 2.87 -28.46
C LEU G 165 36.05 2.46 -27.03
N SER G 166 35.02 2.10 -26.26
CA SER G 166 35.17 1.38 -25.01
C SER G 166 34.08 0.33 -25.00
N TRP G 167 34.30 -0.75 -24.27
CA TRP G 167 33.24 -1.74 -24.25
C TRP G 167 33.49 -2.67 -23.06
N GLU G 168 32.54 -3.58 -22.83
CA GLU G 168 32.43 -4.25 -21.54
C GLU G 168 33.58 -5.21 -21.26
N VAL G 169 33.90 -5.35 -19.97
CA VAL G 169 34.96 -6.23 -19.49
C VAL G 169 34.36 -7.56 -19.07
N GLY G 170 35.14 -8.63 -19.22
CA GLY G 170 34.74 -9.96 -18.80
C GLY G 170 34.02 -10.76 -19.86
N LYS G 171 33.32 -10.09 -20.77
CA LYS G 171 32.67 -10.73 -21.90
C LYS G 171 33.17 -10.09 -23.19
N PRO G 172 33.55 -10.89 -24.20
CA PRO G 172 34.14 -10.31 -25.41
C PRO G 172 33.15 -9.54 -26.25
N ARG G 173 33.66 -9.00 -27.35
CA ARG G 173 32.87 -8.06 -28.14
C ARG G 173 32.57 -8.65 -29.51
N PRO G 174 31.39 -8.41 -30.06
CA PRO G 174 31.05 -8.96 -31.37
C PRO G 174 31.79 -8.23 -32.48
N PRO G 175 31.90 -8.85 -33.65
CA PRO G 175 32.47 -8.15 -34.80
C PRO G 175 31.63 -6.95 -35.21
N LEU G 176 32.29 -5.99 -35.84
CA LEU G 176 31.66 -4.73 -36.26
C LEU G 176 31.64 -4.73 -37.79
N ASN G 177 30.62 -5.38 -38.36
CA ASN G 177 30.49 -5.52 -39.81
C ASN G 177 29.09 -5.07 -40.22
N ARG G 178 28.83 -5.15 -41.54
CA ARG G 178 27.49 -4.96 -42.04
C ARG G 178 26.55 -6.11 -41.71
N ASN G 179 27.09 -7.24 -41.27
CA ASN G 179 26.27 -8.36 -40.83
C ASN G 179 25.82 -8.23 -39.39
N TYR G 180 26.39 -7.29 -38.63
CA TYR G 180 26.10 -7.10 -37.21
C TYR G 180 25.60 -5.67 -37.03
N VAL G 181 24.28 -5.50 -36.99
CA VAL G 181 23.65 -4.19 -36.88
C VAL G 181 23.26 -3.94 -35.43
N PHE G 182 23.82 -2.89 -34.83
CA PHE G 182 23.51 -2.54 -33.45
C PHE G 182 22.24 -1.70 -33.41
N THR G 183 21.93 -1.12 -32.25
CA THR G 183 20.78 -0.22 -32.13
C THR G 183 20.98 0.68 -30.93
N GLY G 184 20.72 1.98 -31.12
CA GLY G 184 21.09 2.96 -30.14
C GLY G 184 20.04 3.26 -29.09
N TYR G 185 20.52 3.79 -27.96
CA TYR G 185 19.71 4.26 -26.86
C TYR G 185 20.39 5.48 -26.25
N ARG G 186 19.62 6.54 -26.02
CA ARG G 186 20.16 7.80 -25.48
C ARG G 186 19.84 7.87 -24.00
N VAL G 187 20.86 7.72 -23.16
CA VAL G 187 20.69 7.69 -21.71
C VAL G 187 20.64 9.12 -21.19
N THR G 188 19.65 9.38 -20.34
CA THR G 188 19.51 10.65 -19.63
C THR G 188 19.59 10.34 -18.14
N LYS G 189 19.24 11.27 -17.24
CA LYS G 189 19.43 11.05 -15.80
C LYS G 189 18.71 9.81 -15.29
N ASN G 190 17.68 9.34 -16.00
CA ASN G 190 16.93 8.17 -15.54
C ASN G 190 17.04 6.97 -16.46
N SER G 191 16.76 7.12 -17.75
CA SER G 191 16.68 5.96 -18.62
C SER G 191 17.03 6.36 -20.05
N LYS G 192 16.67 5.50 -21.01
CA LYS G 192 17.10 5.58 -22.39
C LYS G 192 16.00 6.10 -23.29
N VAL G 193 16.40 6.65 -24.44
CA VAL G 193 15.50 7.19 -25.45
C VAL G 193 15.93 6.66 -26.82
N GLN G 194 15.01 6.75 -27.79
CA GLN G 194 15.25 6.33 -29.16
C GLN G 194 16.56 6.88 -29.72
N ILE G 195 17.34 6.01 -30.39
CA ILE G 195 18.45 6.49 -31.22
C ILE G 195 18.40 5.83 -32.59
N GLY G 196 18.44 4.51 -32.63
CA GLY G 196 18.26 3.77 -33.87
C GLY G 196 19.40 2.81 -34.14
N GLU G 197 19.25 2.07 -35.24
CA GLU G 197 20.16 1.00 -35.61
C GLU G 197 21.23 1.50 -36.57
N TYR G 198 22.49 1.35 -36.18
CA TYR G 198 23.62 1.78 -37.01
C TYR G 198 24.69 0.68 -37.04
N THR G 199 25.66 0.87 -37.93
CA THR G 199 26.76 -0.05 -38.16
C THR G 199 28.07 0.59 -37.73
N PHE G 200 29.03 -0.25 -37.32
CA PHE G 200 30.38 0.19 -37.02
C PHE G 200 31.38 -0.49 -37.96
N GLU G 201 32.48 0.22 -38.23
CA GLU G 201 33.49 -0.25 -39.16
C GLU G 201 34.85 0.24 -38.67
N LYS G 202 35.89 -0.07 -39.46
CA LYS G 202 37.23 0.41 -39.18
C LYS G 202 37.26 1.94 -39.11
N GLY G 203 37.97 2.45 -38.10
CA GLY G 203 38.19 3.88 -37.98
C GLY G 203 39.64 4.24 -38.24
N ALA G 208 39.24 4.84 -32.45
CA ALA G 208 39.21 4.96 -33.92
C ALA G 208 38.17 4.02 -34.51
N VAL G 209 36.91 4.45 -34.51
CA VAL G 209 35.80 3.68 -35.07
C VAL G 209 34.97 4.59 -35.96
N VAL G 210 34.74 4.16 -37.20
CA VAL G 210 33.84 4.86 -38.12
C VAL G 210 32.50 4.15 -38.10
N TYR G 211 31.42 4.93 -38.04
CA TYR G 211 30.07 4.38 -38.07
C TYR G 211 29.39 4.78 -39.38
N ARG G 212 28.99 3.78 -40.16
CA ARG G 212 28.20 4.01 -41.38
C ARG G 212 26.73 4.04 -40.97
N GLY G 213 26.38 5.09 -40.24
CA GLY G 213 25.04 5.19 -39.68
C GLY G 213 23.98 5.31 -40.76
N THR G 214 22.78 4.88 -40.40
CA THR G 214 21.66 4.90 -41.34
C THR G 214 21.28 6.34 -41.72
N THR G 215 21.19 7.22 -40.72
CA THR G 215 20.86 8.62 -40.95
C THR G 215 21.68 9.50 -40.01
N THR G 216 21.56 10.81 -40.21
CA THR G 216 22.38 11.77 -39.48
C THR G 216 22.11 11.70 -37.99
N TYR G 217 23.16 11.90 -37.21
CA TYR G 217 23.10 11.85 -35.76
C TYR G 217 24.39 12.43 -35.20
N LYS G 218 24.27 13.11 -34.05
CA LYS G 218 25.41 13.77 -33.41
C LYS G 218 25.39 13.44 -31.92
N LEU G 219 26.30 12.56 -31.49
CA LEU G 219 26.30 12.05 -30.13
C LEU G 219 27.56 12.45 -29.39
N ASN G 220 27.37 13.00 -28.18
CA ASN G 220 28.47 13.27 -27.26
C ASN G 220 28.67 12.08 -26.36
N VAL G 221 29.45 12.24 -25.29
CA VAL G 221 29.81 11.13 -24.41
C VAL G 221 28.63 10.74 -23.54
N GLY G 222 28.67 9.52 -23.00
CA GLY G 222 27.61 8.98 -22.17
C GLY G 222 26.74 7.93 -22.83
N ASP G 223 26.47 8.09 -24.11
CA ASP G 223 25.68 7.11 -24.84
C ASP G 223 26.42 5.78 -24.96
N TYR G 224 25.64 4.70 -25.09
CA TYR G 224 26.23 3.43 -25.51
C TYR G 224 25.23 2.63 -26.33
N PHE G 225 25.78 1.72 -27.13
CA PHE G 225 25.02 0.97 -28.13
C PHE G 225 25.11 -0.53 -27.86
N VAL G 226 24.01 -1.23 -28.17
CA VAL G 226 23.96 -2.69 -28.23
C VAL G 226 23.15 -3.04 -29.48
N LEU G 227 23.05 -4.32 -29.81
CA LEU G 227 22.22 -4.76 -30.93
C LEU G 227 20.96 -5.39 -30.35
N THR G 228 19.84 -4.67 -30.49
CA THR G 228 18.59 -5.11 -29.91
C THR G 228 18.00 -6.28 -30.68
N SER G 229 17.08 -7.00 -30.04
CA SER G 229 16.42 -8.14 -30.66
C SER G 229 14.97 -8.21 -30.22
N HIS G 230 14.30 -9.34 -30.52
CA HIS G 230 12.93 -9.55 -30.12
C HIS G 230 12.91 -10.58 -29.01
N THR G 231 11.70 -10.98 -28.61
CA THR G 231 11.46 -12.14 -27.76
C THR G 231 10.54 -13.06 -28.56
N VAL G 232 11.13 -13.89 -29.42
CA VAL G 232 10.37 -14.60 -30.43
C VAL G 232 9.38 -15.55 -29.78
N MET G 233 8.12 -15.45 -30.19
CA MET G 233 7.06 -16.35 -29.75
C MET G 233 7.06 -17.62 -30.59
N PRO G 234 6.35 -18.66 -30.14
CA PRO G 234 6.12 -19.82 -31.03
C PRO G 234 5.33 -19.41 -32.26
N LEU G 235 5.55 -20.14 -33.37
CA LEU G 235 4.92 -19.84 -34.64
C LEU G 235 3.59 -20.58 -34.79
N SER G 236 3.05 -20.63 -36.01
CA SER G 236 1.77 -21.29 -36.20
C SER G 236 1.77 -22.31 -37.35
N ALA G 237 2.55 -22.09 -38.39
CA ALA G 237 2.37 -22.76 -39.66
C ALA G 237 3.64 -23.45 -40.15
N PRO G 238 3.51 -24.42 -41.07
CA PRO G 238 4.70 -25.09 -41.62
C PRO G 238 5.48 -24.22 -42.60
N THR G 239 6.64 -24.74 -43.00
CA THR G 239 7.46 -24.09 -44.01
C THR G 239 6.74 -24.04 -45.36
N LEU G 240 6.07 -25.11 -45.75
CA LEU G 240 5.38 -25.13 -47.03
C LEU G 240 4.04 -25.85 -46.89
N VAL G 241 3.12 -25.49 -47.77
CA VAL G 241 1.76 -26.01 -47.84
C VAL G 241 1.77 -27.38 -48.53
N PRO G 242 0.73 -28.20 -48.40
CA PRO G 242 0.72 -29.46 -49.15
C PRO G 242 0.46 -29.23 -50.62
N GLN G 243 1.12 -30.03 -51.46
CA GLN G 243 1.18 -29.79 -52.90
C GLN G 243 -0.16 -30.09 -53.57
N GLU G 244 -0.25 -29.76 -54.86
CA GLU G 244 -1.45 -29.93 -55.66
C GLU G 244 -1.07 -30.50 -57.02
N HIS G 245 -1.96 -31.32 -57.57
CA HIS G 245 -1.84 -31.80 -58.94
C HIS G 245 -3.23 -31.80 -59.59
N TYR G 246 -3.98 -30.72 -59.41
CA TYR G 246 -5.34 -30.61 -59.93
C TYR G 246 -5.31 -30.15 -61.39
N VAL G 247 -6.51 -29.90 -61.93
CA VAL G 247 -6.67 -29.58 -63.35
C VAL G 247 -6.71 -28.07 -63.62
N ARG G 248 -7.04 -27.26 -62.63
CA ARG G 248 -7.44 -25.89 -62.86
C ARG G 248 -6.38 -24.90 -62.40
N ILE G 249 -6.23 -23.82 -63.16
CA ILE G 249 -5.56 -22.62 -62.67
C ILE G 249 -6.61 -21.95 -61.80
N THR G 250 -6.59 -22.26 -60.50
CA THR G 250 -7.74 -22.04 -59.65
C THR G 250 -7.84 -20.58 -59.23
N GLY G 251 -9.04 -20.02 -59.39
CA GLY G 251 -9.36 -18.71 -58.85
C GLY G 251 -8.93 -17.52 -59.68
N LEU G 252 -8.40 -17.73 -60.88
CA LEU G 252 -7.92 -16.60 -61.67
C LEU G 252 -8.59 -16.51 -63.03
N TYR G 253 -8.14 -15.55 -63.85
CA TYR G 253 -8.88 -15.09 -65.03
C TYR G 253 -8.01 -15.21 -66.27
N PRO G 254 -8.43 -15.95 -67.29
CA PRO G 254 -7.55 -16.22 -68.44
C PRO G 254 -7.11 -14.94 -69.15
N THR G 255 -6.06 -15.09 -69.95
CA THR G 255 -5.26 -13.97 -70.44
C THR G 255 -5.63 -13.59 -71.86
N LEU G 256 -5.64 -12.28 -72.12
CA LEU G 256 -5.87 -11.72 -73.45
C LEU G 256 -4.66 -10.99 -74.00
N ASN G 257 -4.00 -10.18 -73.18
CA ASN G 257 -2.87 -9.36 -73.63
C ASN G 257 -1.59 -9.78 -72.92
N ILE G 258 -0.48 -9.68 -73.65
CA ILE G 258 0.85 -9.98 -73.09
C ILE G 258 1.89 -9.37 -74.03
N SER G 259 3.08 -9.12 -73.48
CA SER G 259 4.18 -8.59 -74.27
C SER G 259 5.13 -9.70 -74.68
N ASP G 260 5.72 -9.57 -75.86
CA ASP G 260 6.59 -10.60 -76.42
C ASP G 260 7.91 -10.76 -75.68
N GLU G 261 8.26 -9.84 -74.79
CA GLU G 261 9.41 -10.07 -73.91
C GLU G 261 9.09 -11.14 -72.87
N PHE G 262 7.82 -11.29 -72.51
CA PHE G 262 7.37 -12.30 -71.55
C PHE G 262 7.12 -13.65 -72.20
N SER G 263 7.74 -13.91 -73.36
CA SER G 263 7.54 -15.19 -74.05
C SER G 263 7.99 -16.35 -73.17
N SER G 264 9.17 -16.24 -72.56
CA SER G 264 9.63 -17.25 -71.63
C SER G 264 8.88 -17.23 -70.31
N ASN G 265 8.10 -16.17 -70.07
CA ASN G 265 7.37 -16.02 -68.82
C ASN G 265 6.04 -16.78 -68.83
N VAL G 266 5.34 -16.77 -69.97
CA VAL G 266 4.01 -17.37 -70.03
C VAL G 266 4.07 -18.87 -69.77
N ALA G 267 5.07 -19.54 -70.34
CA ALA G 267 5.18 -20.99 -70.17
C ALA G 267 5.37 -21.38 -68.71
N ASN G 268 5.98 -20.50 -67.91
CA ASN G 268 6.15 -20.77 -66.49
C ASN G 268 5.02 -20.22 -65.64
N TYR G 269 4.23 -19.28 -66.16
CA TYR G 269 3.08 -18.78 -65.41
C TYR G 269 2.04 -19.87 -65.19
N GLN G 270 1.85 -20.75 -66.18
CA GLN G 270 0.84 -21.79 -66.05
C GLN G 270 1.18 -22.74 -64.92
N LYS G 271 2.45 -23.17 -64.81
CA LYS G 271 2.84 -24.16 -63.82
C LYS G 271 2.68 -23.62 -62.39
N VAL G 272 3.02 -22.35 -62.16
CA VAL G 272 2.78 -21.79 -60.82
C VAL G 272 1.28 -21.68 -60.57
N GLY G 273 0.46 -21.78 -61.61
CA GLY G 273 -0.97 -21.58 -61.46
C GLY G 273 -1.81 -22.83 -61.35
N MET G 274 -1.42 -23.91 -62.04
CA MET G 274 -2.25 -25.11 -62.02
C MET G 274 -2.00 -25.99 -60.79
N GLN G 275 -0.91 -25.78 -60.08
CA GLN G 275 -0.60 -26.59 -58.91
C GLN G 275 -0.09 -25.69 -57.79
N LYS G 276 -0.23 -26.19 -56.55
CA LYS G 276 -0.07 -25.41 -55.33
C LYS G 276 1.15 -24.51 -55.32
N TYR G 277 2.33 -25.06 -55.55
CA TYR G 277 3.54 -24.26 -55.54
C TYR G 277 4.54 -24.76 -56.56
N SER G 278 5.20 -23.82 -57.23
CA SER G 278 6.38 -24.09 -58.02
C SER G 278 7.54 -23.39 -57.33
N THR G 279 8.51 -24.15 -56.83
CA THR G 279 9.61 -23.56 -56.08
C THR G 279 10.57 -22.85 -57.03
N LEU G 280 10.74 -21.54 -56.82
CA LEU G 280 11.46 -20.69 -57.75
C LEU G 280 12.96 -20.83 -57.51
N GLN G 281 13.67 -21.33 -58.52
CA GLN G 281 15.13 -21.35 -58.53
C GLN G 281 15.62 -20.33 -59.53
N GLY G 282 16.67 -19.59 -59.18
CA GLY G 282 17.14 -18.56 -60.05
C GLY G 282 18.63 -18.33 -60.07
N PRO G 283 19.22 -18.46 -61.25
CA PRO G 283 20.58 -17.96 -61.45
C PRO G 283 20.58 -16.45 -61.42
N PRO G 284 21.72 -15.83 -61.11
CA PRO G 284 21.75 -14.38 -60.99
C PRO G 284 21.38 -13.64 -62.28
N GLY G 285 20.25 -12.95 -62.26
CA GLY G 285 19.85 -12.08 -63.34
C GLY G 285 19.29 -12.74 -64.58
N THR G 286 18.28 -13.60 -64.41
CA THR G 286 17.60 -14.21 -65.55
C THR G 286 16.22 -13.60 -65.81
N GLY G 287 15.88 -12.51 -65.14
CA GLY G 287 14.56 -11.94 -65.27
C GLY G 287 13.54 -12.49 -64.29
N LYS G 288 14.00 -13.08 -63.19
CA LYS G 288 13.08 -13.60 -62.17
C LYS G 288 12.19 -12.50 -61.61
N SER G 289 12.80 -11.35 -61.30
CA SER G 289 12.02 -10.19 -60.88
C SER G 289 11.10 -9.74 -62.00
N HIS G 290 11.63 -9.62 -63.22
CA HIS G 290 10.82 -9.33 -64.39
C HIS G 290 9.70 -10.35 -64.53
N PHE G 291 10.02 -11.62 -64.30
CA PHE G 291 8.98 -12.64 -64.21
C PHE G 291 8.08 -12.40 -63.00
N ALA G 292 8.66 -12.02 -61.86
CA ALA G 292 7.88 -11.84 -60.63
C ALA G 292 6.94 -10.65 -60.71
N ILE G 293 7.27 -9.64 -61.51
CA ILE G 293 6.33 -8.56 -61.78
C ILE G 293 5.42 -8.93 -62.95
N GLY G 294 5.85 -9.89 -63.77
CA GLY G 294 5.06 -10.30 -64.91
C GLY G 294 3.88 -11.18 -64.58
N LEU G 295 3.86 -11.79 -63.38
CA LEU G 295 2.67 -12.54 -62.97
C LEU G 295 1.44 -11.65 -62.97
N ALA G 296 1.55 -10.46 -62.37
CA ALA G 296 0.46 -9.50 -62.42
C ALA G 296 0.31 -8.91 -63.81
N LEU G 297 1.40 -8.81 -64.57
CA LEU G 297 1.29 -8.44 -65.98
C LEU G 297 0.52 -9.49 -66.76
N TYR G 298 0.74 -10.78 -66.45
CA TYR G 298 0.01 -11.85 -67.10
C TYR G 298 -1.41 -11.97 -66.55
N TYR G 299 -1.57 -11.89 -65.23
CA TYR G 299 -2.89 -11.88 -64.59
C TYR G 299 -3.06 -10.55 -63.88
N PRO G 300 -3.73 -9.57 -64.49
CA PRO G 300 -3.91 -8.27 -63.84
C PRO G 300 -4.98 -8.25 -62.75
N SER G 301 -5.65 -9.37 -62.50
CA SER G 301 -6.65 -9.45 -61.44
C SER G 301 -6.12 -10.17 -60.20
N ALA G 302 -4.83 -10.49 -60.15
CA ALA G 302 -4.27 -11.31 -59.10
C ALA G 302 -3.74 -10.46 -57.95
N ARG G 303 -3.85 -10.98 -56.74
CA ARG G 303 -3.27 -10.36 -55.57
C ARG G 303 -1.93 -11.05 -55.27
N ILE G 304 -0.83 -10.29 -55.38
CA ILE G 304 0.51 -10.81 -55.26
C ILE G 304 1.23 -10.10 -54.12
N VAL G 305 1.74 -10.86 -53.17
CA VAL G 305 2.25 -10.32 -51.90
C VAL G 305 3.77 -10.31 -51.96
N TYR G 306 4.35 -9.12 -52.11
CA TYR G 306 5.79 -8.96 -52.17
C TYR G 306 6.38 -9.17 -50.78
N THR G 307 7.26 -10.17 -50.66
CA THR G 307 8.03 -10.43 -49.45
C THR G 307 9.49 -10.60 -49.82
N ALA G 308 10.36 -10.71 -48.81
CA ALA G 308 11.79 -10.89 -49.04
C ALA G 308 12.52 -11.29 -47.76
N CYS G 309 13.85 -11.24 -47.81
CA CYS G 309 14.65 -11.28 -46.59
C CYS G 309 14.54 -9.97 -45.84
N SER G 310 14.90 -8.86 -46.48
CA SER G 310 14.68 -7.52 -45.96
C SER G 310 13.98 -6.69 -47.03
N HIS G 311 13.56 -5.49 -46.65
CA HIS G 311 12.95 -4.57 -47.62
C HIS G 311 13.90 -4.28 -48.77
N ALA G 312 15.21 -4.38 -48.53
CA ALA G 312 16.19 -4.02 -49.55
C ALA G 312 16.03 -4.85 -50.81
N ALA G 313 15.44 -6.05 -50.69
CA ALA G 313 15.10 -6.84 -51.86
C ALA G 313 13.78 -6.43 -52.48
N VAL G 314 12.75 -6.14 -51.68
CA VAL G 314 11.52 -5.61 -52.23
C VAL G 314 11.75 -4.21 -52.78
N ASP G 315 12.72 -3.48 -52.22
CA ASP G 315 13.08 -2.19 -52.78
C ASP G 315 13.51 -2.31 -54.23
N ALA G 316 14.10 -3.46 -54.61
CA ALA G 316 14.32 -3.74 -56.01
C ALA G 316 13.01 -4.04 -56.72
N LEU G 317 12.15 -4.84 -56.09
CA LEU G 317 10.79 -5.03 -56.60
C LEU G 317 9.96 -3.76 -56.52
N CYS G 318 10.39 -2.79 -55.71
CA CYS G 318 9.81 -1.45 -55.74
C CYS G 318 10.42 -0.57 -56.81
N GLU G 319 11.70 -0.80 -57.13
CA GLU G 319 12.34 -0.04 -58.20
C GLU G 319 11.68 -0.31 -59.55
N LYS G 320 11.40 -1.58 -59.83
CA LYS G 320 10.81 -1.98 -61.10
C LYS G 320 9.30 -1.87 -61.11
N ALA G 321 8.65 -1.71 -59.95
CA ALA G 321 7.21 -1.50 -59.93
C ALA G 321 6.83 -0.18 -60.59
N LEU G 322 7.71 0.82 -60.52
CA LEU G 322 7.49 2.06 -61.25
C LEU G 322 7.55 1.83 -62.76
N LYS G 323 8.20 0.74 -63.18
CA LYS G 323 8.39 0.48 -64.60
C LYS G 323 7.16 -0.13 -65.26
N TYR G 324 6.40 -0.95 -64.53
CA TYR G 324 5.38 -1.78 -65.15
C TYR G 324 3.96 -1.45 -64.69
N LEU G 325 3.70 -1.43 -63.39
CA LEU G 325 2.31 -1.45 -62.96
C LEU G 325 1.85 -0.08 -62.47
N PRO G 326 0.55 0.22 -62.60
CA PRO G 326 0.03 1.49 -62.10
C PRO G 326 0.19 1.61 -60.59
N ILE G 327 0.30 2.87 -60.13
CA ILE G 327 0.52 3.14 -58.71
C ILE G 327 -0.77 3.13 -57.90
N ASP G 328 -1.91 2.91 -58.54
CA ASP G 328 -3.20 2.95 -57.86
C ASP G 328 -3.61 1.62 -57.24
N LYS G 329 -2.78 0.58 -57.37
CA LYS G 329 -3.14 -0.75 -56.87
C LYS G 329 -2.08 -1.32 -55.95
N CYS G 330 -1.29 -0.48 -55.28
CA CYS G 330 -0.13 -0.94 -54.53
C CYS G 330 -0.01 -0.17 -53.22
N SER G 331 0.75 -0.76 -52.29
CA SER G 331 0.99 -0.14 -51.00
C SER G 331 2.28 -0.69 -50.41
N ARG G 332 3.22 0.19 -50.08
CA ARG G 332 4.47 -0.17 -49.43
C ARG G 332 4.33 0.09 -47.94
N ILE G 333 4.34 -0.98 -47.15
CA ILE G 333 4.13 -0.88 -45.70
C ILE G 333 5.48 -1.10 -45.01
N ILE G 334 5.79 -0.23 -44.05
CA ILE G 334 7.08 -0.27 -43.35
C ILE G 334 6.82 -0.25 -41.84
N PRO G 335 7.68 -0.87 -41.04
CA PRO G 335 7.53 -0.78 -39.59
C PRO G 335 7.78 0.62 -39.07
N ALA G 336 7.16 0.92 -37.93
CA ALA G 336 7.29 2.23 -37.30
C ALA G 336 8.67 2.41 -36.67
N VAL G 340 12.69 3.81 -40.13
CA VAL G 340 13.82 3.35 -40.94
C VAL G 340 13.87 4.11 -42.26
N GLU G 341 15.04 4.08 -42.91
CA GLU G 341 15.25 4.76 -44.19
C GLU G 341 15.33 3.73 -45.30
N CYS G 342 14.22 3.58 -46.02
CA CYS G 342 14.08 2.55 -47.04
C CYS G 342 13.38 3.12 -48.27
N PHE G 343 13.05 2.27 -49.23
CA PHE G 343 12.35 2.70 -50.43
C PHE G 343 10.84 2.54 -50.23
N ASP G 344 10.10 3.55 -50.64
CA ASP G 344 8.65 3.61 -50.46
C ASP G 344 8.06 4.31 -51.69
N LYS G 345 7.65 3.50 -52.68
CA LYS G 345 7.03 4.06 -53.87
C LYS G 345 5.55 4.33 -53.69
N PHE G 346 4.98 3.92 -52.56
CA PHE G 346 3.53 3.96 -52.38
C PHE G 346 3.18 4.44 -50.99
N LYS G 347 1.93 4.20 -50.57
CA LYS G 347 1.44 4.60 -49.26
C LYS G 347 1.68 3.46 -48.27
N VAL G 348 1.68 3.80 -46.99
CA VAL G 348 1.95 2.85 -45.92
C VAL G 348 0.64 2.44 -45.26
N ASN G 349 0.60 1.18 -44.81
CA ASN G 349 -0.48 0.61 -44.02
C ASN G 349 -1.79 0.44 -44.79
N SER G 350 -1.71 0.38 -46.13
CA SER G 350 -2.88 0.04 -46.94
C SER G 350 -2.79 -1.44 -47.29
N THR G 351 -3.16 -2.28 -46.32
CA THR G 351 -3.09 -3.73 -46.52
C THR G 351 -4.16 -4.21 -47.49
N LEU G 352 -5.32 -3.56 -47.50
CA LEU G 352 -6.46 -4.06 -48.26
C LEU G 352 -6.31 -3.78 -49.76
N GLU G 353 -5.11 -3.40 -50.18
CA GLU G 353 -4.83 -3.10 -51.58
C GLU G 353 -4.23 -4.31 -52.28
N GLN G 354 -4.46 -4.39 -53.60
CA GLN G 354 -4.15 -5.58 -54.37
C GLN G 354 -2.67 -5.96 -54.25
N TYR G 355 -1.77 -5.02 -54.51
CA TYR G 355 -0.36 -5.29 -54.37
C TYR G 355 0.06 -5.10 -52.91
N VAL G 356 0.73 -6.11 -52.36
CA VAL G 356 1.15 -6.09 -50.96
C VAL G 356 2.67 -6.08 -50.96
N PHE G 357 3.25 -4.88 -50.96
CA PHE G 357 4.69 -4.67 -50.90
C PHE G 357 5.12 -4.74 -49.44
N CYS G 358 5.88 -5.76 -49.08
CA CYS G 358 6.29 -5.91 -47.68
C CYS G 358 7.42 -6.91 -47.49
N THR G 359 7.71 -7.24 -46.23
CA THR G 359 8.70 -8.24 -45.87
C THR G 359 8.24 -8.94 -44.59
N VAL G 360 8.81 -10.11 -44.34
CA VAL G 360 8.37 -11.02 -43.27
C VAL G 360 8.26 -10.32 -41.92
N ASN G 361 8.90 -9.16 -41.80
CA ASN G 361 8.95 -8.44 -40.53
C ASN G 361 7.75 -7.51 -40.30
N ALA G 362 6.90 -7.28 -41.31
CA ALA G 362 5.86 -6.29 -41.15
C ALA G 362 4.44 -6.81 -41.34
N LEU G 363 4.21 -7.54 -42.42
CA LEU G 363 2.85 -7.72 -42.95
C LEU G 363 1.92 -8.36 -41.92
N PRO G 364 0.72 -7.81 -41.72
CA PRO G 364 -0.29 -8.47 -40.88
C PRO G 364 -0.86 -9.70 -41.58
N GLU G 365 -1.38 -10.62 -40.78
CA GLU G 365 -1.90 -11.88 -41.31
C GLU G 365 -3.16 -11.61 -42.13
N THR G 366 -3.10 -11.93 -43.43
CA THR G 366 -4.26 -11.87 -44.30
C THR G 366 -4.30 -13.09 -45.21
N THR G 367 -5.19 -13.08 -46.18
CA THR G 367 -5.25 -14.11 -47.21
C THR G 367 -5.05 -13.47 -48.58
N ALA G 368 -4.39 -14.19 -49.48
CA ALA G 368 -4.07 -13.64 -50.79
C ALA G 368 -4.02 -14.78 -51.80
N ASP G 369 -3.71 -14.43 -53.04
CA ASP G 369 -3.63 -15.40 -54.13
C ASP G 369 -2.21 -15.93 -54.30
N ILE G 370 -1.27 -15.03 -54.51
CA ILE G 370 0.13 -15.39 -54.65
C ILE G 370 0.95 -14.55 -53.68
N VAL G 371 1.89 -15.20 -53.01
CA VAL G 371 2.87 -14.54 -52.15
C VAL G 371 4.23 -14.78 -52.77
N VAL G 372 4.81 -13.74 -53.35
CA VAL G 372 6.14 -13.83 -53.94
C VAL G 372 7.19 -13.72 -52.85
N PHE G 373 7.67 -14.87 -52.38
CA PHE G 373 8.77 -14.89 -51.40
C PHE G 373 10.08 -14.68 -52.15
N ASP G 374 10.74 -13.54 -51.92
CA ASP G 374 11.93 -13.18 -52.65
C ASP G 374 13.19 -13.55 -51.86
N GLU G 375 14.17 -14.14 -52.56
CA GLU G 375 15.49 -14.43 -52.02
C GLU G 375 15.39 -15.35 -50.80
N ILE G 376 15.01 -16.61 -51.04
CA ILE G 376 14.76 -17.55 -49.95
C ILE G 376 16.02 -17.96 -49.19
N SER G 377 17.16 -18.12 -49.88
CA SER G 377 18.31 -18.77 -49.25
C SER G 377 18.82 -18.00 -48.04
N MET G 378 18.76 -16.66 -48.05
CA MET G 378 19.10 -15.88 -46.87
C MET G 378 17.99 -15.83 -45.84
N ALA G 379 17.04 -16.76 -45.90
CA ALA G 379 16.00 -16.92 -44.90
C ALA G 379 15.99 -18.36 -44.41
N THR G 380 15.95 -18.52 -43.09
CA THR G 380 15.92 -19.84 -42.48
C THR G 380 14.47 -20.30 -42.34
N ASN G 381 14.29 -21.51 -41.79
CA ASN G 381 12.96 -22.10 -41.66
C ASN G 381 11.97 -21.18 -40.99
N TYR G 382 12.41 -20.44 -39.97
CA TYR G 382 11.52 -19.63 -39.14
C TYR G 382 10.89 -18.50 -39.93
N ASP G 383 11.71 -17.56 -40.41
CA ASP G 383 11.14 -16.46 -41.19
C ASP G 383 10.63 -16.93 -42.53
N LEU G 384 10.93 -18.17 -42.92
CA LEU G 384 10.27 -18.71 -44.10
C LEU G 384 8.85 -19.14 -43.76
N SER G 385 8.63 -19.66 -42.55
CA SER G 385 7.30 -20.13 -42.16
C SER G 385 6.44 -19.05 -41.55
N VAL G 386 6.99 -17.87 -41.22
CA VAL G 386 6.18 -16.81 -40.63
C VAL G 386 5.15 -16.32 -41.64
N VAL G 387 5.50 -16.32 -42.93
CA VAL G 387 4.54 -15.91 -43.95
C VAL G 387 3.43 -16.95 -44.09
N ASN G 388 3.76 -18.23 -44.03
CA ASN G 388 2.73 -19.27 -44.07
C ASN G 388 1.72 -19.12 -42.95
N ALA G 389 2.16 -18.64 -41.78
CA ALA G 389 1.22 -18.34 -40.70
C ALA G 389 0.42 -17.08 -41.03
N ARG G 390 1.08 -16.04 -41.52
CA ARG G 390 0.37 -14.80 -41.81
C ARG G 390 -0.50 -14.94 -43.05
N LEU G 391 0.03 -15.53 -44.12
CA LEU G 391 -0.68 -15.65 -45.39
C LEU G 391 -1.04 -17.10 -45.65
N ARG G 392 -2.34 -17.37 -45.79
CA ARG G 392 -2.83 -18.66 -46.25
C ARG G 392 -3.24 -18.55 -47.72
N ALA G 393 -2.24 -18.51 -48.60
CA ALA G 393 -2.50 -18.35 -50.02
C ALA G 393 -2.62 -19.70 -50.72
N LYS G 394 -3.26 -19.69 -51.89
CA LYS G 394 -3.51 -20.93 -52.62
C LYS G 394 -2.39 -21.25 -53.61
N HIS G 395 -1.46 -20.34 -53.83
CA HIS G 395 -0.31 -20.59 -54.70
C HIS G 395 0.91 -19.86 -54.16
N TYR G 396 2.08 -20.48 -54.36
CA TYR G 396 3.33 -20.02 -53.77
C TYR G 396 4.38 -19.80 -54.86
N VAL G 397 5.17 -18.74 -54.69
CA VAL G 397 6.27 -18.39 -55.59
C VAL G 397 7.48 -18.02 -54.75
N TYR G 398 8.46 -18.92 -54.69
CA TYR G 398 9.62 -18.78 -53.80
C TYR G 398 10.85 -18.21 -54.50
N ILE G 399 10.83 -16.95 -54.91
CA ILE G 399 11.98 -16.36 -55.58
C ILE G 399 13.22 -16.50 -54.70
N GLY G 400 14.28 -17.06 -55.27
CA GLY G 400 15.51 -17.32 -54.54
C GLY G 400 16.20 -18.53 -55.12
N ASP G 401 17.28 -18.93 -54.47
CA ASP G 401 17.93 -20.21 -54.77
C ASP G 401 18.93 -20.51 -53.66
N PRO G 402 18.89 -21.71 -53.07
CA PRO G 402 19.93 -22.10 -52.10
C PRO G 402 21.32 -22.03 -52.70
N ALA G 403 21.39 -22.15 -54.03
CA ALA G 403 22.67 -22.15 -54.71
C ALA G 403 23.42 -20.83 -54.55
N GLN G 404 22.77 -19.75 -54.11
CA GLN G 404 23.53 -18.51 -53.96
C GLN G 404 24.29 -18.44 -52.66
N LEU G 405 23.59 -18.19 -51.54
CA LEU G 405 24.24 -17.93 -50.24
C LEU G 405 23.18 -17.99 -49.15
N PRO G 406 23.50 -18.52 -47.97
CA PRO G 406 22.49 -18.64 -46.92
C PRO G 406 22.37 -17.40 -46.03
N ALA G 407 21.48 -17.47 -45.05
CA ALA G 407 21.40 -16.44 -44.03
C ALA G 407 22.58 -16.55 -43.06
N PRO G 408 23.13 -15.43 -42.61
CA PRO G 408 24.31 -15.47 -41.74
C PRO G 408 23.94 -16.02 -40.37
N ARG G 409 24.44 -17.21 -40.06
CA ARG G 409 24.20 -17.80 -38.74
C ARG G 409 25.49 -17.63 -37.97
N THR G 410 25.41 -16.94 -36.83
CA THR G 410 26.62 -16.64 -36.06
C THR G 410 27.25 -17.89 -35.47
N LEU G 411 26.53 -19.01 -35.43
CA LEU G 411 27.00 -20.25 -34.81
C LEU G 411 27.56 -21.25 -35.81
N LEU G 412 28.06 -20.78 -36.96
CA LEU G 412 28.91 -21.62 -37.82
C LEU G 412 30.31 -21.68 -37.23
N THR G 413 30.63 -22.79 -36.57
CA THR G 413 31.95 -22.92 -35.96
C THR G 413 32.75 -24.02 -36.63
N LYS G 414 32.23 -25.24 -36.62
CA LYS G 414 32.92 -26.39 -37.20
C LYS G 414 32.06 -26.97 -38.31
N GLY G 415 32.62 -27.06 -39.51
CA GLY G 415 31.85 -27.40 -40.69
C GLY G 415 30.98 -26.25 -41.14
N THR G 416 30.71 -26.23 -42.44
CA THR G 416 29.93 -25.17 -43.05
C THR G 416 28.67 -25.76 -43.65
N LEU G 417 27.52 -25.13 -43.38
CA LEU G 417 26.25 -25.67 -43.83
C LEU G 417 26.21 -25.71 -45.35
N GLU G 418 25.90 -26.89 -45.88
CA GLU G 418 25.76 -27.10 -47.30
C GLU G 418 24.42 -26.53 -47.78
N PRO G 419 24.32 -26.17 -49.06
CA PRO G 419 23.04 -25.66 -49.57
C PRO G 419 21.89 -26.64 -49.44
N GLU G 420 22.17 -27.93 -49.21
CA GLU G 420 21.11 -28.90 -49.03
C GLU G 420 20.34 -28.68 -47.73
N TYR G 421 20.89 -27.88 -46.81
CA TYR G 421 20.29 -27.73 -45.49
C TYR G 421 20.01 -26.28 -45.11
N PHE G 422 19.95 -25.37 -46.08
CA PHE G 422 19.70 -23.96 -45.76
C PHE G 422 18.29 -23.76 -45.19
N ASN G 423 17.31 -24.45 -45.76
CA ASN G 423 15.93 -24.40 -45.29
C ASN G 423 15.25 -25.70 -45.73
N SER G 424 13.93 -25.74 -45.67
CA SER G 424 13.23 -26.91 -46.23
C SER G 424 13.17 -26.83 -47.75
N VAL G 425 12.94 -25.63 -48.29
CA VAL G 425 12.85 -25.45 -49.73
C VAL G 425 14.19 -25.68 -50.40
N CYS G 426 15.29 -25.46 -49.66
CA CYS G 426 16.61 -25.53 -50.28
C CYS G 426 16.93 -26.92 -50.81
N ARG G 427 16.61 -27.97 -50.06
CA ARG G 427 16.80 -29.32 -50.56
C ARG G 427 15.64 -29.80 -51.42
N LEU G 428 14.52 -29.09 -51.41
CA LEU G 428 13.39 -29.47 -52.26
C LEU G 428 13.79 -29.49 -53.73
N MET G 429 14.60 -28.53 -54.16
CA MET G 429 15.07 -28.47 -55.54
C MET G 429 16.16 -29.49 -55.84
N LYS G 430 16.77 -30.09 -54.82
CA LYS G 430 17.74 -31.15 -55.01
C LYS G 430 17.14 -32.53 -54.81
N THR G 431 15.85 -32.60 -54.51
CA THR G 431 15.15 -33.87 -54.32
C THR G 431 14.09 -34.06 -55.40
N ILE G 432 13.14 -33.13 -55.49
CA ILE G 432 12.15 -33.15 -56.56
C ILE G 432 12.63 -32.41 -57.80
N GLY G 433 13.69 -31.62 -57.67
CA GLY G 433 14.13 -30.78 -58.75
C GLY G 433 13.37 -29.47 -58.74
N PRO G 434 13.88 -28.47 -59.47
CA PRO G 434 13.19 -27.18 -59.53
C PRO G 434 12.04 -27.24 -60.52
N ASP G 435 10.91 -26.64 -60.15
CA ASP G 435 9.75 -26.61 -61.02
C ASP G 435 9.82 -25.41 -61.96
N MET G 436 10.96 -24.71 -61.95
CA MET G 436 11.17 -23.50 -62.74
C MET G 436 12.29 -23.70 -63.73
N PHE G 437 12.22 -22.98 -64.85
CA PHE G 437 13.35 -22.94 -65.79
C PHE G 437 13.29 -21.65 -66.61
N LEU G 438 14.30 -20.81 -66.44
CA LEU G 438 14.46 -19.62 -67.27
C LEU G 438 15.88 -19.61 -67.81
N GLY G 439 16.01 -19.79 -69.12
CA GLY G 439 17.32 -20.00 -69.72
C GLY G 439 17.98 -18.78 -70.29
N THR G 440 17.25 -17.68 -70.41
CA THR G 440 17.78 -16.43 -70.94
C THR G 440 18.34 -15.61 -69.80
N CYS G 441 19.64 -15.74 -69.55
CA CYS G 441 20.33 -14.98 -68.52
C CYS G 441 20.94 -13.75 -69.15
N ARG G 442 20.35 -12.58 -68.86
CA ARG G 442 20.83 -11.33 -69.43
C ARG G 442 22.05 -10.79 -68.70
N ARG G 443 22.48 -11.45 -67.62
CA ARG G 443 23.56 -10.94 -66.78
C ARG G 443 24.90 -10.80 -67.50
N CYS G 444 25.48 -11.91 -67.92
CA CYS G 444 26.91 -11.95 -68.22
C CYS G 444 27.16 -12.44 -69.64
N PRO G 445 28.33 -12.10 -70.22
CA PRO G 445 28.65 -12.55 -71.57
C PRO G 445 29.23 -13.96 -71.60
N ALA G 446 29.74 -14.37 -72.77
CA ALA G 446 30.13 -15.75 -73.02
C ALA G 446 31.11 -16.31 -71.99
N GLU G 447 31.74 -15.46 -71.19
CA GLU G 447 32.72 -15.95 -70.24
C GLU G 447 32.09 -16.62 -69.02
N ILE G 448 31.30 -15.88 -68.25
CA ILE G 448 30.92 -16.34 -66.92
C ILE G 448 29.70 -17.27 -66.97
N VAL G 449 28.69 -16.93 -67.77
CA VAL G 449 27.49 -17.77 -67.82
C VAL G 449 27.84 -19.17 -68.29
N ASP G 450 28.67 -19.28 -69.33
CA ASP G 450 29.16 -20.58 -69.75
C ASP G 450 29.99 -21.25 -68.65
N THR G 451 30.56 -20.46 -67.75
CA THR G 451 31.48 -20.98 -66.74
C THR G 451 30.77 -21.43 -65.47
N VAL G 452 29.80 -20.66 -64.98
CA VAL G 452 29.07 -21.06 -63.79
C VAL G 452 28.23 -22.31 -64.01
N SER G 453 28.02 -22.70 -65.27
CA SER G 453 27.27 -23.89 -65.61
C SER G 453 27.86 -25.13 -64.96
N ALA G 454 29.09 -25.47 -65.33
CA ALA G 454 29.73 -26.68 -64.80
C ALA G 454 30.14 -26.53 -63.35
N LEU G 455 30.05 -25.32 -62.80
CA LEU G 455 30.38 -25.12 -61.39
C LEU G 455 29.44 -25.94 -60.51
N VAL G 456 28.17 -25.54 -60.44
CA VAL G 456 27.13 -26.37 -59.84
C VAL G 456 25.87 -26.26 -60.67
N TYR G 457 25.80 -25.23 -61.52
CA TYR G 457 24.52 -24.80 -62.05
C TYR G 457 24.05 -25.69 -63.20
N ASP G 458 24.06 -27.01 -62.98
CA ASP G 458 23.25 -27.94 -63.75
C ASP G 458 23.66 -27.96 -65.22
N ASN G 459 24.67 -27.18 -65.60
CA ASN G 459 25.04 -26.97 -67.00
C ASN G 459 23.88 -26.42 -67.81
N LYS G 460 23.08 -25.56 -67.17
CA LYS G 460 21.94 -24.92 -67.82
C LYS G 460 22.27 -23.51 -68.31
N LEU G 461 23.13 -22.79 -67.61
CA LEU G 461 23.51 -21.43 -67.98
C LEU G 461 24.60 -21.50 -69.04
N LYS G 462 24.34 -20.90 -70.20
CA LYS G 462 25.36 -20.76 -71.23
C LYS G 462 25.25 -19.38 -71.85
N ALA G 463 26.18 -19.09 -72.76
CA ALA G 463 26.42 -17.74 -73.24
C ALA G 463 25.15 -17.08 -73.76
N HIS G 464 25.11 -15.75 -73.61
CA HIS G 464 24.05 -14.94 -74.19
C HIS G 464 24.66 -13.99 -75.22
N LYS G 465 25.67 -13.22 -74.79
CA LYS G 465 26.46 -12.41 -75.70
C LYS G 465 27.76 -13.12 -76.04
N ASP G 466 28.67 -12.44 -76.72
CA ASP G 466 29.97 -12.99 -77.06
C ASP G 466 31.00 -12.48 -76.05
N LYS G 467 32.27 -12.76 -76.33
CA LYS G 467 33.35 -12.50 -75.40
C LYS G 467 33.68 -11.02 -75.37
N SER G 468 33.70 -10.44 -74.15
CA SER G 468 34.20 -9.09 -73.97
C SER G 468 35.71 -9.03 -73.90
N ALA G 469 36.37 -10.15 -73.58
CA ALA G 469 37.81 -10.34 -73.79
C ALA G 469 38.67 -9.53 -72.81
N GLN G 470 38.15 -9.26 -71.62
CA GLN G 470 39.00 -8.81 -70.54
C GLN G 470 38.59 -9.40 -69.20
N CYS G 471 37.69 -10.39 -69.24
CA CYS G 471 37.34 -11.19 -68.05
C CYS G 471 38.42 -12.24 -67.85
N PHE G 472 39.51 -11.82 -67.23
CA PHE G 472 40.71 -12.64 -67.14
C PHE G 472 40.90 -13.21 -65.74
N LYS G 473 41.86 -14.14 -65.63
CA LYS G 473 42.21 -14.78 -64.38
C LYS G 473 43.64 -14.41 -64.00
N MET G 474 43.88 -14.29 -62.69
N MET G 474 43.88 -14.24 -62.69
CA MET G 474 45.21 -13.99 -62.18
CA MET G 474 45.23 -13.99 -62.18
C MET G 474 45.39 -14.75 -60.87
C MET G 474 45.36 -14.77 -60.87
N PHE G 475 46.18 -15.81 -60.90
CA PHE G 475 46.41 -16.63 -59.72
C PHE G 475 47.58 -16.05 -58.92
N TYR G 476 47.29 -15.63 -57.70
CA TYR G 476 48.21 -14.84 -56.88
C TYR G 476 49.13 -15.69 -56.02
N LYS G 477 49.78 -15.05 -55.04
CA LYS G 477 50.89 -15.61 -54.27
C LYS G 477 50.43 -16.14 -52.91
N GLY G 478 49.90 -15.27 -52.06
CA GLY G 478 49.38 -15.66 -50.77
C GLY G 478 50.33 -15.64 -49.59
N VAL G 479 50.05 -14.80 -48.60
CA VAL G 479 50.66 -14.87 -47.26
C VAL G 479 49.55 -14.60 -46.25
N ILE G 480 49.59 -15.32 -45.11
CA ILE G 480 48.49 -15.31 -44.15
C ILE G 480 48.84 -14.45 -42.94
N THR G 481 47.84 -13.69 -42.48
CA THR G 481 47.93 -12.86 -41.29
C THR G 481 46.53 -12.43 -40.86
N HIS G 482 46.11 -12.76 -39.64
CA HIS G 482 44.76 -12.48 -39.15
C HIS G 482 44.84 -11.70 -37.84
N ASP G 483 43.84 -10.85 -37.59
CA ASP G 483 43.85 -10.07 -36.36
C ASP G 483 42.69 -10.39 -35.41
N VAL G 484 41.43 -10.15 -35.82
CA VAL G 484 40.30 -10.51 -34.95
C VAL G 484 39.27 -11.37 -35.67
N SER G 485 38.62 -10.80 -36.69
CA SER G 485 37.56 -11.49 -37.40
C SER G 485 37.78 -11.55 -38.90
N SER G 486 38.74 -10.78 -39.40
CA SER G 486 39.07 -10.77 -40.82
C SER G 486 40.56 -10.51 -40.96
N ALA G 487 41.02 -10.13 -42.15
CA ALA G 487 42.44 -10.02 -42.38
C ALA G 487 42.72 -8.97 -43.45
N ILE G 488 43.78 -8.21 -43.25
CA ILE G 488 44.29 -7.26 -44.23
C ILE G 488 45.71 -7.67 -44.58
N ASN G 489 45.92 -8.06 -45.83
CA ASN G 489 47.23 -8.50 -46.31
C ASN G 489 47.49 -7.79 -47.63
N ARG G 490 48.09 -6.59 -47.55
CA ARG G 490 48.28 -5.70 -48.68
C ARG G 490 49.04 -6.35 -49.85
N PRO G 491 49.83 -7.39 -49.60
CA PRO G 491 50.21 -8.28 -50.71
C PRO G 491 49.05 -8.55 -51.67
N GLN G 492 47.90 -9.00 -51.17
CA GLN G 492 46.75 -9.19 -52.05
C GLN G 492 46.21 -7.87 -52.60
N ILE G 493 46.48 -6.76 -51.92
CA ILE G 493 46.05 -5.45 -52.40
C ILE G 493 47.03 -4.88 -53.42
N GLY G 494 48.33 -5.18 -53.26
CA GLY G 494 49.35 -4.47 -54.02
C GLY G 494 49.25 -4.67 -55.52
N VAL G 495 49.06 -5.93 -55.95
CA VAL G 495 49.02 -6.20 -57.39
C VAL G 495 47.81 -5.55 -58.05
N VAL G 496 46.77 -5.24 -57.28
CA VAL G 496 45.59 -4.60 -57.85
C VAL G 496 45.93 -3.20 -58.35
N ARG G 497 46.41 -2.33 -57.45
CA ARG G 497 46.75 -0.96 -57.84
C ARG G 497 47.86 -0.95 -58.88
N GLU G 498 48.87 -1.80 -58.72
CA GLU G 498 50.02 -1.75 -59.60
C GLU G 498 49.72 -2.28 -61.00
N PHE G 499 48.71 -3.15 -61.14
CA PHE G 499 48.18 -3.49 -62.45
C PHE G 499 47.03 -2.59 -62.87
N LEU G 500 46.44 -1.84 -61.92
CA LEU G 500 45.49 -0.79 -62.27
C LEU G 500 46.17 0.34 -63.04
N THR G 501 47.49 0.49 -62.88
CA THR G 501 48.21 1.52 -63.61
C THR G 501 48.32 1.18 -65.09
N ARG G 502 48.23 -0.10 -65.45
CA ARG G 502 48.26 -0.48 -66.85
C ARG G 502 46.97 -0.13 -67.58
N ASN G 503 45.88 0.12 -66.85
CA ASN G 503 44.60 0.49 -67.46
C ASN G 503 43.95 1.58 -66.65
N PRO G 504 44.25 2.85 -66.97
CA PRO G 504 43.58 3.96 -66.27
C PRO G 504 42.09 4.05 -66.57
N ALA G 505 41.61 3.38 -67.61
CA ALA G 505 40.19 3.40 -68.01
C ALA G 505 39.34 2.40 -67.24
N TRP G 506 39.89 1.83 -66.17
CA TRP G 506 39.24 0.79 -65.38
C TRP G 506 38.45 1.36 -64.20
N ARG G 507 38.40 2.68 -64.04
CA ARG G 507 37.94 3.30 -62.79
C ARG G 507 36.43 3.44 -62.78
N LYS G 508 35.72 2.32 -62.71
CA LYS G 508 34.27 2.35 -62.57
C LYS G 508 33.73 1.24 -61.69
N ALA G 509 34.60 0.63 -60.86
CA ALA G 509 34.32 -0.63 -60.21
C ALA G 509 34.10 -0.46 -58.70
N VAL G 510 33.79 -1.59 -58.05
CA VAL G 510 33.95 -1.77 -56.61
C VAL G 510 35.13 -2.68 -56.36
N PHE G 511 35.73 -2.55 -55.17
CA PHE G 511 36.72 -3.50 -54.69
C PHE G 511 36.09 -4.31 -53.56
N ILE G 512 35.67 -5.52 -53.87
CA ILE G 512 35.06 -6.40 -52.90
C ILE G 512 36.15 -7.23 -52.24
N SER G 513 35.87 -7.73 -51.04
CA SER G 513 36.78 -8.60 -50.32
C SER G 513 35.98 -9.41 -49.31
N PRO G 514 36.26 -10.71 -49.17
CA PRO G 514 35.60 -11.48 -48.11
C PRO G 514 35.91 -10.96 -46.73
N TYR G 515 37.12 -10.42 -46.54
CA TYR G 515 37.50 -9.76 -45.30
C TYR G 515 37.05 -8.31 -45.41
N ASN G 516 35.84 -8.05 -44.91
CA ASN G 516 35.20 -6.75 -45.13
C ASN G 516 36.02 -5.59 -44.59
N SER G 517 36.92 -5.84 -43.64
CA SER G 517 37.84 -4.80 -43.19
C SER G 517 38.79 -4.36 -44.29
N GLN G 518 39.01 -5.19 -45.31
CA GLN G 518 39.95 -4.84 -46.36
C GLN G 518 39.42 -3.73 -47.24
N ASN G 519 38.11 -3.73 -47.50
CA ASN G 519 37.51 -2.66 -48.30
C ASN G 519 37.67 -1.30 -47.64
N ALA G 520 37.74 -1.26 -46.30
CA ALA G 520 38.00 0.00 -45.61
C ALA G 520 39.46 0.38 -45.69
N VAL G 521 40.37 -0.58 -45.69
CA VAL G 521 41.80 -0.29 -45.77
C VAL G 521 42.25 -0.10 -47.22
N ALA G 522 41.66 -0.85 -48.16
CA ALA G 522 42.00 -0.66 -49.57
C ALA G 522 41.57 0.72 -50.06
N SER G 523 40.41 1.19 -49.61
CA SER G 523 39.85 2.44 -50.13
C SER G 523 40.76 3.64 -49.86
N LYS G 524 41.41 3.68 -48.69
CA LYS G 524 42.37 4.75 -48.44
C LYS G 524 43.52 4.72 -49.43
N ILE G 525 43.87 3.54 -49.93
CA ILE G 525 44.91 3.40 -50.93
C ILE G 525 44.34 3.34 -52.35
N LEU G 526 43.15 2.75 -52.52
CA LEU G 526 42.52 2.60 -53.83
C LEU G 526 41.56 3.72 -54.16
N GLY G 527 40.65 4.06 -53.24
CA GLY G 527 39.58 5.00 -53.53
C GLY G 527 38.35 4.38 -54.16
N LEU G 528 38.41 3.10 -54.52
CA LEU G 528 37.24 2.43 -55.06
C LEU G 528 36.27 2.07 -53.92
N PRO G 529 34.97 2.03 -54.21
CA PRO G 529 33.98 1.86 -53.13
C PRO G 529 34.05 0.48 -52.50
N THR G 530 33.31 0.35 -51.40
CA THR G 530 33.27 -0.86 -50.59
C THR G 530 32.00 -1.67 -50.90
N GLN G 531 32.05 -2.96 -50.54
CA GLN G 531 30.93 -3.85 -50.75
C GLN G 531 31.19 -5.14 -49.98
N THR G 532 30.18 -5.62 -49.27
CA THR G 532 30.28 -6.84 -48.48
C THR G 532 29.70 -8.01 -49.27
N VAL G 533 30.43 -9.13 -49.24
CA VAL G 533 30.15 -10.22 -50.17
C VAL G 533 28.79 -10.85 -49.91
N ASP G 534 28.48 -11.13 -48.64
CA ASP G 534 27.30 -11.93 -48.34
C ASP G 534 26.00 -11.13 -48.39
N SER G 535 26.06 -9.80 -48.43
CA SER G 535 24.87 -8.97 -48.52
C SER G 535 24.81 -8.19 -49.82
N SER G 536 25.47 -8.69 -50.87
CA SER G 536 25.52 -8.02 -52.16
C SER G 536 24.70 -8.74 -53.22
N GLN G 537 23.61 -9.39 -52.83
CA GLN G 537 22.72 -10.02 -53.81
C GLN G 537 22.09 -8.95 -54.70
N GLY G 538 21.91 -9.29 -55.96
CA GLY G 538 21.27 -8.37 -56.90
C GLY G 538 22.16 -7.27 -57.44
N SER G 539 22.88 -6.57 -56.57
CA SER G 539 23.75 -5.49 -57.01
C SER G 539 24.92 -6.04 -57.81
N GLU G 540 25.37 -5.24 -58.78
CA GLU G 540 26.49 -5.61 -59.62
C GLU G 540 27.03 -4.35 -60.29
N TYR G 541 28.31 -4.37 -60.63
CA TYR G 541 28.88 -3.36 -61.49
C TYR G 541 29.36 -4.01 -62.78
N ASP G 542 29.61 -3.16 -63.78
CA ASP G 542 30.09 -3.66 -65.06
C ASP G 542 31.53 -4.15 -64.94
N TYR G 543 32.42 -3.27 -64.50
CA TYR G 543 33.75 -3.69 -64.05
C TYR G 543 33.73 -3.83 -62.53
N VAL G 544 34.41 -4.85 -62.03
CA VAL G 544 34.46 -5.12 -60.60
C VAL G 544 35.84 -5.62 -60.23
N ILE G 545 36.23 -5.39 -58.98
CA ILE G 545 37.53 -5.75 -58.46
C ILE G 545 37.34 -6.63 -57.22
N PHE G 546 38.16 -7.67 -57.12
CA PHE G 546 38.04 -8.64 -56.04
C PHE G 546 39.38 -9.32 -55.81
N THR G 547 39.57 -9.84 -54.60
CA THR G 547 40.66 -10.76 -54.29
C THR G 547 40.13 -11.79 -53.31
N GLN G 548 40.25 -13.07 -53.68
CA GLN G 548 39.81 -14.14 -52.80
C GLN G 548 40.61 -14.19 -51.51
N THR G 549 41.93 -13.99 -51.60
CA THR G 549 42.86 -13.79 -50.49
C THR G 549 43.13 -15.07 -49.70
N THR G 550 42.33 -16.10 -49.93
CA THR G 550 42.54 -17.43 -49.36
C THR G 550 41.39 -18.34 -49.80
N GLU G 551 41.60 -19.65 -49.68
CA GLU G 551 40.67 -20.64 -50.19
C GLU G 551 39.99 -21.45 -49.08
N THR G 552 39.98 -20.95 -47.84
CA THR G 552 39.27 -21.67 -46.80
C THR G 552 37.76 -21.58 -47.04
N ALA G 553 37.01 -22.41 -46.34
CA ALA G 553 35.58 -22.55 -46.61
C ALA G 553 34.77 -21.38 -46.06
N HIS G 554 35.11 -20.15 -46.45
CA HIS G 554 34.35 -18.97 -46.08
C HIS G 554 33.84 -18.19 -47.28
N SER G 555 34.66 -17.99 -48.31
CA SER G 555 34.25 -17.17 -49.45
C SER G 555 34.19 -17.97 -50.75
N CYS G 556 35.31 -18.59 -51.12
CA CYS G 556 35.47 -19.17 -52.45
C CYS G 556 34.65 -20.44 -52.63
N ASN G 557 33.81 -20.76 -51.64
CA ASN G 557 32.94 -21.92 -51.72
C ASN G 557 32.23 -21.96 -53.06
N VAL G 558 32.08 -23.17 -53.60
CA VAL G 558 31.66 -23.35 -54.99
C VAL G 558 30.34 -22.63 -55.25
N ASN G 559 29.38 -22.76 -54.34
CA ASN G 559 28.08 -22.15 -54.51
C ASN G 559 28.01 -20.72 -53.97
N ARG G 560 28.94 -20.31 -53.11
CA ARG G 560 28.74 -19.13 -52.27
C ARG G 560 29.54 -17.91 -52.70
N PHE G 561 30.67 -18.07 -53.41
CA PHE G 561 31.30 -16.92 -54.06
C PHE G 561 30.57 -16.55 -55.33
N ASN G 562 29.72 -17.45 -55.83
CA ASN G 562 29.16 -17.31 -57.16
C ASN G 562 28.29 -16.07 -57.31
N VAL G 563 27.99 -15.37 -56.21
CA VAL G 563 27.33 -14.09 -56.37
C VAL G 563 28.26 -13.10 -57.06
N ALA G 564 29.54 -13.12 -56.68
CA ALA G 564 30.51 -12.10 -57.08
C ALA G 564 31.27 -12.43 -58.36
N ILE G 565 31.07 -13.61 -58.93
CA ILE G 565 31.68 -13.92 -60.22
C ILE G 565 30.82 -13.39 -61.35
N THR G 566 29.52 -13.21 -61.11
CA THR G 566 28.56 -12.83 -62.13
C THR G 566 28.29 -11.32 -62.17
N ARG G 567 29.09 -10.53 -61.44
CA ARG G 567 28.85 -9.07 -61.42
C ARG G 567 29.11 -8.47 -62.79
N ALA G 568 30.27 -8.77 -63.34
CA ALA G 568 30.73 -8.14 -64.56
C ALA G 568 30.01 -8.74 -65.75
N LYS G 569 29.42 -7.87 -66.58
CA LYS G 569 29.05 -8.25 -67.93
C LYS G 569 30.02 -7.69 -68.96
N VAL G 570 31.12 -7.10 -68.51
CA VAL G 570 32.21 -6.77 -69.42
C VAL G 570 33.52 -7.40 -68.94
N GLY G 571 34.00 -7.00 -67.77
CA GLY G 571 35.34 -7.34 -67.36
C GLY G 571 35.49 -7.52 -65.86
N ILE G 572 36.31 -8.48 -65.48
CA ILE G 572 36.58 -8.83 -64.10
C ILE G 572 38.07 -9.08 -63.94
N LEU G 573 38.60 -8.73 -62.77
CA LEU G 573 39.91 -9.22 -62.34
C LEU G 573 39.69 -10.05 -61.09
N CYS G 574 40.16 -11.28 -61.10
CA CYS G 574 40.00 -12.19 -59.97
C CYS G 574 41.38 -12.52 -59.44
N ILE G 575 41.79 -11.80 -58.40
CA ILE G 575 43.09 -12.05 -57.79
C ILE G 575 42.97 -13.35 -57.01
N MET G 576 43.42 -14.44 -57.63
CA MET G 576 43.20 -15.80 -57.14
C MET G 576 44.36 -16.16 -56.22
N SER G 577 44.08 -16.32 -54.93
CA SER G 577 45.07 -16.90 -54.04
C SER G 577 44.66 -18.35 -53.81
N ASP G 578 44.01 -18.95 -54.80
CA ASP G 578 43.15 -20.09 -54.60
C ASP G 578 43.42 -21.17 -55.64
N ARG G 579 43.08 -22.41 -55.29
CA ARG G 579 43.03 -23.51 -56.24
C ARG G 579 41.62 -24.07 -56.40
N ASP G 580 40.64 -23.51 -55.71
CA ASP G 580 39.29 -24.08 -55.72
C ASP G 580 38.59 -23.85 -57.05
N LEU G 581 38.86 -22.73 -57.73
CA LEU G 581 38.12 -22.38 -58.92
C LEU G 581 38.96 -22.12 -60.17
N TYR G 582 40.26 -21.83 -60.05
CA TYR G 582 41.04 -21.44 -61.22
C TYR G 582 41.01 -22.51 -62.31
N ASP G 583 41.47 -23.71 -61.98
CA ASP G 583 41.42 -24.81 -62.95
C ASP G 583 40.00 -25.30 -63.18
N LYS G 584 39.04 -24.84 -62.38
CA LYS G 584 37.65 -25.21 -62.52
C LYS G 584 36.82 -24.17 -63.27
N LEU G 585 37.15 -22.89 -63.15
CA LEU G 585 36.58 -21.88 -64.02
C LEU G 585 37.25 -21.95 -65.39
N GLN G 586 36.83 -21.08 -66.32
CA GLN G 586 37.12 -21.27 -67.74
C GLN G 586 37.72 -20.03 -68.39
N PHE G 587 38.58 -19.31 -67.67
CA PHE G 587 39.10 -18.05 -68.20
C PHE G 587 40.59 -18.13 -68.49
N THR G 588 41.17 -17.01 -68.93
CA THR G 588 42.57 -16.92 -69.31
C THR G 588 43.38 -16.21 -68.22
N SER G 589 44.67 -16.53 -68.14
CA SER G 589 45.56 -15.99 -67.14
C SER G 589 46.72 -15.25 -67.79
N LEU G 590 47.20 -14.21 -67.12
CA LEU G 590 48.33 -13.40 -67.56
C LEU G 590 49.44 -13.45 -66.51
N GLU G 591 50.46 -12.61 -66.69
CA GLU G 591 51.62 -12.61 -65.83
C GLU G 591 51.43 -11.69 -64.63
N ILE G 592 51.97 -12.11 -63.49
CA ILE G 592 51.95 -11.35 -62.25
C ILE G 592 53.30 -10.68 -62.09
N PRO G 593 53.37 -9.34 -61.96
CA PRO G 593 54.61 -8.57 -61.92
C PRO G 593 55.58 -9.02 -60.82
N VAL H 2 20.74 -13.42 10.20
CA VAL H 2 20.29 -14.34 9.17
C VAL H 2 21.06 -14.10 7.88
N GLY H 3 22.32 -14.50 7.85
CA GLY H 3 23.16 -14.29 6.71
C GLY H 3 24.33 -15.24 6.70
N ALA H 4 25.24 -15.00 5.76
CA ALA H 4 26.41 -15.87 5.61
C ALA H 4 27.28 -15.83 6.85
N CYS H 5 27.82 -16.99 7.22
CA CYS H 5 28.72 -17.01 8.36
C CYS H 5 30.10 -16.56 7.91
N VAL H 6 30.94 -16.20 8.88
CA VAL H 6 32.18 -15.52 8.56
C VAL H 6 33.19 -16.45 7.90
N LEU H 7 33.18 -17.74 8.25
CA LEU H 7 34.17 -18.67 7.75
C LEU H 7 33.64 -19.63 6.69
N CYS H 8 32.37 -19.51 6.28
CA CYS H 8 31.81 -20.52 5.40
C CYS H 8 30.95 -19.96 4.27
N ASN H 9 30.55 -18.70 4.35
CA ASN H 9 29.66 -18.08 3.35
C ASN H 9 28.36 -18.87 3.22
N SER H 10 27.77 -19.25 4.34
CA SER H 10 26.52 -20.01 4.36
C SER H 10 25.49 -19.32 5.25
N GLN H 11 24.24 -19.30 4.81
CA GLN H 11 23.18 -18.69 5.60
C GLN H 11 22.93 -19.48 6.87
N THR H 12 23.09 -18.82 8.02
CA THR H 12 22.79 -19.44 9.31
C THR H 12 21.92 -18.51 10.14
N SER H 13 21.72 -18.85 11.41
CA SER H 13 21.02 -17.97 12.34
C SER H 13 21.66 -17.97 13.72
N LEU H 14 22.88 -18.46 13.86
CA LEU H 14 23.54 -18.62 15.15
C LEU H 14 24.67 -17.61 15.31
N ARG H 15 24.80 -17.09 16.53
CA ARG H 15 25.78 -16.06 16.83
C ARG H 15 26.48 -16.40 18.13
N CYS H 16 27.81 -16.30 18.14
CA CYS H 16 28.57 -16.47 19.37
C CYS H 16 28.13 -15.42 20.40
N GLY H 17 27.66 -15.87 21.55
CA GLY H 17 27.23 -14.95 22.59
C GLY H 17 28.39 -14.32 23.33
N ALA H 18 29.51 -15.04 23.47
CA ALA H 18 30.65 -14.54 24.21
C ALA H 18 31.63 -13.73 23.35
N CYS H 19 31.43 -13.70 22.04
CA CYS H 19 32.23 -12.83 21.18
C CYS H 19 31.83 -11.38 21.39
N ILE H 20 32.61 -10.48 20.81
CA ILE H 20 32.29 -9.06 20.90
C ILE H 20 31.48 -8.61 19.69
N ARG H 21 31.76 -9.17 18.51
CA ARG H 21 31.05 -8.79 17.30
C ARG H 21 29.71 -9.50 17.12
N ARG H 22 29.46 -10.57 17.86
CA ARG H 22 28.32 -11.45 17.61
C ARG H 22 28.34 -11.90 16.15
N PRO H 23 29.31 -12.72 15.75
CA PRO H 23 29.42 -13.10 14.33
C PRO H 23 28.59 -14.34 14.01
N PHE H 24 28.29 -14.47 12.72
CA PHE H 24 27.53 -15.61 12.22
C PHE H 24 28.45 -16.82 12.07
N LEU H 25 27.99 -17.97 12.56
CA LEU H 25 28.77 -19.20 12.53
C LEU H 25 27.85 -20.36 12.19
N CYS H 26 28.19 -21.11 11.15
CA CYS H 26 27.34 -22.22 10.74
C CYS H 26 27.49 -23.37 11.72
N CYS H 27 26.62 -24.38 11.56
CA CYS H 27 26.36 -25.35 12.63
C CYS H 27 27.63 -26.10 13.04
N LYS H 28 28.30 -26.74 12.10
CA LYS H 28 29.56 -27.42 12.42
C LYS H 28 30.65 -26.41 12.73
N CYS H 29 30.68 -25.31 11.97
CA CYS H 29 31.63 -24.23 12.21
C CYS H 29 31.43 -23.63 13.61
N CYS H 30 30.17 -23.43 14.00
CA CYS H 30 29.86 -22.98 15.36
C CYS H 30 30.28 -24.01 16.40
N TYR H 31 30.04 -25.30 16.15
CA TYR H 31 30.49 -26.33 17.09
C TYR H 31 31.99 -26.24 17.31
N ASP H 32 32.75 -26.17 16.22
CA ASP H 32 34.19 -25.99 16.30
C ASP H 32 34.56 -24.85 17.22
N HIS H 33 34.08 -23.64 16.90
CA HIS H 33 34.48 -22.47 17.68
C HIS H 33 33.99 -22.51 19.13
N VAL H 34 32.81 -23.09 19.38
CA VAL H 34 32.21 -23.03 20.71
C VAL H 34 32.74 -24.13 21.62
N ILE H 35 33.42 -25.14 21.08
CA ILE H 35 34.16 -26.09 21.90
C ILE H 35 35.64 -25.76 21.99
N SER H 36 36.19 -25.03 21.03
CA SER H 36 37.64 -24.86 20.92
C SER H 36 38.17 -23.55 21.49
N THR H 37 37.34 -22.73 22.13
CA THR H 37 37.80 -21.44 22.66
C THR H 37 37.05 -21.11 23.94
N SER H 38 37.14 -19.83 24.34
CA SER H 38 36.43 -19.27 25.47
C SER H 38 35.12 -18.61 25.08
N HIS H 39 34.45 -19.10 24.04
CA HIS H 39 33.12 -18.66 23.68
C HIS H 39 32.14 -19.78 24.02
N LYS H 40 31.32 -19.55 25.03
CA LYS H 40 30.52 -20.60 25.64
C LYS H 40 29.04 -20.48 25.32
N LEU H 41 28.63 -19.43 24.60
CA LEU H 41 27.23 -19.12 24.39
C LEU H 41 26.91 -19.06 22.91
N VAL H 42 25.68 -19.42 22.55
CA VAL H 42 25.19 -19.31 21.18
C VAL H 42 23.77 -18.77 21.21
N LEU H 43 23.50 -17.76 20.39
CA LEU H 43 22.17 -17.20 20.21
C LEU H 43 21.65 -17.53 18.82
N SER H 44 20.36 -17.85 18.74
CA SER H 44 19.64 -18.03 17.50
C SER H 44 18.48 -17.03 17.45
N VAL H 45 17.53 -17.22 16.54
CA VAL H 45 16.33 -16.40 16.49
C VAL H 45 15.76 -16.19 17.89
N ASN H 46 15.94 -17.17 18.77
CA ASN H 46 15.79 -17.01 20.20
C ASN H 46 17.08 -17.47 20.89
N PRO H 47 17.38 -16.94 22.07
CA PRO H 47 18.62 -17.34 22.76
C PRO H 47 18.49 -18.73 23.36
N TYR H 48 19.49 -19.58 23.08
CA TYR H 48 19.53 -20.95 23.59
C TYR H 48 19.88 -20.90 25.07
N VAL H 49 18.89 -20.56 25.89
CA VAL H 49 19.06 -20.55 27.34
C VAL H 49 17.87 -21.25 27.97
N CYS H 50 18.10 -21.83 29.15
CA CYS H 50 17.04 -22.52 29.87
C CYS H 50 15.95 -21.54 30.28
N ASN H 51 14.71 -22.03 30.34
CA ASN H 51 13.57 -21.19 30.66
C ASN H 51 13.03 -21.43 32.06
N ALA H 52 13.57 -22.38 32.81
CA ALA H 52 13.19 -22.53 34.20
C ALA H 52 13.66 -21.30 34.98
N PRO H 53 12.80 -20.67 35.76
CA PRO H 53 13.17 -19.40 36.42
C PRO H 53 14.35 -19.58 37.36
N GLY H 54 15.37 -18.73 37.17
CA GLY H 54 16.53 -18.75 38.03
C GLY H 54 17.64 -19.68 37.59
N CYS H 55 18.02 -19.60 36.33
CA CYS H 55 19.13 -20.37 35.78
C CYS H 55 20.14 -19.43 35.12
N ASP H 56 21.43 -19.64 35.40
CA ASP H 56 22.46 -18.82 34.79
C ASP H 56 23.66 -19.64 34.32
N VAL H 57 23.49 -20.91 34.04
CA VAL H 57 24.56 -21.71 33.44
C VAL H 57 24.30 -21.73 31.93
N THR H 58 25.23 -21.15 31.17
CA THR H 58 25.01 -20.83 29.76
C THR H 58 26.11 -21.40 28.88
N ASP H 59 26.45 -22.68 29.07
CA ASP H 59 27.39 -23.32 28.17
C ASP H 59 26.67 -23.72 26.88
N VAL H 60 27.28 -24.56 26.07
CA VAL H 60 26.74 -24.94 24.76
C VAL H 60 26.32 -26.40 24.70
N THR H 61 27.15 -27.30 25.21
CA THR H 61 26.89 -28.74 25.07
C THR H 61 25.71 -29.20 25.93
N GLN H 62 25.54 -28.62 27.12
CA GLN H 62 24.64 -29.20 28.11
C GLN H 62 23.17 -28.99 27.75
N LEU H 63 22.83 -27.94 27.01
CA LEU H 63 21.43 -27.59 26.85
C LEU H 63 20.65 -28.62 26.03
N TYR H 64 19.38 -28.78 26.40
CA TYR H 64 18.51 -29.81 25.84
C TYR H 64 17.23 -29.16 25.35
N LEU H 65 16.74 -29.58 24.19
CA LEU H 65 15.58 -28.98 23.55
C LEU H 65 14.36 -29.86 23.78
N GLY H 66 13.30 -29.27 24.34
CA GLY H 66 12.12 -30.03 24.72
C GLY H 66 10.84 -29.53 24.07
N GLY H 67 10.92 -29.17 22.80
CA GLY H 67 9.77 -28.60 22.12
C GLY H 67 9.91 -27.10 21.93
N MET H 68 8.92 -26.36 22.42
CA MET H 68 8.99 -24.90 22.36
C MET H 68 9.79 -24.34 23.52
N SER H 69 11.00 -24.87 23.72
CA SER H 69 11.88 -24.43 24.80
C SER H 69 13.21 -25.14 24.65
N TYR H 70 14.20 -24.64 25.40
CA TYR H 70 15.55 -25.20 25.42
C TYR H 70 15.99 -25.25 26.87
N TYR H 71 16.36 -26.44 27.34
CA TYR H 71 16.56 -26.72 28.75
C TYR H 71 18.02 -27.04 29.04
N CYS H 72 18.35 -27.16 30.32
CA CYS H 72 19.56 -27.85 30.75
C CYS H 72 19.16 -29.19 31.33
N LYS H 73 20.14 -30.08 31.46
CA LYS H 73 19.84 -31.45 31.87
C LYS H 73 19.18 -31.51 33.24
N SER H 74 19.44 -30.54 34.12
CA SER H 74 18.76 -30.41 35.39
C SER H 74 17.43 -29.66 35.26
N HIS H 75 17.02 -29.32 34.04
CA HIS H 75 15.83 -28.51 33.80
C HIS H 75 14.89 -29.18 32.80
N LYS H 76 15.01 -30.49 32.62
CA LYS H 76 14.60 -31.17 31.42
C LYS H 76 13.45 -32.14 31.67
N PRO H 77 12.28 -31.92 31.06
CA PRO H 77 11.25 -32.96 31.00
C PRO H 77 11.60 -34.00 29.96
N PRO H 78 11.04 -35.22 30.05
CA PRO H 78 11.58 -36.36 29.29
C PRO H 78 11.61 -36.22 27.77
N ILE H 79 10.62 -35.56 27.17
CA ILE H 79 10.56 -35.46 25.72
C ILE H 79 11.59 -34.42 25.27
N SER H 80 12.73 -34.86 24.77
CA SER H 80 13.80 -33.93 24.42
C SER H 80 14.80 -34.61 23.49
N PHE H 81 15.91 -33.91 23.25
CA PHE H 81 17.06 -34.30 22.45
C PHE H 81 18.19 -33.31 22.76
N PRO H 82 19.43 -33.76 22.93
CA PRO H 82 20.53 -32.81 23.14
C PRO H 82 20.68 -31.84 21.97
N LEU H 83 20.74 -30.55 22.30
CA LEU H 83 20.95 -29.54 21.27
C LEU H 83 22.30 -29.67 20.60
N CYS H 84 23.24 -30.39 21.22
CA CYS H 84 24.56 -30.62 20.64
C CYS H 84 24.72 -32.12 20.38
N ALA H 85 24.74 -32.49 19.11
CA ALA H 85 24.99 -33.86 18.69
C ALA H 85 25.57 -33.81 17.29
N ASN H 86 26.22 -34.91 16.89
CA ASN H 86 26.88 -35.04 15.60
C ASN H 86 28.00 -34.02 15.40
N GLY H 87 28.44 -33.37 16.48
CA GLY H 87 29.33 -32.22 16.32
C GLY H 87 28.69 -31.09 15.56
N GLN H 88 27.41 -30.81 15.84
CA GLN H 88 26.63 -29.87 15.05
C GLN H 88 25.51 -29.31 15.90
N VAL H 89 25.55 -28.00 16.15
CA VAL H 89 24.55 -27.35 16.99
C VAL H 89 23.24 -27.23 16.20
N PHE H 90 22.13 -27.11 16.93
CA PHE H 90 20.82 -27.11 16.30
C PHE H 90 20.44 -25.69 15.87
N GLY H 91 20.20 -25.52 14.57
CA GLY H 91 19.81 -24.23 14.04
C GLY H 91 19.40 -24.37 12.59
N LEU H 92 18.87 -23.27 12.06
CA LEU H 92 18.34 -23.28 10.70
C LEU H 92 19.45 -23.63 9.70
N TYR H 93 19.02 -24.14 8.54
CA TYR H 93 19.94 -24.54 7.47
C TYR H 93 20.96 -25.55 7.98
N LYS H 94 20.47 -26.57 8.68
CA LYS H 94 21.37 -27.53 9.33
C LYS H 94 22.20 -28.30 8.31
N ASN H 95 21.68 -28.50 7.10
CA ASN H 95 22.37 -29.34 6.12
C ASN H 95 23.47 -28.57 5.39
N THR H 96 23.08 -27.54 4.63
CA THR H 96 23.97 -26.94 3.63
C THR H 96 24.95 -25.95 4.27
N CYS H 97 25.77 -26.47 5.17
CA CYS H 97 26.88 -25.72 5.73
C CYS H 97 28.18 -26.47 5.42
N VAL H 98 29.14 -25.76 4.83
CA VAL H 98 30.40 -26.38 4.47
C VAL H 98 31.23 -26.67 5.72
N GLY H 99 31.23 -25.76 6.70
CA GLY H 99 32.08 -25.97 7.85
C GLY H 99 33.53 -25.70 7.47
N SER H 100 34.42 -26.02 8.41
CA SER H 100 35.84 -25.88 8.20
C SER H 100 36.57 -26.60 9.32
N ASP H 101 37.63 -27.36 8.96
CA ASP H 101 38.36 -28.13 9.95
C ASP H 101 39.44 -27.30 10.62
N ASN H 102 40.18 -26.51 9.85
CA ASN H 102 41.24 -25.65 10.38
C ASN H 102 40.64 -24.28 10.64
N VAL H 103 40.11 -24.10 11.86
CA VAL H 103 39.51 -22.84 12.26
C VAL H 103 40.21 -22.35 13.51
N THR H 104 41.38 -22.92 13.80
CA THR H 104 42.21 -22.44 14.89
C THR H 104 42.72 -21.02 14.66
N ASP H 105 42.81 -20.59 13.39
CA ASP H 105 43.12 -19.20 13.13
C ASP H 105 42.01 -18.27 13.63
N PHE H 106 40.76 -18.57 13.26
CA PHE H 106 39.65 -17.82 13.81
C PHE H 106 39.55 -18.02 15.32
N ASN H 107 39.86 -19.22 15.79
CA ASN H 107 39.82 -19.49 17.22
C ASN H 107 40.78 -18.57 17.98
N ALA H 108 41.99 -18.43 17.46
CA ALA H 108 42.98 -17.57 18.09
C ALA H 108 42.59 -16.10 17.99
N ILE H 109 42.06 -15.69 16.83
CA ILE H 109 41.56 -14.32 16.69
C ILE H 109 40.49 -14.04 17.75
N ALA H 110 39.60 -15.01 17.95
CA ALA H 110 38.55 -14.85 18.95
C ALA H 110 39.13 -14.76 20.35
N THR H 111 40.12 -15.60 20.66
CA THR H 111 40.77 -15.55 21.96
C THR H 111 41.87 -14.50 22.05
N CYS H 112 42.22 -13.85 20.94
CA CYS H 112 43.24 -12.81 20.95
C CYS H 112 42.75 -11.64 21.78
N ASP H 113 43.39 -11.42 22.93
CA ASP H 113 43.03 -10.35 23.85
C ASP H 113 43.81 -9.06 23.61
N TRP H 114 44.63 -9.03 22.55
CA TRP H 114 45.38 -7.83 22.15
C TRP H 114 46.32 -7.36 23.25
N THR H 115 47.26 -8.23 23.62
CA THR H 115 48.36 -7.86 24.48
C THR H 115 49.71 -8.03 23.79
N ASN H 116 50.00 -9.21 23.26
CA ASN H 116 51.28 -9.47 22.65
C ASN H 116 51.34 -8.87 21.24
N ALA H 117 52.56 -8.77 20.71
CA ALA H 117 52.71 -8.46 19.30
C ALA H 117 52.14 -9.59 18.44
N GLY H 118 52.28 -10.83 18.91
CA GLY H 118 51.79 -11.97 18.14
C GLY H 118 50.31 -11.85 17.80
N ASP H 119 49.53 -11.26 18.70
CA ASP H 119 48.13 -10.97 18.39
C ASP H 119 48.02 -10.21 17.08
N TYR H 120 48.78 -9.12 16.96
CA TYR H 120 48.76 -8.32 15.74
C TYR H 120 49.32 -9.12 14.57
N ILE H 121 50.28 -10.00 14.81
CA ILE H 121 50.87 -10.77 13.71
C ILE H 121 49.82 -11.70 13.10
N LEU H 122 49.15 -12.49 13.93
CA LEU H 122 48.08 -13.33 13.37
C LEU H 122 46.96 -12.48 12.80
N ALA H 123 46.65 -11.34 13.42
CA ALA H 123 45.59 -10.49 12.91
C ALA H 123 45.92 -9.91 11.54
N ASN H 124 47.21 -9.83 11.21
CA ASN H 124 47.64 -9.33 9.91
C ASN H 124 48.17 -10.42 8.98
N THR H 125 48.07 -11.69 9.36
CA THR H 125 48.51 -12.77 8.47
C THR H 125 47.38 -13.55 7.83
N CYS H 126 46.14 -13.38 8.25
CA CYS H 126 45.04 -14.22 7.79
C CYS H 126 44.41 -13.67 6.51
N THR H 127 43.23 -14.19 6.17
CA THR H 127 42.49 -13.84 4.97
C THR H 127 41.48 -12.72 5.26
N GLU H 128 40.63 -12.41 4.28
CA GLU H 128 39.99 -11.10 4.17
C GLU H 128 38.91 -10.78 5.21
N ARG H 129 37.79 -11.51 5.19
CA ARG H 129 36.73 -11.17 6.13
C ARG H 129 37.17 -11.43 7.57
N LEU H 130 38.11 -12.36 7.75
CA LEU H 130 38.72 -12.55 9.05
C LEU H 130 39.62 -11.36 9.41
N LYS H 131 40.29 -10.77 8.42
CA LYS H 131 40.95 -9.49 8.64
C LYS H 131 39.98 -8.47 9.21
N LEU H 132 38.79 -8.38 8.61
CA LEU H 132 37.78 -7.44 9.07
C LEU H 132 37.33 -7.76 10.49
N PHE H 133 37.07 -9.04 10.77
CA PHE H 133 36.62 -9.44 12.10
C PHE H 133 37.65 -9.09 13.16
N ALA H 134 38.92 -9.41 12.88
CA ALA H 134 39.99 -9.08 13.81
C ALA H 134 40.11 -7.58 14.01
N ALA H 135 39.99 -6.81 12.92
CA ALA H 135 40.09 -5.36 13.01
C ALA H 135 39.01 -4.77 13.92
N GLU H 136 37.76 -5.19 13.69
CA GLU H 136 36.67 -4.61 14.47
C GLU H 136 36.68 -5.09 15.92
N THR H 137 37.07 -6.35 16.15
CA THR H 137 37.27 -6.78 17.54
C THR H 137 38.37 -5.98 18.21
N LEU H 138 39.45 -5.67 17.47
CA LEU H 138 40.54 -4.88 18.03
C LEU H 138 40.08 -3.49 18.42
N LYS H 139 39.32 -2.82 17.54
CA LYS H 139 38.85 -1.47 17.87
C LYS H 139 37.82 -1.48 18.99
N ALA H 140 36.93 -2.48 19.01
CA ALA H 140 35.99 -2.60 20.12
C ALA H 140 36.71 -2.79 21.43
N THR H 141 37.72 -3.67 21.46
CA THR H 141 38.51 -3.84 22.67
C THR H 141 39.29 -2.58 23.01
N GLU H 142 39.67 -1.79 21.99
CA GLU H 142 40.31 -0.51 22.24
C GLU H 142 39.41 0.42 23.05
N GLU H 143 38.15 0.52 22.64
CA GLU H 143 37.25 1.41 23.38
C GLU H 143 36.81 0.82 24.72
N THR H 144 36.76 -0.51 24.85
CA THR H 144 36.61 -1.10 26.18
C THR H 144 37.79 -0.74 27.06
N PHE H 145 38.99 -0.76 26.48
CA PHE H 145 40.20 -0.36 27.19
C PHE H 145 40.08 1.07 27.73
N LYS H 146 39.93 2.04 26.83
CA LYS H 146 40.23 3.42 27.20
C LYS H 146 39.11 4.06 28.02
N LEU H 147 37.85 3.94 27.58
CA LEU H 147 36.77 4.67 28.24
C LEU H 147 36.65 4.31 29.72
N SER H 148 36.93 3.06 30.07
CA SER H 148 36.79 2.60 31.45
C SER H 148 37.93 3.04 32.36
N TYR H 149 38.83 3.93 31.96
CA TYR H 149 39.91 4.38 32.81
C TYR H 149 39.55 5.69 33.49
N GLY H 150 40.54 6.32 34.13
CA GLY H 150 40.33 7.47 35.00
C GLY H 150 39.48 8.58 34.42
N ILE H 151 38.54 9.07 35.24
CA ILE H 151 37.68 10.18 34.83
C ILE H 151 38.46 11.47 34.93
N ALA H 152 38.34 12.32 33.91
CA ALA H 152 39.07 13.59 33.87
C ALA H 152 38.24 14.65 34.60
N THR H 153 38.20 14.53 35.92
CA THR H 153 37.39 15.43 36.74
C THR H 153 38.32 16.45 37.39
N VAL H 154 38.51 17.55 36.69
CA VAL H 154 39.32 18.67 37.17
C VAL H 154 38.45 19.52 38.09
N ARG H 155 38.84 19.64 39.35
CA ARG H 155 37.98 20.22 40.37
C ARG H 155 38.40 21.61 40.81
N GLU H 156 39.23 22.31 40.03
CA GLU H 156 39.49 23.73 40.20
C GLU H 156 40.43 24.18 39.09
N VAL H 157 40.54 25.51 38.96
CA VAL H 157 41.38 26.15 37.95
C VAL H 157 42.59 26.75 38.62
N LEU H 158 43.78 26.46 38.11
CA LEU H 158 45.00 27.03 38.66
C LEU H 158 45.20 28.46 38.19
N SER H 159 45.35 28.65 36.87
CA SER H 159 45.45 29.97 36.28
C SER H 159 45.05 29.91 34.82
N ASP H 160 45.36 30.94 34.06
CA ASP H 160 45.08 30.98 32.63
C ASP H 160 45.74 29.78 31.96
N ARG H 161 44.92 28.90 31.38
CA ARG H 161 45.38 27.66 30.75
C ARG H 161 46.08 26.75 31.75
N GLU H 162 45.63 26.77 33.00
CA GLU H 162 46.21 25.95 34.06
C GLU H 162 45.10 25.45 34.97
N LEU H 163 45.16 24.17 35.35
CA LEU H 163 44.06 23.50 36.03
C LEU H 163 44.60 22.57 37.11
N HIS H 164 43.73 22.20 38.04
CA HIS H 164 44.02 21.23 39.09
C HIS H 164 43.19 19.96 38.85
N LEU H 165 43.82 18.80 39.02
CA LEU H 165 43.25 17.55 38.51
C LEU H 165 42.79 16.63 39.64
N SER H 166 41.65 15.97 39.39
CA SER H 166 41.21 14.82 40.17
C SER H 166 40.77 13.73 39.20
N TRP H 167 40.93 12.48 39.59
CA TRP H 167 40.68 11.38 38.67
C TRP H 167 40.04 10.20 39.39
N GLU H 168 39.63 9.21 38.61
CA GLU H 168 38.86 8.09 39.11
C GLU H 168 39.68 7.23 40.07
N VAL H 169 39.00 6.71 41.10
CA VAL H 169 39.63 5.85 42.10
C VAL H 169 39.33 4.40 41.74
N GLY H 170 40.32 3.53 41.99
CA GLY H 170 40.22 2.13 41.66
C GLY H 170 40.58 1.80 40.23
N LYS H 171 40.35 2.73 39.30
CA LYS H 171 40.77 2.63 37.93
C LYS H 171 41.81 3.72 37.65
N PRO H 172 43.01 3.36 37.16
CA PRO H 172 44.08 4.36 36.95
C PRO H 172 43.73 5.38 35.88
N ARG H 173 44.63 6.35 35.62
CA ARG H 173 44.34 7.38 34.63
C ARG H 173 45.25 7.29 33.42
N PRO H 174 44.69 7.48 32.25
CA PRO H 174 45.44 7.25 31.02
C PRO H 174 46.27 8.48 30.69
N PRO H 175 47.19 8.36 29.69
CA PRO H 175 48.17 9.43 29.41
C PRO H 175 47.55 10.78 29.13
N LEU H 176 48.33 11.82 29.30
CA LEU H 176 47.85 13.12 28.85
C LEU H 176 48.83 13.66 27.82
N ASN H 177 48.62 13.23 26.57
CA ASN H 177 49.48 13.64 25.47
C ASN H 177 48.63 13.94 24.24
N ARG H 178 49.29 14.50 23.22
CA ARG H 178 48.63 14.79 21.96
C ARG H 178 48.18 13.53 21.24
N ASN H 179 48.71 12.36 21.62
CA ASN H 179 48.24 11.09 21.11
C ASN H 179 46.95 10.63 21.77
N TYR H 180 46.48 11.33 22.79
CA TYR H 180 45.34 10.94 23.62
C TYR H 180 44.44 12.16 23.78
N VAL H 181 43.40 12.24 22.98
CA VAL H 181 42.52 13.41 22.94
C VAL H 181 41.21 13.09 23.63
N PHE H 182 40.86 13.91 24.63
CA PHE H 182 39.63 13.70 25.40
C PHE H 182 38.45 14.35 24.71
N THR H 183 37.31 14.47 25.41
CA THR H 183 36.11 15.09 24.87
C THR H 183 35.27 15.60 26.03
N GLY H 184 34.73 16.81 25.89
CA GLY H 184 34.10 17.47 27.02
C GLY H 184 32.59 17.36 27.07
N TYR H 185 32.07 17.26 28.30
CA TYR H 185 30.64 17.29 28.58
C TYR H 185 30.39 18.22 29.76
N ARG H 186 29.41 19.11 29.64
CA ARG H 186 29.13 20.14 30.64
C ARG H 186 27.91 19.72 31.45
N VAL H 187 28.11 19.55 32.76
CA VAL H 187 27.07 19.07 33.67
C VAL H 187 26.16 20.23 34.06
N THR H 188 24.86 20.00 33.97
CA THR H 188 23.85 20.89 34.54
C THR H 188 23.09 20.08 35.60
N LYS H 189 22.02 20.61 36.23
CA LYS H 189 21.36 19.90 37.32
C LYS H 189 20.82 18.54 36.89
N ASN H 190 20.71 18.28 35.60
CA ASN H 190 20.24 16.99 35.12
C ASN H 190 21.29 16.22 34.34
N SER H 191 21.83 16.79 33.26
CA SER H 191 22.60 15.99 32.31
C SER H 191 23.73 16.82 31.72
N LYS H 192 24.31 16.35 30.63
CA LYS H 192 25.52 16.89 30.04
C LYS H 192 25.22 17.72 28.80
N VAL H 193 26.14 18.63 28.48
CA VAL H 193 26.02 19.50 27.31
C VAL H 193 27.37 19.57 26.60
N GLN H 194 27.32 19.87 25.30
CA GLN H 194 28.47 20.04 24.40
C GLN H 194 29.63 20.83 25.01
N ILE H 195 30.84 20.28 24.94
CA ILE H 195 32.05 21.04 25.28
C ILE H 195 33.09 20.90 24.17
N GLY H 196 33.44 19.68 23.81
CA GLY H 196 34.37 19.42 22.73
C GLY H 196 35.60 18.66 23.18
N GLU H 197 36.47 18.38 22.21
CA GLU H 197 37.70 17.63 22.46
C GLU H 197 38.85 18.56 22.79
N TYR H 198 39.60 18.21 23.84
CA TYR H 198 40.76 18.98 24.25
C TYR H 198 41.85 18.04 24.76
N THR H 199 43.05 18.58 24.91
CA THR H 199 44.23 17.82 25.30
C THR H 199 44.73 18.32 26.66
N PHE H 200 45.39 17.44 27.40
CA PHE H 200 46.03 17.79 28.66
C PHE H 200 47.53 17.54 28.58
N GLU H 201 48.30 18.33 29.32
CA GLU H 201 49.75 18.23 29.31
C GLU H 201 50.27 18.62 30.69
N LYS H 202 51.60 18.76 30.79
CA LYS H 202 52.23 19.18 32.03
C LYS H 202 51.72 20.54 32.46
N GLY H 203 51.40 20.67 33.74
CA GLY H 203 50.91 21.92 34.29
C GLY H 203 51.67 22.40 35.50
N ALA H 208 47.94 20.62 39.05
CA ALA H 208 48.69 21.40 38.07
C ALA H 208 48.58 20.79 36.67
N VAL H 209 47.56 21.20 35.92
CA VAL H 209 47.31 20.68 34.59
C VAL H 209 47.12 21.85 33.63
N VAL H 210 47.95 21.91 32.60
CA VAL H 210 47.77 22.84 31.49
C VAL H 210 47.07 22.11 30.36
N TYR H 211 46.08 22.74 29.74
CA TYR H 211 45.37 22.13 28.62
C TYR H 211 45.70 22.87 27.32
N ARG H 212 46.06 22.10 26.30
CA ARG H 212 46.22 22.65 24.94
C ARG H 212 44.87 22.55 24.25
N GLY H 213 44.02 23.53 24.55
CA GLY H 213 42.65 23.49 24.09
C GLY H 213 42.52 23.70 22.60
N THR H 214 41.45 23.14 22.04
CA THR H 214 41.12 23.38 20.65
C THR H 214 40.79 24.86 20.41
N THR H 215 39.92 25.42 21.24
CA THR H 215 39.52 26.81 21.16
C THR H 215 39.22 27.31 22.58
N THR H 216 39.03 28.63 22.69
CA THR H 216 38.83 29.26 23.99
C THR H 216 37.59 28.69 24.70
N TYR H 217 37.76 28.45 26.00
CA TYR H 217 36.70 27.96 26.86
C TYR H 217 36.98 28.46 28.27
N LYS H 218 35.91 28.62 29.04
CA LYS H 218 36.03 29.01 30.45
C LYS H 218 35.15 28.07 31.26
N LEU H 219 35.77 27.10 31.92
CA LEU H 219 35.05 26.11 32.71
C LEU H 219 35.34 26.31 34.19
N ASN H 220 34.27 26.39 34.98
CA ASN H 220 34.34 26.38 36.43
C ASN H 220 34.24 24.94 36.94
N VAL H 221 33.99 24.77 38.23
CA VAL H 221 33.88 23.45 38.83
C VAL H 221 32.58 22.79 38.43
N GLY H 222 32.48 21.48 38.64
CA GLY H 222 31.33 20.68 38.26
C GLY H 222 31.56 19.95 36.96
N ASP H 223 32.48 20.46 36.15
CA ASP H 223 32.81 19.87 34.87
C ASP H 223 33.72 18.66 35.03
N TYR H 224 33.58 17.69 34.12
CA TYR H 224 34.60 16.66 33.97
C TYR H 224 34.56 16.09 32.56
N PHE H 225 35.66 15.45 32.17
CA PHE H 225 35.93 15.05 30.81
C PHE H 225 36.14 13.54 30.70
N VAL H 226 35.95 13.03 29.49
CA VAL H 226 36.30 11.66 29.09
C VAL H 226 36.83 11.77 27.66
N LEU H 227 37.46 10.72 27.14
CA LEU H 227 37.74 10.64 25.70
C LEU H 227 36.66 9.76 25.08
N THR H 228 35.72 10.41 24.39
CA THR H 228 34.60 9.70 23.81
C THR H 228 35.03 8.81 22.65
N SER H 229 34.15 7.91 22.25
CA SER H 229 34.43 7.00 21.14
C SER H 229 33.18 6.76 20.31
N HIS H 230 33.22 5.73 19.48
CA HIS H 230 32.10 5.36 18.62
C HIS H 230 31.50 4.06 19.15
N THR H 231 30.57 3.50 18.39
CA THR H 231 30.11 2.12 18.57
C THR H 231 30.30 1.43 17.21
N VAL H 232 31.53 0.94 16.98
CA VAL H 232 31.94 0.54 15.64
C VAL H 232 31.08 -0.61 15.14
N MET H 233 30.46 -0.41 13.98
CA MET H 233 29.61 -1.38 13.34
C MET H 233 30.41 -2.23 12.36
N PRO H 234 29.83 -3.33 11.87
CA PRO H 234 30.54 -4.14 10.86
C PRO H 234 30.86 -3.36 9.58
N LEU H 235 31.88 -3.80 8.86
CA LEU H 235 32.33 -3.16 7.63
C LEU H 235 31.66 -3.81 6.42
N SER H 236 32.14 -3.49 5.21
CA SER H 236 31.56 -4.08 4.01
C SER H 236 32.60 -4.68 3.06
N ALA H 237 33.75 -4.02 2.92
CA ALA H 237 34.64 -4.24 1.80
C ALA H 237 36.06 -4.60 2.24
N PRO H 238 36.87 -5.17 1.32
CA PRO H 238 38.25 -5.56 1.67
C PRO H 238 39.19 -4.38 1.90
N THR H 239 40.46 -4.70 2.15
CA THR H 239 41.48 -3.66 2.34
C THR H 239 41.87 -3.02 1.02
N LEU H 240 41.85 -3.78 -0.07
CA LEU H 240 42.16 -3.24 -1.39
C LEU H 240 41.29 -3.95 -2.43
N VAL H 241 41.34 -3.42 -3.65
CA VAL H 241 40.64 -3.99 -4.79
C VAL H 241 41.54 -5.02 -5.47
N PRO H 242 40.97 -6.02 -6.16
CA PRO H 242 41.81 -6.94 -6.93
C PRO H 242 42.51 -6.20 -8.07
N GLN H 243 43.72 -6.65 -8.39
CA GLN H 243 44.62 -5.91 -9.27
C GLN H 243 44.17 -6.01 -10.73
N GLU H 244 44.89 -5.30 -11.60
CA GLU H 244 44.61 -5.24 -13.03
C GLU H 244 45.92 -5.24 -13.80
N HIS H 245 45.89 -5.80 -15.00
CA HIS H 245 47.03 -5.75 -15.92
C HIS H 245 46.52 -5.54 -17.34
N TYR H 246 45.58 -4.61 -17.51
CA TYR H 246 44.92 -4.39 -18.79
C TYR H 246 45.74 -3.44 -19.67
N VAL H 247 45.18 -3.10 -20.83
CA VAL H 247 45.92 -2.40 -21.87
C VAL H 247 45.66 -0.90 -21.90
N ARG H 248 44.68 -0.41 -21.16
CA ARG H 248 44.17 0.95 -21.32
C ARG H 248 44.41 1.78 -20.08
N ILE H 249 44.61 3.09 -20.28
CA ILE H 249 44.36 4.06 -19.22
C ILE H 249 42.84 4.21 -19.17
N THR H 250 42.19 3.43 -18.30
CA THR H 250 40.74 3.27 -18.39
C THR H 250 40.04 4.47 -17.77
N GLY H 251 39.06 5.01 -18.51
CA GLY H 251 38.15 6.00 -18.00
C GLY H 251 38.64 7.43 -18.00
N LEU H 252 39.77 7.73 -18.65
CA LEU H 252 40.27 9.10 -18.63
C LEU H 252 40.76 9.57 -19.99
N TYR H 253 41.38 10.74 -20.03
CA TYR H 253 41.60 11.48 -21.27
C TYR H 253 43.08 11.79 -21.47
N PRO H 254 43.63 11.58 -22.67
CA PRO H 254 45.04 11.88 -22.90
C PRO H 254 45.35 13.36 -22.72
N THR H 255 46.65 13.66 -22.73
CA THR H 255 47.16 14.95 -22.27
C THR H 255 47.68 15.80 -23.42
N LEU H 256 47.55 17.11 -23.26
CA LEU H 256 48.15 18.11 -24.14
C LEU H 256 49.19 18.96 -23.43
N ASN H 257 48.88 19.44 -22.22
CA ASN H 257 49.72 20.39 -21.51
C ASN H 257 50.29 19.77 -20.24
N ILE H 258 51.53 20.13 -19.93
CA ILE H 258 52.13 19.82 -18.63
C ILE H 258 53.29 20.78 -18.40
N SER H 259 53.58 21.06 -17.14
CA SER H 259 54.71 21.88 -16.75
C SER H 259 55.91 20.99 -16.50
N ASP H 260 57.09 21.43 -16.96
CA ASP H 260 58.27 20.56 -16.95
C ASP H 260 58.75 20.23 -15.54
N GLU H 261 58.27 20.92 -14.50
CA GLU H 261 58.53 20.48 -13.14
C GLU H 261 57.79 19.18 -12.85
N PHE H 262 56.85 18.79 -13.70
CA PHE H 262 56.19 17.49 -13.61
C PHE H 262 56.93 16.42 -14.43
N SER H 263 58.21 16.65 -14.74
CA SER H 263 58.95 15.70 -15.56
C SER H 263 59.02 14.34 -14.90
N SER H 264 59.37 14.30 -13.61
CA SER H 264 59.35 13.05 -12.87
C SER H 264 57.94 12.58 -12.56
N ASN H 265 56.93 13.43 -12.80
CA ASN H 265 55.54 13.10 -12.58
C ASN H 265 54.94 12.29 -13.72
N VAL H 266 55.34 12.59 -14.97
CA VAL H 266 54.72 11.94 -16.12
C VAL H 266 54.93 10.43 -16.07
N ALA H 267 56.14 10.01 -15.74
CA ALA H 267 56.50 8.59 -15.84
C ALA H 267 55.66 7.72 -14.90
N ASN H 268 55.19 8.27 -13.78
CA ASN H 268 54.41 7.47 -12.84
C ASN H 268 52.92 7.73 -12.93
N TYR H 269 52.49 8.77 -13.65
CA TYR H 269 51.05 8.94 -13.89
C TYR H 269 50.48 7.74 -14.62
N GLN H 270 51.19 7.26 -15.65
CA GLN H 270 50.67 6.21 -16.51
C GLN H 270 50.43 4.91 -15.75
N LYS H 271 51.38 4.53 -14.87
CA LYS H 271 51.28 3.23 -14.23
C LYS H 271 50.13 3.17 -13.22
N VAL H 272 49.78 4.30 -12.60
CA VAL H 272 48.69 4.28 -11.64
C VAL H 272 47.34 4.10 -12.34
N GLY H 273 47.21 4.59 -13.57
CA GLY H 273 45.94 4.53 -14.26
C GLY H 273 45.84 3.41 -15.29
N MET H 274 46.98 2.84 -15.68
CA MET H 274 46.97 1.74 -16.63
C MET H 274 46.60 0.42 -15.97
N GLN H 275 46.75 0.32 -14.66
CA GLN H 275 46.36 -0.87 -13.91
C GLN H 275 45.75 -0.44 -12.58
N LYS H 276 45.00 -1.36 -11.98
CA LYS H 276 44.08 -1.09 -10.87
C LYS H 276 44.65 -0.14 -9.82
N TYR H 277 45.76 -0.51 -9.20
CA TYR H 277 46.36 0.32 -8.17
C TYR H 277 47.87 0.20 -8.25
N SER H 278 48.55 1.34 -8.09
CA SER H 278 49.99 1.40 -7.95
C SER H 278 50.27 2.00 -6.58
N THR H 279 50.67 1.16 -5.63
CA THR H 279 50.74 1.59 -4.25
C THR H 279 51.99 2.44 -4.01
N LEU H 280 51.80 3.64 -3.48
CA LEU H 280 52.85 4.64 -3.43
C LEU H 280 53.62 4.53 -2.12
N GLN H 281 54.93 4.37 -2.21
CA GLN H 281 55.84 4.58 -1.09
C GLN H 281 56.45 5.96 -1.23
N GLY H 282 56.65 6.64 -0.11
CA GLY H 282 57.23 7.96 -0.16
C GLY H 282 58.23 8.25 0.92
N PRO H 283 59.46 8.57 0.52
CA PRO H 283 60.40 9.17 1.45
C PRO H 283 59.94 10.57 1.81
N PRO H 284 60.33 11.07 2.98
CA PRO H 284 59.86 12.39 3.42
C PRO H 284 60.22 13.51 2.45
N GLY H 285 59.20 14.21 1.96
CA GLY H 285 59.38 15.40 1.14
C GLY H 285 60.00 15.16 -0.22
N THR H 286 59.55 14.13 -0.93
CA THR H 286 59.99 13.86 -2.29
C THR H 286 59.11 14.51 -3.34
N GLY H 287 58.01 15.15 -2.94
CA GLY H 287 57.06 15.70 -3.89
C GLY H 287 55.81 14.87 -4.06
N LYS H 288 55.46 14.04 -3.07
CA LYS H 288 54.33 13.12 -3.22
C LYS H 288 53.01 13.88 -3.34
N SER H 289 52.77 14.82 -2.44
CA SER H 289 51.52 15.59 -2.50
C SER H 289 51.47 16.40 -3.79
N HIS H 290 52.58 17.02 -4.17
CA HIS H 290 52.72 17.65 -5.48
C HIS H 290 52.31 16.68 -6.58
N PHE H 291 52.82 15.45 -6.49
CA PHE H 291 52.38 14.39 -7.39
C PHE H 291 50.89 14.11 -7.24
N ALA H 292 50.41 14.05 -5.99
CA ALA H 292 48.99 13.81 -5.75
C ALA H 292 48.11 14.98 -6.16
N ILE H 293 48.69 16.19 -6.25
CA ILE H 293 48.00 17.32 -6.85
C ILE H 293 48.19 17.33 -8.36
N GLY H 294 49.40 17.01 -8.81
CA GLY H 294 49.70 16.92 -10.23
C GLY H 294 48.93 15.84 -10.96
N LEU H 295 48.32 14.90 -10.23
CA LEU H 295 47.42 13.95 -10.86
C LEU H 295 46.29 14.68 -11.60
N ALA H 296 45.61 15.58 -10.90
CA ALA H 296 44.59 16.39 -11.56
C ALA H 296 45.20 17.40 -12.52
N LEU H 297 46.47 17.77 -12.30
CA LEU H 297 47.15 18.62 -13.28
C LEU H 297 47.40 17.88 -14.58
N TYR H 298 47.69 16.59 -14.50
CA TYR H 298 47.92 15.82 -15.72
C TYR H 298 46.63 15.64 -16.53
N TYR H 299 45.50 15.38 -15.85
CA TYR H 299 44.19 15.14 -16.47
C TYR H 299 43.19 16.00 -15.73
N PRO H 300 42.95 17.21 -16.23
CA PRO H 300 41.96 18.17 -15.65
C PRO H 300 40.57 17.61 -15.46
N SER H 301 40.28 16.46 -16.08
CA SER H 301 38.97 15.85 -16.16
C SER H 301 38.76 14.71 -15.14
N ALA H 302 39.70 14.47 -14.23
CA ALA H 302 39.59 13.31 -13.33
C ALA H 302 39.01 13.70 -11.98
N ARG H 303 38.25 12.79 -11.38
CA ARG H 303 37.79 12.93 -10.00
C ARG H 303 38.77 12.19 -9.09
N ILE H 304 39.40 12.93 -8.18
CA ILE H 304 40.33 12.35 -7.22
C ILE H 304 39.93 12.80 -5.83
N VAL H 305 39.90 11.86 -4.88
CA VAL H 305 39.25 12.05 -3.60
C VAL H 305 40.32 12.21 -2.52
N TYR H 306 40.42 13.42 -1.98
CA TYR H 306 41.43 13.73 -0.96
C TYR H 306 41.06 13.03 0.34
N THR H 307 41.89 12.08 0.77
CA THR H 307 41.73 11.35 2.01
C THR H 307 42.99 11.51 2.87
N ALA H 308 42.92 11.02 4.10
CA ALA H 308 44.07 10.97 4.99
C ALA H 308 43.76 10.13 6.24
N CYS H 309 44.65 10.18 7.23
CA CYS H 309 44.30 9.68 8.55
C CYS H 309 43.34 10.63 9.26
N SER H 310 43.76 11.88 9.44
CA SER H 310 42.92 12.96 9.91
C SER H 310 42.99 14.11 8.92
N HIS H 311 42.14 15.12 9.12
CA HIS H 311 42.03 16.22 8.18
C HIS H 311 43.34 17.01 8.07
N ALA H 312 44.16 16.99 9.12
CA ALA H 312 45.35 17.83 9.16
C ALA H 312 46.31 17.57 8.01
N ALA H 313 46.24 16.38 7.40
CA ALA H 313 47.04 16.11 6.22
C ALA H 313 46.34 16.50 4.93
N VAL H 314 45.01 16.38 4.86
CA VAL H 314 44.30 16.96 3.73
C VAL H 314 44.38 18.48 3.79
N ASP H 315 44.46 19.04 5.00
CA ASP H 315 44.78 20.45 5.14
C ASP H 315 46.09 20.80 4.44
N ALA H 316 47.05 19.86 4.44
CA ALA H 316 48.25 20.04 3.63
C ALA H 316 47.90 20.01 2.14
N LEU H 317 47.12 19.01 1.72
CA LEU H 317 46.61 19.00 0.35
C LEU H 317 45.66 20.15 0.09
N CYS H 318 45.11 20.78 1.13
CA CYS H 318 44.40 22.04 0.99
C CYS H 318 45.34 23.21 0.81
N GLU H 319 46.49 23.20 1.50
CA GLU H 319 47.42 24.32 1.43
C GLU H 319 48.00 24.47 0.02
N LYS H 320 48.28 23.35 -0.63
CA LYS H 320 48.78 23.38 -2.00
C LYS H 320 47.67 23.37 -3.04
N ALA H 321 46.40 23.25 -2.62
CA ALA H 321 45.29 23.43 -3.54
C ALA H 321 45.13 24.89 -3.94
N LEU H 322 45.43 25.83 -3.03
CA LEU H 322 45.48 27.24 -3.39
C LEU H 322 46.54 27.50 -4.44
N LYS H 323 47.56 26.65 -4.50
CA LYS H 323 48.69 26.86 -5.39
C LYS H 323 48.36 26.54 -6.84
N TYR H 324 47.59 25.48 -7.09
CA TYR H 324 47.48 24.91 -8.43
C TYR H 324 46.10 25.00 -9.04
N LEU H 325 45.08 24.47 -8.37
CA LEU H 325 43.86 24.19 -9.12
C LEU H 325 42.79 25.24 -8.86
N PRO H 326 41.92 25.49 -9.83
CA PRO H 326 40.85 26.46 -9.64
C PRO H 326 39.93 26.04 -8.49
N ILE H 327 39.42 27.05 -7.78
CA ILE H 327 38.58 26.81 -6.60
C ILE H 327 37.16 26.43 -6.96
N ASP H 328 36.82 26.39 -8.24
CA ASP H 328 35.46 26.10 -8.68
C ASP H 328 35.23 24.62 -8.97
N LYS H 329 36.15 23.74 -8.57
CA LYS H 329 36.03 22.31 -8.83
C LYS H 329 36.23 21.46 -7.59
N CYS H 330 36.01 22.02 -6.40
CA CYS H 330 36.44 21.39 -5.16
C CYS H 330 35.46 21.69 -4.03
N SER H 331 35.52 20.85 -3.00
CA SER H 331 34.67 21.02 -1.83
C SER H 331 35.32 20.34 -0.63
N ARG H 332 35.45 21.07 0.47
CA ARG H 332 36.08 20.57 1.69
C ARG H 332 35.00 20.13 2.67
N ILE H 333 34.89 18.83 2.88
CA ILE H 333 33.87 18.25 3.76
C ILE H 333 34.44 18.15 5.16
N ILE H 334 33.70 18.69 6.13
CA ILE H 334 34.08 18.58 7.54
C ILE H 334 32.86 18.13 8.32
N PRO H 335 32.99 17.18 9.24
CA PRO H 335 31.83 16.75 10.04
C PRO H 335 31.38 17.84 11.00
N ALA H 336 30.11 17.76 11.38
CA ALA H 336 29.53 18.73 12.30
C ALA H 336 30.04 18.50 13.72
N VAL H 340 34.52 21.35 14.38
CA VAL H 340 35.93 21.28 14.73
C VAL H 340 36.71 22.33 13.96
N GLU H 341 37.91 22.67 14.45
CA GLU H 341 38.72 23.75 13.90
C GLU H 341 39.84 23.15 13.07
N CYS H 342 39.68 23.20 11.74
CA CYS H 342 40.67 22.71 10.81
C CYS H 342 40.81 23.70 9.65
N PHE H 343 41.50 23.31 8.59
CA PHE H 343 41.60 24.14 7.40
C PHE H 343 40.39 23.84 6.51
N ASP H 344 39.79 24.89 5.95
CA ASP H 344 38.68 24.77 5.00
C ASP H 344 38.91 25.75 3.84
N LYS H 345 39.50 25.25 2.74
CA LYS H 345 39.72 26.08 1.55
C LYS H 345 38.44 26.31 0.74
N PHE H 346 37.40 25.51 0.99
CA PHE H 346 36.25 25.46 0.09
C PHE H 346 34.96 25.40 0.88
N LYS H 347 33.87 25.02 0.22
CA LYS H 347 32.57 24.88 0.87
C LYS H 347 32.33 23.42 1.27
N VAL H 348 31.48 23.24 2.28
CA VAL H 348 31.30 21.95 2.95
C VAL H 348 30.07 21.25 2.38
N ASN H 349 30.12 19.91 2.37
CA ASN H 349 29.00 19.03 2.06
C ASN H 349 28.58 19.08 0.60
N SER H 350 29.49 19.45 -0.30
CA SER H 350 29.23 19.42 -1.74
C SER H 350 29.91 18.18 -2.32
N THR H 351 29.22 17.05 -2.19
CA THR H 351 29.81 15.76 -2.57
C THR H 351 29.94 15.63 -4.09
N LEU H 352 28.98 16.17 -4.84
CA LEU H 352 28.86 15.93 -6.27
C LEU H 352 29.89 16.72 -7.09
N GLU H 353 30.90 17.27 -6.42
CA GLU H 353 31.89 18.11 -7.07
C GLU H 353 33.15 17.29 -7.35
N GLN H 354 33.91 17.75 -8.37
CA GLN H 354 35.00 16.96 -8.92
C GLN H 354 36.04 16.61 -7.87
N TYR H 355 36.58 17.61 -7.17
CA TYR H 355 37.58 17.37 -6.15
C TYR H 355 36.87 17.09 -4.82
N VAL H 356 37.31 16.04 -4.14
CA VAL H 356 36.66 15.56 -2.92
C VAL H 356 37.67 15.69 -1.79
N PHE H 357 37.59 16.80 -1.05
CA PHE H 357 38.43 17.05 0.11
C PHE H 357 37.72 16.53 1.36
N CYS H 358 38.30 15.52 1.99
CA CYS H 358 37.72 14.94 3.20
C CYS H 358 38.73 14.04 3.90
N THR H 359 38.26 13.29 4.89
CA THR H 359 39.05 12.24 5.51
C THR H 359 38.17 11.02 5.72
N VAL H 360 38.80 9.91 6.12
CA VAL H 360 38.14 8.61 6.24
C VAL H 360 36.91 8.68 7.12
N ASN H 361 36.83 9.67 8.00
CA ASN H 361 35.68 9.85 8.87
C ASN H 361 34.61 10.76 8.28
N ALA H 362 34.77 11.24 7.05
CA ALA H 362 33.90 12.30 6.55
C ALA H 362 33.07 11.91 5.34
N LEU H 363 33.70 11.42 4.28
CA LEU H 363 33.03 11.34 2.98
C LEU H 363 31.84 10.38 3.03
N PRO H 364 30.71 10.74 2.43
CA PRO H 364 29.63 9.76 2.21
C PRO H 364 29.99 8.80 1.10
N GLU H 365 29.40 7.60 1.16
CA GLU H 365 29.67 6.55 0.19
C GLU H 365 29.22 7.00 -1.20
N THR H 366 30.18 7.12 -2.12
CA THR H 366 29.89 7.48 -3.52
C THR H 366 30.82 6.67 -4.41
N THR H 367 30.93 7.04 -5.68
CA THR H 367 31.89 6.45 -6.60
C THR H 367 32.72 7.55 -7.27
N ALA H 368 33.97 7.23 -7.54
CA ALA H 368 34.89 8.20 -8.13
C ALA H 368 35.90 7.44 -8.99
N ASP H 369 36.83 8.19 -9.58
CA ASP H 369 37.83 7.62 -10.48
C ASP H 369 39.07 7.16 -9.72
N ILE H 370 39.70 8.08 -9.01
CA ILE H 370 40.90 7.80 -8.24
C ILE H 370 40.69 8.33 -6.82
N VAL H 371 41.19 7.59 -5.83
CA VAL H 371 41.15 8.02 -4.44
C VAL H 371 42.58 8.24 -3.98
N VAL H 372 42.89 9.45 -3.53
CA VAL H 372 44.24 9.71 -3.03
C VAL H 372 44.28 9.44 -1.53
N PHE H 373 44.62 8.21 -1.17
CA PHE H 373 44.74 7.76 0.22
C PHE H 373 46.03 8.32 0.80
N ASP H 374 45.95 9.18 1.80
CA ASP H 374 47.12 9.84 2.35
C ASP H 374 47.56 9.20 3.66
N GLU H 375 48.88 9.16 3.88
CA GLU H 375 49.53 8.73 5.11
C GLU H 375 49.03 7.36 5.56
N ILE H 376 49.24 6.36 4.73
CA ILE H 376 48.73 5.01 4.96
C ILE H 376 49.29 4.37 6.24
N SER H 377 50.58 4.55 6.53
CA SER H 377 51.20 3.82 7.63
C SER H 377 50.57 4.18 8.98
N MET H 378 50.03 5.39 9.11
CA MET H 378 49.29 5.76 10.31
C MET H 378 47.85 5.26 10.30
N ALA H 379 47.51 4.32 9.44
CA ALA H 379 46.17 3.76 9.35
C ALA H 379 46.23 2.26 9.55
N THR H 380 45.28 1.73 10.32
CA THR H 380 45.09 0.31 10.49
C THR H 380 44.08 -0.19 9.46
N ASN H 381 43.94 -1.52 9.37
CA ASN H 381 43.12 -2.14 8.34
C ASN H 381 41.70 -1.59 8.33
N TYR H 382 41.15 -1.27 9.50
CA TYR H 382 39.78 -0.78 9.59
C TYR H 382 39.58 0.52 8.82
N ASP H 383 40.24 1.59 9.28
CA ASP H 383 40.17 2.86 8.58
C ASP H 383 40.77 2.78 7.19
N LEU H 384 41.55 1.74 6.91
CA LEU H 384 42.01 1.52 5.54
C LEU H 384 40.89 0.93 4.67
N SER H 385 40.06 0.05 5.24
CA SER H 385 39.04 -0.62 4.46
C SER H 385 37.73 0.14 4.40
N VAL H 386 37.56 1.20 5.21
CA VAL H 386 36.29 1.93 5.20
C VAL H 386 36.06 2.56 3.83
N VAL H 387 37.07 3.25 3.29
CA VAL H 387 36.91 3.92 2.01
C VAL H 387 36.72 2.90 0.89
N ASN H 388 37.31 1.71 1.03
CA ASN H 388 36.98 0.63 0.10
C ASN H 388 35.51 0.26 0.16
N ALA H 389 34.87 0.49 1.31
CA ALA H 389 33.42 0.33 1.38
C ALA H 389 32.70 1.55 0.83
N ARG H 390 33.13 2.75 1.21
CA ARG H 390 32.46 3.95 0.73
C ARG H 390 32.70 4.16 -0.77
N LEU H 391 33.94 4.09 -1.21
CA LEU H 391 34.32 4.51 -2.55
C LEU H 391 34.83 3.31 -3.34
N ARG H 392 34.07 2.92 -4.36
CA ARG H 392 34.47 1.85 -5.28
C ARG H 392 35.06 2.49 -6.54
N ALA H 393 36.24 3.07 -6.40
CA ALA H 393 36.94 3.64 -7.54
C ALA H 393 37.64 2.55 -8.34
N LYS H 394 37.90 2.85 -9.61
CA LYS H 394 38.59 1.89 -10.45
C LYS H 394 40.11 1.94 -10.24
N HIS H 395 40.62 3.05 -9.72
CA HIS H 395 42.04 3.21 -9.46
C HIS H 395 42.24 3.76 -8.05
N TYR H 396 43.38 3.37 -7.44
CA TYR H 396 43.71 3.76 -6.08
C TYR H 396 45.03 4.52 -6.08
N VAL H 397 45.19 5.40 -5.09
CA VAL H 397 46.42 6.15 -4.84
C VAL H 397 46.66 6.19 -3.34
N TYR H 398 47.67 5.44 -2.88
CA TYR H 398 47.98 5.34 -1.47
C TYR H 398 49.18 6.20 -1.05
N ILE H 399 49.00 7.50 -0.88
CA ILE H 399 50.07 8.32 -0.31
C ILE H 399 50.41 7.78 1.07
N GLY H 400 51.68 7.48 1.31
CA GLY H 400 52.11 6.90 2.57
C GLY H 400 53.31 6.01 2.33
N ASP H 401 53.80 5.43 3.43
CA ASP H 401 54.83 4.41 3.38
C ASP H 401 54.92 3.78 4.77
N PRO H 402 54.89 2.45 4.88
CA PRO H 402 55.11 1.80 6.18
C PRO H 402 56.43 2.24 6.83
N ALA H 403 57.32 2.78 6.01
CA ALA H 403 58.64 3.16 6.48
C ALA H 403 58.64 4.28 7.51
N GLN H 404 57.60 5.12 7.57
CA GLN H 404 57.71 6.26 8.47
C GLN H 404 57.37 5.90 9.91
N LEU H 405 56.10 5.64 10.21
CA LEU H 405 55.64 5.38 11.58
C LEU H 405 54.23 4.80 11.52
N PRO H 406 53.86 3.92 12.45
CA PRO H 406 52.50 3.36 12.43
C PRO H 406 51.51 4.14 13.28
N ALA H 407 50.25 3.72 13.24
CA ALA H 407 49.22 4.33 14.05
C ALA H 407 49.41 3.96 15.53
N PRO H 408 48.96 4.81 16.45
CA PRO H 408 49.15 4.51 17.88
C PRO H 408 48.27 3.37 18.34
N ARG H 409 48.89 2.22 18.60
CA ARG H 409 48.24 1.07 19.23
C ARG H 409 48.55 1.15 20.72
N THR H 410 47.58 1.57 21.52
CA THR H 410 47.79 1.65 22.96
C THR H 410 48.11 0.29 23.56
N LEU H 411 47.64 -0.79 22.94
CA LEU H 411 47.94 -2.14 23.38
C LEU H 411 49.27 -2.67 22.84
N LEU H 412 50.18 -1.78 22.43
CA LEU H 412 51.56 -2.20 22.19
C LEU H 412 52.19 -2.47 23.54
N THR H 413 52.33 -3.74 23.89
CA THR H 413 52.79 -4.04 25.23
C THR H 413 54.07 -4.87 25.22
N LYS H 414 54.03 -6.05 24.60
CA LYS H 414 55.20 -6.91 24.45
C LYS H 414 55.58 -7.04 22.98
N GLY H 415 56.85 -6.78 22.68
CA GLY H 415 57.30 -6.66 21.31
C GLY H 415 56.91 -5.31 20.74
N THR H 416 57.31 -5.10 19.48
CA THR H 416 56.97 -3.88 18.76
C THR H 416 56.60 -4.24 17.33
N LEU H 417 55.53 -3.64 16.84
CA LEU H 417 55.06 -3.96 15.49
C LEU H 417 56.06 -3.48 14.45
N GLU H 418 56.51 -4.40 13.60
CA GLU H 418 57.36 -4.09 12.48
C GLU H 418 56.53 -3.57 11.32
N PRO H 419 57.11 -2.79 10.41
CA PRO H 419 56.32 -2.26 9.29
C PRO H 419 55.85 -3.33 8.33
N GLU H 420 56.30 -4.57 8.49
CA GLU H 420 55.71 -5.67 7.74
C GLU H 420 54.23 -5.82 8.05
N TYR H 421 53.82 -5.47 9.27
CA TYR H 421 52.49 -5.80 9.77
C TYR H 421 51.68 -4.58 10.17
N PHE H 422 52.09 -3.38 9.76
CA PHE H 422 51.29 -2.19 10.05
C PHE H 422 49.93 -2.29 9.38
N ASN H 423 49.89 -2.76 8.13
CA ASN H 423 48.66 -3.15 7.46
C ASN H 423 49.04 -4.11 6.33
N SER H 424 48.06 -4.42 5.46
CA SER H 424 48.34 -5.31 4.33
C SER H 424 49.16 -4.61 3.26
N VAL H 425 48.87 -3.34 2.99
CA VAL H 425 49.67 -2.56 2.05
C VAL H 425 51.11 -2.44 2.55
N CYS H 426 51.30 -2.49 3.87
CA CYS H 426 52.62 -2.26 4.44
C CYS H 426 53.60 -3.38 4.09
N ARG H 427 53.15 -4.63 4.08
CA ARG H 427 53.98 -5.70 3.54
C ARG H 427 53.89 -5.79 2.02
N LEU H 428 52.92 -5.10 1.42
CA LEU H 428 52.76 -5.16 -0.03
C LEU H 428 53.94 -4.53 -0.76
N MET H 429 54.48 -3.42 -0.23
CA MET H 429 55.72 -2.88 -0.75
C MET H 429 56.91 -3.76 -0.45
N LYS H 430 56.77 -4.73 0.45
CA LYS H 430 57.84 -5.63 0.83
C LYS H 430 57.65 -7.03 0.27
N THR H 431 56.60 -7.24 -0.52
CA THR H 431 56.37 -8.52 -1.18
C THR H 431 56.47 -8.30 -2.69
N ILE H 432 55.71 -7.34 -3.22
CA ILE H 432 55.75 -7.04 -4.65
C ILE H 432 56.68 -5.84 -4.92
N GLY H 433 57.06 -5.13 -3.88
CA GLY H 433 57.82 -3.94 -4.11
C GLY H 433 56.89 -2.77 -4.19
N PRO H 434 57.43 -1.59 -4.03
CA PRO H 434 56.64 -0.33 -4.24
C PRO H 434 56.47 -0.09 -5.74
N ASP H 435 55.23 0.18 -6.18
CA ASP H 435 55.07 0.49 -7.60
C ASP H 435 55.38 1.97 -7.81
N MET H 436 56.12 2.57 -6.88
CA MET H 436 56.40 3.99 -6.88
C MET H 436 57.89 4.24 -6.74
N PHE H 437 58.40 5.19 -7.52
CA PHE H 437 59.82 5.56 -7.42
C PHE H 437 59.99 7.03 -7.80
N LEU H 438 60.35 7.85 -6.82
CA LEU H 438 60.71 9.26 -7.06
C LEU H 438 62.04 9.53 -6.40
N GLY H 439 63.07 9.75 -7.22
CA GLY H 439 64.42 9.88 -6.70
C GLY H 439 64.85 11.28 -6.34
N THR H 440 64.06 12.28 -6.71
CA THR H 440 64.40 13.68 -6.46
C THR H 440 63.76 14.11 -5.14
N CYS H 441 64.57 14.16 -4.09
CA CYS H 441 64.12 14.59 -2.78
C CYS H 441 64.57 16.02 -2.53
N ARG H 442 63.61 16.94 -2.47
CA ARG H 442 63.91 18.34 -2.22
C ARG H 442 64.10 18.63 -0.73
N ARG H 443 63.91 17.63 0.13
CA ARG H 443 63.98 17.80 1.57
C ARG H 443 65.38 18.18 2.08
N CYS H 444 66.35 17.29 1.91
CA CYS H 444 67.58 17.35 2.69
C CYS H 444 68.81 17.56 1.82
N PRO H 445 69.89 18.10 2.41
CA PRO H 445 71.16 18.26 1.68
C PRO H 445 72.04 17.01 1.73
N ALA H 446 73.28 17.15 1.26
CA ALA H 446 74.18 16.02 1.08
C ALA H 446 74.39 15.19 2.35
N GLU H 447 73.89 15.63 3.48
CA GLU H 447 74.07 14.87 4.72
C GLU H 447 73.02 13.77 4.90
N ILE H 448 71.75 14.15 4.96
CA ILE H 448 70.73 13.25 5.50
C ILE H 448 70.21 12.27 4.45
N VAL H 449 69.85 12.77 3.26
CA VAL H 449 69.23 11.90 2.25
C VAL H 449 70.21 10.79 1.86
N ASP H 450 71.50 11.11 1.80
CA ASP H 450 72.51 10.08 1.58
C ASP H 450 72.58 9.13 2.76
N THR H 451 72.35 9.64 3.97
CA THR H 451 72.42 8.86 5.19
C THR H 451 71.21 7.94 5.38
N VAL H 452 70.00 8.44 5.09
CA VAL H 452 68.80 7.62 5.24
C VAL H 452 68.76 6.47 4.26
N SER H 453 69.63 6.47 3.25
CA SER H 453 69.67 5.42 2.25
C SER H 453 69.95 4.05 2.85
N ALA H 454 71.14 3.87 3.42
CA ALA H 454 71.50 2.58 4.00
C ALA H 454 70.71 2.28 5.25
N LEU H 455 69.97 3.25 5.80
CA LEU H 455 69.21 3.05 7.02
C LEU H 455 68.17 1.96 6.83
N VAL H 456 67.12 2.26 6.05
CA VAL H 456 66.18 1.25 5.60
C VAL H 456 65.87 1.52 4.13
N TYR H 457 66.17 2.74 3.69
CA TYR H 457 65.54 3.29 2.49
C TYR H 457 66.21 2.81 1.20
N ASP H 458 66.40 1.49 1.07
CA ASP H 458 66.64 0.84 -0.21
C ASP H 458 67.92 1.28 -0.91
N ASN H 459 68.73 2.12 -0.27
CA ASN H 459 69.88 2.77 -0.91
C ASN H 459 69.45 3.56 -2.14
N LYS H 460 68.24 4.12 -2.10
CA LYS H 460 67.68 4.85 -3.23
C LYS H 460 67.70 6.36 -3.03
N LEU H 461 67.69 6.82 -1.78
CA LEU H 461 67.80 8.24 -1.47
C LEU H 461 69.27 8.66 -1.56
N LYS H 462 69.52 9.78 -2.22
CA LYS H 462 70.86 10.34 -2.29
C LYS H 462 70.76 11.85 -2.53
N ALA H 463 71.92 12.51 -2.45
CA ALA H 463 71.98 13.96 -2.26
C ALA H 463 71.29 14.72 -3.39
N HIS H 464 70.82 15.91 -3.05
CA HIS H 464 70.29 16.87 -4.01
C HIS H 464 71.14 18.13 -4.01
N LYS H 465 71.35 18.72 -2.83
CA LYS H 465 72.26 19.84 -2.67
C LYS H 465 73.62 19.34 -2.19
N ASP H 466 74.49 20.26 -1.76
CA ASP H 466 75.76 19.89 -1.14
C ASP H 466 75.62 19.98 0.38
N LYS H 467 76.72 19.71 1.07
CA LYS H 467 76.72 19.68 2.54
C LYS H 467 76.55 21.09 3.09
N SER H 468 75.61 21.25 4.03
CA SER H 468 75.46 22.51 4.75
C SER H 468 76.39 22.62 5.95
N ALA H 469 76.97 21.50 6.40
CA ALA H 469 78.14 21.48 7.28
C ALA H 469 77.81 21.96 8.70
N GLN H 470 76.59 21.75 9.15
CA GLN H 470 76.28 22.00 10.56
C GLN H 470 75.36 20.91 11.09
N CYS H 471 74.94 19.98 10.23
CA CYS H 471 74.19 18.80 10.67
C CYS H 471 75.17 17.82 11.30
N PHE H 472 75.51 18.07 12.55
CA PHE H 472 76.55 17.34 13.25
C PHE H 472 75.94 16.30 14.19
N LYS H 473 76.80 15.41 14.68
CA LYS H 473 76.41 14.36 15.61
C LYS H 473 77.17 14.53 16.92
N MET H 474 76.50 14.21 18.03
N MET H 474 76.50 14.19 18.02
CA MET H 474 77.10 14.31 19.36
CA MET H 474 77.07 14.32 19.37
C MET H 474 76.43 13.25 20.23
C MET H 474 76.41 13.25 20.23
N PHE H 475 77.13 12.15 20.48
CA PHE H 475 76.59 11.11 21.33
C PHE H 475 76.83 11.46 22.80
N TYR H 476 75.77 11.32 23.60
CA TYR H 476 75.69 11.84 24.96
C TYR H 476 76.08 10.80 26.02
N LYS H 477 75.73 11.09 27.28
CA LYS H 477 76.16 10.32 28.44
C LYS H 477 75.09 9.32 28.88
N GLY H 478 73.93 9.82 29.30
CA GLY H 478 72.79 8.98 29.64
C GLY H 478 72.66 8.45 31.06
N VAL H 479 71.61 8.88 31.77
CA VAL H 479 71.17 8.28 33.04
C VAL H 479 69.66 8.18 33.00
N ILE H 480 69.11 7.09 33.56
CA ILE H 480 67.71 6.74 33.39
C ILE H 480 66.93 7.02 34.67
N THR H 481 65.74 7.61 34.50
CA THR H 481 64.74 7.78 35.57
C THR H 481 63.41 8.16 34.96
N HIS H 482 62.36 7.39 35.24
CA HIS H 482 61.03 7.58 34.68
C HIS H 482 60.06 7.96 35.80
N ASP H 483 58.94 8.58 35.43
CA ASP H 483 57.94 8.86 36.45
C ASP H 483 56.60 8.16 36.18
N VAL H 484 55.94 8.43 35.06
CA VAL H 484 54.69 7.73 34.73
C VAL H 484 54.72 7.13 33.34
N SER H 485 54.77 7.97 32.31
CA SER H 485 54.67 7.52 30.93
C SER H 485 55.82 8.01 30.06
N SER H 486 56.66 8.91 30.57
CA SER H 486 57.83 9.39 29.87
C SER H 486 58.91 9.68 30.89
N ALA H 487 59.95 10.40 30.52
CA ALA H 487 61.02 10.67 31.47
C ALA H 487 61.52 12.10 31.30
N ILE H 488 61.87 12.71 32.43
CA ILE H 488 62.55 14.00 32.47
C ILE H 488 63.94 13.77 33.01
N ASN H 489 64.95 14.03 32.19
CA ASN H 489 66.35 13.93 32.61
C ASN H 489 67.07 15.14 32.04
N ARG H 490 67.15 16.20 32.83
CA ARG H 490 67.82 17.44 32.44
C ARG H 490 69.30 17.24 32.12
N PRO H 491 69.96 16.17 32.61
CA PRO H 491 71.20 15.74 31.93
C PRO H 491 71.11 15.81 30.41
N GLN H 492 70.10 15.17 29.82
CA GLN H 492 69.90 15.28 28.38
C GLN H 492 69.53 16.70 27.95
N ILE H 493 69.05 17.52 28.89
CA ILE H 493 68.70 18.90 28.56
C ILE H 493 69.93 19.81 28.70
N GLY H 494 70.89 19.42 29.53
CA GLY H 494 71.96 20.35 29.89
C GLY H 494 72.83 20.77 28.72
N VAL H 495 73.23 19.80 27.88
CA VAL H 495 74.12 20.12 26.78
C VAL H 495 73.41 20.94 25.70
N VAL H 496 72.09 20.82 25.59
CA VAL H 496 71.33 21.62 24.63
C VAL H 496 71.56 23.11 24.88
N ARG H 497 71.18 23.58 26.07
CA ARG H 497 71.33 24.99 26.42
C ARG H 497 72.79 25.42 26.46
N GLU H 498 73.65 24.56 27.00
CA GLU H 498 75.04 24.92 27.25
C GLU H 498 75.90 24.96 25.99
N PHE H 499 75.51 24.22 24.95
CA PHE H 499 76.16 24.35 23.65
C PHE H 499 75.45 25.32 22.72
N LEU H 500 74.19 25.66 23.04
CA LEU H 500 73.49 26.70 22.28
C LEU H 500 74.14 28.06 22.48
N THR H 501 74.76 28.29 23.63
CA THR H 501 75.43 29.57 23.88
C THR H 501 76.60 29.77 22.93
N ARG H 502 77.19 28.67 22.43
CA ARG H 502 78.22 28.78 21.41
C ARG H 502 77.68 29.29 20.09
N ASN H 503 76.37 29.19 19.87
CA ASN H 503 75.76 29.64 18.62
C ASN H 503 74.47 30.37 18.94
N PRO H 504 74.53 31.69 19.17
CA PRO H 504 73.30 32.45 19.41
C PRO H 504 72.35 32.43 18.23
N ALA H 505 72.85 32.22 17.01
CA ALA H 505 72.06 32.13 15.79
C ALA H 505 71.22 30.87 15.71
N TRP H 506 71.16 30.12 16.81
CA TRP H 506 70.43 28.87 16.90
C TRP H 506 69.05 29.04 17.52
N ARG H 507 68.45 30.23 17.43
CA ARG H 507 67.08 30.44 17.88
C ARG H 507 66.14 30.47 16.67
N LYS H 508 65.97 29.31 16.02
CA LYS H 508 64.98 29.20 14.96
C LYS H 508 64.34 27.81 14.99
N ALA H 509 64.61 27.05 16.04
CA ALA H 509 64.38 25.61 16.05
C ALA H 509 63.16 25.21 16.85
N VAL H 510 62.91 23.89 16.83
CA VAL H 510 61.94 23.23 17.69
C VAL H 510 62.66 22.12 18.43
N PHE H 511 62.39 21.99 19.73
CA PHE H 511 62.96 20.92 20.54
C PHE H 511 61.97 19.77 20.55
N ILE H 512 62.29 18.70 19.83
CA ILE H 512 61.46 17.51 19.80
C ILE H 512 62.13 16.47 20.68
N SER H 513 61.30 15.64 21.33
CA SER H 513 61.79 14.60 22.22
C SER H 513 60.81 13.45 22.21
N PRO H 514 61.29 12.21 22.30
CA PRO H 514 60.36 11.07 22.36
C PRO H 514 59.46 11.13 23.57
N TYR H 515 59.98 11.64 24.69
CA TYR H 515 59.24 11.80 25.93
C TYR H 515 58.56 13.16 25.84
N ASN H 516 57.29 13.15 25.43
CA ASN H 516 56.59 14.39 25.09
C ASN H 516 56.51 15.36 26.26
N SER H 517 56.65 14.86 27.50
CA SER H 517 56.68 15.75 28.65
C SER H 517 57.97 16.57 28.71
N GLN H 518 59.01 16.17 27.98
CA GLN H 518 60.27 16.92 28.02
C GLN H 518 60.13 18.30 27.38
N ASN H 519 59.41 18.38 26.27
CA ASN H 519 59.21 19.67 25.61
C ASN H 519 58.44 20.63 26.48
N ALA H 520 57.48 20.12 27.26
CA ALA H 520 56.77 20.97 28.22
C ALA H 520 57.68 21.42 29.36
N VAL H 521 58.61 20.57 29.78
CA VAL H 521 59.58 20.98 30.80
C VAL H 521 60.70 21.82 30.20
N ALA H 522 61.26 21.41 29.06
CA ALA H 522 62.41 22.12 28.50
C ALA H 522 62.05 23.56 28.15
N SER H 523 60.82 23.81 27.71
CA SER H 523 60.43 25.15 27.30
C SER H 523 60.54 26.15 28.44
N LYS H 524 60.37 25.68 29.69
CA LYS H 524 60.59 26.57 30.83
C LYS H 524 62.04 27.00 30.92
N ILE H 525 62.98 26.11 30.59
CA ILE H 525 64.40 26.44 30.64
C ILE H 525 64.93 26.93 29.29
N LEU H 526 64.31 26.56 28.18
CA LEU H 526 64.94 26.73 26.87
C LEU H 526 64.18 27.67 25.95
N GLY H 527 62.85 27.62 25.93
CA GLY H 527 62.07 28.61 25.23
C GLY H 527 61.65 28.24 23.82
N LEU H 528 62.38 27.35 23.14
CA LEU H 528 61.95 26.89 21.83
C LEU H 528 60.73 25.97 21.97
N PRO H 529 59.91 25.88 20.93
CA PRO H 529 58.58 25.26 21.07
C PRO H 529 58.64 23.75 21.30
N THR H 530 57.45 23.15 21.30
CA THR H 530 57.24 21.73 21.51
C THR H 530 56.78 21.07 20.22
N GLN H 531 56.94 19.73 20.17
CA GLN H 531 56.48 18.95 19.03
C GLN H 531 56.54 17.47 19.39
N THR H 532 55.53 16.72 18.98
CA THR H 532 55.40 15.30 19.29
C THR H 532 55.92 14.46 18.13
N VAL H 533 56.74 13.46 18.45
CA VAL H 533 57.49 12.73 17.43
C VAL H 533 56.55 11.98 16.49
N ASP H 534 55.54 11.31 17.04
CA ASP H 534 54.72 10.42 16.22
C ASP H 534 53.69 11.17 15.37
N SER H 535 53.25 12.35 15.81
CA SER H 535 52.31 13.15 15.04
C SER H 535 53.01 14.33 14.37
N SER H 536 54.26 14.14 13.95
CA SER H 536 55.08 15.19 13.38
C SER H 536 55.34 15.00 11.89
N GLN H 537 54.54 14.17 11.21
CA GLN H 537 54.71 13.99 9.78
C GLN H 537 54.42 15.28 9.05
N GLY H 538 55.18 15.53 7.99
CA GLY H 538 54.95 16.72 7.17
C GLY H 538 55.52 18.02 7.67
N SER H 539 55.47 18.26 8.98
CA SER H 539 56.04 19.48 9.53
C SER H 539 57.56 19.35 9.65
N GLU H 540 58.26 20.39 9.21
CA GLU H 540 59.72 20.43 9.30
C GLU H 540 60.17 21.85 9.58
N TYR H 541 61.32 21.96 10.25
CA TYR H 541 61.99 23.24 10.43
C TYR H 541 63.36 23.17 9.77
N ASP H 542 63.93 24.33 9.49
CA ASP H 542 65.26 24.38 8.89
C ASP H 542 66.31 23.87 9.89
N TYR H 543 66.30 24.43 11.09
CA TYR H 543 67.14 23.96 12.18
C TYR H 543 66.25 23.32 13.25
N VAL H 544 66.66 22.15 13.72
CA VAL H 544 65.85 21.37 14.65
C VAL H 544 66.72 20.88 15.80
N ILE H 545 66.07 20.58 16.93
CA ILE H 545 66.73 20.11 18.14
C ILE H 545 66.10 18.79 18.57
N PHE H 546 66.94 17.85 19.01
CA PHE H 546 66.47 16.58 19.53
C PHE H 546 67.50 16.00 20.48
N THR H 547 67.02 15.20 21.44
CA THR H 547 67.87 14.32 22.24
C THR H 547 67.23 12.95 22.27
N GLN H 548 67.97 11.91 21.86
CA GLN H 548 67.34 10.58 21.87
C GLN H 548 67.11 10.06 23.28
N THR H 549 68.04 10.32 24.21
CA THR H 549 67.83 10.09 25.65
C THR H 549 67.83 8.62 26.04
N THR H 550 67.77 7.73 25.05
CA THR H 550 67.83 6.28 25.24
C THR H 550 67.67 5.62 23.88
N GLU H 551 68.11 4.36 23.79
CA GLU H 551 67.92 3.58 22.57
C GLU H 551 67.00 2.38 22.79
N THR H 552 66.00 2.52 23.66
CA THR H 552 64.97 1.51 23.78
C THR H 552 64.07 1.55 22.54
N ALA H 553 63.11 0.61 22.50
CA ALA H 553 62.32 0.39 21.29
C ALA H 553 61.11 1.31 21.16
N HIS H 554 61.28 2.62 21.30
CA HIS H 554 60.19 3.56 21.09
C HIS H 554 60.51 4.65 20.08
N SER H 555 61.71 5.23 20.13
CA SER H 555 61.99 6.41 19.33
C SER H 555 63.05 6.17 18.26
N CYS H 556 64.25 5.76 18.68
CA CYS H 556 65.38 5.67 17.76
C CYS H 556 65.23 4.46 16.83
N ASN H 557 64.07 3.83 16.87
CA ASN H 557 63.75 2.73 15.96
C ASN H 557 64.07 3.13 14.53
N VAL H 558 64.75 2.22 13.82
CA VAL H 558 65.47 2.61 12.61
C VAL H 558 64.50 3.06 11.51
N ASN H 559 63.29 2.50 11.48
CA ASN H 559 62.28 3.03 10.57
C ASN H 559 61.47 4.18 11.16
N ARG H 560 61.45 4.34 12.48
CA ARG H 560 60.42 5.16 13.11
C ARG H 560 60.90 6.50 13.64
N PHE H 561 62.19 6.66 13.94
CA PHE H 561 62.72 8.00 14.22
C PHE H 561 62.74 8.85 12.95
N ASN H 562 62.89 8.21 11.79
CA ASN H 562 63.34 8.89 10.57
C ASN H 562 62.43 10.02 10.12
N VAL H 563 61.34 10.27 10.86
CA VAL H 563 60.54 11.45 10.57
C VAL H 563 61.30 12.72 10.95
N ALA H 564 62.03 12.68 12.06
CA ALA H 564 62.72 13.86 12.59
C ALA H 564 64.17 13.94 12.18
N ILE H 565 64.70 12.95 11.46
CA ILE H 565 66.07 13.04 10.98
C ILE H 565 66.13 13.84 9.68
N THR H 566 65.20 13.60 8.77
CA THR H 566 65.09 14.40 7.55
C THR H 566 64.45 15.75 7.80
N ARG H 567 64.38 16.18 9.06
CA ARG H 567 63.81 17.47 9.41
C ARG H 567 64.65 18.62 8.86
N ALA H 568 65.93 18.65 9.22
CA ALA H 568 66.79 19.77 8.87
C ALA H 568 67.28 19.65 7.43
N LYS H 569 67.23 20.76 6.68
CA LYS H 569 67.98 20.89 5.45
C LYS H 569 69.14 21.87 5.60
N VAL H 570 69.37 22.38 6.80
CA VAL H 570 70.46 23.31 7.05
C VAL H 570 71.37 22.77 8.16
N GLY H 571 70.82 22.59 9.35
CA GLY H 571 71.61 22.19 10.49
C GLY H 571 70.79 21.44 11.52
N ILE H 572 71.45 20.49 12.18
CA ILE H 572 70.84 19.64 13.19
C ILE H 572 71.80 19.49 14.36
N LEU H 573 71.29 18.98 15.47
CA LEU H 573 72.11 18.38 16.51
C LEU H 573 71.42 17.12 16.99
N CYS H 574 72.06 15.97 16.78
CA CYS H 574 71.51 14.68 17.18
C CYS H 574 72.21 14.25 18.45
N ILE H 575 71.62 14.58 19.59
CA ILE H 575 72.16 14.19 20.89
C ILE H 575 71.87 12.71 21.12
N MET H 576 72.93 11.91 21.27
CA MET H 576 72.84 10.45 21.30
C MET H 576 73.25 9.87 22.65
N SER H 577 72.29 9.34 23.40
CA SER H 577 72.65 8.41 24.46
C SER H 577 72.72 7.03 23.83
N ASP H 578 72.98 6.99 22.53
CA ASP H 578 72.57 5.91 21.65
C ASP H 578 73.73 5.30 20.91
N ARG H 579 73.57 4.02 20.56
CA ARG H 579 74.42 3.33 19.61
C ARG H 579 73.66 2.88 18.37
N ASP H 580 72.32 3.00 18.37
CA ASP H 580 71.51 2.47 17.29
C ASP H 580 71.85 3.09 15.95
N LEU H 581 72.06 4.41 15.92
CA LEU H 581 72.26 5.12 14.66
C LEU H 581 73.57 5.88 14.56
N TYR H 582 74.33 6.03 15.64
CA TYR H 582 75.57 6.79 15.55
C TYR H 582 76.54 6.14 14.57
N ASP H 583 76.99 4.92 14.89
CA ASP H 583 77.84 4.18 13.98
C ASP H 583 77.09 3.67 12.76
N LYS H 584 75.78 3.94 12.67
CA LYS H 584 74.96 3.62 11.53
C LYS H 584 74.75 4.81 10.60
N LEU H 585 74.51 6.01 11.15
CA LEU H 585 74.40 7.19 10.32
C LEU H 585 75.78 7.72 9.94
N GLN H 586 75.81 8.83 9.18
CA GLN H 586 76.99 9.21 8.41
C GLN H 586 77.40 10.65 8.65
N PHE H 587 77.40 11.11 9.90
CA PHE H 587 77.73 12.51 10.18
C PHE H 587 78.99 12.62 11.05
N THR H 588 79.30 13.83 11.49
CA THR H 588 80.53 14.13 12.21
C THR H 588 80.26 14.36 13.70
N SER H 589 81.27 14.11 14.53
CA SER H 589 81.14 14.17 15.97
C SER H 589 82.10 15.19 16.57
N LEU H 590 81.64 15.90 17.58
CA LEU H 590 82.43 16.91 18.28
C LEU H 590 82.59 16.52 19.76
N GLU H 591 83.18 17.43 20.52
CA GLU H 591 83.42 17.21 21.95
C GLU H 591 82.18 17.62 22.76
N ILE H 592 82.09 17.06 23.95
CA ILE H 592 81.00 17.35 24.89
C ILE H 592 81.58 18.14 26.05
N PRO H 593 80.93 19.23 26.49
CA PRO H 593 81.40 20.08 27.59
C PRO H 593 81.64 19.30 28.88
N ASN I 1 -53.36 23.52 38.70
CA ASN I 1 -52.61 23.62 39.93
C ASN I 1 -51.20 23.04 39.80
N ASN I 2 -50.07 23.74 40.10
CA ASN I 2 -48.66 23.13 40.31
C ASN I 2 -48.05 23.57 41.67
N GLU I 3 -48.01 22.75 42.72
CA GLU I 3 -47.61 23.10 44.10
C GLU I 3 -46.27 22.73 44.77
N LEU I 4 -45.87 23.37 45.88
CA LEU I 4 -44.56 23.16 46.48
C LEU I 4 -44.50 21.88 47.29
N SER I 5 -45.32 21.79 48.34
CA SER I 5 -45.31 20.66 49.26
C SER I 5 -46.74 20.21 49.51
N PRO I 6 -47.30 19.39 48.62
CA PRO I 6 -48.55 18.69 48.93
C PRO I 6 -48.22 17.45 49.75
N VAL I 7 -48.58 17.49 51.05
CA VAL I 7 -48.13 16.76 52.24
C VAL I 7 -46.97 17.58 52.79
N ALA I 8 -46.67 17.41 54.08
CA ALA I 8 -45.68 18.22 54.80
C ALA I 8 -44.53 17.32 55.26
N LEU I 9 -43.64 17.91 56.07
CA LEU I 9 -42.48 17.21 56.60
C LEU I 9 -42.43 17.32 58.13
N ARG I 10 -41.32 16.91 58.73
CA ARG I 10 -41.21 16.77 60.18
C ARG I 10 -39.92 17.40 60.68
N GLN I 11 -39.61 17.19 61.96
CA GLN I 11 -38.34 17.63 62.55
C GLN I 11 -38.15 16.91 63.88
N MET I 12 -36.93 16.43 64.10
CA MET I 12 -36.51 15.94 65.40
C MET I 12 -35.35 16.80 65.88
N SER I 13 -34.91 16.54 67.10
CA SER I 13 -33.85 17.33 67.69
C SER I 13 -32.52 17.11 66.96
N CYS I 14 -31.55 17.96 67.25
CA CYS I 14 -30.25 17.88 66.58
C CYS I 14 -29.19 18.67 67.36
N ALA I 15 -27.93 18.37 67.07
CA ALA I 15 -26.83 19.13 67.63
C ALA I 15 -26.04 19.78 66.50
N ALA I 16 -25.25 20.79 66.85
CA ALA I 16 -24.39 21.44 65.87
C ALA I 16 -23.18 22.04 66.58
N GLY I 17 -22.36 22.73 65.81
CA GLY I 17 -21.15 23.36 66.33
C GLY I 17 -20.55 24.28 65.28
N THR I 18 -19.49 24.97 65.69
CA THR I 18 -18.75 25.86 64.78
C THR I 18 -17.46 25.23 64.27
N THR I 19 -16.59 24.80 65.19
CA THR I 19 -15.31 24.22 64.82
C THR I 19 -15.46 22.70 64.65
N GLN I 20 -14.33 22.01 64.48
CA GLN I 20 -14.35 20.57 64.29
C GLN I 20 -14.91 19.85 65.50
N THR I 21 -14.69 20.39 66.70
CA THR I 21 -15.09 19.73 67.94
C THR I 21 -16.14 20.49 68.73
N ALA I 22 -16.67 21.61 68.20
CA ALA I 22 -17.77 22.29 68.85
C ALA I 22 -19.06 21.47 68.79
N CYS I 23 -18.99 20.23 68.33
CA CYS I 23 -20.15 19.35 68.23
C CYS I 23 -20.53 18.90 69.63
N THR I 24 -21.13 19.80 70.41
CA THR I 24 -21.26 19.58 71.84
C THR I 24 -22.57 18.94 72.24
N ASP I 25 -23.69 19.64 72.00
CA ASP I 25 -24.98 19.24 72.55
C ASP I 25 -26.11 19.68 71.64
N ASP I 26 -27.32 19.21 71.97
CA ASP I 26 -28.52 19.45 71.19
C ASP I 26 -28.75 20.95 70.98
N ASN I 27 -28.60 21.41 69.73
CA ASN I 27 -28.47 22.83 69.47
C ASN I 27 -29.29 23.35 68.29
N ALA I 28 -30.20 22.56 67.75
CA ALA I 28 -30.89 22.98 66.53
C ALA I 28 -32.31 22.43 66.49
N LEU I 29 -33.03 22.80 65.43
CA LEU I 29 -34.33 22.25 65.08
C LEU I 29 -34.21 21.82 63.62
N ALA I 30 -33.78 20.58 63.40
CA ALA I 30 -33.47 20.10 62.07
C ALA I 30 -34.63 19.30 61.49
N TYR I 31 -35.25 19.83 60.45
CA TYR I 31 -36.32 19.13 59.77
C TYR I 31 -35.75 17.94 59.00
N TYR I 32 -36.64 17.07 58.51
CA TYR I 32 -36.18 15.87 57.84
C TYR I 32 -37.29 15.28 56.99
N ASN I 33 -36.91 14.41 56.06
CA ASN I 33 -37.83 13.58 55.30
C ASN I 33 -37.30 12.16 55.26
N THR I 34 -38.22 11.20 55.07
CA THR I 34 -37.92 9.78 55.13
C THR I 34 -37.48 9.28 53.75
N THR I 35 -36.30 8.66 53.71
CA THR I 35 -35.82 7.93 52.54
C THR I 35 -35.83 6.44 52.88
N LYS I 36 -35.86 5.59 51.84
CA LYS I 36 -35.95 4.14 52.05
C LYS I 36 -34.87 3.66 53.01
N GLY I 37 -33.62 4.03 52.76
CA GLY I 37 -32.52 3.70 53.65
C GLY I 37 -31.72 4.92 54.03
N GLY I 38 -31.70 5.26 55.31
CA GLY I 38 -31.02 6.45 55.80
C GLY I 38 -31.91 7.67 55.62
N ARG I 39 -32.10 8.46 56.67
CA ARG I 39 -33.03 9.57 56.64
C ARG I 39 -32.25 10.88 56.56
N PHE I 40 -32.63 11.72 55.60
CA PHE I 40 -31.88 12.92 55.26
C PHE I 40 -32.59 14.13 55.86
N VAL I 41 -31.86 14.92 56.66
CA VAL I 41 -32.43 16.08 57.32
C VAL I 41 -32.23 17.30 56.41
N LEU I 42 -33.15 18.26 56.50
CA LEU I 42 -33.15 19.37 55.56
C LEU I 42 -32.62 20.68 56.13
N ALA I 43 -33.26 21.21 57.17
CA ALA I 43 -33.07 22.60 57.58
C ALA I 43 -32.64 22.68 59.03
N LEU I 44 -31.63 23.50 59.29
CA LEU I 44 -31.12 23.72 60.64
C LEU I 44 -31.60 25.08 61.14
N LEU I 45 -32.33 25.08 62.26
CA LEU I 45 -32.80 26.32 62.86
C LEU I 45 -32.64 26.25 64.37
N SER I 46 -32.00 27.29 64.94
CA SER I 46 -32.05 27.57 66.37
C SER I 46 -31.39 28.91 66.65
N ASP I 47 -31.22 29.24 67.93
CA ASP I 47 -30.67 30.53 68.30
C ASP I 47 -29.16 30.51 68.13
N LEU I 48 -28.71 30.10 66.95
CA LEU I 48 -27.30 30.01 66.62
C LEU I 48 -26.96 31.10 65.63
N GLN I 49 -25.83 31.75 65.84
CA GLN I 49 -25.45 32.91 65.05
C GLN I 49 -24.42 32.56 63.97
N ASP I 50 -23.31 31.96 64.37
CA ASP I 50 -22.26 31.53 63.44
C ASP I 50 -21.88 30.09 63.78
N LEU I 51 -22.57 29.12 63.19
CA LEU I 51 -22.29 27.72 63.38
C LEU I 51 -22.11 27.00 62.04
N LYS I 52 -21.05 26.21 61.94
CA LYS I 52 -20.68 25.56 60.70
C LYS I 52 -20.85 24.05 60.69
N TRP I 53 -20.83 23.39 61.85
CA TRP I 53 -20.77 21.93 61.92
C TRP I 53 -22.01 21.42 62.63
N ALA I 54 -22.86 20.68 61.91
CA ALA I 54 -24.11 20.13 62.44
C ALA I 54 -24.08 18.62 62.37
N ARG I 55 -24.27 17.96 63.52
CA ARG I 55 -23.73 16.62 63.73
C ARG I 55 -24.78 15.66 64.29
N PHE I 56 -24.60 14.37 63.97
CA PHE I 56 -25.47 13.29 64.41
C PHE I 56 -24.77 11.96 64.05
N PRO I 57 -24.89 10.93 64.88
CA PRO I 57 -24.13 9.69 64.67
C PRO I 57 -24.64 8.82 63.53
N LYS I 58 -23.84 7.82 63.20
CA LYS I 58 -24.20 6.82 62.19
C LYS I 58 -25.29 5.89 62.73
N SER I 59 -26.12 5.38 61.82
CA SER I 59 -27.09 4.34 62.18
C SER I 59 -26.41 3.11 62.74
N ASP I 60 -25.18 2.81 62.27
CA ASP I 60 -24.40 1.72 62.84
C ASP I 60 -23.92 2.05 64.25
N GLY I 61 -23.76 3.34 64.57
CA GLY I 61 -23.03 3.75 65.74
C GLY I 61 -21.54 3.88 65.52
N THR I 62 -21.05 3.56 64.33
CA THR I 62 -19.62 3.61 64.04
C THR I 62 -19.18 5.04 63.69
N GLY I 63 -19.73 5.60 62.62
CA GLY I 63 -19.39 6.94 62.19
C GLY I 63 -20.29 7.99 62.81
N THR I 64 -20.13 9.21 62.30
CA THR I 64 -20.97 10.34 62.73
C THR I 64 -20.93 11.38 61.61
N ILE I 65 -22.10 11.79 61.14
CA ILE I 65 -22.21 12.56 59.90
C ILE I 65 -21.65 13.96 60.11
N TYR I 66 -21.02 14.47 59.06
CA TYR I 66 -20.37 15.77 59.08
C TYR I 66 -21.09 16.70 58.09
N THR I 67 -21.35 17.94 58.50
CA THR I 67 -22.08 18.88 57.67
C THR I 67 -21.47 20.27 57.79
N GLU I 68 -21.32 20.95 56.65
CA GLU I 68 -20.94 22.36 56.62
C GLU I 68 -22.15 23.19 56.21
N LEU I 69 -22.29 24.36 56.83
CA LEU I 69 -23.47 25.20 56.67
C LEU I 69 -23.15 26.43 55.82
N GLU I 70 -24.19 27.14 55.42
CA GLU I 70 -24.08 28.26 54.47
C GLU I 70 -23.81 29.58 55.19
N PRO I 71 -23.96 30.72 54.52
CA PRO I 71 -24.16 32.00 55.23
C PRO I 71 -25.60 32.19 55.69
N PRO I 72 -25.83 32.99 56.74
CA PRO I 72 -27.12 32.98 57.41
C PRO I 72 -28.18 33.77 56.65
N CYS I 73 -29.43 33.58 57.07
CA CYS I 73 -30.58 34.36 56.61
C CYS I 73 -31.37 34.85 57.81
N ARG I 74 -31.87 36.08 57.70
CA ARG I 74 -32.60 36.75 58.75
C ARG I 74 -34.05 36.27 58.83
N PHE I 75 -34.59 36.23 60.05
CA PHE I 75 -36.04 36.16 60.27
C PHE I 75 -36.39 36.26 61.75
N VAL I 76 -37.54 36.88 62.06
CA VAL I 76 -38.07 37.01 63.41
C VAL I 76 -39.54 36.62 63.37
N THR I 77 -39.96 35.77 64.30
CA THR I 77 -41.30 35.17 64.26
C THR I 77 -42.05 35.45 65.56
N ASP I 78 -43.26 34.90 65.64
CA ASP I 78 -44.16 35.12 66.75
C ASP I 78 -44.37 33.82 67.52
N THR I 79 -44.44 33.95 68.85
CA THR I 79 -44.68 32.86 69.78
C THR I 79 -45.13 33.50 71.10
N PRO I 80 -45.78 32.77 72.01
CA PRO I 80 -45.90 33.28 73.38
C PRO I 80 -44.57 33.63 74.03
N LYS I 81 -43.44 33.21 73.46
CA LYS I 81 -42.15 33.79 73.80
C LYS I 81 -41.98 35.18 73.21
N GLY I 82 -42.66 35.48 72.12
CA GLY I 82 -42.56 36.77 71.48
C GLY I 82 -41.63 36.73 70.27
N PRO I 83 -41.03 37.86 69.94
CA PRO I 83 -40.13 37.91 68.78
C PRO I 83 -38.87 37.10 69.02
N LYS I 84 -38.74 35.97 68.34
CA LYS I 84 -37.60 35.08 68.48
C LYS I 84 -36.59 35.43 67.38
N VAL I 85 -35.53 36.14 67.77
CA VAL I 85 -34.45 36.48 66.84
C VAL I 85 -33.64 35.22 66.61
N LYS I 86 -33.90 34.54 65.50
CA LYS I 86 -33.27 33.27 65.18
C LYS I 86 -32.43 33.41 63.92
N TYR I 87 -31.69 32.34 63.62
CA TYR I 87 -31.09 32.14 62.32
C TYR I 87 -31.30 30.69 61.94
N LEU I 88 -31.91 30.46 60.78
CA LEU I 88 -32.09 29.12 60.26
C LEU I 88 -31.05 28.89 59.19
N TYR I 89 -30.45 27.72 59.21
CA TYR I 89 -29.34 27.40 58.33
C TYR I 89 -29.70 26.20 57.47
N PHE I 90 -29.36 26.28 56.20
CA PHE I 90 -29.50 25.14 55.29
C PHE I 90 -28.14 24.48 55.14
N ILE I 91 -28.13 23.15 55.11
CA ILE I 91 -26.89 22.41 54.93
C ILE I 91 -26.27 22.77 53.58
N LYS I 92 -24.98 22.48 53.44
CA LYS I 92 -24.29 22.78 52.19
C LYS I 92 -24.90 22.00 51.03
N GLY I 93 -25.13 22.70 49.92
CA GLY I 93 -25.58 22.07 48.69
C GLY I 93 -27.06 21.78 48.60
N LEU I 94 -27.87 22.23 49.55
CA LEU I 94 -29.31 22.03 49.46
C LEU I 94 -29.85 22.74 48.23
N ASN I 95 -30.56 22.00 47.38
CA ASN I 95 -31.07 22.58 46.16
C ASN I 95 -32.32 23.40 46.45
N ASN I 96 -32.86 24.03 45.39
CA ASN I 96 -33.92 25.01 45.58
C ASN I 96 -35.24 24.38 45.99
N LEU I 97 -35.54 23.17 45.51
CA LEU I 97 -36.80 22.54 45.86
C LEU I 97 -36.87 22.24 47.36
N ASN I 98 -35.77 21.78 47.95
CA ASN I 98 -35.77 21.44 49.37
C ASN I 98 -35.94 22.68 50.25
N ARG I 99 -35.20 23.75 49.93
CA ARG I 99 -35.43 25.02 50.61
C ARG I 99 -36.87 25.47 50.44
N GLY I 100 -37.44 25.25 49.26
CA GLY I 100 -38.82 25.64 49.03
C GLY I 100 -39.78 24.94 49.97
N MET I 101 -39.65 23.61 50.09
CA MET I 101 -40.55 22.88 51.00
C MET I 101 -40.34 23.30 52.44
N VAL I 102 -39.09 23.48 52.86
CA VAL I 102 -38.80 23.88 54.24
C VAL I 102 -39.47 25.21 54.54
N LEU I 103 -39.15 26.23 53.73
CA LEU I 103 -39.72 27.55 53.95
C LEU I 103 -41.24 27.50 53.87
N GLY I 104 -41.77 26.68 52.97
CA GLY I 104 -43.20 26.52 52.83
C GLY I 104 -43.86 26.13 54.13
N SER I 105 -43.53 24.93 54.63
CA SER I 105 -44.19 24.44 55.83
C SER I 105 -43.89 25.35 57.02
N LEU I 106 -42.65 25.82 57.16
CA LEU I 106 -42.29 26.69 58.26
C LEU I 106 -43.17 27.93 58.26
N ALA I 107 -43.01 28.79 57.25
CA ALA I 107 -43.78 30.03 57.21
C ALA I 107 -45.29 29.77 57.20
N ALA I 108 -45.72 28.58 56.79
CA ALA I 108 -47.13 28.24 56.77
C ALA I 108 -47.69 28.10 58.18
N THR I 109 -47.16 27.14 58.95
CA THR I 109 -47.74 26.86 60.26
C THR I 109 -46.86 27.36 61.41
N VAL I 110 -45.61 27.71 61.15
CA VAL I 110 -44.78 28.41 62.13
C VAL I 110 -44.92 29.90 61.85
N ARG I 111 -45.15 30.68 62.91
CA ARG I 111 -45.43 32.10 62.73
C ARG I 111 -44.23 32.82 62.13
N LEU I 112 -44.48 34.02 61.64
CA LEU I 112 -43.48 34.93 61.11
C LEU I 112 -44.14 36.26 60.81
N GLN I 113 -43.42 37.35 61.08
CA GLN I 113 -43.93 38.68 60.78
C GLN I 113 -42.86 39.54 60.12
#